data_7LPA
#
_entry.id   7LPA
#
_cell.length_a   1.00
_cell.length_b   1.00
_cell.length_c   1.00
_cell.angle_alpha   90.00
_cell.angle_beta   90.00
_cell.angle_gamma   90.00
#
_symmetry.space_group_name_H-M   'P 1'
#
loop_
_entity.id
_entity.type
_entity.pdbx_description
1 polymer 'Transient receptor potential cation channel subfamily V member 1'
2 non-polymer 1-palmitoyl-2-oleoyl-sn-glycero-3-phosphocholine
3 non-polymer '[(2~{R})-1-[2-azanylethoxy(oxidanyl)phosphoryl]oxy-3-hexadecanoyloxy-propan-2-yl] (~{Z})-octadec-9-enoate'
4 non-polymer (6E)-N-(4-hydroxy-3-methoxybenzyl)-8-methylnon-6-enamide
5 non-polymer 1-palmitoyl-2-oleoyl-sn-glycero-3-phosphoglycerol
6 non-polymer 'SODIUM ION'
#
_entity_poly.entity_id   1
_entity_poly.type   'polypeptide(L)'
_entity_poly.pdbx_seq_one_letter_code
;MEQRASLDSEESESPPQENSCLDPPDRDPNCKPPPVKPHIFTTRSRTRLFGKGDSEEASPLDCPYEEGGLASCPIITVSS
VLTIQRPGDGPASVRPSSQDSVSAGEKPPRLYDRRSIFDAVAQSNCQELESLLPFLQRSKKRLTDSEFKDPETGKTCLLK
AMLNLHNGQNDTIALLLDVARKTDSLKQFVNASYTDSYYKGQTALHIAIERRNMTLVTLLVENGADVQAAANGDFFKKTK
GRPGFYFGELPLSLAACTNQLAIVKFLLQNSWQPADISARDSVGNTVLHALVEVADNTVDNTKFVTSMYNEILILGAKLH
PTLKLEEITNRKGLTPLALAASSGKIGVLAYILQREIHEPECRHLSRKFTEWAYGPVHSSLYDLSCIDTCEKNSVLEVIA
YSSSETPNRHDMLLVEPLNRLLQDKWDRFVKRIFYFNFFVYCLYMIIFTAAAYYRPVEGLPPYKLKNTVGDYFRVTGEIL
SVSGGVYFFFRGIQYFLQRRPSLKSLFVDSYSEILFFVQSLFMLVSVVLYFSQRKEYVASMVFSLAMGWTNMLYYTRGFQ
QMGIYAVMIEKMILRDLCRFMFVYLVFLFGFSTAVVTLIEDGKNNSLPMESTPHKCRGSACKPGNSYNSLYSTCLELFKF
TIGMGDLEFTENYDFKAVFIILLLAYVILTYILLLNMLIALMGETVNKIAQESKNIWKLQRAITILDTEKSFLKCMRKAF
RSGKLLQVGFTPDGKDDYRWCFRVDEVNWTTWNTNVGIINEDPGNCEGVKRTLSFSLRSGRVSGRNWKNFALVPLLRDAS
TRDRHATQQEEVQLKHYTGSLKPEDAEVFKDSMVPGEKENSLEVLFQGPDYKDDDDKAHHHHHHHHHH
;
_entity_poly.pdbx_strand_id   A,B,C,D
#
loop_
_chem_comp.id
_chem_comp.type
_chem_comp.name
_chem_comp.formula
4DY non-polymer (6E)-N-(4-hydroxy-3-methoxybenzyl)-8-methylnon-6-enamide 'C18 H27 N O3'
6OU non-polymer '[(2~{R})-1-[2-azanylethoxy(oxidanyl)phosphoryl]oxy-3-hexadecanoyloxy-propan-2-yl] (~{Z})-octadec-9-enoate' 'C39 H76 N O8 P'
LBN non-polymer 1-palmitoyl-2-oleoyl-sn-glycero-3-phosphocholine 'C42 H82 N O8 P'
NA non-polymer 'SODIUM ION' 'Na 1'
YFP non-polymer 1-palmitoyl-2-oleoyl-sn-glycero-3-phosphoglycerol 'C40 H77 O10 P'
#
# COMPACT_ATOMS: atom_id res chain seq x y z
N ASP A 113 71.77 -14.68 7.01
CA ASP A 113 71.17 -14.19 5.78
C ASP A 113 69.82 -13.53 6.07
N ARG A 114 69.49 -12.49 5.31
CA ARG A 114 68.23 -11.78 5.52
C ARG A 114 67.03 -12.68 5.24
N ARG A 115 67.12 -13.53 4.21
CA ARG A 115 66.00 -14.39 3.90
C ARG A 115 65.87 -15.50 4.93
N SER A 116 66.98 -15.94 5.52
CA SER A 116 66.88 -17.01 6.51
C SER A 116 66.10 -16.52 7.72
N ILE A 117 66.42 -15.31 8.18
CA ILE A 117 65.72 -14.74 9.34
C ILE A 117 64.27 -14.42 8.98
N PHE A 118 64.03 -13.98 7.74
CA PHE A 118 62.65 -13.74 7.32
C PHE A 118 61.84 -15.04 7.34
N ASP A 119 62.42 -16.12 6.84
CA ASP A 119 61.75 -17.42 6.88
C ASP A 119 61.53 -17.87 8.32
N ALA A 120 62.50 -17.63 9.19
CA ALA A 120 62.37 -18.04 10.58
C ALA A 120 61.24 -17.30 11.28
N VAL A 121 61.23 -15.97 11.16
CA VAL A 121 60.17 -15.17 11.77
C VAL A 121 58.80 -15.53 11.21
N ALA A 122 58.69 -15.73 9.90
CA ALA A 122 57.44 -16.26 9.36
C ALA A 122 57.16 -17.67 9.88
N GLN A 123 58.20 -18.41 10.23
CA GLN A 123 58.06 -19.72 10.85
C GLN A 123 57.75 -19.64 12.34
N SER A 124 57.86 -18.46 12.95
CA SER A 124 57.53 -18.29 14.36
C SER A 124 58.43 -19.13 15.26
N ASN A 125 59.67 -19.33 14.85
CA ASN A 125 60.65 -20.09 15.64
C ASN A 125 61.88 -19.22 15.84
N CYS A 126 62.37 -19.18 17.08
CA CYS A 126 63.52 -18.36 17.45
C CYS A 126 64.84 -19.13 17.45
N GLN A 127 64.84 -20.40 17.04
CA GLN A 127 66.07 -21.18 17.08
C GLN A 127 67.16 -20.54 16.22
N GLU A 128 66.80 -20.14 15.00
CA GLU A 128 67.80 -19.50 14.13
C GLU A 128 68.28 -18.18 14.74
N LEU A 129 67.37 -17.42 15.36
CA LEU A 129 67.76 -16.18 16.00
C LEU A 129 68.75 -16.43 17.13
N GLU A 130 68.49 -17.44 17.96
CA GLU A 130 69.41 -17.76 19.04
C GLU A 130 70.75 -18.21 18.50
N SER A 131 70.74 -19.00 17.42
CA SER A 131 71.99 -19.46 16.83
C SER A 131 72.80 -18.30 16.27
N LEU A 132 72.13 -17.32 15.67
CA LEU A 132 72.82 -16.23 14.97
C LEU A 132 73.14 -15.05 15.86
N LEU A 133 72.53 -14.95 17.04
CA LEU A 133 72.79 -13.80 17.91
C LEU A 133 74.26 -13.67 18.28
N PRO A 134 74.95 -14.71 18.76
CA PRO A 134 76.38 -14.56 19.04
C PRO A 134 77.18 -14.15 17.81
N PHE A 135 76.89 -14.73 16.65
CA PHE A 135 77.56 -14.28 15.43
C PHE A 135 77.10 -12.89 15.02
N LEU A 136 75.85 -12.55 15.29
CA LEU A 136 75.37 -11.19 15.01
C LEU A 136 76.18 -10.16 15.76
N GLN A 137 76.46 -10.41 17.05
CA GLN A 137 77.32 -9.52 17.81
C GLN A 137 78.77 -9.60 17.34
N ARG A 138 79.23 -10.79 16.98
CA ARG A 138 80.62 -10.95 16.56
C ARG A 138 80.93 -10.10 15.34
N SER A 139 80.01 -10.06 14.37
CA SER A 139 80.21 -9.27 13.16
C SER A 139 80.43 -7.81 13.49
N GLU A 152 63.58 -1.92 -1.55
CA GLU A 152 62.27 -1.66 -2.12
C GLU A 152 61.29 -1.24 -1.03
N THR A 153 60.82 -2.22 -0.25
CA THR A 153 59.87 -1.94 0.82
C THR A 153 60.59 -1.47 2.08
N GLY A 154 61.49 -2.28 2.61
CA GLY A 154 62.19 -1.96 3.83
C GLY A 154 61.54 -2.45 5.10
N LYS A 155 60.69 -3.48 5.02
CA LYS A 155 59.96 -3.95 6.18
C LYS A 155 60.94 -4.37 7.28
N THR A 156 60.63 -3.94 8.51
CA THR A 156 61.48 -4.25 9.65
C THR A 156 61.20 -5.66 10.16
N CYS A 157 62.22 -6.23 10.83
CA CYS A 157 62.08 -7.58 11.36
C CYS A 157 60.95 -7.68 12.37
N LEU A 158 60.90 -6.75 13.31
CA LEU A 158 59.79 -6.74 14.27
C LEU A 158 58.46 -6.48 13.59
N LEU A 159 58.46 -5.65 12.54
CA LEU A 159 57.25 -5.44 11.77
C LEU A 159 56.72 -6.74 11.18
N LYS A 160 57.60 -7.51 10.55
CA LYS A 160 57.20 -8.81 10.01
C LYS A 160 56.79 -9.77 11.12
N ALA A 161 57.44 -9.67 12.28
CA ALA A 161 57.12 -10.56 13.39
C ALA A 161 55.69 -10.32 13.86
N MET A 162 55.32 -9.05 14.10
CA MET A 162 53.96 -8.75 14.51
C MET A 162 52.97 -9.04 13.39
N LEU A 163 53.36 -8.77 12.14
CA LEU A 163 52.51 -9.14 11.01
C LEU A 163 52.33 -10.65 10.94
N ASN A 164 53.40 -11.41 11.14
CA ASN A 164 53.34 -12.86 11.19
C ASN A 164 53.23 -13.34 12.63
N LEU A 165 52.18 -12.85 13.30
CA LEU A 165 51.91 -13.19 14.69
C LEU A 165 50.50 -13.72 14.80
N HIS A 166 50.35 -14.86 15.47
CA HIS A 166 49.05 -15.50 15.66
C HIS A 166 48.91 -15.89 17.12
N ASN A 167 47.81 -15.47 17.75
CA ASN A 167 47.55 -15.78 19.15
C ASN A 167 48.75 -15.44 20.02
N GLY A 168 49.40 -14.31 19.69
CA GLY A 168 50.60 -13.92 20.41
C GLY A 168 51.74 -14.90 20.27
N GLN A 169 51.84 -15.57 19.12
CA GLN A 169 52.92 -16.53 18.88
C GLN A 169 54.22 -15.87 18.48
N ASN A 170 54.24 -14.55 18.27
CA ASN A 170 55.45 -13.84 17.88
C ASN A 170 56.04 -13.17 19.12
N ASP A 171 57.17 -13.72 19.59
CA ASP A 171 57.88 -13.17 20.73
C ASP A 171 59.27 -12.66 20.38
N THR A 172 59.73 -12.84 19.14
CA THR A 172 61.05 -12.37 18.74
C THR A 172 61.17 -10.86 18.73
N ILE A 173 60.04 -10.13 18.82
CA ILE A 173 60.11 -8.67 18.87
C ILE A 173 60.87 -8.23 20.13
N ALA A 174 60.57 -8.87 21.26
CA ALA A 174 61.30 -8.53 22.49
C ALA A 174 62.78 -8.85 22.36
N LEU A 175 63.11 -9.99 21.73
CA LEU A 175 64.50 -10.36 21.54
C LEU A 175 65.23 -9.32 20.70
N LEU A 176 64.61 -8.91 19.59
CA LEU A 176 65.23 -7.92 18.71
C LEU A 176 65.38 -6.58 19.43
N LEU A 177 64.37 -6.16 20.18
CA LEU A 177 64.46 -4.90 20.91
C LEU A 177 65.58 -4.94 21.94
N ASP A 178 65.69 -6.05 22.68
CA ASP A 178 66.75 -6.16 23.68
C ASP A 178 68.12 -6.19 23.02
N VAL A 179 68.25 -6.89 21.89
CA VAL A 179 69.53 -6.93 21.19
C VAL A 179 69.92 -5.53 20.73
N ALA A 180 68.97 -4.78 20.18
CA ALA A 180 69.26 -3.41 19.76
C ALA A 180 69.64 -2.54 20.95
N ARG A 181 68.94 -2.69 22.07
CA ARG A 181 69.27 -1.90 23.25
C ARG A 181 70.68 -2.20 23.74
N LYS A 182 71.07 -3.48 23.74
CA LYS A 182 72.43 -3.84 24.12
C LYS A 182 73.46 -3.24 23.19
N THR A 183 73.09 -2.90 21.96
CA THR A 183 74.01 -2.30 21.02
C THR A 183 73.98 -0.78 21.14
N LYS A 187 66.21 3.68 20.34
CA LYS A 187 66.04 5.06 19.91
C LYS A 187 66.10 5.16 18.39
N GLN A 188 67.22 4.72 17.82
CA GLN A 188 67.42 4.76 16.38
C GLN A 188 66.64 3.68 15.64
N PHE A 189 66.06 2.72 16.36
CA PHE A 189 65.28 1.65 15.75
C PHE A 189 63.79 1.71 16.09
N VAL A 190 63.43 2.31 17.23
CA VAL A 190 62.03 2.37 17.64
C VAL A 190 61.18 3.24 16.73
N ASN A 191 61.78 3.94 15.77
CA ASN A 191 61.05 4.75 14.81
C ASN A 191 61.25 4.25 13.38
N ALA A 192 61.40 2.94 13.21
CA ALA A 192 61.56 2.38 11.88
C ALA A 192 60.23 2.43 11.14
N SER A 193 60.26 2.92 9.89
CA SER A 193 59.05 3.18 9.13
C SER A 193 59.23 2.70 7.71
N TYR A 194 58.09 2.43 7.06
CA TYR A 194 58.08 2.06 5.66
C TYR A 194 58.67 3.18 4.80
N THR A 195 58.93 2.85 3.54
CA THR A 195 59.45 3.81 2.57
C THR A 195 58.69 3.83 1.26
N ASP A 196 58.02 2.75 0.88
CA ASP A 196 57.31 2.69 -0.39
C ASP A 196 56.17 3.71 -0.41
N SER A 197 55.93 4.28 -1.59
CA SER A 197 54.88 5.30 -1.71
C SER A 197 53.52 4.76 -1.31
N TYR A 198 53.31 3.44 -1.42
CA TYR A 198 52.01 2.88 -1.07
C TYR A 198 51.77 2.91 0.44
N TYR A 199 52.77 2.51 1.22
CA TYR A 199 52.70 2.56 2.68
C TYR A 199 53.61 3.61 3.28
N LYS A 200 53.98 4.63 2.50
CA LYS A 200 54.98 5.60 2.91
C LYS A 200 54.70 6.13 4.30
N GLY A 201 55.62 5.86 5.23
CA GLY A 201 55.49 6.32 6.60
C GLY A 201 54.79 5.37 7.55
N GLN A 202 54.26 4.25 7.06
CA GLN A 202 53.59 3.30 7.93
C GLN A 202 54.52 2.89 9.06
N THR A 203 54.01 2.92 10.28
CA THR A 203 54.82 2.74 11.48
C THR A 203 54.40 1.47 12.22
N ALA A 204 55.34 0.94 13.00
CA ALA A 204 55.08 -0.28 13.76
C ALA A 204 53.97 -0.08 14.79
N LEU A 205 53.86 1.12 15.36
CA LEU A 205 52.78 1.40 16.29
C LEU A 205 51.43 1.29 15.58
N HIS A 206 51.34 1.80 14.35
CA HIS A 206 50.11 1.66 13.58
C HIS A 206 49.79 0.19 13.32
N ILE A 207 50.81 -0.60 13.00
CA ILE A 207 50.60 -2.02 12.74
C ILE A 207 50.07 -2.70 13.99
N ALA A 208 50.64 -2.37 15.15
CA ALA A 208 50.14 -2.94 16.41
C ALA A 208 48.70 -2.53 16.67
N ILE A 209 48.38 -1.26 16.43
CA ILE A 209 47.03 -0.78 16.72
C ILE A 209 46.01 -1.42 15.80
N GLU A 210 46.36 -1.58 14.52
CA GLU A 210 45.40 -2.12 13.57
C GLU A 210 44.91 -3.50 13.99
N ARG A 211 45.73 -4.24 14.73
CA ARG A 211 45.39 -5.59 15.17
C ARG A 211 44.76 -5.61 16.55
N ARG A 212 44.51 -4.44 17.14
CA ARG A 212 43.96 -4.36 18.50
C ARG A 212 44.96 -4.85 19.54
N ASN A 213 46.23 -4.47 19.36
CA ASN A 213 47.31 -4.94 20.21
C ASN A 213 47.53 -3.97 21.37
N MET A 214 47.33 -4.45 22.59
CA MET A 214 47.57 -3.66 23.79
C MET A 214 48.93 -3.94 24.40
N THR A 215 49.27 -5.22 24.60
CA THR A 215 50.55 -5.56 25.20
C THR A 215 51.72 -5.08 24.34
N LEU A 216 51.67 -5.40 23.04
CA LEU A 216 52.75 -4.99 22.15
C LEU A 216 52.83 -3.47 22.04
N VAL A 217 51.69 -2.80 21.99
CA VAL A 217 51.68 -1.34 21.90
C VAL A 217 52.30 -0.73 23.15
N THR A 218 51.90 -1.22 24.32
CA THR A 218 52.45 -0.70 25.56
C THR A 218 53.96 -0.97 25.65
N LEU A 219 54.38 -2.16 25.22
CA LEU A 219 55.80 -2.49 25.24
C LEU A 219 56.59 -1.55 24.32
N LEU A 220 56.06 -1.30 23.12
CA LEU A 220 56.73 -0.39 22.20
C LEU A 220 56.81 1.02 22.79
N VAL A 221 55.72 1.49 23.39
CA VAL A 221 55.71 2.83 23.96
C VAL A 221 56.71 2.95 25.09
N GLU A 222 56.71 1.99 26.01
CA GLU A 222 57.64 2.03 27.13
C GLU A 222 59.08 1.94 26.65
N ASN A 223 59.36 1.06 25.68
CA ASN A 223 60.70 0.92 25.16
C ASN A 223 61.18 2.16 24.41
N GLY A 224 60.26 3.07 24.07
CA GLY A 224 60.61 4.32 23.41
C GLY A 224 59.99 4.49 22.04
N ALA A 225 59.40 3.46 21.45
CA ALA A 225 58.79 3.57 20.13
C ALA A 225 57.65 4.58 20.15
N VAL A 227 54.35 8.50 19.10
CA VAL A 227 52.91 8.73 19.15
C VAL A 227 52.50 9.84 18.18
N GLN A 228 53.49 10.47 17.55
CA GLN A 228 53.24 11.53 16.57
C GLN A 228 53.76 11.16 15.19
N ALA A 229 53.81 9.87 14.88
CA ALA A 229 54.27 9.43 13.58
C ALA A 229 53.24 9.77 12.51
N ALA A 230 53.73 10.21 11.35
CA ALA A 230 52.88 10.63 10.24
C ALA A 230 52.96 9.59 9.14
N ALA A 231 51.83 8.94 8.87
CA ALA A 231 51.73 7.95 7.80
C ALA A 231 51.14 8.60 6.55
N ASN A 232 51.97 9.41 5.89
CA ASN A 232 51.54 10.25 4.79
C ASN A 232 51.55 9.52 3.44
N GLY A 233 51.47 8.20 3.44
CA GLY A 233 51.45 7.45 2.20
C GLY A 233 50.12 7.49 1.50
N ASP A 234 50.11 6.99 0.27
CA ASP A 234 48.89 6.99 -0.54
C ASP A 234 47.81 6.14 0.11
N PHE A 235 48.18 4.95 0.61
CA PHE A 235 47.20 4.04 1.18
C PHE A 235 46.41 4.71 2.30
N PHE A 236 47.00 5.68 2.99
CA PHE A 236 46.37 6.36 4.11
C PHE A 236 45.74 7.68 3.72
N LYS A 237 45.67 7.98 2.42
CA LYS A 237 45.06 9.22 1.95
C LYS A 237 43.67 8.96 1.39
N ARG A 242 41.45 5.04 -5.82
CA ARG A 242 42.09 3.78 -5.47
C ARG A 242 41.51 3.22 -4.17
N PRO A 243 41.80 1.96 -3.87
CA PRO A 243 41.31 1.36 -2.62
C PRO A 243 42.22 1.74 -1.46
N GLY A 244 41.62 2.13 -0.34
CA GLY A 244 42.39 2.54 0.81
C GLY A 244 41.48 2.86 1.99
N PHE A 245 42.13 3.08 3.13
CA PHE A 245 41.45 3.40 4.38
C PHE A 245 42.04 4.70 4.92
N TYR A 246 41.17 5.63 5.32
CA TYR A 246 41.60 6.90 5.87
C TYR A 246 41.14 7.01 7.32
N PHE A 247 42.08 7.40 8.18
CA PHE A 247 41.84 7.50 9.61
C PHE A 247 42.49 8.74 10.21
N GLY A 248 43.07 9.61 9.39
CA GLY A 248 44.11 10.51 9.82
C GLY A 248 45.48 9.93 9.53
N GLU A 249 46.50 10.60 10.06
CA GLU A 249 47.87 10.14 9.92
C GLU A 249 48.60 10.21 11.25
N LEU A 250 47.94 9.74 12.30
CA LEU A 250 48.54 9.68 13.63
C LEU A 250 48.04 8.44 14.36
N PRO A 251 48.84 7.89 15.27
CA PRO A 251 48.37 6.73 16.04
C PRO A 251 47.11 6.99 16.84
N LEU A 252 46.96 8.19 17.40
CA LEU A 252 45.74 8.50 18.16
C LEU A 252 44.52 8.48 17.25
N SER A 253 44.64 9.05 16.05
CA SER A 253 43.52 9.03 15.11
C SER A 253 43.17 7.59 14.72
N LEU A 254 44.18 6.76 14.47
CA LEU A 254 43.92 5.37 14.12
C LEU A 254 43.21 4.65 15.26
N ALA A 255 43.68 4.86 16.49
CA ALA A 255 43.09 4.16 17.63
C ALA A 255 41.65 4.60 17.86
N ALA A 256 41.36 5.90 17.69
CA ALA A 256 39.99 6.37 17.84
C ALA A 256 39.09 5.86 16.72
N CYS A 257 39.58 5.91 15.48
CA CYS A 257 38.79 5.54 14.31
C CYS A 257 38.53 4.05 14.21
N THR A 258 39.17 3.23 15.03
CA THR A 258 38.99 1.77 15.00
C THR A 258 38.13 1.27 16.16
N ASN A 259 37.50 2.18 16.91
CA ASN A 259 36.57 1.81 17.97
C ASN A 259 37.29 1.22 19.19
N GLN A 260 38.50 1.69 19.46
CA GLN A 260 39.34 1.18 20.55
C GLN A 260 39.47 2.28 21.60
N LEU A 261 38.58 2.27 22.59
CA LEU A 261 38.62 3.31 23.63
C LEU A 261 39.79 3.08 24.58
N ALA A 262 40.00 1.85 25.02
CA ALA A 262 41.08 1.56 25.97
C ALA A 262 42.43 1.97 25.40
N ILE A 263 42.67 1.62 24.13
CA ILE A 263 43.96 1.94 23.52
C ILE A 263 44.14 3.45 23.42
N VAL A 264 43.10 4.18 23.05
CA VAL A 264 43.27 5.63 22.93
C VAL A 264 43.53 6.22 24.30
N LYS A 265 42.86 5.68 25.34
CA LYS A 265 43.12 6.14 26.70
C LYS A 265 44.60 6.01 27.02
N PHE A 266 45.15 4.82 26.81
CA PHE A 266 46.57 4.61 27.11
C PHE A 266 47.46 5.50 26.25
N LEU A 267 47.16 5.59 24.95
CA LEU A 267 48.01 6.37 24.05
C LEU A 267 48.07 7.82 24.48
N LEU A 268 46.91 8.41 24.78
CA LEU A 268 46.86 9.80 25.23
C LEU A 268 47.34 9.98 26.65
N GLN A 269 47.48 8.90 27.43
CA GLN A 269 47.97 9.01 28.80
C GLN A 269 49.21 8.16 29.04
N ASN A 270 49.91 7.74 27.99
CA ASN A 270 51.16 7.02 28.16
C ASN A 270 52.18 7.90 28.85
N SER A 271 52.84 7.35 29.88
CA SER A 271 53.78 8.15 30.67
C SER A 271 55.08 8.40 29.93
N TRP A 272 55.61 7.38 29.24
CA TRP A 272 56.86 7.54 28.52
C TRP A 272 56.79 8.70 27.54
N GLN A 273 55.76 8.71 26.69
CA GLN A 273 55.47 9.83 25.80
C GLN A 273 53.97 9.92 25.57
N PRO A 274 53.29 10.93 26.12
CA PRO A 274 51.83 11.00 25.99
C PRO A 274 51.43 11.41 24.57
N ALA A 275 50.54 10.63 23.96
CA ALA A 275 50.08 10.95 22.61
C ALA A 275 49.28 12.24 22.64
N ASP A 276 49.67 13.19 21.81
CA ASP A 276 49.02 14.49 21.78
C ASP A 276 47.62 14.37 21.19
N ILE A 277 46.73 15.26 21.63
CA ILE A 277 45.35 15.27 21.16
C ILE A 277 45.09 16.40 20.17
N SER A 278 45.94 17.43 20.13
CA SER A 278 45.77 18.57 19.24
C SER A 278 46.64 18.48 17.99
N ALA A 279 47.32 17.35 17.78
CA ALA A 279 48.20 17.23 16.62
C ALA A 279 47.38 17.34 15.33
N ARG A 280 48.00 17.93 14.31
CA ARG A 280 47.32 18.24 13.06
C ARG A 280 48.09 17.64 11.89
N ASP A 281 47.37 16.97 10.99
CA ASP A 281 48.00 16.21 9.92
C ASP A 281 48.09 17.06 8.64
N SER A 282 48.43 16.41 7.53
CA SER A 282 48.71 17.13 6.29
C SER A 282 47.52 17.97 5.86
N VAL A 283 46.38 17.34 5.58
CA VAL A 283 45.19 18.05 5.15
C VAL A 283 44.54 18.81 6.31
N GLY A 284 45.12 18.70 7.50
CA GLY A 284 44.63 19.42 8.66
C GLY A 284 43.70 18.62 9.56
N ASN A 285 43.22 17.47 9.10
CA ASN A 285 42.25 16.70 9.88
C ASN A 285 42.84 16.23 11.20
N THR A 286 42.30 16.74 12.30
CA THR A 286 42.61 16.22 13.62
C THR A 286 41.73 14.99 13.90
N VAL A 287 41.80 14.50 15.14
CA VAL A 287 41.07 13.27 15.48
C VAL A 287 39.56 13.47 15.33
N LEU A 288 39.06 14.64 15.73
CA LEU A 288 37.63 14.91 15.60
C LEU A 288 37.25 15.10 14.13
N HIS A 289 38.04 15.88 13.40
CA HIS A 289 37.92 15.93 11.95
C HIS A 289 37.79 14.55 11.37
N ALA A 290 38.71 13.64 11.72
CA ALA A 290 38.68 12.29 11.16
C ALA A 290 37.41 11.56 11.55
N LEU A 291 37.03 11.64 12.84
CA LEU A 291 35.82 10.97 13.29
C LEU A 291 34.63 11.39 12.45
N VAL A 292 34.54 12.68 12.12
CA VAL A 292 33.52 13.13 11.17
C VAL A 292 33.78 12.53 9.79
N GLU A 293 35.06 12.42 9.42
CA GLU A 293 35.46 11.99 8.09
C GLU A 293 35.08 10.54 7.83
N VAL A 294 34.73 9.78 8.86
CA VAL A 294 34.57 8.34 8.73
C VAL A 294 33.11 7.90 8.78
N ALA A 295 32.21 8.72 9.31
CA ALA A 295 30.83 8.30 9.47
C ALA A 295 30.21 7.94 8.12
N ASP A 296 29.07 7.23 8.18
CA ASP A 296 28.40 6.78 6.97
C ASP A 296 26.89 6.91 7.04
N ASN A 297 26.35 7.52 8.09
CA ASN A 297 24.92 7.78 8.32
C ASN A 297 24.16 6.55 8.82
N THR A 298 24.83 5.43 9.06
CA THR A 298 24.14 4.26 9.58
C THR A 298 23.93 4.38 11.09
N VAL A 299 23.05 3.53 11.62
CA VAL A 299 22.68 3.65 13.03
C VAL A 299 23.84 3.30 13.95
N ASP A 300 24.49 2.15 13.69
CA ASP A 300 25.57 1.72 14.57
C ASP A 300 26.84 2.55 14.37
N ASN A 301 27.17 2.87 13.11
CA ASN A 301 28.33 3.70 12.85
C ASN A 301 28.18 5.06 13.50
N THR A 302 27.02 5.69 13.31
CA THR A 302 26.75 6.96 13.99
C THR A 302 26.80 6.78 15.50
N LYS A 303 26.24 5.68 16.00
CA LYS A 303 26.25 5.40 17.43
C LYS A 303 27.67 5.51 17.99
N PHE A 304 28.58 4.65 17.51
CA PHE A 304 29.87 4.64 18.18
C PHE A 304 30.72 5.83 17.76
N VAL A 305 30.49 6.44 16.61
CA VAL A 305 31.21 7.66 16.27
C VAL A 305 30.85 8.76 17.27
N THR A 306 29.57 8.90 17.58
CA THR A 306 29.15 9.87 18.59
C THR A 306 29.74 9.51 19.95
N SER A 307 29.71 8.22 20.31
CA SER A 307 30.25 7.82 21.60
C SER A 307 31.72 8.21 21.73
N MET A 308 32.54 7.83 20.75
CA MET A 308 33.96 8.13 20.81
C MET A 308 34.20 9.64 20.77
N TYR A 309 33.42 10.35 19.95
CA TYR A 309 33.53 11.81 19.92
C TYR A 309 33.34 12.39 21.31
N ASN A 310 32.28 11.95 22.00
CA ASN A 310 32.02 12.43 23.35
C ASN A 310 33.16 12.10 24.29
N GLU A 311 33.63 10.85 24.27
CA GLU A 311 34.66 10.44 25.22
C GLU A 311 35.94 11.22 25.01
N ILE A 312 36.39 11.30 23.75
CA ILE A 312 37.63 12.02 23.45
C ILE A 312 37.49 13.49 23.79
N LEU A 313 36.31 14.07 23.59
CA LEU A 313 36.14 15.48 23.89
C LEU A 313 36.23 15.73 25.39
N ILE A 314 35.58 14.89 26.20
CA ILE A 314 35.68 15.03 27.65
C ILE A 314 37.12 14.82 28.11
N LEU A 315 37.83 13.85 27.50
CA LEU A 315 39.22 13.61 27.87
C LEU A 315 40.09 14.80 27.56
N GLY A 316 39.92 15.40 26.38
CA GLY A 316 40.67 16.60 26.06
C GLY A 316 40.34 17.74 27.01
N ALA A 317 39.08 17.82 27.45
CA ALA A 317 38.72 18.83 28.43
C ALA A 317 39.48 18.62 29.73
N LYS A 318 39.44 17.41 30.28
CA LYS A 318 40.08 17.17 31.57
C LYS A 318 41.60 17.32 31.49
N LEU A 319 42.23 16.77 30.46
CA LEU A 319 43.68 16.92 30.32
C LEU A 319 44.06 18.38 30.11
N HIS A 320 43.31 19.10 29.28
CA HIS A 320 43.61 20.49 28.94
C HIS A 320 42.33 21.30 29.10
N PRO A 321 41.97 21.64 30.34
CA PRO A 321 40.75 22.45 30.54
C PRO A 321 40.79 23.80 29.87
N THR A 322 41.97 24.33 29.57
CA THR A 322 42.05 25.63 28.91
C THR A 322 41.72 25.55 27.42
N LEU A 323 42.06 24.44 26.78
CA LEU A 323 41.91 24.33 25.33
C LEU A 323 40.45 24.14 24.94
N LYS A 324 40.14 24.54 23.71
CA LYS A 324 38.85 24.29 23.07
C LYS A 324 39.16 23.64 21.73
N LEU A 325 38.86 22.34 21.61
CA LEU A 325 39.28 21.59 20.43
C LEU A 325 38.44 21.95 19.20
N GLU A 326 37.13 22.11 19.38
CA GLU A 326 36.23 22.21 18.23
C GLU A 326 36.64 23.35 17.30
N GLU A 327 37.14 24.45 17.86
CA GLU A 327 37.46 25.61 17.02
C GLU A 327 38.45 25.25 15.91
N ILE A 328 39.26 24.20 16.13
CA ILE A 328 40.29 23.85 15.17
C ILE A 328 39.66 23.64 13.80
N THR A 329 40.44 23.90 12.74
CA THR A 329 39.96 23.80 11.38
C THR A 329 41.05 23.22 10.49
N ASN A 330 40.63 22.55 9.42
CA ASN A 330 41.55 21.93 8.49
C ASN A 330 42.01 22.96 7.46
N ARG A 331 42.74 22.49 6.44
CA ARG A 331 43.22 23.39 5.39
C ARG A 331 42.09 24.18 4.78
N LYS A 332 40.97 23.52 4.47
CA LYS A 332 39.81 24.21 3.93
C LYS A 332 39.18 25.15 4.95
N GLY A 333 39.53 25.04 6.24
CA GLY A 333 39.04 25.95 7.25
C GLY A 333 37.71 25.58 7.85
N LEU A 334 37.20 24.38 7.59
CA LEU A 334 35.89 23.97 8.06
C LEU A 334 35.99 23.31 9.43
N THR A 335 35.24 23.84 10.38
CA THR A 335 35.13 23.23 11.70
C THR A 335 34.51 21.85 11.57
N PRO A 336 34.82 20.92 12.48
CA PRO A 336 34.21 19.58 12.37
C PRO A 336 32.69 19.61 12.30
N LEU A 337 32.03 20.50 13.02
CA LEU A 337 30.59 20.66 12.86
C LEU A 337 30.25 21.07 11.43
N ALA A 338 30.91 22.12 10.93
CA ALA A 338 30.70 22.55 9.55
C ALA A 338 31.03 21.43 8.58
N LEU A 339 32.06 20.63 8.88
CA LEU A 339 32.43 19.55 7.97
C LEU A 339 31.36 18.47 7.94
N ALA A 340 30.83 18.09 9.10
CA ALA A 340 29.76 17.10 9.14
C ALA A 340 28.48 17.63 8.52
N ALA A 341 28.30 18.95 8.52
CA ALA A 341 27.13 19.54 7.88
C ALA A 341 27.28 19.57 6.36
N SER A 342 28.48 19.86 5.87
CA SER A 342 28.67 19.93 4.43
C SER A 342 28.70 18.54 3.81
N SER A 343 29.41 17.59 4.44
CA SER A 343 29.59 16.28 3.83
C SER A 343 28.30 15.47 3.76
N GLY A 344 27.28 15.82 4.54
CA GLY A 344 26.03 15.09 4.52
C GLY A 344 25.74 14.27 5.77
N LYS A 345 26.62 14.29 6.76
CA LYS A 345 26.48 13.43 7.94
C LYS A 345 25.48 14.06 8.88
N ILE A 346 24.21 13.69 8.72
CA ILE A 346 23.16 14.26 9.56
C ILE A 346 23.30 13.80 11.00
N GLY A 347 23.63 12.52 11.23
CA GLY A 347 23.68 12.02 12.59
C GLY A 347 24.66 12.78 13.46
N VAL A 348 25.88 12.99 12.95
CA VAL A 348 26.89 13.70 13.71
C VAL A 348 26.47 15.15 13.93
N LEU A 349 25.82 15.76 12.95
CA LEU A 349 25.37 17.13 13.12
C LEU A 349 24.29 17.22 14.21
N ALA A 350 23.30 16.35 14.16
CA ALA A 350 22.28 16.32 15.21
C ALA A 350 22.91 16.15 16.58
N TYR A 351 23.89 15.24 16.68
CA TYR A 351 24.61 15.08 17.93
C TYR A 351 25.24 16.40 18.36
N ILE A 352 26.06 17.00 17.49
CA ILE A 352 26.85 18.14 17.93
C ILE A 352 25.92 19.27 18.36
N LEU A 353 24.81 19.45 17.63
CA LEU A 353 23.93 20.57 17.94
C LEU A 353 23.10 20.32 19.19
N GLN A 354 22.86 19.06 19.55
CA GLN A 354 22.02 18.71 20.69
C GLN A 354 22.85 18.23 21.88
N ARG A 355 23.99 18.86 22.10
CA ARG A 355 25.00 18.37 23.04
C ARG A 355 24.90 19.10 24.38
N GLU A 356 24.79 18.34 25.46
CA GLU A 356 24.78 18.88 26.81
C GLU A 356 25.57 17.96 27.73
N ILE A 357 26.26 18.55 28.70
CA ILE A 357 27.09 17.81 29.64
C ILE A 357 26.90 18.40 31.04
N HIS A 358 26.82 17.54 32.04
CA HIS A 358 26.46 17.94 33.40
C HIS A 358 27.66 18.01 34.35
N GLU A 359 28.80 17.45 33.99
CA GLU A 359 29.90 17.34 34.95
C GLU A 359 30.31 18.73 35.43
N PRO A 360 30.57 18.91 36.73
CA PRO A 360 30.87 20.26 37.23
C PRO A 360 32.08 20.89 36.57
N GLU A 361 33.11 20.09 36.31
CA GLU A 361 34.35 20.65 35.75
C GLU A 361 34.13 21.21 34.36
N CYS A 362 33.41 20.48 33.51
CA CYS A 362 33.37 20.74 32.07
C CYS A 362 31.93 20.90 31.60
N ARG A 363 31.15 21.72 32.31
CA ARG A 363 29.82 22.07 31.83
C ARG A 363 29.86 23.04 30.66
N HIS A 364 31.01 23.66 30.40
CA HIS A 364 31.16 24.58 29.27
C HIS A 364 31.17 23.85 27.94
N LEU A 365 31.24 22.52 27.94
CA LEU A 365 31.20 21.75 26.71
C LEU A 365 29.80 21.63 26.12
N SER A 366 28.78 22.00 26.88
CA SER A 366 27.40 21.85 26.43
C SER A 366 27.08 22.86 25.33
N ARG A 367 26.17 22.47 24.45
CA ARG A 367 25.52 23.40 23.54
C ARG A 367 24.04 23.56 23.80
N LYS A 368 23.45 22.69 24.61
CA LYS A 368 22.05 22.75 24.99
C LYS A 368 21.96 22.87 26.51
N PHE A 369 20.87 23.47 26.99
CA PHE A 369 20.67 23.64 28.42
C PHE A 369 19.19 23.60 28.73
N THR A 370 18.87 23.36 29.99
CA THR A 370 17.51 23.38 30.50
C THR A 370 17.34 24.55 31.46
N GLU A 371 16.36 25.42 31.20
CA GLU A 371 16.22 26.66 31.95
C GLU A 371 15.21 26.58 33.07
N TRP A 372 14.25 25.65 33.00
CA TRP A 372 13.40 25.35 34.15
C TRP A 372 12.47 24.21 33.77
N ALA A 373 11.82 23.65 34.80
CA ALA A 373 10.78 22.65 34.65
C ALA A 373 9.92 22.68 35.91
N TYR A 374 8.60 22.64 35.74
CA TYR A 374 7.67 22.78 36.85
C TYR A 374 6.91 21.48 37.13
N GLY A 375 6.14 21.01 36.16
CA GLY A 375 5.45 19.75 36.28
C GLY A 375 5.89 18.80 35.19
N PRO A 376 5.03 18.53 34.21
CA PRO A 376 5.46 17.85 32.99
C PRO A 376 6.07 18.78 31.94
N VAL A 377 6.37 20.03 32.30
CA VAL A 377 6.80 21.04 31.35
C VAL A 377 8.29 21.32 31.53
N HIS A 378 8.93 21.71 30.43
CA HIS A 378 10.35 22.03 30.43
C HIS A 378 10.59 23.19 29.48
N SER A 379 11.67 23.93 29.71
CA SER A 379 12.06 25.01 28.80
C SER A 379 13.57 24.93 28.60
N SER A 380 14.00 24.49 27.42
CA SER A 380 15.41 24.29 27.13
C SER A 380 15.96 25.42 26.24
N LEU A 381 17.28 25.56 26.28
CA LEU A 381 18.01 26.50 25.44
C LEU A 381 18.88 25.74 24.44
N TYR A 382 19.35 26.48 23.43
CA TYR A 382 20.29 25.97 22.45
C TYR A 382 21.35 27.03 22.21
N ASP A 383 22.49 26.59 21.68
CA ASP A 383 23.70 27.42 21.68
C ASP A 383 23.70 28.43 20.55
N LEU A 384 23.60 27.96 19.30
CA LEU A 384 23.71 28.84 18.13
C LEU A 384 25.05 29.57 18.12
N SER A 385 26.11 28.89 18.54
CA SER A 385 27.43 29.53 18.63
C SER A 385 27.74 30.32 17.36
N CYS A 386 27.86 29.63 16.23
CA CYS A 386 27.95 30.32 14.94
C CYS A 386 27.09 29.60 13.92
N ILE A 387 25.88 29.20 14.31
CA ILE A 387 24.91 28.70 13.34
C ILE A 387 24.33 29.86 12.53
N ASP A 388 23.94 30.94 13.22
CA ASP A 388 23.31 32.06 12.54
C ASP A 388 24.26 32.72 11.55
N THR A 389 25.36 33.30 12.05
CA THR A 389 26.31 34.03 11.23
C THR A 389 27.71 33.72 11.74
N CYS A 390 28.47 32.96 10.96
CA CYS A 390 29.74 32.42 11.41
C CYS A 390 30.88 33.06 10.63
N GLU A 391 32.11 32.73 11.04
CA GLU A 391 33.28 33.45 10.53
C GLU A 391 33.32 33.43 9.01
N LYS A 392 33.24 32.25 8.40
CA LYS A 392 33.29 32.12 6.95
C LYS A 392 32.03 31.50 6.37
N ASN A 393 31.60 30.35 6.90
CA ASN A 393 30.42 29.66 6.40
C ASN A 393 29.79 28.90 7.56
N SER A 394 28.66 29.40 8.04
CA SER A 394 27.96 28.77 9.15
C SER A 394 27.38 27.44 8.72
N VAL A 395 26.74 26.76 9.67
CA VAL A 395 26.11 25.48 9.36
C VAL A 395 24.93 25.67 8.41
N LEU A 396 24.12 26.70 8.66
CA LEU A 396 22.91 26.88 7.87
C LEU A 396 23.23 27.26 6.43
N GLU A 397 24.16 28.20 6.25
CA GLU A 397 24.54 28.61 4.91
C GLU A 397 25.19 27.47 4.14
N VAL A 398 25.77 26.50 4.83
CA VAL A 398 26.40 25.38 4.15
C VAL A 398 25.41 24.24 3.87
N ILE A 399 24.40 24.08 4.72
CA ILE A 399 23.34 23.12 4.43
C ILE A 399 22.51 23.59 3.25
N ALA A 400 22.10 24.87 3.26
CA ALA A 400 21.23 25.37 2.20
C ALA A 400 21.94 25.36 0.85
N TYR A 401 23.21 25.75 0.84
CA TYR A 401 23.96 25.94 -0.40
C TYR A 401 24.72 24.70 -0.83
N SER A 402 24.37 23.53 -0.29
CA SER A 402 25.01 22.30 -0.74
C SER A 402 24.66 22.04 -2.20
N SER A 403 25.64 21.56 -2.96
CA SER A 403 25.54 21.47 -4.41
C SER A 403 24.75 20.26 -4.88
N SER A 404 23.99 19.61 -4.00
CA SER A 404 23.13 18.47 -4.29
C SER A 404 23.91 17.20 -4.59
N GLU A 405 25.24 17.24 -4.65
CA GLU A 405 26.00 16.01 -4.58
C GLU A 405 25.85 15.36 -3.23
N THR A 406 25.57 16.15 -2.20
CA THR A 406 25.35 15.61 -0.87
C THR A 406 24.14 14.67 -0.90
N PRO A 407 24.18 13.55 -0.19
CA PRO A 407 23.02 12.63 -0.22
C PRO A 407 21.73 13.29 0.26
N ASN A 408 21.73 13.82 1.47
CA ASN A 408 20.52 14.34 2.12
C ASN A 408 20.80 15.74 2.67
N ARG A 409 20.59 16.75 1.84
CA ARG A 409 20.57 18.13 2.30
C ARG A 409 19.17 18.61 2.63
N HIS A 410 18.16 17.77 2.45
CA HIS A 410 16.77 18.12 2.68
C HIS A 410 16.28 17.67 4.06
N ASP A 411 16.70 16.48 4.48
CA ASP A 411 16.45 16.04 5.84
C ASP A 411 17.30 16.79 6.86
N MET A 412 18.39 17.40 6.41
CA MET A 412 19.34 18.03 7.32
C MET A 412 18.82 19.34 7.91
N LEU A 413 17.65 19.80 7.49
CA LEU A 413 16.93 20.87 8.16
C LEU A 413 15.88 20.32 9.12
N LEU A 414 15.95 19.04 9.46
CA LEU A 414 15.02 18.43 10.40
C LEU A 414 15.44 18.57 11.85
N VAL A 415 16.72 18.91 12.09
CA VAL A 415 17.18 19.07 13.46
C VAL A 415 16.39 20.20 14.12
N GLU A 416 16.15 20.04 15.42
CA GLU A 416 15.21 20.93 16.11
C GLU A 416 15.62 22.40 16.04
N PRO A 417 16.85 22.78 16.43
CA PRO A 417 17.17 24.22 16.41
C PRO A 417 17.06 24.86 15.04
N LEU A 418 17.40 24.13 13.98
CA LEU A 418 17.34 24.73 12.65
C LEU A 418 15.90 24.91 12.19
N ASN A 419 15.05 23.92 12.43
CA ASN A 419 13.62 24.09 12.13
C ASN A 419 13.07 25.31 12.86
N ARG A 420 13.31 25.38 14.17
CA ARG A 420 12.76 26.48 14.95
C ARG A 420 13.31 27.81 14.47
N LEU A 421 14.61 27.85 14.14
CA LEU A 421 15.25 29.07 13.70
C LEU A 421 14.66 29.58 12.39
N LEU A 422 14.50 28.69 11.42
CA LEU A 422 13.94 29.09 10.13
C LEU A 422 12.50 29.58 10.32
N GLN A 423 11.69 28.85 11.08
CA GLN A 423 10.33 29.28 11.29
C GLN A 423 10.28 30.63 12.00
N ASP A 424 11.15 30.84 12.97
CA ASP A 424 11.18 32.10 13.71
C ASP A 424 11.55 33.25 12.78
N LYS A 425 12.60 33.08 11.98
CA LYS A 425 12.98 34.15 11.05
C LYS A 425 11.85 34.44 10.06
N TRP A 426 11.20 33.40 9.54
CA TRP A 426 10.09 33.63 8.62
C TRP A 426 8.97 34.40 9.31
N ASP A 427 8.67 34.05 10.56
CA ASP A 427 7.59 34.72 11.27
C ASP A 427 7.90 36.18 11.52
N ARG A 428 9.14 36.51 11.89
CA ARG A 428 9.41 37.83 12.41
C ARG A 428 9.71 38.89 11.35
N PHE A 429 10.79 38.72 10.58
CA PHE A 429 11.35 39.85 9.85
C PHE A 429 11.54 39.62 8.36
N VAL A 430 11.02 38.53 7.79
CA VAL A 430 11.21 38.29 6.36
C VAL A 430 9.92 37.95 5.64
N LYS A 431 8.83 37.60 6.32
CA LYS A 431 7.57 37.38 5.62
C LYS A 431 7.11 38.66 4.93
N ARG A 432 7.22 39.80 5.64
CA ARG A 432 6.84 41.07 5.05
C ARG A 432 7.72 41.41 3.86
N ILE A 433 9.02 41.14 3.96
CA ILE A 433 9.92 41.44 2.85
C ILE A 433 9.56 40.58 1.65
N PHE A 434 9.28 39.30 1.87
CA PHE A 434 8.92 38.43 0.75
C PHE A 434 7.63 38.88 0.09
N TYR A 435 6.62 39.23 0.87
CA TYR A 435 5.37 39.69 0.28
C TYR A 435 5.55 41.01 -0.45
N PHE A 436 6.40 41.90 0.08
CA PHE A 436 6.69 43.13 -0.64
C PHE A 436 7.34 42.86 -1.99
N ASN A 437 8.32 41.96 -2.01
CA ASN A 437 8.97 41.62 -3.27
C ASN A 437 7.96 41.00 -4.24
N PHE A 438 7.08 40.15 -3.74
CA PHE A 438 6.10 39.52 -4.62
C PHE A 438 5.13 40.55 -5.19
N PHE A 439 4.70 41.50 -4.37
CA PHE A 439 3.83 42.57 -4.87
C PHE A 439 4.55 43.43 -5.90
N VAL A 440 5.82 43.74 -5.67
CA VAL A 440 6.57 44.54 -6.64
C VAL A 440 6.71 43.79 -7.96
N TYR A 441 6.98 42.49 -7.91
CA TYR A 441 7.06 41.72 -9.14
C TYR A 441 5.71 41.69 -9.85
N CYS A 442 4.62 41.54 -9.09
CA CYS A 442 3.30 41.57 -9.72
C CYS A 442 3.06 42.88 -10.44
N LEU A 443 3.45 44.00 -9.82
CA LEU A 443 3.25 45.29 -10.45
C LEU A 443 4.13 45.45 -11.68
N TYR A 444 5.38 45.01 -11.58
CA TYR A 444 6.27 45.02 -12.74
C TYR A 444 5.67 44.23 -13.89
N MET A 445 5.14 43.04 -13.61
CA MET A 445 4.54 42.22 -14.65
C MET A 445 3.30 42.87 -15.22
N ILE A 446 2.50 43.55 -14.39
CA ILE A 446 1.31 44.20 -14.90
C ILE A 446 1.67 45.32 -15.87
N ILE A 447 2.64 46.16 -15.51
CA ILE A 447 2.98 47.26 -16.41
C ILE A 447 3.69 46.73 -17.65
N PHE A 448 4.54 45.72 -17.50
CA PHE A 448 5.18 45.11 -18.66
C PHE A 448 4.13 44.55 -19.62
N THR A 449 3.13 43.86 -19.07
CA THR A 449 2.07 43.30 -19.89
C THR A 449 1.29 44.39 -20.61
N ALA A 450 0.90 45.44 -19.88
CA ALA A 450 0.04 46.46 -20.44
C ALA A 450 0.77 47.47 -21.30
N ALA A 451 2.10 47.46 -21.29
CA ALA A 451 2.88 48.23 -22.25
C ALA A 451 3.18 47.41 -23.50
N ALA A 452 3.62 46.17 -23.32
CA ALA A 452 3.75 45.26 -24.45
C ALA A 452 2.44 45.13 -25.21
N TYR A 453 1.31 45.22 -24.50
CA TYR A 453 0.02 45.06 -25.14
C TYR A 453 -0.21 46.13 -26.21
N TYR A 454 0.14 47.38 -25.89
CA TYR A 454 -0.12 48.51 -26.77
C TYR A 454 1.09 48.90 -27.62
N ARG A 455 1.91 47.93 -28.00
CA ARG A 455 3.09 48.23 -28.80
C ARG A 455 2.67 48.93 -30.09
N PRO A 456 3.36 50.00 -30.49
CA PRO A 456 3.06 50.61 -31.79
C PRO A 456 3.28 49.63 -32.94
N VAL A 457 2.45 49.78 -33.97
CA VAL A 457 2.34 48.76 -35.02
C VAL A 457 2.69 49.29 -36.40
N GLU A 458 2.70 50.59 -36.63
CA GLU A 458 2.84 51.15 -37.98
C GLU A 458 4.29 51.57 -38.22
N GLY A 459 4.86 51.07 -39.32
CA GLY A 459 6.20 51.48 -39.71
C GLY A 459 7.23 50.50 -39.19
N LEU A 460 8.31 51.04 -38.62
CA LEU A 460 9.39 50.26 -38.05
C LEU A 460 9.76 50.85 -36.71
N PRO A 461 10.42 50.08 -35.85
CA PRO A 461 10.98 50.66 -34.63
C PRO A 461 12.24 51.46 -34.94
N PRO A 462 12.53 52.51 -34.17
CA PRO A 462 11.71 53.05 -33.07
C PRO A 462 10.52 53.86 -33.55
N TYR A 463 9.77 54.43 -32.61
CA TYR A 463 8.57 55.20 -32.90
C TYR A 463 8.69 56.58 -32.28
N LYS A 464 8.30 57.61 -33.04
CA LYS A 464 8.40 58.98 -32.55
C LYS A 464 7.33 59.25 -31.49
N LEU A 465 7.78 59.72 -30.33
CA LEU A 465 6.91 60.01 -29.20
C LEU A 465 5.87 61.06 -29.59
N LYS A 466 4.59 60.70 -29.50
CA LYS A 466 3.50 61.65 -29.73
C LYS A 466 3.25 62.51 -28.50
N ASN A 467 2.66 63.67 -28.73
CA ASN A 467 2.37 64.59 -27.62
C ASN A 467 1.30 64.03 -26.70
N THR A 468 0.61 62.96 -27.11
CA THR A 468 -0.46 62.39 -26.30
C THR A 468 0.08 61.90 -24.97
N VAL A 469 -0.75 62.02 -23.93
CA VAL A 469 -0.37 61.54 -22.61
C VAL A 469 -0.14 60.04 -22.64
N GLY A 470 -1.00 59.31 -23.36
CA GLY A 470 -0.88 57.86 -23.39
C GLY A 470 0.47 57.39 -23.89
N ASP A 471 1.03 58.09 -24.88
CA ASP A 471 2.34 57.69 -25.40
C ASP A 471 3.44 57.92 -24.36
N TYR A 472 3.35 59.01 -23.61
CA TYR A 472 4.24 59.20 -22.48
C TYR A 472 4.15 58.03 -21.51
N PHE A 473 2.92 57.68 -21.12
CA PHE A 473 2.75 56.54 -20.22
C PHE A 473 3.38 55.29 -20.79
N ARG A 474 3.20 55.04 -22.09
CA ARG A 474 3.72 53.83 -22.71
C ARG A 474 5.24 53.79 -22.66
N VAL A 475 5.89 54.91 -22.96
CA VAL A 475 7.35 54.92 -22.96
C VAL A 475 7.89 54.77 -21.53
N THR A 476 7.20 55.38 -20.56
CA THR A 476 7.60 55.15 -19.16
C THR A 476 7.51 53.68 -18.81
N GLY A 477 6.41 53.02 -19.21
CA GLY A 477 6.28 51.60 -18.97
C GLY A 477 7.42 50.81 -19.58
N GLU A 478 7.78 51.13 -20.82
CA GLU A 478 8.85 50.40 -21.49
C GLU A 478 10.17 50.58 -20.75
N ILE A 479 10.47 51.79 -20.31
CA ILE A 479 11.72 52.03 -19.59
C ILE A 479 11.73 51.26 -18.28
N LEU A 480 10.61 51.27 -17.55
CA LEU A 480 10.52 50.45 -16.35
C LEU A 480 10.80 48.99 -16.66
N SER A 481 10.22 48.49 -17.75
CA SER A 481 10.40 47.09 -18.13
C SER A 481 11.87 46.78 -18.34
N VAL A 482 12.56 47.61 -19.14
CA VAL A 482 13.95 47.32 -19.45
C VAL A 482 14.84 47.44 -18.21
N SER A 483 14.52 48.39 -17.31
CA SER A 483 15.27 48.49 -16.07
C SER A 483 15.14 47.20 -15.26
N GLY A 484 13.92 46.68 -15.13
CA GLY A 484 13.76 45.40 -14.47
C GLY A 484 14.55 44.30 -15.16
N GLY A 485 14.59 44.34 -16.50
CA GLY A 485 15.32 43.33 -17.23
C GLY A 485 16.80 43.33 -16.90
N VAL A 486 17.41 44.51 -16.88
CA VAL A 486 18.84 44.58 -16.56
C VAL A 486 19.08 44.19 -15.10
N TYR A 487 18.17 44.56 -14.20
CA TYR A 487 18.27 44.10 -12.82
C TYR A 487 18.36 42.58 -12.77
N PHE A 488 17.45 41.90 -13.46
CA PHE A 488 17.43 40.45 -13.41
C PHE A 488 18.67 39.86 -14.06
N PHE A 489 19.16 40.48 -15.14
CA PHE A 489 20.36 40.00 -15.79
C PHE A 489 21.56 40.04 -14.84
N PHE A 490 21.77 41.17 -14.17
CA PHE A 490 22.89 41.27 -13.24
C PHE A 490 22.70 40.33 -12.05
N ARG A 491 21.47 40.16 -11.57
CA ARG A 491 21.25 39.21 -10.50
C ARG A 491 21.65 37.81 -10.93
N GLY A 492 21.31 37.43 -12.16
CA GLY A 492 21.69 36.11 -12.63
C GLY A 492 23.18 35.92 -12.74
N ILE A 493 23.88 36.92 -13.30
CA ILE A 493 25.33 36.84 -13.40
C ILE A 493 25.96 36.72 -12.02
N GLN A 494 25.51 37.54 -11.08
CA GLN A 494 26.05 37.50 -9.72
C GLN A 494 25.81 36.15 -9.08
N TYR A 495 24.61 35.58 -9.25
CA TYR A 495 24.35 34.25 -8.73
C TYR A 495 25.32 33.23 -9.31
N PHE A 496 25.55 33.29 -10.62
CA PHE A 496 26.48 32.35 -11.23
C PHE A 496 27.86 32.48 -10.60
N LEU A 497 28.36 33.72 -10.50
CA LEU A 497 29.71 33.91 -9.97
C LEU A 497 29.83 33.37 -8.55
N GLN A 498 28.91 33.78 -7.66
CA GLN A 498 29.03 33.33 -6.27
C GLN A 498 28.87 31.82 -6.16
N ARG A 499 27.92 31.23 -6.87
CA ARG A 499 27.53 29.85 -6.60
C ARG A 499 28.39 28.82 -7.34
N ARG A 500 28.97 29.20 -8.47
CA ARG A 500 29.86 28.30 -9.23
C ARG A 500 29.24 26.91 -9.38
N PRO A 501 28.09 26.78 -10.01
CA PRO A 501 27.46 25.46 -10.16
C PRO A 501 28.06 24.69 -11.34
N SER A 502 27.63 23.43 -11.44
CA SER A 502 28.12 22.52 -12.47
C SER A 502 27.41 22.79 -13.79
N LEU A 503 27.59 21.88 -14.75
CA LEU A 503 26.93 21.94 -16.05
C LEU A 503 26.00 20.78 -16.30
N LYS A 504 26.17 19.65 -15.62
CA LYS A 504 25.29 18.51 -15.80
C LYS A 504 24.08 18.57 -14.88
N SER A 505 24.24 19.10 -13.67
CA SER A 505 23.18 19.22 -12.67
C SER A 505 22.68 20.65 -12.48
N LEU A 506 22.68 21.46 -13.54
CA LEU A 506 22.21 22.85 -13.41
C LEU A 506 20.70 22.94 -13.45
N PHE A 507 20.01 21.96 -14.01
CA PHE A 507 18.56 21.94 -14.03
C PHE A 507 17.96 21.15 -12.88
N VAL A 508 18.78 20.64 -11.97
CA VAL A 508 18.30 20.04 -10.73
C VAL A 508 18.58 20.96 -9.54
N ASP A 509 19.74 21.62 -9.51
CA ASP A 509 20.07 22.46 -8.37
C ASP A 509 19.21 23.71 -8.34
N SER A 510 19.08 24.40 -9.48
CA SER A 510 18.37 25.67 -9.56
C SER A 510 17.60 25.71 -10.87
N TYR A 511 16.28 25.52 -10.80
CA TYR A 511 15.44 25.58 -11.99
C TYR A 511 14.98 27.00 -12.29
N SER A 512 14.90 27.86 -11.26
CA SER A 512 14.30 29.17 -11.40
C SER A 512 15.31 30.27 -11.67
N GLU A 513 16.55 30.13 -11.18
CA GLU A 513 17.57 31.11 -11.53
C GLU A 513 17.82 31.10 -13.03
N ILE A 514 17.86 29.91 -13.64
CA ILE A 514 18.04 29.80 -15.08
C ILE A 514 16.89 30.51 -15.80
N LEU A 515 15.67 30.32 -15.32
CA LEU A 515 14.52 30.85 -16.06
C LEU A 515 14.45 32.36 -15.92
N PHE A 516 14.77 32.90 -14.74
CA PHE A 516 14.80 34.35 -14.61
C PHE A 516 15.90 34.94 -15.48
N PHE A 517 17.07 34.29 -15.51
CA PHE A 517 18.15 34.77 -16.37
C PHE A 517 17.74 34.73 -17.83
N VAL A 518 17.02 33.67 -18.25
CA VAL A 518 16.62 33.53 -19.64
C VAL A 518 15.60 34.62 -20.01
N GLN A 519 14.66 34.90 -19.11
CA GLN A 519 13.72 35.98 -19.37
C GLN A 519 14.47 37.29 -19.54
N SER A 520 15.46 37.55 -18.68
CA SER A 520 16.27 38.76 -18.83
C SER A 520 17.00 38.78 -20.17
N LEU A 521 17.54 37.63 -20.59
CA LEU A 521 18.22 37.58 -21.89
C LEU A 521 17.28 37.96 -23.01
N PHE A 522 16.06 37.41 -23.00
CA PHE A 522 15.11 37.75 -24.06
C PHE A 522 14.77 39.23 -24.03
N MET A 523 14.58 39.80 -22.85
CA MET A 523 14.29 41.23 -22.76
C MET A 523 15.43 42.06 -23.33
N LEU A 524 16.67 41.68 -23.01
CA LEU A 524 17.82 42.46 -23.48
C LEU A 524 18.03 42.29 -24.99
N VAL A 525 17.78 41.10 -25.52
CA VAL A 525 17.86 40.91 -26.97
C VAL A 525 16.80 41.74 -27.68
N SER A 526 15.60 41.80 -27.11
CA SER A 526 14.57 42.65 -27.70
C SER A 526 15.00 44.11 -27.66
N VAL A 527 15.65 44.54 -26.58
CA VAL A 527 16.18 45.89 -26.53
C VAL A 527 17.21 46.09 -27.64
N VAL A 528 18.09 45.11 -27.83
CA VAL A 528 19.13 45.23 -28.86
C VAL A 528 18.51 45.34 -30.24
N LEU A 529 17.39 44.67 -30.47
CA LEU A 529 16.73 44.69 -31.77
C LEU A 529 15.63 45.74 -31.90
N TYR A 530 15.45 46.59 -30.88
CA TYR A 530 14.51 47.71 -30.99
C TYR A 530 15.19 49.02 -31.36
N PHE A 531 16.50 49.13 -31.13
CA PHE A 531 17.30 50.23 -31.63
C PHE A 531 18.09 49.84 -32.87
N SER A 532 17.84 48.65 -33.44
CA SER A 532 18.52 48.18 -34.62
C SER A 532 17.60 48.11 -35.83
N GLN A 533 16.52 48.90 -35.83
CA GLN A 533 15.61 49.01 -36.97
C GLN A 533 15.23 47.63 -37.50
N ARG A 534 14.54 46.88 -36.63
CA ARG A 534 14.09 45.54 -36.98
C ARG A 534 12.86 45.22 -36.15
N LYS A 535 11.91 44.52 -36.77
CA LYS A 535 10.63 44.20 -36.15
C LYS A 535 10.59 42.79 -35.59
N GLU A 536 11.74 42.10 -35.54
CA GLU A 536 11.82 40.80 -34.89
C GLU A 536 11.90 40.92 -33.38
N TYR A 537 12.07 42.13 -32.85
CA TYR A 537 12.14 42.29 -31.40
C TYR A 537 10.90 41.73 -30.73
N VAL A 538 9.75 41.82 -31.38
CA VAL A 538 8.51 41.29 -30.80
C VAL A 538 8.64 39.79 -30.55
N ALA A 539 9.18 39.06 -31.51
CA ALA A 539 9.35 37.62 -31.31
C ALA A 539 10.14 37.33 -30.03
N SER A 540 11.05 38.22 -29.65
CA SER A 540 11.71 38.09 -28.36
C SER A 540 10.76 38.45 -27.23
N MET A 541 10.21 39.67 -27.27
CA MET A 541 9.42 40.19 -26.18
C MET A 541 8.30 39.23 -25.79
N VAL A 542 7.56 38.73 -26.78
CA VAL A 542 6.48 37.77 -26.51
C VAL A 542 7.00 36.65 -25.59
N PHE A 543 8.04 35.96 -26.05
CA PHE A 543 8.68 34.91 -25.26
C PHE A 543 8.87 35.39 -23.84
N SER A 544 9.66 36.47 -23.71
CA SER A 544 9.95 37.06 -22.42
C SER A 544 8.70 37.15 -21.56
N LEU A 545 7.67 37.83 -22.07
CA LEU A 545 6.44 38.07 -21.32
C LEU A 545 5.83 36.77 -20.82
N ALA A 546 5.69 35.79 -21.73
CA ALA A 546 5.19 34.47 -21.37
C ALA A 546 5.95 33.95 -20.16
N MET A 547 7.26 33.79 -20.32
CA MET A 547 8.07 33.30 -19.22
C MET A 547 7.81 34.12 -17.97
N GLY A 548 7.76 35.43 -18.11
CA GLY A 548 7.49 36.34 -17.01
C GLY A 548 6.33 35.85 -16.17
N TRP A 549 5.16 35.80 -16.80
CA TRP A 549 3.95 35.43 -16.06
C TRP A 549 4.05 34.02 -15.51
N THR A 550 4.55 33.09 -16.32
CA THR A 550 4.69 31.71 -15.88
C THR A 550 5.60 31.60 -14.66
N ASN A 551 6.54 32.54 -14.51
CA ASN A 551 7.48 32.55 -13.41
C ASN A 551 6.87 33.03 -12.12
N MET A 552 5.64 33.54 -12.15
CA MET A 552 4.99 33.93 -10.91
C MET A 552 4.90 32.76 -9.95
N LEU A 553 4.89 31.53 -10.48
CA LEU A 553 4.83 30.36 -9.62
C LEU A 553 6.01 30.30 -8.67
N TYR A 554 7.12 30.97 -9.01
CA TYR A 554 8.27 31.00 -8.12
C TYR A 554 7.88 31.47 -6.74
N TYR A 555 6.94 32.41 -6.65
CA TYR A 555 6.57 33.02 -5.40
C TYR A 555 5.55 32.20 -4.61
N THR A 556 5.11 31.06 -5.12
CA THR A 556 4.22 30.18 -4.39
C THR A 556 4.97 29.28 -3.43
N ARG A 557 6.24 29.59 -3.13
CA ARG A 557 6.99 28.85 -2.14
C ARG A 557 6.79 29.41 -0.73
N GLY A 558 6.30 30.64 -0.62
CA GLY A 558 5.95 31.18 0.68
C GLY A 558 4.70 30.57 1.27
N PHE A 559 3.98 29.77 0.50
CA PHE A 559 2.79 29.07 0.96
C PHE A 559 2.98 27.58 0.72
N GLN A 560 2.69 26.78 1.75
CA GLN A 560 3.07 25.37 1.72
C GLN A 560 2.28 24.63 0.65
N GLN A 561 0.95 24.71 0.69
CA GLN A 561 0.10 23.87 -0.15
C GLN A 561 0.19 24.26 -1.62
N MET A 562 0.81 25.39 -1.93
CA MET A 562 1.07 25.79 -3.31
C MET A 562 2.51 25.54 -3.69
N GLY A 563 3.44 25.71 -2.74
CA GLY A 563 4.83 25.41 -3.02
C GLY A 563 5.03 23.96 -3.36
N ILE A 564 4.31 23.06 -2.68
CA ILE A 564 4.42 21.65 -2.99
C ILE A 564 3.91 21.36 -4.40
N TYR A 565 2.84 22.05 -4.81
CA TYR A 565 2.32 21.90 -6.16
C TYR A 565 3.34 22.35 -7.20
N ALA A 566 4.00 23.48 -6.96
CA ALA A 566 5.01 23.95 -7.90
C ALA A 566 6.21 22.99 -7.94
N VAL A 567 6.55 22.41 -6.81
CA VAL A 567 7.63 21.41 -6.79
C VAL A 567 7.25 20.21 -7.65
N MET A 568 6.01 19.73 -7.52
CA MET A 568 5.58 18.60 -8.35
C MET A 568 5.65 18.96 -9.82
N ILE A 569 5.21 20.16 -10.18
CA ILE A 569 5.30 20.59 -11.58
C ILE A 569 6.75 20.53 -12.05
N GLU A 570 7.67 21.04 -11.22
CA GLU A 570 9.09 21.00 -11.53
C GLU A 570 9.55 19.59 -11.83
N LYS A 571 9.26 18.66 -10.93
CA LYS A 571 9.81 17.31 -11.06
C LYS A 571 9.24 16.61 -12.30
N MET A 572 7.93 16.75 -12.54
CA MET A 572 7.36 16.13 -13.72
C MET A 572 7.94 16.71 -14.99
N ILE A 573 8.06 18.04 -15.07
CA ILE A 573 8.63 18.63 -16.28
C ILE A 573 10.04 18.11 -16.51
N LEU A 574 10.80 17.86 -15.44
CA LEU A 574 12.17 17.41 -15.64
C LEU A 574 12.24 15.95 -16.10
N ARG A 575 11.45 15.07 -15.50
CA ARG A 575 11.56 13.63 -15.81
C ARG A 575 10.58 13.16 -16.87
N ASP A 576 9.29 13.28 -16.57
CA ASP A 576 8.28 12.52 -17.32
C ASP A 576 8.09 13.08 -18.71
N LEU A 577 8.02 14.40 -18.84
CA LEU A 577 7.83 14.96 -20.18
C LEU A 577 9.05 14.69 -21.05
N CYS A 578 10.27 14.70 -20.48
CA CYS A 578 11.43 14.40 -21.30
C CYS A 578 11.35 12.97 -21.85
N ARG A 579 11.15 11.98 -20.98
CA ARG A 579 11.06 10.61 -21.46
C ARG A 579 9.95 10.47 -22.49
N PHE A 580 8.75 10.90 -22.11
CA PHE A 580 7.58 10.69 -22.96
C PHE A 580 7.75 11.41 -24.28
N MET A 581 8.35 12.58 -24.29
CA MET A 581 8.49 13.33 -25.54
C MET A 581 9.52 12.71 -26.45
N PHE A 582 10.59 12.12 -25.90
CA PHE A 582 11.48 11.39 -26.79
C PHE A 582 10.76 10.23 -27.47
N VAL A 583 10.08 9.40 -26.68
CA VAL A 583 9.40 8.24 -27.28
C VAL A 583 8.31 8.69 -28.25
N TYR A 584 7.54 9.70 -27.87
CA TYR A 584 6.45 10.17 -28.71
C TYR A 584 6.96 10.76 -30.00
N LEU A 585 8.10 11.46 -29.97
CA LEU A 585 8.65 12.02 -31.19
C LEU A 585 9.21 10.93 -32.09
N VAL A 586 9.80 9.89 -31.51
CA VAL A 586 10.19 8.74 -32.33
C VAL A 586 9.00 8.20 -33.08
N PHE A 587 7.90 7.95 -32.36
CA PHE A 587 6.71 7.39 -33.01
C PHE A 587 6.13 8.34 -34.04
N LEU A 588 5.99 9.61 -33.69
CA LEU A 588 5.39 10.58 -34.60
C LEU A 588 6.20 10.72 -35.88
N PHE A 589 7.51 10.85 -35.76
CA PHE A 589 8.34 10.98 -36.95
C PHE A 589 8.32 9.71 -37.78
N GLY A 590 8.40 8.54 -37.13
CA GLY A 590 8.32 7.31 -37.88
C GLY A 590 7.07 7.25 -38.74
N PHE A 591 5.91 7.46 -38.11
CA PHE A 591 4.66 7.31 -38.85
C PHE A 591 4.40 8.47 -39.80
N SER A 592 4.96 9.65 -39.56
CA SER A 592 4.73 10.76 -40.47
C SER A 592 5.62 10.65 -41.70
N THR A 593 6.84 10.14 -41.56
CA THR A 593 7.61 9.76 -42.73
C THR A 593 6.93 8.63 -43.49
N ALA A 594 6.40 7.65 -42.76
CA ALA A 594 5.66 6.57 -43.41
C ALA A 594 4.43 7.08 -44.16
N VAL A 595 3.83 8.19 -43.72
CA VAL A 595 2.63 8.71 -44.38
C VAL A 595 2.92 9.75 -45.45
N VAL A 596 4.09 10.39 -45.44
CA VAL A 596 4.47 11.28 -46.53
C VAL A 596 5.16 10.55 -47.69
N THR A 597 5.75 9.38 -47.42
CA THR A 597 6.24 8.53 -48.49
C THR A 597 5.12 7.83 -49.25
N LEU A 598 3.87 8.05 -48.86
CA LEU A 598 2.70 7.51 -49.56
C LEU A 598 1.98 8.58 -50.36
N ILE A 599 1.75 9.75 -49.76
CA ILE A 599 1.07 10.83 -50.44
C ILE A 599 1.83 11.21 -51.71
N GLU A 600 1.10 11.77 -52.67
CA GLU A 600 1.68 12.21 -53.94
C GLU A 600 1.31 13.64 -54.33
N ASP A 601 0.26 14.22 -53.76
CA ASP A 601 -0.15 15.59 -54.05
C ASP A 601 -0.43 15.78 -55.54
N GLY A 602 -1.40 15.01 -56.03
CA GLY A 602 -1.78 15.07 -57.43
C GLY A 602 -3.26 14.81 -57.64
N ASN A 625 -4.52 21.82 -48.33
CA ASN A 625 -3.81 21.62 -49.59
C ASN A 625 -2.32 21.39 -49.34
N SER A 626 -1.63 20.92 -50.37
CA SER A 626 -0.19 20.67 -50.28
C SER A 626 0.14 19.78 -49.08
N TYR A 627 -0.68 18.75 -48.89
CA TYR A 627 -0.43 17.79 -47.82
C TYR A 627 0.88 17.04 -48.02
N ASN A 628 1.48 17.09 -49.21
CA ASN A 628 2.74 16.40 -49.44
C ASN A 628 3.85 17.17 -48.74
N SER A 629 3.72 17.31 -47.42
CA SER A 629 4.68 18.02 -46.58
C SER A 629 4.96 17.17 -45.35
N LEU A 630 6.16 17.32 -44.81
CA LEU A 630 6.47 16.66 -43.55
C LEU A 630 6.09 17.52 -42.37
N TYR A 631 6.08 18.84 -42.52
CA TYR A 631 5.60 19.71 -41.45
C TYR A 631 4.10 19.56 -41.27
N SER A 632 3.33 19.63 -42.36
CA SER A 632 1.88 19.55 -42.23
C SER A 632 1.42 18.16 -41.81
N THR A 633 2.13 17.12 -42.25
CA THR A 633 1.79 15.78 -41.77
C THR A 633 2.16 15.62 -40.30
N CYS A 634 3.32 16.16 -39.90
CA CYS A 634 3.67 16.13 -38.49
C CYS A 634 2.60 16.81 -37.64
N LEU A 635 2.06 17.93 -38.11
CA LEU A 635 1.00 18.58 -37.37
C LEU A 635 -0.26 17.72 -37.37
N GLU A 636 -0.81 17.45 -38.55
CA GLU A 636 -2.06 16.71 -38.64
C GLU A 636 -2.03 15.39 -37.88
N LEU A 637 -0.84 14.83 -37.64
CA LEU A 637 -0.76 13.66 -36.78
C LEU A 637 -0.51 14.02 -35.32
N PHE A 638 0.03 15.21 -35.03
CA PHE A 638 0.09 15.64 -33.64
C PHE A 638 -1.30 15.90 -33.09
N LYS A 639 -2.17 16.50 -33.90
CA LYS A 639 -3.51 16.85 -33.43
C LYS A 639 -4.21 15.65 -32.83
N PHE A 640 -3.99 14.46 -33.40
CA PHE A 640 -4.61 13.25 -32.86
C PHE A 640 -4.43 13.16 -31.36
N THR A 641 -3.34 13.72 -30.83
CA THR A 641 -3.07 13.62 -29.40
C THR A 641 -3.94 14.57 -28.58
N ILE A 642 -4.38 15.68 -29.16
CA ILE A 642 -5.20 16.65 -28.45
C ILE A 642 -6.69 16.49 -28.80
N GLY A 643 -7.10 15.31 -29.24
CA GLY A 643 -8.49 15.08 -29.55
C GLY A 643 -9.05 15.94 -30.65
N MET A 644 -8.28 16.15 -31.72
CA MET A 644 -8.78 16.88 -32.87
C MET A 644 -8.34 16.23 -34.19
N GLY A 645 -8.09 14.93 -34.16
CA GLY A 645 -7.54 14.24 -35.32
C GLY A 645 -8.60 13.76 -36.27
N ASP A 646 -8.53 14.20 -37.53
CA ASP A 646 -9.52 13.83 -38.54
C ASP A 646 -8.96 12.67 -39.34
N LEU A 647 -9.47 11.46 -39.08
CA LEU A 647 -8.88 10.26 -39.63
C LEU A 647 -8.79 10.30 -41.16
N GLU A 648 -9.52 11.19 -41.81
CA GLU A 648 -9.44 11.36 -43.27
C GLU A 648 -9.26 12.83 -43.59
N PHE A 649 -8.00 13.28 -43.59
CA PHE A 649 -7.68 14.66 -43.93
C PHE A 649 -7.14 14.80 -45.34
N THR A 650 -7.11 13.73 -46.13
CA THR A 650 -6.56 13.82 -47.47
C THR A 650 -7.03 12.64 -48.29
N GLU A 651 -7.19 12.87 -49.58
CA GLU A 651 -7.60 11.85 -50.54
C GLU A 651 -6.50 11.58 -51.57
N ASN A 652 -5.28 12.05 -51.31
CA ASN A 652 -4.16 11.87 -52.23
C ASN A 652 -3.33 10.69 -51.74
N TYR A 653 -3.58 9.52 -52.31
CA TYR A 653 -2.87 8.30 -51.93
C TYR A 653 -3.22 7.20 -52.90
N ASP A 654 -2.24 6.35 -53.21
CA ASP A 654 -2.48 5.23 -54.12
C ASP A 654 -3.46 4.23 -53.53
N PHE A 655 -3.24 3.81 -52.28
CA PHE A 655 -4.03 2.76 -51.66
C PHE A 655 -4.63 3.26 -50.35
N LYS A 656 -5.90 2.92 -50.14
CA LYS A 656 -6.64 3.37 -48.96
C LYS A 656 -6.42 2.45 -47.76
N ALA A 657 -6.32 1.15 -48.00
CA ALA A 657 -6.07 0.23 -46.90
C ALA A 657 -4.78 0.58 -46.17
N VAL A 658 -3.72 0.90 -46.93
CA VAL A 658 -2.44 1.20 -46.30
C VAL A 658 -2.56 2.47 -45.46
N PHE A 659 -3.14 3.52 -46.04
CA PHE A 659 -3.29 4.78 -45.33
C PHE A 659 -4.06 4.59 -44.03
N ILE A 660 -5.20 3.90 -44.10
CA ILE A 660 -6.06 3.82 -42.92
C ILE A 660 -5.47 2.88 -41.88
N ILE A 661 -4.82 1.79 -42.32
CA ILE A 661 -4.12 0.93 -41.37
C ILE A 661 -3.01 1.70 -40.67
N LEU A 662 -2.36 2.59 -41.43
CA LEU A 662 -1.29 3.40 -40.88
C LEU A 662 -1.79 4.34 -39.79
N LEU A 663 -2.87 5.06 -40.07
CA LEU A 663 -3.44 5.98 -39.09
C LEU A 663 -4.00 5.25 -37.88
N LEU A 664 -4.65 4.09 -38.10
CA LEU A 664 -5.16 3.33 -36.97
C LEU A 664 -4.03 2.82 -36.08
N ALA A 665 -2.95 2.34 -36.69
CA ALA A 665 -1.80 1.92 -35.90
C ALA A 665 -1.25 3.09 -35.10
N TYR A 666 -1.18 4.27 -35.72
CA TYR A 666 -0.67 5.44 -35.00
C TYR A 666 -1.56 5.78 -33.81
N VAL A 667 -2.88 5.80 -34.02
CA VAL A 667 -3.80 6.14 -32.95
C VAL A 667 -3.72 5.13 -31.81
N ILE A 668 -3.75 3.85 -32.14
CA ILE A 668 -3.68 2.82 -31.12
C ILE A 668 -2.37 2.89 -30.36
N LEU A 669 -1.28 3.25 -31.04
CA LEU A 669 0.03 3.19 -30.41
C LEU A 669 0.33 4.41 -29.57
N THR A 670 -0.09 5.60 -30.00
CA THR A 670 0.16 6.83 -29.26
C THR A 670 -1.03 7.26 -28.41
N TYR A 671 -2.18 7.47 -29.06
CA TYR A 671 -3.32 8.06 -28.34
C TYR A 671 -3.85 7.12 -27.27
N ILE A 672 -4.09 5.85 -27.61
CA ILE A 672 -4.69 4.93 -26.64
C ILE A 672 -3.62 4.33 -25.73
N LEU A 673 -2.51 3.89 -26.30
CA LEU A 673 -1.51 3.17 -25.51
C LEU A 673 -0.59 4.13 -24.77
N LEU A 674 0.15 4.96 -25.51
CA LEU A 674 1.17 5.78 -24.87
C LEU A 674 0.58 6.81 -23.94
N LEU A 675 -0.45 7.53 -24.37
CA LEU A 675 -0.92 8.68 -23.60
C LEU A 675 -1.54 8.24 -22.27
N ASN A 676 -2.37 7.18 -22.30
CA ASN A 676 -2.89 6.64 -21.05
C ASN A 676 -1.79 6.05 -20.19
N MET A 677 -0.74 5.53 -20.81
CA MET A 677 0.41 5.04 -20.06
C MET A 677 1.11 6.20 -19.36
N LEU A 678 1.18 7.36 -20.02
CA LEU A 678 1.74 8.55 -19.38
C LEU A 678 0.88 8.94 -18.18
N ILE A 679 -0.43 8.87 -18.33
CA ILE A 679 -1.30 9.15 -17.19
C ILE A 679 -0.98 8.21 -16.03
N ALA A 680 -0.83 6.92 -16.33
CA ALA A 680 -0.53 5.95 -15.28
C ALA A 680 0.81 6.24 -14.61
N LEU A 681 1.84 6.56 -15.39
CA LEU A 681 3.15 6.83 -14.83
C LEU A 681 3.15 8.11 -14.01
N MET A 682 2.42 9.13 -14.46
CA MET A 682 2.23 10.32 -13.64
C MET A 682 1.58 9.97 -12.32
N GLY A 683 0.57 9.09 -12.35
CA GLY A 683 -0.05 8.67 -11.11
C GLY A 683 0.95 8.04 -10.15
N GLU A 684 1.75 7.12 -10.66
CA GLU A 684 2.73 6.45 -9.80
C GLU A 684 3.77 7.42 -9.27
N THR A 685 4.27 8.31 -10.15
CA THR A 685 5.28 9.26 -9.71
C THR A 685 4.74 10.20 -8.65
N VAL A 686 3.48 10.64 -8.81
CA VAL A 686 2.85 11.45 -7.78
C VAL A 686 2.83 10.68 -6.46
N ASN A 687 2.33 9.45 -6.51
CA ASN A 687 2.18 8.68 -5.27
C ASN A 687 3.52 8.43 -4.60
N LYS A 688 4.60 8.38 -5.38
CA LYS A 688 5.93 8.29 -4.78
C LYS A 688 6.40 9.61 -4.16
N ILE A 689 6.37 10.70 -4.92
CA ILE A 689 7.06 11.92 -4.51
C ILE A 689 6.20 12.79 -3.59
N ALA A 690 5.06 12.26 -3.15
CA ALA A 690 4.21 12.99 -2.21
C ALA A 690 4.99 13.64 -1.07
N GLN A 691 6.06 13.00 -0.60
CA GLN A 691 6.80 13.46 0.57
C GLN A 691 8.07 14.24 0.23
N GLU A 692 8.84 13.79 -0.76
CA GLU A 692 10.02 14.54 -1.20
C GLU A 692 9.69 15.96 -1.63
N SER A 693 8.47 16.18 -2.11
CA SER A 693 8.06 17.54 -2.47
C SER A 693 8.02 18.45 -1.25
N LYS A 694 7.50 17.97 -0.12
CA LYS A 694 7.51 18.78 1.10
C LYS A 694 8.93 19.14 1.50
N ASN A 695 9.83 18.16 1.48
CA ASN A 695 11.22 18.42 1.87
C ASN A 695 11.85 19.47 0.97
N ILE A 696 11.65 19.34 -0.35
CA ILE A 696 12.27 20.29 -1.26
C ILE A 696 11.65 21.67 -1.09
N TRP A 697 10.35 21.76 -0.78
CA TRP A 697 9.77 23.07 -0.52
C TRP A 697 10.39 23.70 0.71
N LYS A 698 10.56 22.91 1.77
CA LYS A 698 11.21 23.41 2.98
C LYS A 698 12.58 23.98 2.66
N LEU A 699 13.36 23.24 1.86
CA LEU A 699 14.69 23.70 1.52
C LEU A 699 14.63 24.98 0.68
N GLN A 700 13.65 25.07 -0.23
CA GLN A 700 13.49 26.28 -1.03
C GLN A 700 13.23 27.49 -0.15
N ARG A 701 12.32 27.34 0.81
CA ARG A 701 12.04 28.46 1.70
C ARG A 701 13.26 28.82 2.54
N ALA A 702 14.02 27.81 2.97
CA ALA A 702 15.24 28.07 3.72
C ALA A 702 16.18 28.96 2.90
N ILE A 703 16.39 28.60 1.63
CA ILE A 703 17.25 29.41 0.78
C ILE A 703 16.68 30.82 0.63
N THR A 704 15.36 30.94 0.54
CA THR A 704 14.75 32.26 0.44
C THR A 704 15.10 33.10 1.67
N ILE A 705 14.99 32.50 2.85
CA ILE A 705 15.29 33.24 4.08
C ILE A 705 16.75 33.68 4.09
N LEU A 706 17.66 32.77 3.75
CA LEU A 706 19.07 33.12 3.79
C LEU A 706 19.38 34.24 2.79
N ASP A 707 18.85 34.14 1.57
CA ASP A 707 19.11 35.18 0.59
C ASP A 707 18.55 36.53 1.03
N THR A 708 17.35 36.53 1.60
CA THR A 708 16.78 37.79 2.04
C THR A 708 17.62 38.43 3.14
N GLU A 709 18.05 37.64 4.12
CA GLU A 709 18.86 38.24 5.18
C GLU A 709 20.20 38.74 4.65
N LYS A 710 20.84 37.98 3.76
CA LYS A 710 22.09 38.47 3.16
C LYS A 710 21.88 39.76 2.38
N SER A 711 20.72 39.92 1.73
CA SER A 711 20.53 41.08 0.87
C SER A 711 20.45 42.37 1.66
N PHE A 712 19.65 42.39 2.73
CA PHE A 712 19.41 43.61 3.50
C PHE A 712 20.25 43.65 4.77
N LEU A 713 21.49 43.16 4.73
CA LEU A 713 22.39 43.39 5.85
C LEU A 713 22.62 44.89 6.05
N LYS A 714 22.52 45.68 4.99
CA LYS A 714 22.73 47.12 5.11
C LYS A 714 21.62 47.76 5.94
N CYS A 715 20.36 47.41 5.66
CA CYS A 715 19.26 48.00 6.40
C CYS A 715 19.32 47.64 7.88
N MET A 716 19.44 46.35 8.19
CA MET A 716 19.58 45.86 9.57
C MET A 716 20.53 44.68 9.54
N ARG A 717 21.82 44.95 9.73
CA ARG A 717 22.81 43.88 9.71
C ARG A 717 22.73 43.02 10.96
N LYS A 718 22.61 43.66 12.13
CA LYS A 718 22.59 42.96 13.41
C LYS A 718 21.35 43.27 14.23
N ALA A 719 20.38 44.02 13.68
CA ALA A 719 19.17 44.30 14.43
C ALA A 719 18.41 43.03 14.74
N PHE A 720 18.30 42.12 13.76
CA PHE A 720 17.60 40.86 13.93
C PHE A 720 18.63 39.76 14.15
N ARG A 721 19.00 39.55 15.41
CA ARG A 721 19.82 38.41 15.80
C ARG A 721 18.94 37.36 16.46
N SER A 722 19.09 36.12 16.03
CA SER A 722 18.26 35.04 16.56
C SER A 722 18.55 34.81 18.04
N GLY A 723 17.49 34.57 18.80
CA GLY A 723 17.65 34.26 20.20
C GLY A 723 18.01 35.48 21.02
N LYS A 724 18.44 35.20 22.26
CA LYS A 724 18.80 36.22 23.22
C LYS A 724 20.15 35.89 23.83
N LEU A 725 20.91 36.92 24.16
CA LEU A 725 22.21 36.75 24.80
C LEU A 725 22.01 36.45 26.27
N LEU A 726 22.26 35.19 26.66
CA LEU A 726 21.94 34.70 27.99
C LEU A 726 23.19 34.12 28.66
N GLN A 727 23.12 34.01 29.97
CA GLN A 727 24.10 33.29 30.77
C GLN A 727 23.51 31.95 31.18
N VAL A 728 24.11 30.87 30.72
CA VAL A 728 23.64 29.53 31.06
C VAL A 728 24.27 29.03 32.36
N GLY A 729 25.53 29.36 32.58
CA GLY A 729 26.23 28.91 33.77
C GLY A 729 27.64 29.45 33.77
N PHE A 730 28.41 29.03 34.77
CA PHE A 730 29.79 29.45 34.90
C PHE A 730 30.71 28.43 34.28
N THR A 731 31.98 28.83 34.11
CA THR A 731 33.01 27.96 33.57
C THR A 731 34.27 28.10 34.40
N PRO A 732 35.05 27.02 34.53
CA PRO A 732 36.32 27.14 35.27
C PRO A 732 37.30 28.14 34.67
N ASP A 733 37.26 28.33 33.35
CA ASP A 733 38.26 29.16 32.70
C ASP A 733 38.23 30.59 33.22
N GLY A 734 37.05 31.22 33.19
CA GLY A 734 36.93 32.60 33.60
C GLY A 734 35.64 32.92 34.32
N LYS A 735 34.91 31.89 34.74
CA LYS A 735 33.64 32.08 35.45
C LYS A 735 32.64 32.86 34.61
N ASP A 736 32.71 32.72 33.29
CA ASP A 736 31.82 33.43 32.38
C ASP A 736 31.37 32.49 31.28
N ASP A 737 30.06 32.48 31.02
CA ASP A 737 29.50 31.71 29.90
C ASP A 737 28.28 32.49 29.40
N TYR A 738 28.50 33.32 28.39
CA TYR A 738 27.46 34.15 27.80
C TYR A 738 27.35 33.80 26.32
N ARG A 739 26.18 33.35 25.90
CA ARG A 739 25.99 32.83 24.55
C ARG A 739 24.67 33.33 23.98
N TRP A 740 24.62 33.39 22.66
CA TRP A 740 23.40 33.79 21.94
C TRP A 740 22.50 32.57 21.83
N CYS A 741 21.71 32.34 22.87
CA CYS A 741 20.97 31.09 23.00
C CYS A 741 19.52 31.26 22.54
N PHE A 742 18.91 30.13 22.19
CA PHE A 742 17.57 30.09 21.62
C PHE A 742 16.69 29.18 22.46
N ARG A 743 15.52 29.69 22.87
CA ARG A 743 14.67 28.98 23.83
C ARG A 743 13.55 28.24 23.12
N VAL A 744 13.26 27.03 23.60
CA VAL A 744 12.11 26.26 23.14
C VAL A 744 11.51 25.52 24.32
N ASP A 745 10.18 25.51 24.39
CA ASP A 745 9.48 24.79 25.46
C ASP A 745 9.36 23.31 25.09
N GLU A 746 8.74 22.55 25.99
CA GLU A 746 8.49 21.13 25.73
C GLU A 746 7.65 20.58 26.88
N VAL A 747 7.05 19.41 26.66
CA VAL A 747 6.21 18.77 27.66
C VAL A 747 6.36 17.26 27.51
N ASN A 748 6.17 16.55 28.63
CA ASN A 748 6.23 15.10 28.64
C ASN A 748 5.54 14.59 29.90
N TRP A 749 4.97 13.38 29.80
CA TRP A 749 4.26 12.76 30.91
C TRP A 749 4.89 11.48 31.41
N THR A 750 5.54 10.69 30.55
CA THR A 750 6.17 9.46 31.01
C THR A 750 7.32 9.76 31.98
N THR A 751 8.14 10.77 31.66
CA THR A 751 9.32 11.05 32.47
C THR A 751 8.93 11.39 33.90
N TRP A 752 8.01 12.34 34.07
CA TRP A 752 7.62 12.81 35.39
C TRP A 752 8.84 13.25 36.20
N ASP B 113 4.14 -73.39 2.64
CA ASP B 113 3.48 -72.65 1.58
C ASP B 113 3.95 -71.21 1.53
N ARG B 114 4.03 -70.65 0.32
CA ARG B 114 4.51 -69.28 0.18
C ARG B 114 3.56 -68.28 0.85
N ARG B 115 2.26 -68.53 0.76
CA ARG B 115 1.32 -67.59 1.38
C ARG B 115 1.33 -67.74 2.88
N SER B 116 1.61 -68.93 3.40
CA SER B 116 1.65 -69.09 4.85
C SER B 116 2.77 -68.26 5.45
N ILE B 117 3.95 -68.33 4.83
CA ILE B 117 5.10 -67.56 5.30
C ILE B 117 4.86 -66.07 5.09
N PHE B 118 4.22 -65.70 3.99
CA PHE B 118 3.89 -64.29 3.77
C PHE B 118 2.95 -63.77 4.86
N ASP B 119 1.94 -64.56 5.22
CA ASP B 119 1.04 -64.18 6.30
C ASP B 119 1.77 -64.09 7.63
N ALA B 120 2.71 -65.02 7.86
CA ALA B 120 3.45 -65.02 9.12
C ALA B 120 4.33 -63.79 9.25
N VAL B 121 5.11 -63.47 8.20
CA VAL B 121 5.96 -62.29 8.21
C VAL B 121 5.14 -61.02 8.35
N ALA B 122 4.03 -60.91 7.63
CA ALA B 122 3.13 -59.79 7.88
C ALA B 122 2.56 -59.83 9.30
N GLN B 123 2.45 -61.02 9.88
CA GLN B 123 2.04 -61.17 11.27
C GLN B 123 3.16 -60.89 12.26
N SER B 124 4.40 -60.78 11.80
CA SER B 124 5.53 -60.45 12.67
C SER B 124 5.76 -61.53 13.72
N ASN B 125 5.45 -62.78 13.38
CA ASN B 125 5.67 -63.92 14.27
C ASN B 125 6.54 -64.94 13.56
N CYS B 126 7.53 -65.45 14.27
CA CYS B 126 8.48 -66.41 13.73
C CYS B 126 8.14 -67.86 14.06
N GLN B 127 7.00 -68.13 14.70
CA GLN B 127 6.66 -69.49 15.08
C GLN B 127 6.58 -70.39 13.85
N GLU B 128 5.89 -69.93 12.80
CA GLU B 128 5.78 -70.73 11.58
C GLU B 128 7.15 -70.94 10.96
N LEU B 129 8.01 -69.92 10.98
CA LEU B 129 9.35 -70.06 10.44
C LEU B 129 10.15 -71.11 11.20
N GLU B 130 10.08 -71.08 12.53
CA GLU B 130 10.77 -72.08 13.33
C GLU B 130 10.23 -73.48 13.04
N SER B 131 8.90 -73.60 12.90
CA SER B 131 8.31 -74.90 12.62
C SER B 131 8.76 -75.42 11.26
N LEU B 132 8.88 -74.55 10.26
CA LEU B 132 9.16 -74.97 8.90
C LEU B 132 10.65 -75.07 8.58
N LEU B 133 11.51 -74.48 9.40
CA LEU B 133 12.95 -74.52 9.11
C LEU B 133 13.48 -75.95 9.00
N PRO B 134 13.22 -76.85 9.95
CA PRO B 134 13.70 -78.23 9.78
C PRO B 134 13.17 -78.89 8.52
N PHE B 135 11.88 -78.69 8.21
CA PHE B 135 11.34 -79.21 6.96
C PHE B 135 11.90 -78.46 5.76
N LEU B 136 12.19 -77.16 5.92
CA LEU B 136 12.80 -76.40 4.84
C LEU B 136 14.15 -77.01 4.45
N GLN B 137 14.96 -77.37 5.43
CA GLN B 137 16.22 -78.05 5.14
C GLN B 137 15.99 -79.45 4.63
N ARG B 138 14.99 -80.15 5.17
CA ARG B 138 14.74 -81.53 4.77
C ARG B 138 14.43 -81.62 3.28
N SER B 139 13.63 -80.69 2.77
CA SER B 139 13.27 -80.67 1.35
C SER B 139 14.52 -80.60 0.47
N GLU B 152 5.18 -62.45 -10.86
CA GLU B 152 4.77 -61.09 -11.19
C GLU B 152 5.74 -60.08 -10.59
N THR B 153 5.62 -59.84 -9.29
CA THR B 153 6.49 -58.89 -8.61
C THR B 153 7.82 -59.53 -8.23
N GLY B 154 7.77 -60.60 -7.45
CA GLY B 154 8.99 -61.26 -6.99
C GLY B 154 9.53 -60.76 -5.68
N LYS B 155 8.69 -60.15 -4.84
CA LYS B 155 9.16 -59.57 -3.59
C LYS B 155 9.83 -60.64 -2.72
N THR B 156 10.98 -60.29 -2.16
CA THR B 156 11.73 -61.21 -1.32
C THR B 156 11.15 -61.26 0.09
N CYS B 157 11.39 -62.39 0.77
CA CYS B 157 10.88 -62.56 2.13
C CYS B 157 11.43 -61.50 3.06
N LEU B 158 12.74 -61.28 3.03
CA LEU B 158 13.33 -60.23 3.87
C LEU B 158 12.83 -58.85 3.45
N LEU B 159 12.59 -58.65 2.16
CA LEU B 159 12.02 -57.39 1.69
C LEU B 159 10.66 -57.14 2.35
N LYS B 160 9.79 -58.15 2.32
CA LYS B 160 8.49 -58.00 2.96
C LYS B 160 8.63 -57.84 4.47
N ALA B 161 9.64 -58.49 5.07
CA ALA B 161 9.84 -58.39 6.50
C ALA B 161 10.18 -56.96 6.91
N MET B 162 11.14 -56.35 6.21
CA MET B 162 11.48 -54.96 6.50
C MET B 162 10.35 -54.02 6.13
N LEU B 163 9.64 -54.31 5.03
CA LEU B 163 8.45 -53.52 4.70
C LEU B 163 7.39 -53.66 5.78
N ASN B 164 7.16 -54.87 6.27
CA ASN B 164 6.24 -55.13 7.36
C ASN B 164 6.99 -55.16 8.69
N LEU B 165 7.68 -54.05 8.97
CA LEU B 165 8.46 -53.90 10.19
C LEU B 165 8.02 -52.63 10.91
N HIS B 166 7.75 -52.74 12.20
CA HIS B 166 7.32 -51.61 13.02
C HIS B 166 8.12 -51.60 14.30
N ASN B 167 8.75 -50.46 14.60
CA ASN B 167 9.55 -50.31 15.81
C ASN B 167 10.57 -51.44 15.92
N GLY B 168 11.14 -51.83 14.79
CA GLY B 168 12.07 -52.94 14.77
C GLY B 168 11.46 -54.25 15.19
N GLN B 169 10.18 -54.46 14.88
CA GLN B 169 9.49 -55.70 15.23
C GLN B 169 9.79 -56.84 14.25
N ASN B 170 10.50 -56.56 13.17
CA ASN B 170 10.82 -57.58 12.17
C ASN B 170 12.25 -58.06 12.42
N ASP B 171 12.38 -59.29 12.92
CA ASP B 171 13.67 -59.91 13.15
C ASP B 171 13.91 -61.14 12.31
N THR B 172 12.93 -61.59 11.53
CA THR B 172 13.10 -62.78 10.70
C THR B 172 14.09 -62.57 9.58
N ILE B 173 14.51 -61.33 9.31
CA ILE B 173 15.52 -61.09 8.28
C ILE B 173 16.82 -61.76 8.66
N ALA B 174 17.23 -61.64 9.92
CA ALA B 174 18.44 -62.32 10.38
C ALA B 174 18.30 -63.83 10.26
N LEU B 175 17.14 -64.37 10.61
CA LEU B 175 16.92 -65.81 10.51
C LEU B 175 17.06 -66.27 9.06
N LEU B 176 16.42 -65.55 8.13
CA LEU B 176 16.50 -65.92 6.72
C LEU B 176 17.93 -65.82 6.21
N LEU B 177 18.65 -64.75 6.58
CA LEU B 177 20.03 -64.59 6.14
C LEU B 177 20.90 -65.73 6.66
N ASP B 178 20.74 -66.09 7.93
CA ASP B 178 21.53 -67.18 8.50
C ASP B 178 21.19 -68.51 7.84
N VAL B 179 19.90 -68.75 7.56
CA VAL B 179 19.51 -69.98 6.89
C VAL B 179 20.13 -70.07 5.51
N ALA B 180 20.10 -68.95 4.76
CA ALA B 180 20.72 -68.94 3.45
C ALA B 180 22.23 -69.17 3.55
N ARG B 181 22.88 -68.54 4.52
CA ARG B 181 24.32 -68.73 4.69
C ARG B 181 24.65 -70.19 4.98
N LYS B 182 23.86 -70.84 5.83
CA LYS B 182 24.06 -72.25 6.12
C LYS B 182 23.89 -73.11 4.88
N THR B 183 23.15 -72.64 3.88
CA THR B 183 22.96 -73.38 2.65
C THR B 183 24.05 -73.04 1.63
N LYS B 187 25.46 -64.48 -0.75
CA LYS B 187 26.03 -64.01 -2.01
C LYS B 187 24.97 -64.01 -3.11
N GLN B 188 24.39 -65.18 -3.37
CA GLN B 188 23.36 -65.32 -4.40
C GLN B 188 22.01 -64.77 -3.96
N PHE B 189 21.84 -64.43 -2.69
CA PHE B 189 20.59 -63.87 -2.19
C PHE B 189 20.71 -62.42 -1.74
N VAL B 190 21.91 -61.97 -1.36
CA VAL B 190 22.09 -60.59 -0.88
C VAL B 190 21.88 -59.55 -1.96
N ASN B 191 21.70 -59.97 -3.21
CA ASN B 191 21.44 -59.05 -4.32
C ASN B 191 20.07 -59.30 -4.94
N ALA B 192 19.10 -59.73 -4.14
CA ALA B 192 17.75 -59.95 -4.64
C ALA B 192 17.08 -58.63 -4.95
N SER B 193 16.48 -58.52 -6.12
CA SER B 193 15.94 -57.26 -6.62
C SER B 193 14.57 -57.50 -7.25
N TYR B 194 13.78 -56.42 -7.28
CA TYR B 194 12.50 -56.44 -7.95
C TYR B 194 12.67 -56.76 -9.44
N THR B 195 11.55 -57.05 -10.09
CA THR B 195 11.52 -57.33 -11.52
C THR B 195 10.46 -56.54 -12.28
N ASP B 196 9.38 -56.10 -11.63
CA ASP B 196 8.33 -55.38 -12.32
C ASP B 196 8.84 -54.06 -12.87
N SER B 197 8.32 -53.66 -14.02
CA SER B 197 8.77 -52.43 -14.66
C SER B 197 8.55 -51.22 -13.76
N TYR B 198 7.59 -51.29 -12.84
CA TYR B 198 7.31 -50.14 -11.97
C TYR B 198 8.43 -49.95 -10.95
N TYR B 199 8.86 -51.03 -10.30
CA TYR B 199 9.97 -50.99 -9.35
C TYR B 199 11.22 -51.68 -9.89
N LYS B 200 11.35 -51.80 -11.20
CA LYS B 200 12.41 -52.60 -11.81
C LYS B 200 13.76 -52.25 -11.20
N GLY B 201 14.39 -53.23 -10.55
CA GLY B 201 15.69 -53.05 -9.96
C GLY B 201 15.69 -52.60 -8.51
N GLN B 202 14.53 -52.31 -7.94
CA GLN B 202 14.47 -51.86 -6.55
C GLN B 202 15.15 -52.89 -5.65
N THR B 203 16.02 -52.42 -4.77
CA THR B 203 16.89 -53.29 -3.98
C THR B 203 16.56 -53.17 -2.49
N ALA B 204 16.90 -54.22 -1.75
CA ALA B 204 16.63 -54.24 -0.32
C ALA B 204 17.40 -53.14 0.41
N LEU B 205 18.59 -52.81 -0.06
CA LEU B 205 19.34 -51.72 0.55
C LEU B 205 18.59 -50.40 0.40
N HIS B 206 17.99 -50.16 -0.77
CA HIS B 206 17.18 -48.98 -0.97
C HIS B 206 15.98 -48.98 -0.03
N ILE B 207 15.34 -50.13 0.14
CA ILE B 207 14.19 -50.21 1.05
C ILE B 207 14.61 -49.86 2.47
N ALA B 208 15.76 -50.39 2.90
CA ALA B 208 16.26 -50.06 4.23
C ALA B 208 16.55 -48.57 4.37
N ILE B 209 17.17 -47.98 3.35
CA ILE B 209 17.55 -46.58 3.43
C ILE B 209 16.32 -45.69 3.45
N GLU B 210 15.30 -46.02 2.66
CA GLU B 210 14.12 -45.17 2.58
C GLU B 210 13.47 -45.00 3.95
N ARG B 211 13.62 -45.97 4.84
CA ARG B 211 13.03 -45.93 6.16
C ARG B 211 13.97 -45.37 7.22
N ARG B 212 15.15 -44.89 6.82
CA ARG B 212 16.15 -44.38 7.75
C ARG B 212 16.72 -45.50 8.61
N ASN B 213 16.98 -46.65 8.00
CA ASN B 213 17.43 -47.83 8.72
C ASN B 213 18.96 -47.87 8.75
N MET B 214 19.53 -47.81 9.96
CA MET B 214 20.97 -47.91 10.14
C MET B 214 21.41 -49.33 10.51
N THR B 215 20.75 -49.93 11.50
CA THR B 215 21.13 -51.27 11.93
C THR B 215 20.94 -52.28 10.81
N LEU B 216 19.77 -52.27 10.17
CA LEU B 216 19.50 -53.22 9.09
C LEU B 216 20.43 -52.97 7.91
N VAL B 217 20.69 -51.71 7.58
CA VAL B 217 21.59 -51.39 6.47
C VAL B 217 22.99 -51.90 6.76
N THR B 218 23.49 -51.65 7.97
CA THR B 218 24.82 -52.12 8.32
C THR B 218 24.88 -53.64 8.32
N LEU B 219 23.84 -54.31 8.82
CA LEU B 219 23.81 -55.76 8.81
C LEU B 219 23.83 -56.30 7.39
N LEU B 220 23.05 -55.70 6.49
CA LEU B 220 23.04 -56.13 5.11
C LEU B 220 24.40 -55.93 4.46
N VAL B 221 25.03 -54.79 4.72
CA VAL B 221 26.34 -54.51 4.12
C VAL B 221 27.38 -55.50 4.62
N GLU B 222 27.43 -55.73 5.93
CA GLU B 222 28.40 -56.67 6.48
C GLU B 222 28.16 -58.08 5.97
N ASN B 223 26.89 -58.49 5.92
CA ASN B 223 26.56 -59.83 5.43
C ASN B 223 26.88 -60.00 3.95
N GLY B 224 27.12 -58.92 3.22
CA GLY B 224 27.49 -58.96 1.82
C GLY B 224 26.52 -58.28 0.89
N ALA B 225 25.33 -57.91 1.35
CA ALA B 225 24.35 -57.25 0.49
C ALA B 225 24.89 -55.92 -0.03
N VAL B 227 26.28 -51.84 -2.99
CA VAL B 227 26.31 -50.39 -2.87
C VAL B 227 26.26 -49.73 -4.24
N GLN B 228 26.32 -50.54 -5.30
CA GLN B 228 26.28 -50.05 -6.67
C GLN B 228 25.06 -50.59 -7.41
N ALA B 229 23.99 -50.90 -6.69
CA ALA B 229 22.78 -51.41 -7.32
C ALA B 229 22.09 -50.30 -8.11
N ALA B 230 21.58 -50.64 -9.28
CA ALA B 230 20.92 -49.69 -10.18
C ALA B 230 19.43 -49.96 -10.17
N ALA B 231 18.66 -48.98 -9.69
CA ALA B 231 17.21 -49.06 -9.67
C ALA B 231 16.63 -48.31 -10.86
N ASN B 232 16.78 -48.94 -12.04
CA ASN B 232 16.46 -48.30 -13.30
C ASN B 232 14.98 -48.42 -13.69
N GLY B 233 14.10 -48.63 -12.71
CA GLY B 233 12.69 -48.74 -12.99
C GLY B 233 12.03 -47.39 -13.25
N ASP B 234 10.78 -47.46 -13.72
CA ASP B 234 10.05 -46.24 -14.05
C ASP B 234 9.83 -45.38 -12.80
N PHE B 235 9.47 -46.01 -11.68
CA PHE B 235 9.18 -45.27 -10.47
C PHE B 235 10.35 -44.38 -10.06
N PHE B 236 11.57 -44.79 -10.40
CA PHE B 236 12.78 -44.06 -10.03
C PHE B 236 13.28 -43.14 -11.15
N LYS B 237 12.51 -42.97 -12.21
CA LYS B 237 12.89 -42.11 -13.32
C LYS B 237 12.14 -40.79 -13.26
N ARG B 242 3.94 -39.23 -14.84
CA ARG B 242 3.44 -40.13 -13.80
C ARG B 242 3.98 -39.72 -12.44
N PRO B 243 3.40 -40.28 -11.37
CA PRO B 243 3.89 -39.97 -10.02
C PRO B 243 5.11 -40.81 -9.68
N GLY B 244 6.12 -40.16 -9.10
CA GLY B 244 7.34 -40.86 -8.77
C GLY B 244 8.31 -39.95 -8.07
N PHE B 245 9.38 -40.57 -7.57
CA PHE B 245 10.45 -39.88 -6.85
C PHE B 245 11.77 -40.20 -7.53
N TYR B 246 12.58 -39.16 -7.79
CA TYR B 246 13.88 -39.33 -8.41
C TYR B 246 14.97 -38.90 -7.45
N PHE B 247 15.98 -39.76 -7.32
CA PHE B 247 17.08 -39.54 -6.39
C PHE B 247 18.42 -39.95 -7.00
N GLY B 248 18.44 -40.31 -8.28
CA GLY B 248 19.49 -41.14 -8.83
C GLY B 248 19.06 -42.58 -8.85
N GLU B 249 20.01 -43.46 -9.15
CA GLU B 249 19.76 -44.90 -9.15
C GLU B 249 20.89 -45.64 -8.44
N LEU B 250 21.28 -45.12 -7.29
CA LEU B 250 22.30 -45.76 -6.46
C LEU B 250 21.97 -45.54 -4.99
N PRO B 251 22.39 -46.47 -4.13
CA PRO B 251 22.13 -46.28 -2.69
C PRO B 251 22.74 -45.01 -2.13
N LEU B 252 23.94 -44.63 -2.59
CA LEU B 252 24.56 -43.41 -2.10
C LEU B 252 23.73 -42.18 -2.46
N SER B 253 23.23 -42.14 -3.71
CA SER B 253 22.38 -41.04 -4.12
C SER B 253 21.10 -40.98 -3.29
N LEU B 254 20.49 -42.14 -3.03
CA LEU B 254 19.29 -42.16 -2.20
C LEU B 254 19.58 -41.66 -0.80
N ALA B 255 20.68 -42.10 -0.21
CA ALA B 255 21.00 -41.70 1.15
C ALA B 255 21.29 -40.21 1.25
N ALA B 256 21.97 -39.66 0.24
CA ALA B 256 22.24 -38.22 0.25
C ALA B 256 20.96 -37.42 0.02
N CYS B 257 20.13 -37.85 -0.93
CA CYS B 257 18.92 -37.12 -1.30
C CYS B 257 17.83 -37.18 -0.24
N THR B 258 17.98 -38.01 0.79
CA THR B 258 16.98 -38.12 1.84
C THR B 258 17.41 -37.43 3.14
N ASN B 259 18.49 -36.65 3.10
CA ASN B 259 18.93 -35.84 4.24
C ASN B 259 19.54 -36.71 5.35
N GLN B 260 20.19 -37.81 4.98
CA GLN B 260 20.76 -38.75 5.93
C GLN B 260 22.29 -38.69 5.81
N LEU B 261 22.90 -37.84 6.62
CA LEU B 261 24.37 -37.70 6.57
C LEU B 261 25.07 -38.91 7.17
N ALA B 262 24.60 -39.40 8.32
CA ALA B 262 25.25 -40.53 8.96
C ALA B 262 25.26 -41.75 8.04
N ILE B 263 24.12 -42.03 7.41
CA ILE B 263 24.02 -43.20 6.54
C ILE B 263 24.96 -43.07 5.35
N VAL B 264 25.04 -41.87 4.76
CA VAL B 264 25.92 -41.73 3.60
C VAL B 264 27.37 -41.90 4.05
N LYS B 265 27.70 -41.40 5.24
CA LYS B 265 29.05 -41.60 5.78
C LYS B 265 29.38 -43.07 5.84
N PHE B 266 28.50 -43.86 6.45
CA PHE B 266 28.75 -45.30 6.55
C PHE B 266 28.81 -45.95 5.18
N LEU B 267 27.87 -45.60 4.29
CA LEU B 267 27.81 -46.25 2.99
C LEU B 267 29.10 -46.01 2.21
N LEU B 268 29.57 -44.76 2.19
CA LEU B 268 30.81 -44.43 1.49
C LEU B 268 32.05 -44.91 2.23
N GLN B 269 31.94 -45.28 3.50
CA GLN B 269 33.08 -45.79 4.25
C GLN B 269 32.85 -47.19 4.81
N ASN B 270 31.87 -47.93 4.28
CA ASN B 270 31.67 -49.30 4.71
C ASN B 270 32.89 -50.14 4.34
N SER B 271 33.37 -50.93 5.31
CA SER B 271 34.60 -51.69 5.09
C SER B 271 34.36 -52.90 4.19
N TRP B 272 33.24 -53.60 4.37
CA TRP B 272 32.97 -54.77 3.56
C TRP B 272 32.98 -54.42 2.07
N GLN B 273 32.24 -53.40 1.68
CA GLN B 273 32.29 -52.85 0.33
C GLN B 273 32.00 -51.36 0.38
N PRO B 274 32.98 -50.50 0.13
CA PRO B 274 32.75 -49.06 0.25
C PRO B 274 31.93 -48.54 -0.92
N ALA B 275 30.85 -47.81 -0.60
CA ALA B 275 30.01 -47.26 -1.64
C ALA B 275 30.78 -46.20 -2.43
N ASP B 276 30.84 -46.37 -3.75
CA ASP B 276 31.59 -45.45 -4.59
C ASP B 276 30.90 -44.09 -4.65
N ILE B 277 31.71 -43.04 -4.84
CA ILE B 277 31.21 -41.68 -4.92
C ILE B 277 31.18 -41.16 -6.36
N SER B 278 31.91 -41.78 -7.27
CA SER B 278 31.99 -41.34 -8.66
C SER B 278 31.11 -42.18 -9.58
N ALA B 279 30.29 -43.07 -9.04
CA ALA B 279 29.45 -43.91 -9.87
C ALA B 279 28.47 -43.06 -10.67
N ARG B 280 28.17 -43.51 -11.88
CA ARG B 280 27.36 -42.75 -12.83
C ARG B 280 26.20 -43.59 -13.31
N ASP B 281 25.00 -43.01 -13.29
CA ASP B 281 23.77 -43.73 -13.57
C ASP B 281 23.39 -43.61 -15.04
N SER B 282 22.18 -44.06 -15.38
CA SER B 282 21.76 -44.14 -16.78
C SER B 282 21.86 -42.79 -17.48
N VAL B 283 21.10 -41.80 -17.00
CA VAL B 283 21.10 -40.47 -17.59
C VAL B 283 22.38 -39.71 -17.25
N GLY B 284 23.27 -40.34 -16.47
CA GLY B 284 24.53 -39.73 -16.13
C GLY B 284 24.58 -39.02 -14.80
N ASN B 285 23.43 -38.78 -14.18
CA ASN B 285 23.38 -38.01 -12.94
C ASN B 285 24.13 -38.74 -11.82
N THR B 286 25.20 -38.12 -11.36
CA THR B 286 25.89 -38.58 -10.16
C THR B 286 25.19 -37.99 -8.93
N VAL B 287 25.78 -38.19 -7.75
CA VAL B 287 25.15 -37.75 -6.51
C VAL B 287 24.99 -36.24 -6.49
N LEU B 288 26.00 -35.51 -6.97
CA LEU B 288 25.90 -34.05 -7.01
C LEU B 288 24.89 -33.60 -8.05
N HIS B 289 24.96 -34.18 -9.26
CA HIS B 289 23.90 -34.01 -10.24
C HIS B 289 22.54 -34.16 -9.60
N ALA B 290 22.32 -35.26 -8.86
CA ALA B 290 21.01 -35.49 -8.27
C ALA B 290 20.67 -34.42 -7.24
N LEU B 291 21.62 -34.07 -6.39
CA LEU B 291 21.38 -33.05 -5.38
C LEU B 291 20.89 -31.76 -6.03
N VAL B 292 21.48 -31.40 -7.18
CA VAL B 292 20.94 -30.28 -7.95
C VAL B 292 19.56 -30.62 -8.48
N GLU B 293 19.38 -31.88 -8.88
CA GLU B 293 18.14 -32.32 -9.53
C GLU B 293 16.94 -32.25 -8.59
N VAL B 294 17.17 -32.10 -7.29
CA VAL B 294 16.11 -32.24 -6.31
C VAL B 294 15.69 -30.91 -5.69
N ALA B 295 16.51 -29.86 -5.78
CA ALA B 295 16.19 -28.62 -5.12
C ALA B 295 14.87 -28.05 -5.65
N ASP B 296 14.31 -27.09 -4.90
CA ASP B 296 13.04 -26.50 -5.27
C ASP B 296 13.00 -24.98 -5.04
N ASN B 297 14.12 -24.36 -4.69
CA ASN B 297 14.29 -22.92 -4.48
C ASN B 297 13.76 -22.45 -3.13
N THR B 298 13.29 -23.35 -2.26
CA THR B 298 12.82 -22.92 -0.94
C THR B 298 14.00 -22.75 0.00
N VAL B 299 13.73 -22.09 1.13
CA VAL B 299 14.81 -21.73 2.05
C VAL B 299 15.39 -22.98 2.71
N ASP B 300 14.53 -23.84 3.25
CA ASP B 300 15.03 -25.02 3.96
C ASP B 300 15.57 -26.07 3.01
N ASN B 301 14.88 -26.29 1.89
CA ASN B 301 15.38 -27.25 0.91
C ASN B 301 16.74 -26.83 0.38
N THR B 302 16.88 -25.56 0.00
CA THR B 302 18.18 -25.05 -0.42
C THR B 302 19.19 -25.18 0.71
N LYS B 303 18.77 -24.87 1.94
CA LYS B 303 19.66 -25.00 3.09
C LYS B 303 20.30 -26.37 3.14
N PHE B 304 19.50 -27.41 3.28
CA PHE B 304 20.14 -28.71 3.51
C PHE B 304 20.72 -29.28 2.23
N VAL B 305 20.23 -28.89 1.05
CA VAL B 305 20.87 -29.32 -0.18
C VAL B 305 22.29 -28.78 -0.25
N THR B 306 22.46 -27.50 0.07
CA THR B 306 23.80 -26.93 0.12
C THR B 306 24.65 -27.60 1.19
N SER B 307 24.07 -27.86 2.37
CA SER B 307 24.83 -28.51 3.43
C SER B 307 25.36 -29.87 2.98
N MET B 308 24.47 -30.72 2.45
CA MET B 308 24.89 -32.05 2.02
C MET B 308 25.87 -31.97 0.86
N TYR B 309 25.65 -31.03 -0.06
CA TYR B 309 26.59 -30.83 -1.15
C TYR B 309 27.99 -30.56 -0.62
N ASN B 310 28.08 -29.64 0.34
CA ASN B 310 29.38 -29.32 0.94
C ASN B 310 30.00 -30.54 1.61
N GLU B 311 29.20 -31.25 2.42
CA GLU B 311 29.77 -32.37 3.17
C GLU B 311 30.27 -33.45 2.23
N ILE B 312 29.45 -33.85 1.26
CA ILE B 312 29.85 -34.90 0.32
C ILE B 312 31.05 -34.46 -0.49
N LEU B 313 31.14 -33.17 -0.83
CA LEU B 313 32.28 -32.72 -1.62
C LEU B 313 33.57 -32.80 -0.82
N ILE B 314 33.53 -32.36 0.45
CA ILE B 314 34.72 -32.48 1.29
C ILE B 314 35.09 -33.95 1.50
N LEU B 315 34.09 -34.82 1.67
CA LEU B 315 34.37 -36.24 1.85
C LEU B 315 35.02 -36.84 0.62
N GLY B 316 34.51 -36.51 -0.57
CA GLY B 316 35.17 -36.97 -1.79
C GLY B 316 36.57 -36.44 -1.92
N ALA B 317 36.80 -35.21 -1.46
CA ALA B 317 38.16 -34.67 -1.47
C ALA B 317 39.09 -35.49 -0.59
N LYS B 318 38.68 -35.72 0.66
CA LYS B 318 39.57 -36.44 1.59
C LYS B 318 39.79 -37.88 1.15
N LEU B 319 38.73 -38.59 0.75
CA LEU B 319 38.90 -39.97 0.31
C LEU B 319 39.75 -40.03 -0.96
N HIS B 320 39.51 -39.13 -1.90
CA HIS B 320 40.21 -39.11 -3.19
C HIS B 320 40.71 -37.70 -3.45
N PRO B 321 41.81 -37.30 -2.80
CA PRO B 321 42.35 -35.95 -3.03
C PRO B 321 42.74 -35.68 -4.48
N THR B 322 43.02 -36.72 -5.26
CA THR B 322 43.38 -36.50 -6.66
C THR B 322 42.18 -36.16 -7.53
N LEU B 323 41.01 -36.70 -7.22
CA LEU B 323 39.85 -36.53 -8.07
C LEU B 323 39.26 -35.15 -7.94
N LYS B 324 38.57 -34.72 -9.00
CA LYS B 324 37.77 -33.49 -9.02
C LYS B 324 36.38 -33.89 -9.50
N LEU B 325 35.41 -33.86 -8.60
CA LEU B 325 34.08 -34.39 -8.91
C LEU B 325 33.32 -33.47 -9.84
N GLU B 326 33.39 -32.15 -9.61
CA GLU B 326 32.49 -31.22 -10.29
C GLU B 326 32.61 -31.35 -11.81
N GLU B 327 33.81 -31.63 -12.33
CA GLU B 327 33.98 -31.68 -13.77
C GLU B 327 33.04 -32.69 -14.42
N ILE B 328 32.61 -33.71 -13.66
CA ILE B 328 31.78 -34.76 -14.23
C ILE B 328 30.54 -34.14 -14.89
N THR B 329 30.03 -34.82 -15.91
CA THR B 329 28.89 -34.33 -16.67
C THR B 329 27.98 -35.49 -17.05
N ASN B 330 26.69 -35.19 -17.19
CA ASN B 330 25.69 -36.19 -17.53
C ASN B 330 25.67 -36.40 -19.04
N ARG B 331 24.69 -37.17 -19.52
CA ARG B 331 24.55 -37.43 -20.95
C ARG B 331 24.48 -36.13 -21.73
N LYS B 332 23.69 -35.17 -21.24
CA LYS B 332 23.61 -33.88 -21.90
C LYS B 332 24.91 -33.09 -21.81
N GLY B 333 25.82 -33.49 -20.93
CA GLY B 333 27.12 -32.86 -20.82
C GLY B 333 27.16 -31.65 -19.92
N LEU B 334 26.13 -31.40 -19.12
CA LEU B 334 26.04 -30.21 -18.30
C LEU B 334 26.64 -30.50 -16.92
N THR B 335 27.61 -29.68 -16.53
CA THR B 335 28.18 -29.74 -15.19
C THR B 335 27.09 -29.42 -14.17
N PRO B 336 27.20 -29.94 -12.94
CA PRO B 336 26.17 -29.63 -11.94
C PRO B 336 25.94 -28.14 -11.75
N LEU B 337 27.01 -27.33 -11.79
CA LEU B 337 26.82 -25.88 -11.76
C LEU B 337 25.98 -25.42 -12.95
N ALA B 338 26.38 -25.83 -14.16
CA ALA B 338 25.60 -25.48 -15.34
C ALA B 338 24.18 -26.03 -15.26
N LEU B 339 24.00 -27.20 -14.66
CA LEU B 339 22.66 -27.76 -14.54
C LEU B 339 21.80 -26.94 -13.60
N ALA B 340 22.35 -26.54 -12.45
CA ALA B 340 21.60 -25.71 -11.52
C ALA B 340 21.34 -24.32 -12.10
N ALA B 341 22.19 -23.87 -13.02
CA ALA B 341 21.95 -22.59 -13.66
C ALA B 341 20.87 -22.68 -14.72
N SER B 342 20.83 -23.78 -15.47
CA SER B 342 19.83 -23.92 -16.52
C SER B 342 18.46 -24.21 -15.93
N SER B 343 18.38 -25.12 -14.95
CA SER B 343 17.09 -25.55 -14.44
C SER B 343 16.35 -24.46 -13.69
N GLY B 344 17.04 -23.42 -13.22
CA GLY B 344 16.40 -22.34 -12.49
C GLY B 344 16.74 -22.28 -11.02
N LYS B 345 17.61 -23.15 -10.52
CA LYS B 345 17.91 -23.24 -9.09
C LYS B 345 18.91 -22.16 -8.75
N ILE B 346 18.39 -20.99 -8.36
CA ILE B 346 19.26 -19.87 -8.02
C ILE B 346 20.04 -20.14 -6.75
N GLY B 347 19.41 -20.74 -5.74
CA GLY B 347 20.10 -20.95 -4.47
C GLY B 347 21.37 -21.76 -4.61
N VAL B 348 21.27 -22.89 -5.32
CA VAL B 348 22.43 -23.76 -5.51
C VAL B 348 23.50 -23.05 -6.34
N LEU B 349 23.08 -22.26 -7.32
CA LEU B 349 24.06 -21.52 -8.11
C LEU B 349 24.80 -20.50 -7.26
N ALA B 350 24.07 -19.70 -6.48
CA ALA B 350 24.71 -18.75 -5.59
C ALA B 350 25.69 -19.44 -4.66
N TYR B 351 25.29 -20.59 -4.11
CA TYR B 351 26.20 -21.37 -3.28
C TYR B 351 27.46 -21.71 -4.06
N ILE B 352 27.30 -22.36 -5.23
CA ILE B 352 28.48 -22.90 -5.89
C ILE B 352 29.43 -21.78 -6.25
N LEU B 353 28.88 -20.63 -6.68
CA LEU B 353 29.73 -19.54 -7.13
C LEU B 353 30.40 -18.82 -5.96
N GLN B 354 29.81 -18.86 -4.77
CA GLN B 354 30.33 -18.15 -3.61
C GLN B 354 30.99 -19.10 -2.62
N ARG B 355 31.72 -20.09 -3.12
CA ARG B 355 32.21 -21.20 -2.32
C ARG B 355 33.67 -20.99 -1.94
N GLU B 356 33.96 -21.08 -0.65
CA GLU B 356 35.33 -20.99 -0.14
C GLU B 356 35.49 -21.99 1.01
N ILE B 357 36.69 -22.56 1.11
CA ILE B 357 37.00 -23.56 2.12
C ILE B 357 38.41 -23.29 2.66
N HIS B 358 38.57 -23.42 3.97
CA HIS B 358 39.81 -23.03 4.65
C HIS B 358 40.70 -24.21 5.03
N GLU B 359 40.20 -25.43 4.99
CA GLU B 359 40.97 -26.55 5.51
C GLU B 359 42.30 -26.68 4.76
N PRO B 360 43.41 -26.93 5.45
CA PRO B 360 44.71 -26.95 4.75
C PRO B 360 44.77 -27.98 3.64
N GLU B 361 44.17 -29.16 3.86
CA GLU B 361 44.28 -30.23 2.88
C GLU B 361 43.58 -29.86 1.57
N CYS B 362 42.39 -29.27 1.66
CA CYS B 362 41.49 -29.14 0.53
C CYS B 362 41.07 -27.68 0.34
N ARG B 363 42.04 -26.78 0.36
CA ARG B 363 41.76 -25.40 0.03
C ARG B 363 41.53 -25.20 -1.46
N HIS B 364 41.88 -26.18 -2.29
CA HIS B 364 41.67 -26.10 -3.73
C HIS B 364 40.19 -26.21 -4.10
N LEU B 365 39.32 -26.57 -3.15
CA LEU B 365 37.90 -26.65 -3.41
C LEU B 365 37.23 -25.29 -3.47
N SER B 366 37.91 -24.23 -3.05
CA SER B 366 37.30 -22.92 -3.00
C SER B 366 37.11 -22.36 -4.40
N ARG B 367 36.10 -21.52 -4.55
CA ARG B 367 35.96 -20.67 -5.73
C ARG B 367 36.08 -19.19 -5.40
N LYS B 368 36.03 -18.82 -4.12
CA LYS B 368 36.20 -17.46 -3.66
C LYS B 368 37.39 -17.39 -2.72
N PHE B 369 38.01 -16.22 -2.64
CA PHE B 369 39.16 -16.03 -1.78
C PHE B 369 39.19 -14.59 -1.28
N THR B 370 39.94 -14.37 -0.20
CA THR B 370 40.16 -13.04 0.35
C THR B 370 41.62 -12.67 0.17
N GLU B 371 41.88 -11.53 -0.45
CA GLU B 371 43.24 -11.14 -0.83
C GLU B 371 43.90 -10.20 0.17
N TRP B 372 43.13 -9.46 0.95
CA TRP B 372 43.68 -8.72 2.09
C TRP B 372 42.54 -8.05 2.83
N ALA B 373 42.86 -7.55 4.03
CA ALA B 373 41.97 -6.75 4.84
C ALA B 373 42.82 -5.95 5.80
N TYR B 374 42.51 -4.65 5.96
CA TYR B 374 43.31 -3.75 6.76
C TYR B 374 42.58 -3.28 8.02
N GLY B 375 41.45 -2.60 7.85
CA GLY B 375 40.63 -2.20 8.97
C GLY B 375 39.25 -2.80 8.85
N PRO B 376 38.24 -1.98 8.53
CA PRO B 376 36.94 -2.51 8.13
C PRO B 376 36.84 -2.89 6.66
N VAL B 377 37.96 -2.92 5.94
CA VAL B 377 37.98 -3.10 4.49
C VAL B 377 38.47 -4.49 4.16
N HIS B 378 37.99 -5.02 3.03
CA HIS B 378 38.37 -6.34 2.55
C HIS B 378 38.46 -6.29 1.03
N SER B 379 39.23 -7.20 0.46
CA SER B 379 39.32 -7.33 -0.99
C SER B 379 39.30 -8.82 -1.35
N SER B 380 38.18 -9.29 -1.89
CA SER B 380 38.01 -10.70 -2.19
C SER B 380 38.15 -10.98 -3.68
N LEU B 381 38.42 -12.23 -4.00
CA LEU B 381 38.50 -12.73 -5.36
C LEU B 381 37.37 -13.72 -5.64
N TYR B 382 37.16 -13.98 -6.92
CA TYR B 382 36.21 -14.98 -7.39
C TYR B 382 36.85 -15.78 -8.50
N ASP B 383 36.30 -16.97 -8.74
CA ASP B 383 36.99 -17.98 -9.54
C ASP B 383 36.81 -17.74 -11.04
N LEU B 384 35.57 -17.70 -11.51
CA LEU B 384 35.29 -17.60 -12.94
C LEU B 384 35.92 -18.75 -13.72
N SER B 385 35.91 -19.94 -13.13
CA SER B 385 36.55 -21.09 -13.76
C SER B 385 36.17 -21.20 -15.23
N CYS B 386 34.89 -21.43 -15.52
CA CYS B 386 34.39 -21.32 -16.89
C CYS B 386 33.06 -20.61 -16.90
N ILE B 387 32.94 -19.53 -16.14
CA ILE B 387 31.78 -18.65 -16.25
C ILE B 387 31.87 -17.82 -17.53
N ASP B 388 33.04 -17.23 -17.79
CA ASP B 388 33.21 -16.35 -18.94
C ASP B 388 33.01 -17.12 -20.25
N THR B 389 33.90 -18.08 -20.51
CA THR B 389 33.89 -18.84 -21.77
C THR B 389 34.22 -20.27 -21.45
N CYS B 390 33.24 -21.16 -21.55
CA CYS B 390 33.36 -22.53 -21.08
C CYS B 390 33.34 -23.48 -22.27
N GLU B 391 33.57 -24.77 -21.98
CA GLU B 391 33.80 -25.75 -23.03
C GLU B 391 32.67 -25.75 -24.06
N LYS B 392 31.43 -25.89 -23.59
CA LYS B 392 30.27 -25.94 -24.47
C LYS B 392 29.29 -24.80 -24.17
N ASN B 393 28.87 -24.65 -22.92
CA ASN B 393 27.90 -23.62 -22.55
C ASN B 393 28.19 -23.20 -21.12
N SER B 394 28.74 -22.00 -20.96
CA SER B 394 29.08 -21.50 -19.64
C SER B 394 27.81 -21.18 -18.86
N VAL B 395 27.99 -20.73 -17.62
CA VAL B 395 26.84 -20.38 -16.79
C VAL B 395 26.12 -19.16 -17.36
N LEU B 396 26.88 -18.16 -17.79
CA LEU B 396 26.28 -16.91 -18.24
C LEU B 396 25.49 -17.11 -19.52
N GLU B 397 26.09 -17.82 -20.49
CA GLU B 397 25.40 -18.06 -21.74
C GLU B 397 24.16 -18.91 -21.57
N VAL B 398 24.10 -19.70 -20.49
CA VAL B 398 22.93 -20.54 -20.25
C VAL B 398 21.86 -19.79 -19.45
N ILE B 399 22.26 -18.87 -18.57
CA ILE B 399 21.30 -18.02 -17.89
C ILE B 399 20.62 -17.08 -18.88
N ALA B 400 21.42 -16.41 -19.70
CA ALA B 400 20.87 -15.43 -20.63
C ALA B 400 19.94 -16.09 -21.65
N TYR B 401 20.34 -17.24 -22.17
CA TYR B 401 19.63 -17.91 -23.26
C TYR B 401 18.58 -18.89 -22.79
N SER B 402 18.17 -18.82 -21.52
CA SER B 402 17.10 -19.67 -21.04
C SER B 402 15.81 -19.35 -21.76
N SER B 403 15.05 -20.38 -22.10
CA SER B 403 13.89 -20.27 -22.98
C SER B 403 12.64 -19.74 -22.29
N SER B 404 12.79 -19.16 -21.09
CA SER B 404 11.72 -18.54 -20.32
C SER B 404 10.75 -19.57 -19.74
N GLU B 405 10.90 -20.86 -20.04
CA GLU B 405 10.22 -21.86 -19.24
C GLU B 405 10.79 -21.90 -17.82
N THR B 406 12.05 -21.49 -17.66
CA THR B 406 12.64 -21.42 -16.34
C THR B 406 11.86 -20.43 -15.48
N PRO B 407 11.66 -20.72 -14.19
CA PRO B 407 10.90 -19.79 -13.36
C PRO B 407 11.53 -18.41 -13.29
N ASN B 408 12.79 -18.33 -12.86
CA ASN B 408 13.46 -17.06 -12.58
C ASN B 408 14.82 -17.04 -13.28
N ARG B 409 14.85 -16.60 -14.53
CA ARG B 409 16.10 -16.31 -15.21
C ARG B 409 16.49 -14.85 -15.10
N HIS B 410 15.68 -14.04 -14.44
CA HIS B 410 15.92 -12.61 -14.29
C HIS B 410 16.58 -12.27 -12.96
N ASP B 411 16.17 -12.95 -11.88
CA ASP B 411 16.86 -12.83 -10.60
C ASP B 411 18.22 -13.53 -10.63
N MET B 412 18.42 -14.46 -11.56
CA MET B 412 19.62 -15.28 -11.57
C MET B 412 20.85 -14.52 -12.03
N LEU B 413 20.70 -13.26 -12.45
CA LEU B 413 21.83 -12.35 -12.63
C LEU B 413 22.05 -11.46 -11.42
N LEU B 414 21.47 -11.82 -10.27
CA LEU B 414 21.66 -11.06 -9.05
C LEU B 414 22.88 -11.49 -8.25
N VAL B 415 23.44 -12.67 -8.55
CA VAL B 415 24.62 -13.13 -7.84
C VAL B 415 25.76 -12.14 -8.08
N GLU B 416 26.59 -11.97 -7.06
CA GLU B 416 27.57 -10.89 -7.07
C GLU B 416 28.53 -10.99 -8.26
N PRO B 417 29.22 -12.10 -8.49
CA PRO B 417 30.20 -12.12 -9.59
C PRO B 417 29.58 -11.84 -10.95
N LEU B 418 28.35 -12.29 -11.19
CA LEU B 418 27.75 -12.07 -12.51
C LEU B 418 27.36 -10.61 -12.70
N ASN B 419 26.77 -9.99 -11.67
CA ASN B 419 26.50 -8.56 -11.73
C ASN B 419 27.78 -7.79 -12.04
N ARG B 420 28.83 -8.04 -11.26
CA ARG B 420 30.06 -7.29 -11.44
C ARG B 420 30.66 -7.55 -12.81
N LEU B 421 30.57 -8.79 -13.29
CA LEU B 421 31.14 -9.14 -14.59
C LEU B 421 30.43 -8.42 -15.72
N LEU B 422 29.09 -8.43 -15.69
CA LEU B 422 28.34 -7.75 -16.74
C LEU B 422 28.62 -6.25 -16.72
N GLN B 423 28.61 -5.64 -15.54
CA GLN B 423 28.90 -4.21 -15.47
C GLN B 423 30.30 -3.91 -15.97
N ASP B 424 31.27 -4.76 -15.62
CA ASP B 424 32.64 -4.53 -16.05
C ASP B 424 32.76 -4.62 -17.57
N LYS B 425 32.17 -5.65 -18.16
CA LYS B 425 32.23 -5.77 -19.61
C LYS B 425 31.56 -4.59 -20.29
N TRP B 426 30.40 -4.15 -19.77
CA TRP B 426 29.74 -2.99 -20.36
C TRP B 426 30.63 -1.76 -20.27
N ASP B 427 31.28 -1.57 -19.12
CA ASP B 427 32.13 -0.39 -18.94
C ASP B 427 33.32 -0.40 -19.88
N ARG B 428 33.95 -1.55 -20.09
CA ARG B 428 35.25 -1.56 -20.75
C ARG B 428 35.19 -1.59 -22.27
N PHE B 429 34.63 -2.66 -22.85
CA PHE B 429 34.90 -2.95 -24.26
C PHE B 429 33.66 -3.14 -25.12
N VAL B 430 32.46 -2.84 -24.63
CA VAL B 430 31.26 -3.03 -25.43
C VAL B 430 30.33 -1.83 -25.45
N LYS B 431 30.49 -0.86 -24.55
CA LYS B 431 29.68 0.36 -24.63
C LYS B 431 29.95 1.09 -25.94
N ARG B 432 31.23 1.21 -26.30
CA ARG B 432 31.59 1.86 -27.56
C ARG B 432 31.03 1.10 -28.75
N ILE B 433 31.09 -0.23 -28.72
CA ILE B 433 30.56 -1.01 -29.83
C ILE B 433 29.05 -0.80 -29.95
N PHE B 434 28.34 -0.81 -28.82
CA PHE B 434 26.90 -0.61 -28.88
C PHE B 434 26.55 0.77 -29.43
N TYR B 435 27.25 1.82 -28.97
CA TYR B 435 26.96 3.15 -29.48
C TYR B 435 27.30 3.27 -30.95
N PHE B 436 28.38 2.61 -31.40
CA PHE B 436 28.70 2.61 -32.83
C PHE B 436 27.59 1.95 -33.63
N ASN B 437 27.10 0.80 -33.17
CA ASN B 437 26.01 0.14 -33.87
C ASN B 437 24.77 1.01 -33.91
N PHE B 438 24.48 1.69 -32.80
CA PHE B 438 23.30 2.54 -32.75
C PHE B 438 23.43 3.71 -33.71
N PHE B 439 24.62 4.32 -33.79
CA PHE B 439 24.83 5.40 -34.74
C PHE B 439 24.71 4.91 -36.17
N VAL B 440 25.25 3.73 -36.47
CA VAL B 440 25.14 3.19 -37.82
C VAL B 440 23.69 2.95 -38.18
N TYR B 441 22.90 2.40 -37.25
CA TYR B 441 21.49 2.20 -37.54
C TYR B 441 20.78 3.52 -37.75
N CYS B 442 21.11 4.54 -36.95
CA CYS B 442 20.51 5.86 -37.14
C CYS B 442 20.81 6.39 -38.53
N LEU B 443 22.05 6.22 -39.00
CA LEU B 443 22.41 6.72 -40.33
C LEU B 443 21.70 5.92 -41.42
N TYR B 444 21.63 4.60 -41.24
CA TYR B 444 20.88 3.77 -42.18
C TYR B 444 19.43 4.22 -42.29
N MET B 445 18.81 4.48 -41.14
CA MET B 445 17.43 4.93 -41.13
C MET B 445 17.27 6.30 -41.77
N ILE B 446 18.24 7.19 -41.56
CA ILE B 446 18.15 8.52 -42.17
C ILE B 446 18.21 8.43 -43.69
N ILE B 447 19.14 7.64 -44.22
CA ILE B 447 19.24 7.56 -45.68
C ILE B 447 18.05 6.79 -46.25
N PHE B 448 17.60 5.74 -45.57
CA PHE B 448 16.41 5.03 -46.02
C PHE B 448 15.21 5.97 -46.06
N THR B 449 15.04 6.78 -45.02
CA THR B 449 13.93 7.72 -44.99
C THR B 449 14.03 8.74 -46.11
N ALA B 450 15.21 9.32 -46.32
CA ALA B 450 15.35 10.40 -47.28
C ALA B 450 15.48 9.91 -48.71
N ALA B 451 15.63 8.61 -48.93
CA ALA B 451 15.52 8.04 -50.26
C ALA B 451 14.08 7.61 -50.56
N ALA B 452 13.45 6.90 -49.61
CA ALA B 452 12.03 6.63 -49.74
C ALA B 452 11.23 7.91 -49.91
N TYR B 453 11.67 9.00 -49.32
CA TYR B 453 10.94 10.25 -49.40
C TYR B 453 10.83 10.73 -50.83
N TYR B 454 11.91 10.64 -51.60
CA TYR B 454 11.98 11.17 -52.96
C TYR B 454 11.76 10.09 -54.01
N ARG B 455 10.92 9.09 -53.72
CA ARG B 455 10.67 8.04 -54.67
C ARG B 455 10.12 8.63 -55.97
N PRO B 456 10.61 8.19 -57.13
CA PRO B 456 10.01 8.65 -58.39
C PRO B 456 8.53 8.26 -58.48
N VAL B 457 7.77 9.14 -59.13
CA VAL B 457 6.31 9.06 -59.07
C VAL B 457 5.66 8.86 -60.44
N GLU B 458 6.36 9.14 -61.55
CA GLU B 458 5.74 9.15 -62.87
C GLU B 458 6.00 7.84 -63.59
N GLY B 459 4.94 7.21 -64.07
CA GLY B 459 5.07 6.00 -64.85
C GLY B 459 4.93 4.77 -63.98
N LEU B 460 5.83 3.81 -64.18
CA LEU B 460 5.87 2.57 -63.43
C LEU B 460 7.31 2.30 -63.02
N PRO B 461 7.52 1.45 -62.01
CA PRO B 461 8.87 1.00 -61.72
C PRO B 461 9.31 -0.05 -62.72
N PRO B 462 10.61 -0.14 -63.02
CA PRO B 462 11.69 0.74 -62.53
C PRO B 462 11.73 2.10 -63.23
N TYR B 463 12.72 2.92 -62.88
CA TYR B 463 12.86 4.26 -63.42
C TYR B 463 14.25 4.42 -64.03
N LYS B 464 14.31 5.04 -65.21
CA LYS B 464 15.59 5.22 -65.88
C LYS B 464 16.43 6.28 -65.19
N LEU B 465 17.65 5.90 -64.83
CA LEU B 465 18.57 6.80 -64.14
C LEU B 465 18.86 8.05 -64.98
N LYS B 466 18.53 9.22 -64.43
CA LYS B 466 18.85 10.47 -65.08
C LYS B 466 20.31 10.87 -64.83
N ASN B 467 20.84 11.71 -65.72
CA ASN B 467 22.21 12.16 -65.59
C ASN B 467 22.41 13.06 -64.38
N THR B 468 21.33 13.51 -63.77
CA THR B 468 21.42 14.41 -62.62
C THR B 468 22.15 13.74 -61.47
N VAL B 469 22.90 14.54 -60.72
CA VAL B 469 23.62 14.02 -59.56
C VAL B 469 22.63 13.49 -58.53
N GLY B 470 21.52 14.19 -58.33
CA GLY B 470 20.56 13.78 -57.33
C GLY B 470 20.03 12.37 -57.56
N ASP B 471 19.82 12.00 -58.83
CA ASP B 471 19.33 10.66 -59.12
C ASP B 471 20.38 9.60 -58.78
N TYR B 472 21.65 9.89 -59.05
CA TYR B 472 22.72 9.02 -58.59
C TYR B 472 22.66 8.84 -57.08
N PHE B 473 22.58 9.95 -56.35
CA PHE B 473 22.48 9.86 -54.89
C PHE B 473 21.30 8.99 -54.48
N ARG B 474 20.15 9.16 -55.13
CA ARG B 474 18.96 8.42 -54.76
C ARG B 474 19.15 6.92 -54.97
N VAL B 475 19.74 6.53 -56.10
CA VAL B 475 19.92 5.10 -56.36
C VAL B 475 20.95 4.51 -55.40
N THR B 476 21.99 5.27 -55.06
CA THR B 476 22.92 4.80 -54.04
C THR B 476 22.21 4.57 -52.72
N GLY B 477 21.35 5.51 -52.33
CA GLY B 477 20.59 5.33 -51.10
C GLY B 477 19.73 4.07 -51.14
N GLU B 478 19.07 3.83 -52.27
CA GLU B 478 18.22 2.65 -52.38
C GLU B 478 19.05 1.37 -52.24
N ILE B 479 20.21 1.32 -52.89
CA ILE B 479 21.04 0.12 -52.80
C ILE B 479 21.52 -0.09 -51.36
N LEU B 480 21.93 0.99 -50.69
CA LEU B 480 22.28 0.88 -49.28
C LEU B 480 21.12 0.30 -48.47
N SER B 481 19.90 0.79 -48.74
CA SER B 481 18.73 0.32 -48.01
C SER B 481 18.54 -1.17 -48.19
N VAL B 482 18.58 -1.65 -49.44
CA VAL B 482 18.32 -3.06 -49.68
C VAL B 482 19.43 -3.94 -49.11
N SER B 483 20.68 -3.45 -49.13
CA SER B 483 21.76 -4.20 -48.50
C SER B 483 21.51 -4.36 -47.01
N GLY B 484 21.12 -3.29 -46.33
CA GLY B 484 20.74 -3.42 -44.94
C GLY B 484 19.60 -4.40 -44.75
N GLY B 485 18.64 -4.38 -45.67
CA GLY B 485 17.51 -5.30 -45.56
C GLY B 485 17.94 -6.75 -45.59
N VAL B 486 18.80 -7.10 -46.54
CA VAL B 486 19.25 -8.49 -46.64
C VAL B 486 20.11 -8.86 -45.42
N TYR B 487 20.91 -7.91 -44.93
CA TYR B 487 21.65 -8.16 -43.70
C TYR B 487 20.71 -8.56 -42.57
N PHE B 488 19.63 -7.79 -42.38
CA PHE B 488 18.70 -8.08 -41.29
C PHE B 488 17.98 -9.39 -41.53
N PHE B 489 17.66 -9.71 -42.78
CA PHE B 489 17.00 -10.97 -43.08
C PHE B 489 17.87 -12.15 -42.68
N PHE B 490 19.14 -12.13 -43.09
CA PHE B 490 20.03 -13.23 -42.74
C PHE B 490 20.27 -13.29 -41.24
N ARG B 491 20.39 -12.14 -40.57
CA ARG B 491 20.52 -12.16 -39.13
C ARG B 491 19.32 -12.83 -38.47
N GLY B 492 18.11 -12.55 -38.96
CA GLY B 492 16.93 -13.17 -38.38
C GLY B 492 16.92 -14.67 -38.59
N ILE B 493 17.25 -15.12 -39.80
CA ILE B 493 17.29 -16.56 -40.08
C ILE B 493 18.32 -17.25 -39.17
N GLN B 494 19.50 -16.65 -39.06
CA GLN B 494 20.54 -17.23 -38.22
C GLN B 494 20.10 -17.31 -36.76
N TYR B 495 19.46 -16.25 -36.27
CA TYR B 495 18.95 -16.28 -34.91
C TYR B 495 17.96 -17.42 -34.73
N PHE B 496 17.04 -17.60 -35.69
CA PHE B 496 16.08 -18.70 -35.57
C PHE B 496 16.81 -20.03 -35.50
N LEU B 497 17.75 -20.26 -36.41
CA LEU B 497 18.44 -21.56 -36.43
C LEU B 497 19.16 -21.82 -35.12
N GLN B 498 19.97 -20.87 -34.65
CA GLN B 498 20.72 -21.12 -33.41
C GLN B 498 19.80 -21.30 -32.22
N ARG B 499 18.77 -20.46 -32.11
CA ARG B 499 18.01 -20.38 -30.86
C ARG B 499 16.90 -21.41 -30.76
N ARG B 500 16.37 -21.88 -31.89
CA ARG B 500 15.32 -22.89 -31.90
C ARG B 500 14.21 -22.60 -30.88
N PRO B 501 13.51 -21.47 -31.01
CA PRO B 501 12.47 -21.14 -30.05
C PRO B 501 11.16 -21.85 -30.37
N SER B 502 10.20 -21.68 -29.47
CA SER B 502 8.90 -22.32 -29.59
C SER B 502 8.01 -21.54 -30.54
N LEU B 503 6.72 -21.88 -30.55
CA LEU B 503 5.72 -21.18 -31.35
C LEU B 503 4.65 -20.51 -30.50
N LYS B 504 4.43 -20.94 -29.26
CA LYS B 504 3.44 -20.31 -28.40
C LYS B 504 4.03 -19.13 -27.62
N SER B 505 5.31 -19.22 -27.23
CA SER B 505 5.99 -18.20 -26.47
C SER B 505 7.01 -17.40 -27.28
N LEU B 506 6.75 -17.20 -28.58
CA LEU B 506 7.71 -16.46 -29.40
C LEU B 506 7.56 -14.95 -29.24
N PHE B 507 6.41 -14.48 -28.78
CA PHE B 507 6.22 -13.05 -28.52
C PHE B 507 6.49 -12.67 -27.07
N VAL B 508 6.92 -13.61 -26.24
CA VAL B 508 7.39 -13.30 -24.90
C VAL B 508 8.91 -13.41 -24.81
N ASP B 509 9.50 -14.40 -25.47
CA ASP B 509 10.94 -14.60 -25.39
C ASP B 509 11.69 -13.48 -26.12
N SER B 510 11.27 -13.19 -27.35
CA SER B 510 11.96 -12.22 -28.20
C SER B 510 10.92 -11.42 -28.97
N TYR B 511 10.69 -10.17 -28.55
CA TYR B 511 9.75 -9.31 -29.25
C TYR B 511 10.41 -8.54 -30.39
N SER B 512 11.73 -8.32 -30.31
CA SER B 512 12.42 -7.45 -31.25
C SER B 512 13.06 -8.21 -32.40
N GLU B 513 13.47 -9.46 -32.19
CA GLU B 513 13.98 -10.24 -33.30
C GLU B 513 12.90 -10.43 -34.35
N ILE B 514 11.67 -10.71 -33.91
CA ILE B 514 10.55 -10.86 -34.82
C ILE B 514 10.33 -9.58 -35.61
N LEU B 515 10.42 -8.43 -34.94
CA LEU B 515 10.09 -7.18 -35.60
C LEU B 515 11.17 -6.80 -36.61
N PHE B 516 12.44 -7.03 -36.26
CA PHE B 516 13.50 -6.75 -37.23
C PHE B 516 13.38 -7.69 -38.42
N PHE B 517 13.06 -8.96 -38.18
CA PHE B 517 12.86 -9.88 -39.29
C PHE B 517 11.70 -9.44 -40.17
N VAL B 518 10.61 -8.96 -39.55
CA VAL B 518 9.43 -8.55 -40.32
C VAL B 518 9.75 -7.32 -41.16
N GLN B 519 10.48 -6.37 -40.60
CA GLN B 519 10.89 -5.22 -41.39
C GLN B 519 11.73 -5.67 -42.58
N SER B 520 12.65 -6.61 -42.36
CA SER B 520 13.44 -7.13 -43.48
C SER B 520 12.54 -7.80 -44.52
N LEU B 521 11.54 -8.56 -44.08
CA LEU B 521 10.62 -9.20 -45.02
C LEU B 521 9.91 -8.17 -45.87
N PHE B 522 9.43 -7.09 -45.27
CA PHE B 522 8.74 -6.07 -46.05
C PHE B 522 9.69 -5.42 -47.04
N MET B 523 10.93 -5.15 -46.62
CA MET B 523 11.89 -4.56 -47.55
C MET B 523 12.15 -5.50 -48.73
N LEU B 524 12.29 -6.80 -48.47
CA LEU B 524 12.59 -7.73 -49.54
C LEU B 524 11.39 -7.93 -50.46
N VAL B 525 10.18 -7.92 -49.91
CA VAL B 525 8.99 -8.00 -50.76
C VAL B 525 8.88 -6.77 -51.65
N SER B 526 9.19 -5.60 -51.10
CA SER B 526 9.20 -4.39 -51.92
C SER B 526 10.22 -4.51 -53.04
N VAL B 527 11.39 -5.09 -52.73
CA VAL B 527 12.38 -5.33 -53.78
C VAL B 527 11.81 -6.25 -54.84
N VAL B 528 11.13 -7.32 -54.42
CA VAL B 528 10.57 -8.27 -55.37
C VAL B 528 9.54 -7.60 -56.26
N LEU B 529 8.79 -6.64 -55.73
CA LEU B 529 7.75 -5.96 -56.50
C LEU B 529 8.23 -4.67 -57.15
N TYR B 530 9.51 -4.33 -57.05
CA TYR B 530 10.06 -3.18 -57.77
C TYR B 530 10.73 -3.56 -59.09
N PHE B 531 11.13 -4.82 -59.25
CA PHE B 531 11.57 -5.36 -60.52
C PHE B 531 10.49 -6.17 -61.20
N SER B 532 9.26 -6.15 -60.67
CA SER B 532 8.14 -6.89 -61.24
C SER B 532 7.09 -5.96 -61.84
N GLN B 533 7.48 -4.75 -62.23
CA GLN B 533 6.60 -3.81 -62.90
C GLN B 533 5.26 -3.70 -62.18
N ARG B 534 5.33 -3.21 -60.95
CA ARG B 534 4.13 -3.04 -60.13
C ARG B 534 4.38 -1.94 -59.12
N LYS B 535 3.35 -1.14 -58.87
CA LYS B 535 3.45 0.03 -58.00
C LYS B 535 2.94 -0.25 -56.59
N GLU B 536 2.65 -1.51 -56.27
CA GLU B 536 2.29 -1.88 -54.91
C GLU B 536 3.51 -1.98 -53.99
N TYR B 537 4.71 -1.92 -54.54
CA TYR B 537 5.91 -1.99 -53.71
C TYR B 537 5.89 -0.92 -52.63
N VAL B 538 5.33 0.26 -52.93
CA VAL B 538 5.26 1.33 -51.95
C VAL B 538 4.49 0.89 -50.72
N ALA B 539 3.35 0.22 -50.92
CA ALA B 539 2.58 -0.25 -49.78
C ALA B 539 3.42 -1.12 -48.85
N SER B 540 4.40 -1.83 -49.40
CA SER B 540 5.37 -2.54 -48.57
C SER B 540 6.33 -1.58 -47.91
N MET B 541 7.03 -0.78 -48.72
CA MET B 541 8.09 0.07 -48.23
C MET B 541 7.61 0.94 -47.07
N VAL B 542 6.46 1.60 -47.24
CA VAL B 542 5.90 2.44 -46.18
C VAL B 542 5.90 1.68 -44.85
N PHE B 543 5.24 0.52 -44.83
CA PHE B 543 5.21 -0.34 -43.66
C PHE B 543 6.61 -0.48 -43.09
N SER B 544 7.51 -1.01 -43.93
CA SER B 544 8.89 -1.21 -43.53
C SER B 544 9.44 0.01 -42.81
N LEU B 545 9.38 1.17 -43.46
CA LEU B 545 9.96 2.39 -42.92
C LEU B 545 9.40 2.70 -41.54
N ALA B 546 8.06 2.66 -41.42
CA ALA B 546 7.41 2.86 -40.13
C ALA B 546 8.05 1.97 -39.07
N MET B 547 7.98 0.66 -39.31
CA MET B 547 8.58 -0.27 -38.36
C MET B 547 10.01 0.12 -38.06
N GLY B 548 10.77 0.45 -39.10
CA GLY B 548 12.14 0.88 -38.98
C GLY B 548 12.31 1.88 -37.86
N TRP B 549 11.67 3.03 -38.03
CA TRP B 549 11.84 4.11 -37.06
C TRP B 549 11.32 3.71 -35.69
N THR B 550 10.16 3.04 -35.65
CA THR B 550 9.61 2.60 -34.38
C THR B 550 10.56 1.65 -33.65
N ASN B 551 11.39 0.94 -34.39
CA ASN B 551 12.32 -0.02 -33.82
C ASN B 551 13.54 0.64 -33.19
N MET B 552 13.70 1.95 -33.37
CA MET B 552 14.81 2.63 -32.71
C MET B 552 14.74 2.44 -31.21
N LEU B 553 13.54 2.21 -30.68
CA LEU B 553 13.39 2.00 -29.25
C LEU B 553 14.20 0.80 -28.78
N TYR B 554 14.52 -0.12 -29.69
CA TYR B 554 15.34 -1.27 -29.31
C TYR B 554 16.63 -0.83 -28.67
N TYR B 555 17.20 0.29 -29.12
CA TYR B 555 18.49 0.74 -28.66
C TYR B 555 18.43 1.53 -27.36
N THR B 556 17.24 1.73 -26.81
CA THR B 556 17.09 2.40 -25.52
C THR B 556 17.31 1.45 -24.35
N ARG B 557 17.88 0.27 -24.61
CA ARG B 557 18.23 -0.65 -23.54
C ARG B 557 19.61 -0.38 -22.97
N GLY B 558 20.45 0.35 -23.70
CA GLY B 558 21.72 0.77 -23.16
C GLY B 558 21.62 1.84 -22.10
N PHE B 559 20.43 2.41 -21.92
CA PHE B 559 20.17 3.41 -20.89
C PHE B 559 19.04 2.91 -20.00
N GLN B 560 19.25 2.99 -18.69
CA GLN B 560 18.33 2.34 -17.76
C GLN B 560 16.95 2.98 -17.80
N GLN B 561 16.88 4.30 -17.60
CA GLN B 561 15.61 4.96 -17.41
C GLN B 561 14.78 5.01 -18.67
N MET B 562 15.36 4.66 -19.81
CA MET B 562 14.64 4.52 -21.06
C MET B 562 14.37 3.07 -21.40
N GLY B 563 15.28 2.18 -21.05
CA GLY B 563 15.05 0.76 -21.26
C GLY B 563 13.85 0.27 -20.47
N ILE B 564 13.70 0.77 -19.24
CA ILE B 564 12.54 0.36 -18.44
C ILE B 564 11.25 0.85 -19.09
N TYR B 565 11.27 2.04 -19.67
CA TYR B 565 10.10 2.55 -20.37
C TYR B 565 9.74 1.69 -21.57
N ALA B 566 10.75 1.28 -22.35
CA ALA B 566 10.48 0.42 -23.50
C ALA B 566 9.96 -0.95 -23.04
N VAL B 567 10.47 -1.45 -21.92
CA VAL B 567 9.95 -2.70 -21.37
C VAL B 567 8.48 -2.57 -21.02
N MET B 568 8.10 -1.46 -20.37
CA MET B 568 6.70 -1.26 -20.03
C MET B 568 5.84 -1.20 -21.28
N ILE B 569 6.30 -0.50 -22.32
CA ILE B 569 5.57 -0.47 -23.58
C ILE B 569 5.35 -1.88 -24.10
N GLU B 570 6.42 -2.69 -24.07
CA GLU B 570 6.33 -4.08 -24.50
C GLU B 570 5.22 -4.82 -23.76
N LYS B 571 5.25 -4.76 -22.44
CA LYS B 571 4.33 -5.57 -21.64
C LYS B 571 2.89 -5.12 -21.87
N MET B 572 2.65 -3.81 -21.90
CA MET B 572 1.29 -3.35 -22.14
C MET B 572 0.80 -3.76 -23.51
N ILE B 573 1.62 -3.60 -24.55
CA ILE B 573 1.18 -4.00 -25.88
C ILE B 573 0.83 -5.47 -25.91
N LEU B 574 1.56 -6.30 -25.15
CA LEU B 574 1.28 -7.73 -25.20
C LEU B 574 0.00 -8.08 -24.46
N ARG B 575 -0.24 -7.52 -23.28
CA ARG B 575 -1.40 -7.92 -22.47
C ARG B 575 -2.63 -7.03 -22.67
N ASP B 576 -2.48 -5.75 -22.32
CA ASP B 576 -3.65 -4.90 -22.09
C ASP B 576 -4.35 -4.57 -23.40
N LEU B 577 -3.58 -4.20 -24.42
CA LEU B 577 -4.23 -3.88 -25.69
C LEU B 577 -4.90 -5.09 -26.29
N CYS B 578 -4.34 -6.29 -26.13
CA CYS B 578 -5.01 -7.47 -26.66
C CYS B 578 -6.37 -7.68 -25.99
N ARG B 579 -6.38 -7.72 -24.65
CA ARG B 579 -7.66 -7.90 -23.97
C ARG B 579 -8.65 -6.81 -24.36
N PHE B 580 -8.23 -5.56 -24.21
CA PHE B 580 -9.13 -4.44 -24.42
C PHE B 580 -9.63 -4.41 -25.84
N MET B 581 -8.78 -4.76 -26.81
CA MET B 581 -9.21 -4.69 -28.20
C MET B 581 -10.17 -5.81 -28.54
N PHE B 582 -10.02 -6.98 -27.94
CA PHE B 582 -11.06 -8.00 -28.16
C PHE B 582 -12.41 -7.50 -27.65
N VAL B 583 -12.45 -7.04 -26.41
CA VAL B 583 -13.74 -6.61 -25.84
C VAL B 583 -14.30 -5.42 -26.63
N TYR B 584 -13.45 -4.46 -26.97
CA TYR B 584 -13.88 -3.27 -27.68
C TYR B 584 -14.40 -3.62 -29.06
N LEU B 585 -13.78 -4.58 -29.75
CA LEU B 585 -14.26 -4.96 -31.06
C LEU B 585 -15.58 -5.70 -30.97
N VAL B 586 -15.76 -6.53 -29.94
CA VAL B 586 -17.07 -7.12 -29.72
C VAL B 586 -18.13 -6.05 -29.62
N PHE B 587 -17.90 -5.05 -28.76
CA PHE B 587 -18.89 -3.99 -28.58
C PHE B 587 -19.10 -3.18 -29.86
N LEU B 588 -18.02 -2.81 -30.52
CA LEU B 588 -18.13 -1.97 -31.71
C LEU B 588 -18.89 -2.70 -32.81
N PHE B 589 -18.56 -3.97 -33.05
CA PHE B 589 -19.26 -4.71 -34.10
C PHE B 589 -20.72 -4.92 -33.73
N GLY B 590 -21.00 -5.28 -32.47
CA GLY B 590 -22.37 -5.43 -32.06
C GLY B 590 -23.20 -4.20 -32.37
N PHE B 591 -22.73 -3.04 -31.89
CA PHE B 591 -23.53 -1.83 -32.05
C PHE B 591 -23.50 -1.30 -33.49
N SER B 592 -22.48 -1.61 -34.28
CA SER B 592 -22.46 -1.12 -35.65
C SER B 592 -23.34 -1.97 -36.55
N THR B 593 -23.42 -3.27 -36.30
CA THR B 593 -24.44 -4.08 -36.96
C THR B 593 -25.84 -3.62 -36.51
N ALA B 594 -26.01 -3.34 -35.23
CA ALA B 594 -27.29 -2.82 -34.75
C ALA B 594 -27.65 -1.49 -35.40
N VAL B 595 -26.66 -0.69 -35.81
CA VAL B 595 -26.96 0.60 -36.41
C VAL B 595 -27.04 0.58 -37.93
N VAL B 596 -26.47 -0.44 -38.59
CA VAL B 596 -26.66 -0.58 -40.03
C VAL B 596 -27.91 -1.37 -40.39
N THR B 597 -28.42 -2.21 -39.48
CA THR B 597 -29.72 -2.83 -39.66
C THR B 597 -30.87 -1.86 -39.47
N LEU B 598 -30.59 -0.60 -39.15
CA LEU B 598 -31.59 0.44 -39.01
C LEU B 598 -31.57 1.40 -40.19
N ILE B 599 -30.38 1.84 -40.60
CA ILE B 599 -30.26 2.76 -41.72
C ILE B 599 -30.87 2.14 -42.97
N GLU B 600 -31.29 2.99 -43.90
CA GLU B 600 -31.88 2.57 -45.16
C GLU B 600 -31.28 3.24 -46.38
N ASP B 601 -30.59 4.37 -46.23
CA ASP B 601 -29.96 5.07 -47.35
C ASP B 601 -30.98 5.41 -48.44
N GLY B 602 -31.96 6.23 -48.04
CA GLY B 602 -33.01 6.65 -48.95
C GLY B 602 -33.51 8.05 -48.63
N ASN B 625 -22.13 10.47 -47.27
CA ASN B 625 -23.11 9.78 -48.09
C ASN B 625 -22.90 8.27 -48.01
N SER B 626 -23.89 7.52 -48.50
CA SER B 626 -23.82 6.06 -48.50
C SER B 626 -23.47 5.51 -47.12
N TYR B 627 -24.11 6.09 -46.10
CA TYR B 627 -23.92 5.61 -44.74
C TYR B 627 -24.40 4.18 -44.56
N ASN B 628 -25.17 3.65 -45.50
CA ASN B 628 -25.65 2.28 -45.37
C ASN B 628 -24.49 1.33 -45.65
N SER B 629 -23.44 1.44 -44.84
CA SER B 629 -22.24 0.64 -44.97
C SER B 629 -21.85 0.15 -43.59
N LEU B 630 -21.20 -1.01 -43.55
CA LEU B 630 -20.66 -1.48 -42.29
C LEU B 630 -19.25 -0.97 -42.04
N TYR B 631 -18.51 -0.68 -43.10
CA TYR B 631 -17.20 -0.06 -42.94
C TYR B 631 -17.34 1.37 -42.43
N SER B 632 -18.19 2.17 -43.07
CA SER B 632 -18.32 3.56 -42.68
C SER B 632 -18.98 3.70 -41.32
N THR B 633 -19.91 2.81 -40.98
CA THR B 633 -20.47 2.84 -39.64
C THR B 633 -19.44 2.40 -38.61
N CYS B 634 -18.64 1.38 -38.94
CA CYS B 634 -17.58 0.99 -38.03
C CYS B 634 -16.63 2.15 -37.76
N LEU B 635 -16.30 2.92 -38.80
CA LEU B 635 -15.45 4.08 -38.58
C LEU B 635 -16.16 5.13 -37.74
N GLU B 636 -17.29 5.64 -38.23
CA GLU B 636 -17.99 6.72 -37.54
C GLU B 636 -18.29 6.38 -36.08
N LEU B 637 -18.34 5.10 -35.72
CA LEU B 637 -18.45 4.73 -34.32
C LEU B 637 -17.10 4.54 -33.65
N PHE B 638 -16.05 4.25 -34.40
CA PHE B 638 -14.71 4.24 -33.80
C PHE B 638 -14.30 5.63 -33.38
N LYS B 639 -14.62 6.63 -34.21
CA LYS B 639 -14.20 8.00 -33.91
C LYS B 639 -14.62 8.42 -32.51
N PHE B 640 -15.80 7.98 -32.08
CA PHE B 640 -16.26 8.31 -30.73
C PHE B 640 -15.19 8.06 -29.68
N THR B 641 -14.30 7.11 -29.94
CA THR B 641 -13.27 6.78 -28.96
C THR B 641 -12.14 7.80 -28.94
N ILE B 642 -11.90 8.49 -30.06
CA ILE B 642 -10.83 9.47 -30.14
C ILE B 642 -11.37 10.89 -30.00
N GLY B 643 -12.52 11.06 -29.36
CA GLY B 643 -13.07 12.38 -29.15
C GLY B 643 -13.38 13.14 -30.41
N MET B 644 -13.96 12.46 -31.42
CA MET B 644 -14.38 13.14 -32.63
C MET B 644 -15.74 12.61 -33.11
N GLY B 645 -16.55 12.10 -32.19
CA GLY B 645 -17.80 11.45 -32.57
C GLY B 645 -18.95 12.41 -32.67
N ASP B 646 -19.59 12.47 -33.83
CA ASP B 646 -20.70 13.38 -34.08
C ASP B 646 -22.00 12.62 -33.87
N LEU B 647 -22.65 12.87 -32.73
CA LEU B 647 -23.79 12.05 -32.34
C LEU B 647 -24.88 12.01 -33.39
N GLU B 648 -24.87 12.93 -34.35
CA GLU B 648 -25.84 12.94 -35.45
C GLU B 648 -25.07 13.08 -36.77
N PHE B 649 -24.64 11.95 -37.31
CA PHE B 649 -23.94 11.93 -38.60
C PHE B 649 -24.83 11.47 -39.74
N THR B 650 -26.12 11.24 -39.49
CA THR B 650 -27.00 10.75 -40.55
C THR B 650 -28.44 11.00 -40.15
N GLU B 651 -29.27 11.25 -41.17
CA GLU B 651 -30.70 11.45 -40.99
C GLU B 651 -31.51 10.36 -41.68
N ASN B 652 -30.87 9.25 -42.06
CA ASN B 652 -31.54 8.15 -42.75
C ASN B 652 -31.85 7.08 -41.70
N TYR B 653 -33.07 7.08 -41.20
CA TYR B 653 -33.50 6.13 -40.19
C TYR B 653 -35.00 6.27 -39.98
N ASP B 654 -35.66 5.13 -39.73
CA ASP B 654 -37.10 5.15 -39.50
C ASP B 654 -37.43 5.90 -38.20
N PHE B 655 -36.76 5.55 -37.11
CA PHE B 655 -37.09 6.08 -35.80
C PHE B 655 -35.86 6.74 -35.18
N LYS B 656 -36.07 7.90 -34.57
CA LYS B 656 -34.99 8.68 -33.97
C LYS B 656 -34.66 8.24 -32.55
N ALA B 657 -35.69 7.87 -31.78
CA ALA B 657 -35.45 7.40 -30.42
C ALA B 657 -34.53 6.19 -30.42
N VAL B 658 -34.76 5.25 -31.34
CA VAL B 658 -33.94 4.04 -31.38
C VAL B 658 -32.50 4.40 -31.70
N PHE B 659 -32.30 5.19 -32.75
CA PHE B 659 -30.96 5.60 -33.16
C PHE B 659 -30.21 6.27 -32.02
N ILE B 660 -30.84 7.24 -31.37
CA ILE B 660 -30.13 8.03 -30.36
C ILE B 660 -29.90 7.22 -29.09
N ILE B 661 -30.87 6.38 -28.72
CA ILE B 661 -30.65 5.48 -27.58
C ILE B 661 -29.48 4.54 -27.87
N LEU B 662 -29.38 4.11 -29.12
CA LEU B 662 -28.32 3.21 -29.55
C LEU B 662 -26.94 3.88 -29.40
N LEU B 663 -26.82 5.09 -29.93
CA LEU B 663 -25.55 5.81 -29.84
C LEU B 663 -25.20 6.17 -28.40
N LEU B 664 -26.19 6.56 -27.60
CA LEU B 664 -25.92 6.87 -26.20
C LEU B 664 -25.47 5.64 -25.43
N ALA B 665 -26.10 4.49 -25.69
CA ALA B 665 -25.64 3.26 -25.06
C ALA B 665 -24.22 2.94 -25.47
N TYR B 666 -23.89 3.14 -26.75
CA TYR B 666 -22.53 2.88 -27.20
C TYR B 666 -21.53 3.77 -26.50
N VAL B 667 -21.83 5.07 -26.41
CA VAL B 667 -20.91 6.02 -25.79
C VAL B 667 -20.72 5.69 -24.31
N ILE B 668 -21.82 5.46 -23.60
CA ILE B 668 -21.72 5.14 -22.18
C ILE B 668 -20.96 3.85 -21.96
N LEU B 669 -21.09 2.89 -22.87
CA LEU B 669 -20.52 1.58 -22.63
C LEU B 669 -19.05 1.51 -23.01
N THR B 670 -18.64 2.20 -24.08
CA THR B 670 -17.25 2.18 -24.52
C THR B 670 -16.48 3.41 -24.06
N TYR B 671 -16.95 4.60 -24.42
CA TYR B 671 -16.18 5.81 -24.18
C TYR B 671 -16.05 6.10 -22.69
N ILE B 672 -17.16 6.08 -21.96
CA ILE B 672 -17.13 6.45 -20.54
C ILE B 672 -16.72 5.25 -19.69
N LEU B 673 -17.29 4.08 -19.95
CA LEU B 673 -17.06 2.94 -19.08
C LEU B 673 -15.76 2.21 -19.43
N LEU B 674 -15.68 1.69 -20.67
CA LEU B 674 -14.56 0.83 -21.02
C LEU B 674 -13.24 1.61 -21.02
N LEU B 675 -13.22 2.79 -21.65
CA LEU B 675 -11.94 3.46 -21.88
C LEU B 675 -11.33 3.94 -20.57
N ASN B 676 -12.14 4.52 -19.68
CA ASN B 676 -11.63 4.89 -18.37
C ASN B 676 -11.25 3.66 -17.56
N MET B 677 -11.93 2.54 -17.78
CA MET B 677 -11.54 1.29 -17.13
C MET B 677 -10.18 0.84 -17.62
N LEU B 678 -9.90 1.02 -18.91
CA LEU B 678 -8.58 0.72 -19.43
C LEU B 678 -7.53 1.59 -18.78
N ILE B 679 -7.84 2.87 -18.59
CA ILE B 679 -6.90 3.74 -17.89
C ILE B 679 -6.63 3.20 -16.48
N ALA B 680 -7.68 2.79 -15.78
CA ALA B 680 -7.51 2.26 -14.43
C ALA B 680 -6.65 1.00 -14.42
N LEU B 681 -6.91 0.08 -15.36
CA LEU B 681 -6.16 -1.16 -15.41
C LEU B 681 -4.70 -0.92 -15.79
N MET B 682 -4.45 0.03 -16.70
CA MET B 682 -3.09 0.43 -16.98
C MET B 682 -2.41 0.96 -15.73
N GLY B 683 -3.13 1.76 -14.94
CA GLY B 683 -2.56 2.24 -13.70
C GLY B 683 -2.14 1.11 -12.77
N GLU B 684 -3.04 0.14 -12.59
CA GLU B 684 -2.72 -0.98 -11.70
C GLU B 684 -1.56 -1.81 -12.24
N THR B 685 -1.56 -2.09 -13.55
CA THR B 685 -0.50 -2.89 -14.14
C THR B 685 0.84 -2.18 -14.00
N VAL B 686 0.87 -0.87 -14.20
CA VAL B 686 2.10 -0.11 -13.99
C VAL B 686 2.57 -0.28 -12.56
N ASN B 687 1.66 -0.06 -11.60
CA ASN B 687 2.05 -0.10 -10.21
C ASN B 687 2.54 -1.49 -9.80
N LYS B 688 2.08 -2.54 -10.47
CA LYS B 688 2.61 -3.87 -10.24
C LYS B 688 4.00 -4.07 -10.87
N ILE B 689 4.15 -3.80 -12.16
CA ILE B 689 5.33 -4.22 -12.90
C ILE B 689 6.49 -3.23 -12.75
N ALA B 690 6.33 -2.23 -11.89
CA ALA B 690 7.41 -1.28 -11.62
C ALA B 690 8.77 -1.93 -11.48
N GLN B 691 8.83 -3.13 -10.90
CA GLN B 691 10.10 -3.79 -10.58
C GLN B 691 10.51 -4.86 -11.58
N GLU B 692 9.56 -5.67 -12.06
CA GLU B 692 9.87 -6.66 -13.09
C GLU B 692 10.45 -6.02 -14.35
N SER B 693 10.09 -4.77 -14.63
CA SER B 693 10.67 -4.07 -15.76
C SER B 693 12.17 -3.88 -15.61
N LYS B 694 12.63 -3.51 -14.42
CA LYS B 694 14.07 -3.38 -14.19
C LYS B 694 14.78 -4.71 -14.43
N ASN B 695 14.22 -5.79 -13.90
CA ASN B 695 14.84 -7.09 -14.06
C ASN B 695 14.94 -7.47 -15.54
N ILE B 696 13.86 -7.27 -16.28
CA ILE B 696 13.89 -7.64 -17.68
C ILE B 696 14.84 -6.75 -18.47
N TRP B 697 14.97 -5.47 -18.10
CA TRP B 697 15.96 -4.64 -18.77
C TRP B 697 17.36 -5.15 -18.50
N LYS B 698 17.65 -5.50 -17.26
CA LYS B 698 18.96 -6.07 -16.94
C LYS B 698 19.26 -7.29 -17.80
N LEU B 699 18.27 -8.18 -17.93
CA LEU B 699 18.48 -9.37 -18.74
C LEU B 699 18.69 -9.02 -20.20
N GLN B 700 17.96 -8.02 -20.70
CA GLN B 700 18.13 -7.58 -22.08
C GLN B 700 19.55 -7.09 -22.32
N ARG B 701 20.06 -6.26 -21.42
CA ARG B 701 21.43 -5.77 -21.58
C ARG B 701 22.43 -6.92 -21.49
N ALA B 702 22.18 -7.89 -20.61
CA ALA B 702 23.05 -9.05 -20.53
C ALA B 702 23.14 -9.76 -21.87
N ILE B 703 21.98 -10.00 -22.51
CA ILE B 703 21.99 -10.64 -23.81
C ILE B 703 22.73 -9.79 -24.83
N THR B 704 22.58 -8.46 -24.74
CA THR B 704 23.31 -7.59 -25.65
C THR B 704 24.81 -7.79 -25.50
N ILE B 705 25.30 -7.85 -24.27
CA ILE B 705 26.73 -8.02 -24.02
C ILE B 705 27.20 -9.35 -24.60
N LEU B 706 26.45 -10.42 -24.32
CA LEU B 706 26.88 -11.73 -24.80
C LEU B 706 26.92 -11.76 -26.33
N ASP B 707 25.89 -11.23 -26.97
CA ASP B 707 25.85 -11.24 -28.44
C ASP B 707 27.01 -10.43 -29.01
N THR B 708 27.29 -9.27 -28.42
CA THR B 708 28.38 -8.46 -28.94
C THR B 708 29.71 -9.18 -28.82
N GLU B 709 29.98 -9.80 -27.67
CA GLU B 709 31.26 -10.49 -27.53
C GLU B 709 31.35 -11.68 -28.48
N LYS B 710 30.26 -12.44 -28.65
CA LYS B 710 30.30 -13.53 -29.62
C LYS B 710 30.53 -13.04 -31.04
N SER B 711 30.03 -11.85 -31.38
CA SER B 711 30.11 -11.39 -32.76
C SER B 711 31.55 -11.07 -33.15
N PHE B 712 32.25 -10.31 -32.32
CA PHE B 712 33.61 -9.84 -32.63
C PHE B 712 34.68 -10.69 -31.98
N LEU B 713 34.47 -12.00 -31.86
CA LEU B 713 35.57 -12.86 -31.44
C LEU B 713 36.73 -12.79 -32.43
N LYS B 714 36.45 -12.49 -33.69
CA LYS B 714 37.51 -12.40 -34.69
C LYS B 714 38.42 -11.20 -34.40
N CYS B 715 37.82 -10.05 -34.11
CA CYS B 715 38.63 -8.86 -33.86
C CYS B 715 39.51 -9.04 -32.61
N MET B 716 38.89 -9.44 -31.50
CA MET B 716 39.62 -9.71 -30.25
C MET B 716 38.93 -10.90 -29.58
N ARG B 717 39.41 -12.11 -29.87
CA ARG B 717 38.81 -13.30 -29.29
C ARG B 717 39.16 -13.43 -27.81
N LYS B 718 40.44 -13.22 -27.48
CA LYS B 718 40.92 -13.38 -26.11
C LYS B 718 41.59 -12.13 -25.56
N ALA B 719 41.57 -11.02 -26.31
CA ALA B 719 42.17 -9.79 -25.80
C ALA B 719 41.47 -9.32 -24.54
N PHE B 720 40.13 -9.38 -24.52
CA PHE B 720 39.34 -8.96 -23.37
C PHE B 720 38.90 -10.21 -22.61
N ARG B 721 39.75 -10.65 -21.67
CA ARG B 721 39.38 -11.71 -20.73
C ARG B 721 39.09 -11.08 -19.38
N SER B 722 37.96 -11.48 -18.79
CA SER B 722 37.55 -10.92 -17.52
C SER B 722 38.53 -11.29 -16.41
N GLY B 723 38.81 -10.33 -15.55
CA GLY B 723 39.67 -10.59 -14.42
C GLY B 723 41.13 -10.70 -14.81
N LYS B 724 41.91 -11.22 -13.87
CA LYS B 724 43.34 -11.39 -14.02
C LYS B 724 43.73 -12.80 -13.61
N LEU B 725 44.76 -13.33 -14.27
CA LEU B 725 45.27 -14.66 -13.95
C LEU B 725 46.14 -14.56 -12.71
N LEU B 726 45.63 -15.09 -11.59
CA LEU B 726 46.27 -14.92 -10.29
C LEU B 726 46.54 -16.28 -9.65
N GLN B 727 47.43 -16.27 -8.67
CA GLN B 727 47.66 -17.41 -7.79
C GLN B 727 47.02 -17.12 -6.45
N VAL B 728 46.03 -17.93 -6.08
CA VAL B 728 45.35 -17.76 -4.80
C VAL B 728 46.06 -18.51 -3.68
N GLY B 729 46.60 -19.69 -4.00
CA GLY B 729 47.28 -20.50 -3.00
C GLY B 729 47.80 -21.76 -3.64
N PHE B 730 48.35 -22.63 -2.80
CA PHE B 730 48.90 -23.89 -3.26
C PHE B 730 47.87 -25.01 -3.10
N THR B 731 48.16 -26.14 -3.72
CA THR B 731 47.30 -27.32 -3.64
C THR B 731 48.16 -28.54 -3.40
N PRO B 732 47.64 -29.54 -2.69
CA PRO B 732 48.43 -30.77 -2.49
C PRO B 732 48.75 -31.50 -3.78
N ASP B 733 47.89 -31.39 -4.80
CA ASP B 733 48.08 -32.18 -6.01
C ASP B 733 49.40 -31.85 -6.70
N GLY B 734 49.65 -30.57 -6.97
CA GLY B 734 50.85 -30.17 -7.67
C GLY B 734 51.44 -28.86 -7.19
N LYS B 735 50.99 -28.38 -6.03
CA LYS B 735 51.49 -27.13 -5.48
C LYS B 735 51.26 -25.95 -6.42
N ASP B 736 50.19 -26.01 -7.21
CA ASP B 736 49.88 -24.97 -8.18
C ASP B 736 48.38 -24.69 -8.15
N ASP B 737 48.03 -23.41 -8.09
CA ASP B 737 46.63 -22.99 -8.18
C ASP B 737 46.61 -21.62 -8.86
N TYR B 738 46.44 -21.63 -10.19
CA TYR B 738 46.42 -20.42 -10.99
C TYR B 738 45.07 -20.36 -11.70
N ARG B 739 44.33 -19.28 -11.45
CA ARG B 739 42.97 -19.17 -11.94
C ARG B 739 42.71 -17.76 -12.44
N TRP B 740 41.75 -17.65 -13.37
CA TRP B 740 41.34 -16.36 -13.93
C TRP B 740 40.34 -15.72 -12.96
N CYS B 741 40.87 -15.04 -11.95
CA CYS B 741 40.05 -14.58 -10.84
C CYS B 741 39.66 -13.12 -11.01
N PHE B 742 38.59 -12.75 -10.32
CA PHE B 742 37.98 -11.43 -10.44
C PHE B 742 37.90 -10.78 -9.07
N ARG B 743 38.39 -9.56 -8.94
CA ARG B 743 38.55 -8.89 -7.65
C ARG B 743 37.39 -7.94 -7.40
N VAL B 744 36.92 -7.92 -6.15
CA VAL B 744 35.93 -6.94 -5.69
C VAL B 744 36.26 -6.54 -4.26
N ASP B 745 36.15 -5.25 -3.97
CA ASP B 745 36.37 -4.76 -2.63
C ASP B 745 35.11 -4.93 -1.77
N GLU B 746 35.21 -4.52 -0.51
CA GLU B 746 34.06 -4.56 0.39
C GLU B 746 34.45 -3.90 1.69
N VAL B 747 33.44 -3.55 2.50
CA VAL B 747 33.66 -2.90 3.78
C VAL B 747 32.58 -3.36 4.75
N ASN B 748 32.93 -3.35 6.04
CA ASN B 748 31.98 -3.71 7.09
C ASN B 748 32.49 -3.18 8.42
N TRP B 749 31.57 -2.88 9.33
CA TRP B 749 31.90 -2.34 10.64
C TRP B 749 31.51 -3.26 11.80
N THR B 750 30.42 -4.02 11.67
CA THR B 750 30.04 -4.92 12.76
C THR B 750 31.08 -5.99 12.98
N THR B 751 31.61 -6.58 11.90
CA THR B 751 32.54 -7.69 12.03
C THR B 751 33.78 -7.28 12.81
N TRP B 752 34.43 -6.19 12.39
CA TRP B 752 35.67 -5.75 13.01
C TRP B 752 36.70 -6.87 13.02
N ASP C 113 -45.81 -19.70 54.07
CA ASP C 113 -46.20 -18.86 52.95
C ASP C 113 -45.22 -19.03 51.79
N ARG C 114 -45.74 -18.93 50.56
CA ARG C 114 -44.88 -19.10 49.39
C ARG C 114 -43.85 -18.00 49.30
N ARG C 115 -44.24 -16.76 49.64
CA ARG C 115 -43.27 -15.68 49.53
C ARG C 115 -42.24 -15.76 50.65
N SER C 116 -42.61 -16.32 51.81
CA SER C 116 -41.63 -16.41 52.88
C SER C 116 -40.51 -17.36 52.48
N ILE C 117 -40.87 -18.51 51.90
CA ILE C 117 -39.88 -19.48 51.46
C ILE C 117 -39.08 -18.92 50.29
N PHE C 118 -39.74 -18.17 49.40
CA PHE C 118 -39.00 -17.55 48.30
C PHE C 118 -37.96 -16.57 48.81
N ASP C 119 -38.34 -15.76 49.80
CA ASP C 119 -37.39 -14.82 50.40
C ASP C 119 -36.27 -15.57 51.11
N ALA C 120 -36.59 -16.69 51.76
CA ALA C 120 -35.57 -17.44 52.47
C ALA C 120 -34.56 -18.05 51.50
N VAL C 121 -35.04 -18.71 50.45
CA VAL C 121 -34.14 -19.30 49.45
C VAL C 121 -33.30 -18.23 48.76
N ALA C 122 -33.90 -17.09 48.40
CA ALA C 122 -33.09 -15.98 47.92
C ALA C 122 -32.13 -15.48 48.99
N GLN C 123 -32.48 -15.64 50.26
CA GLN C 123 -31.61 -15.31 51.38
C GLN C 123 -30.54 -16.37 51.64
N SER C 124 -30.67 -17.55 51.02
CA SER C 124 -29.67 -18.62 51.17
C SER C 124 -29.56 -19.09 52.62
N ASN C 125 -30.69 -19.06 53.34
CA ASN C 125 -30.75 -19.53 54.72
C ASN C 125 -31.85 -20.58 54.84
N CYS C 126 -31.53 -21.68 55.50
CA CYS C 126 -32.46 -22.80 55.67
C CYS C 126 -33.21 -22.78 56.99
N GLN C 127 -33.03 -21.74 57.81
CA GLN C 127 -33.69 -21.71 59.11
C GLN C 127 -35.21 -21.78 58.95
N GLU C 128 -35.77 -20.98 58.04
CA GLU C 128 -37.21 -21.01 57.83
C GLU C 128 -37.65 -22.37 57.32
N LEU C 129 -36.86 -22.99 56.45
CA LEU C 129 -37.19 -24.31 55.94
C LEU C 129 -37.22 -25.34 57.07
N GLU C 130 -36.23 -25.30 57.95
CA GLU C 130 -36.20 -26.22 59.09
C GLU C 130 -37.40 -25.98 60.01
N SER C 131 -37.74 -24.71 60.23
CA SER C 131 -38.88 -24.39 61.08
C SER C 131 -40.18 -24.91 60.49
N LEU C 132 -40.33 -24.80 59.17
CA LEU C 132 -41.60 -25.12 58.51
C LEU C 132 -41.72 -26.58 58.10
N LEU C 133 -40.61 -27.33 58.07
CA LEU C 133 -40.69 -28.73 57.65
C LEU C 133 -41.64 -29.55 58.51
N PRO C 134 -41.55 -29.53 59.84
CA PRO C 134 -42.54 -30.28 60.64
C PRO C 134 -43.97 -29.86 60.37
N PHE C 135 -44.22 -28.55 60.24
CA PHE C 135 -45.57 -28.09 59.88
C PHE C 135 -45.89 -28.45 58.44
N LEU C 136 -44.89 -28.46 57.56
CA LEU C 136 -45.12 -28.86 56.18
C LEU C 136 -45.65 -30.29 56.11
N GLN C 137 -45.05 -31.19 56.89
CA GLN C 137 -45.56 -32.56 56.96
C GLN C 137 -46.90 -32.61 57.68
N ARG C 138 -47.08 -31.80 58.73
CA ARG C 138 -48.32 -31.84 59.50
C ARG C 138 -49.51 -31.51 58.61
N SER C 139 -49.37 -30.51 57.75
CA SER C 139 -50.46 -30.12 56.85
C SER C 139 -50.91 -31.29 55.99
N GLU C 152 -48.53 -17.98 36.97
CA GLU C 152 -47.93 -17.29 35.83
C GLU C 152 -46.70 -18.04 35.33
N THR C 153 -45.59 -17.91 36.05
CA THR C 153 -44.36 -18.57 35.66
C THR C 153 -44.34 -20.02 36.14
N GLY C 154 -44.46 -20.24 37.45
CA GLY C 154 -44.41 -21.57 38.01
C GLY C 154 -43.03 -22.03 38.43
N LYS C 155 -42.11 -21.11 38.70
CA LYS C 155 -40.74 -21.48 39.04
C LYS C 155 -40.72 -22.38 40.26
N THR C 156 -39.94 -23.45 40.19
CA THR C 156 -39.84 -24.40 41.28
C THR C 156 -38.89 -23.90 42.36
N CYS C 157 -39.09 -24.39 43.57
CA CYS C 157 -38.26 -23.96 44.70
C CYS C 157 -36.80 -24.30 44.46
N LEU C 158 -36.52 -25.55 44.05
CA LEU C 158 -35.14 -25.92 43.74
C LEU C 158 -34.60 -25.12 42.57
N LEU C 159 -35.46 -24.80 41.59
CA LEU C 159 -35.04 -23.97 40.48
C LEU C 159 -34.56 -22.61 40.97
N LYS C 160 -35.34 -21.96 41.83
CA LYS C 160 -34.92 -20.69 42.40
C LYS C 160 -33.68 -20.84 43.26
N ALA C 161 -33.55 -21.98 43.94
CA ALA C 161 -32.38 -22.20 44.79
C ALA C 161 -31.10 -22.24 43.97
N MET C 162 -31.11 -23.03 42.89
CA MET C 162 -29.94 -23.08 42.02
C MET C 162 -29.73 -21.75 41.30
N LEU C 163 -30.81 -21.09 40.91
CA LEU C 163 -30.69 -19.76 40.32
C LEU C 163 -30.11 -18.77 41.33
N ASN C 164 -30.57 -18.83 42.58
CA ASN C 164 -30.02 -18.01 43.66
C ASN C 164 -28.97 -18.80 44.43
N LEU C 165 -27.96 -19.25 43.70
CA LEU C 165 -26.85 -20.01 44.26
C LEU C 165 -25.55 -19.33 43.89
N HIS C 166 -24.69 -19.12 44.89
CA HIS C 166 -23.39 -18.49 44.69
C HIS C 166 -22.33 -19.32 45.40
N ASN C 167 -21.28 -19.69 44.68
CA ASN C 167 -20.18 -20.48 45.22
C ASN C 167 -20.72 -21.73 45.94
N GLY C 168 -21.75 -22.33 45.36
CA GLY C 168 -22.38 -23.47 45.98
C GLY C 168 -23.01 -23.17 47.32
N GLN C 169 -23.54 -21.95 47.50
CA GLN C 169 -24.16 -21.55 48.74
C GLN C 169 -25.60 -22.06 48.86
N ASN C 170 -26.15 -22.66 47.82
CA ASN C 170 -27.52 -23.16 47.82
C ASN C 170 -27.49 -24.66 48.09
N ASP C 171 -27.91 -25.06 49.29
CA ASP C 171 -27.97 -26.46 49.66
C ASP C 171 -29.38 -26.94 49.94
N THR C 172 -30.38 -26.05 49.92
CA THR C 172 -31.76 -26.44 50.19
C THR C 172 -32.33 -27.34 49.11
N ILE C 173 -31.67 -27.47 47.96
CA ILE C 173 -32.16 -28.37 46.92
C ILE C 173 -32.16 -29.81 47.43
N ALA C 174 -31.10 -30.21 48.13
CA ALA C 174 -31.05 -31.55 48.70
C ALA C 174 -32.15 -31.73 49.73
N LEU C 175 -32.39 -30.72 50.57
CA LEU C 175 -33.44 -30.81 51.58
C LEU C 175 -34.80 -30.99 50.92
N LEU C 176 -35.09 -30.20 49.89
CA LEU C 176 -36.37 -30.31 49.20
C LEU C 176 -36.52 -31.67 48.53
N LEU C 177 -35.45 -32.16 47.88
CA LEU C 177 -35.52 -33.45 47.23
C LEU C 177 -35.77 -34.56 48.24
N ASP C 178 -35.08 -34.52 49.38
CA ASP C 178 -35.29 -35.54 50.41
C ASP C 178 -36.69 -35.47 50.98
N VAL C 179 -37.20 -34.26 51.20
CA VAL C 179 -38.56 -34.11 51.72
C VAL C 179 -39.56 -34.69 50.74
N ALA C 180 -39.39 -34.41 49.45
CA ALA C 180 -40.30 -34.97 48.45
C ALA C 180 -40.19 -36.49 48.42
N ARG C 181 -38.97 -37.03 48.49
CA ARG C 181 -38.80 -38.48 48.49
C ARG C 181 -39.51 -39.12 49.68
N LYS C 182 -39.38 -38.51 50.85
CA LYS C 182 -40.08 -39.02 52.04
C LYS C 182 -41.60 -38.99 51.86
N THR C 183 -42.11 -38.15 50.98
CA THR C 183 -43.54 -38.08 50.73
C THR C 183 -43.94 -39.03 49.61
N LYS C 187 -39.92 -38.53 41.59
CA LYS C 187 -40.47 -38.94 40.30
C LYS C 187 -41.41 -37.87 39.75
N GLN C 188 -42.45 -37.56 40.53
CA GLN C 188 -43.43 -36.56 40.12
C GLN C 188 -42.90 -35.13 40.25
N PHE C 189 -41.74 -34.92 40.89
CA PHE C 189 -41.16 -33.60 41.04
C PHE C 189 -39.86 -33.42 40.27
N VAL C 190 -39.14 -34.51 39.98
CA VAL C 190 -37.86 -34.42 39.30
C VAL C 190 -38.00 -33.95 37.85
N ASN C 191 -39.22 -33.83 37.34
CA ASN C 191 -39.48 -33.34 35.99
C ASN C 191 -40.27 -32.03 36.00
N ALA C 192 -40.07 -31.20 37.02
CA ALA C 192 -40.76 -29.92 37.07
C ALA C 192 -40.18 -28.98 36.03
N SER C 193 -41.08 -28.33 35.28
CA SER C 193 -40.67 -27.52 34.14
C SER C 193 -41.46 -26.22 34.12
N TYR C 194 -40.88 -25.21 33.47
CA TYR C 194 -41.54 -23.95 33.26
C TYR C 194 -42.83 -24.14 32.46
N THR C 195 -43.64 -23.07 32.44
CA THR C 195 -44.89 -23.07 31.69
C THR C 195 -45.06 -21.85 30.80
N ASP C 196 -44.41 -20.73 31.12
CA ASP C 196 -44.59 -19.52 30.32
C ASP C 196 -44.06 -19.73 28.91
N SER C 197 -44.72 -19.09 27.94
CA SER C 197 -44.33 -19.25 26.54
C SER C 197 -42.89 -18.81 26.30
N TYR C 198 -42.36 -17.91 27.14
CA TYR C 198 -41.00 -17.42 26.94
C TYR C 198 -39.98 -18.51 27.30
N TYR C 199 -40.17 -19.18 28.42
CA TYR C 199 -39.29 -20.27 28.84
C TYR C 199 -39.99 -21.63 28.76
N LYS C 200 -41.04 -21.74 27.94
CA LYS C 200 -41.88 -22.93 27.92
C LYS C 200 -41.03 -24.19 27.84
N GLY C 201 -41.13 -25.03 28.87
CA GLY C 201 -40.41 -26.29 28.91
C GLY C 201 -39.04 -26.23 29.54
N GLN C 202 -38.56 -25.05 29.92
CA GLN C 202 -37.24 -24.94 30.55
C GLN C 202 -37.17 -25.85 31.77
N THR C 203 -36.10 -26.63 31.85
CA THR C 203 -35.97 -27.68 32.86
C THR C 203 -34.83 -27.38 33.82
N ALA C 204 -34.94 -27.96 35.01
CA ALA C 204 -33.92 -27.75 36.04
C ALA C 204 -32.56 -28.27 35.60
N LEU C 205 -32.54 -29.37 34.83
CA LEU C 205 -31.29 -29.88 34.31
C LEU C 205 -30.62 -28.86 33.40
N HIS C 206 -31.42 -28.20 32.55
CA HIS C 206 -30.87 -27.15 31.70
C HIS C 206 -30.31 -26.00 32.53
N ILE C 207 -31.01 -25.63 33.60
CA ILE C 207 -30.54 -24.55 34.46
C ILE C 207 -29.20 -24.94 35.10
N ALA C 208 -29.08 -26.18 35.56
CA ALA C 208 -27.82 -26.64 36.12
C ALA C 208 -26.71 -26.60 35.09
N ILE C 209 -27.00 -27.05 33.86
CA ILE C 209 -25.98 -27.14 32.83
C ILE C 209 -25.51 -25.74 32.43
N GLU C 210 -26.45 -24.79 32.32
CA GLU C 210 -26.09 -23.46 31.87
C GLU C 210 -25.04 -22.83 32.77
N ARG C 211 -25.00 -23.22 34.04
CA ARG C 211 -24.07 -22.66 35.01
C ARG C 211 -22.79 -23.49 35.12
N ARG C 212 -22.64 -24.53 34.30
CA ARG C 212 -21.48 -25.43 34.39
C ARG C 212 -21.50 -26.24 35.67
N ASN C 213 -22.69 -26.73 36.05
CA ASN C 213 -22.88 -27.45 37.30
C ASN C 213 -22.70 -28.95 37.08
N MET C 214 -21.70 -29.52 37.74
CA MET C 214 -21.45 -30.96 37.68
C MET C 214 -22.05 -31.69 38.88
N THR C 215 -21.80 -31.21 40.09
CA THR C 215 -22.31 -31.88 41.28
C THR C 215 -23.84 -31.87 41.29
N LEU C 216 -24.45 -30.70 41.06
CA LEU C 216 -25.90 -30.62 41.07
C LEU C 216 -26.50 -31.43 39.93
N VAL C 217 -25.88 -31.42 38.76
CA VAL C 217 -26.40 -32.18 37.63
C VAL C 217 -26.36 -33.67 37.95
N THR C 218 -25.23 -34.15 38.48
CA THR C 218 -25.10 -35.56 38.83
C THR C 218 -26.11 -35.94 39.90
N LEU C 219 -26.30 -35.07 40.90
CA LEU C 219 -27.26 -35.36 41.96
C LEU C 219 -28.67 -35.45 41.39
N LEU C 220 -29.03 -34.53 40.50
CA LEU C 220 -30.36 -34.57 39.89
C LEU C 220 -30.54 -35.84 39.07
N VAL C 221 -29.52 -36.22 38.30
CA VAL C 221 -29.62 -37.41 37.47
C VAL C 221 -29.78 -38.66 38.34
N GLU C 222 -28.94 -38.79 39.36
CA GLU C 222 -29.04 -39.97 40.24
C GLU C 222 -30.38 -40.01 40.96
N ASN C 223 -30.85 -38.86 41.46
CA ASN C 223 -32.12 -38.81 42.15
C ASN C 223 -33.30 -39.11 41.23
N GLY C 224 -33.10 -39.10 39.92
CA GLY C 224 -34.13 -39.42 38.96
C GLY C 224 -34.48 -38.29 38.01
N ALA C 225 -34.05 -37.07 38.25
CA ALA C 225 -34.37 -35.95 37.39
C ALA C 225 -33.82 -36.18 35.98
N VAL C 227 -33.16 -36.60 30.80
CA VAL C 227 -32.11 -36.30 29.84
C VAL C 227 -32.70 -36.08 28.45
N GLN C 228 -34.01 -36.27 28.31
CA GLN C 228 -34.72 -36.09 27.05
C GLN C 228 -35.78 -34.99 27.16
N ALA C 229 -35.57 -34.03 28.06
CA ALA C 229 -36.51 -32.94 28.22
C ALA C 229 -36.46 -32.01 27.02
N ALA C 230 -37.63 -31.55 26.57
CA ALA C 230 -37.74 -30.69 25.40
C ALA C 230 -38.09 -29.27 25.86
N ALA C 231 -37.18 -28.34 25.62
CA ALA C 231 -37.39 -26.93 25.95
C ALA C 231 -37.87 -26.18 24.71
N ASN C 232 -39.13 -26.41 24.36
CA ASN C 232 -39.68 -25.93 23.10
C ASN C 232 -40.22 -24.50 23.20
N GLY C 233 -39.74 -23.71 24.15
CA GLY C 233 -40.19 -22.34 24.29
C GLY C 233 -39.58 -21.41 23.26
N ASP C 234 -40.12 -20.19 23.22
CA ASP C 234 -39.65 -19.21 22.26
C ASP C 234 -38.19 -18.85 22.51
N PHE C 235 -37.82 -18.66 23.77
CA PHE C 235 -36.45 -18.27 24.10
C PHE C 235 -35.43 -19.24 23.52
N PHE C 236 -35.80 -20.50 23.36
CA PHE C 236 -34.90 -21.53 22.87
C PHE C 236 -35.06 -21.79 21.38
N LYS C 237 -35.84 -20.97 20.68
CA LYS C 237 -36.05 -21.13 19.24
C LYS C 237 -35.22 -20.12 18.46
N ARG C 242 -36.36 -11.73 17.74
CA ARG C 242 -36.24 -11.46 19.17
C ARG C 242 -34.90 -11.95 19.70
N PRO C 243 -34.54 -11.54 20.91
CA PRO C 243 -33.27 -11.98 21.51
C PRO C 243 -33.42 -13.36 22.11
N GLY C 244 -32.45 -14.23 21.85
CA GLY C 244 -32.52 -15.58 22.37
C GLY C 244 -31.27 -16.36 22.01
N PHE C 245 -31.18 -17.55 22.60
CA PHE C 245 -30.07 -18.47 22.39
C PHE C 245 -30.62 -19.80 21.93
N TYR C 246 -30.03 -20.36 20.87
CA TYR C 246 -30.46 -21.65 20.34
C TYR C 246 -29.33 -22.65 20.49
N PHE C 247 -29.67 -23.83 21.01
CA PHE C 247 -28.70 -24.89 21.28
C PHE C 247 -29.27 -26.25 20.92
N GLY C 248 -30.45 -26.32 20.33
CA GLY C 248 -31.28 -27.50 20.37
C GLY C 248 -32.30 -27.39 21.49
N GLU C 249 -32.98 -28.50 21.75
CA GLU C 249 -33.97 -28.56 22.82
C GLU C 249 -33.78 -29.83 23.63
N LEU C 250 -32.54 -30.15 23.97
CA LEU C 250 -32.22 -31.30 24.79
C LEU C 250 -31.04 -30.98 25.69
N PRO C 251 -30.95 -31.61 26.86
CA PRO C 251 -29.78 -31.36 27.72
C PRO C 251 -28.45 -31.71 27.07
N LEU C 252 -28.41 -32.78 26.28
CA LEU C 252 -27.16 -33.13 25.61
C LEU C 252 -26.72 -32.05 24.63
N SER C 253 -27.68 -31.52 23.86
CA SER C 253 -27.36 -30.44 22.93
C SER C 253 -26.87 -29.22 23.68
N LEU C 254 -27.50 -28.87 24.80
CA LEU C 254 -27.04 -27.72 25.57
C LEU C 254 -25.64 -27.94 26.10
N ALA C 255 -25.36 -29.13 26.62
CA ALA C 255 -24.05 -29.40 27.19
C ALA C 255 -22.96 -29.37 26.12
N ALA C 256 -23.26 -29.90 24.92
CA ALA C 256 -22.29 -29.85 23.84
C ALA C 256 -22.08 -28.42 23.35
N CYS C 257 -23.17 -27.67 23.17
CA CYS C 257 -23.10 -26.32 22.60
C CYS C 257 -22.48 -25.30 23.55
N THR C 258 -22.25 -25.65 24.81
CA THR C 258 -21.66 -24.74 25.77
C THR C 258 -20.19 -25.05 26.05
N ASN C 259 -19.57 -25.94 25.27
CA ASN C 259 -18.15 -26.23 25.38
C ASN C 259 -17.82 -27.04 26.64
N GLN C 260 -18.74 -27.90 27.07
CA GLN C 260 -18.59 -28.69 28.29
C GLN C 260 -18.46 -30.16 27.88
N LEU C 261 -17.22 -30.61 27.71
CA LEU C 261 -16.98 -31.99 27.31
C LEU C 261 -17.26 -32.96 28.46
N ALA C 262 -16.77 -32.65 29.66
CA ALA C 262 -16.97 -33.54 30.80
C ALA C 262 -18.46 -33.78 31.06
N ILE C 263 -19.24 -32.71 31.04
CA ILE C 263 -20.66 -32.83 31.33
C ILE C 263 -21.34 -33.68 30.27
N VAL C 264 -20.99 -33.50 28.99
CA VAL C 264 -21.65 -34.30 27.97
C VAL C 264 -21.26 -35.75 28.13
N LYS C 265 -20.00 -36.01 28.50
CA LYS C 265 -19.57 -37.38 28.76
C LYS C 265 -20.47 -38.02 29.81
N PHE C 266 -20.63 -37.35 30.95
CA PHE C 266 -21.47 -37.90 32.01
C PHE C 266 -22.92 -38.05 31.55
N LEU C 267 -23.46 -37.03 30.89
CA LEU C 267 -24.86 -37.07 30.48
C LEU C 267 -25.13 -38.25 29.56
N LEU C 268 -24.26 -38.45 28.56
CA LEU C 268 -24.42 -39.56 27.64
C LEU C 268 -24.03 -40.90 28.25
N GLN C 269 -23.35 -40.91 29.40
CA GLN C 269 -22.99 -42.16 30.06
C GLN C 269 -23.52 -42.24 31.49
N ASN C 270 -24.51 -41.43 31.84
CA ASN C 270 -25.13 -41.54 33.15
C ASN C 270 -25.80 -42.90 33.30
N SER C 271 -25.55 -43.56 34.43
CA SER C 271 -26.06 -44.92 34.62
C SER C 271 -27.55 -44.92 34.94
N TRP C 272 -28.01 -43.98 35.75
CA TRP C 272 -29.43 -43.93 36.11
C TRP C 272 -30.29 -43.83 34.86
N GLN C 273 -30.00 -42.88 33.99
CA GLN C 273 -30.65 -42.77 32.70
C GLN C 273 -29.66 -42.16 31.70
N PRO C 274 -29.16 -42.94 30.73
CA PRO C 274 -28.15 -42.41 29.81
C PRO C 274 -28.78 -41.46 28.80
N ALA C 275 -28.20 -40.27 28.67
CA ALA C 275 -28.70 -39.29 27.72
C ALA C 275 -28.49 -39.79 26.30
N ASP C 276 -29.58 -39.86 25.54
CA ASP C 276 -29.51 -40.36 24.17
C ASP C 276 -28.75 -39.40 23.28
N ILE C 277 -28.11 -39.97 22.26
CA ILE C 277 -27.33 -39.18 21.30
C ILE C 277 -28.05 -39.00 19.96
N SER C 278 -29.06 -39.83 19.67
CA SER C 278 -29.79 -39.76 18.42
C SER C 278 -31.13 -39.05 18.56
N ALA C 279 -31.41 -38.46 19.72
CA ALA C 279 -32.69 -37.79 19.92
C ALA C 279 -32.83 -36.62 18.95
N ARG C 280 -34.07 -36.39 18.51
CA ARG C 280 -34.37 -35.41 17.47
C ARG C 280 -35.42 -34.44 17.96
N ASP C 281 -35.17 -33.15 17.77
CA ASP C 281 -36.00 -32.09 18.33
C ASP C 281 -37.07 -31.65 17.32
N SER C 282 -37.75 -30.55 17.63
CA SER C 282 -38.89 -30.12 16.83
C SER C 282 -38.51 -29.91 15.37
N VAL C 283 -37.60 -28.97 15.11
CA VAL C 283 -37.16 -28.67 13.75
C VAL C 283 -36.26 -29.77 13.20
N GLY C 284 -35.99 -30.79 14.01
CA GLY C 284 -35.18 -31.91 13.58
C GLY C 284 -33.71 -31.85 13.95
N ASN C 285 -33.24 -30.69 14.39
CA ASN C 285 -31.81 -30.51 14.68
C ASN C 285 -31.37 -31.43 15.81
N THR C 286 -30.49 -32.38 15.49
CA THR C 286 -29.81 -33.18 16.50
C THR C 286 -28.60 -32.40 17.03
N VAL C 287 -27.78 -33.06 17.85
CA VAL C 287 -26.65 -32.38 18.47
C VAL C 287 -25.66 -31.90 17.42
N LEU C 288 -25.42 -32.72 16.39
CA LEU C 288 -24.50 -32.32 15.34
C LEU C 288 -25.10 -31.21 14.48
N HIS C 289 -26.37 -31.36 14.10
CA HIS C 289 -27.11 -30.27 13.50
C HIS C 289 -26.89 -28.98 14.28
N ALA C 290 -27.10 -29.02 15.59
CA ALA C 290 -26.97 -27.82 16.40
C ALA C 290 -25.54 -27.28 16.37
N LEU C 291 -24.56 -28.17 16.53
CA LEU C 291 -23.17 -27.73 16.50
C LEU C 291 -22.87 -26.96 15.22
N VAL C 292 -23.41 -27.43 14.09
CA VAL C 292 -23.31 -26.65 12.86
C VAL C 292 -24.10 -25.36 12.99
N GLU C 293 -25.24 -25.43 13.67
CA GLU C 293 -26.16 -24.30 13.78
C GLU C 293 -25.57 -23.15 14.57
N VAL C 294 -24.48 -23.37 15.29
CA VAL C 294 -23.96 -22.39 16.23
C VAL C 294 -22.67 -21.71 15.75
N ALA C 295 -21.96 -22.29 14.79
CA ALA C 295 -20.68 -21.74 14.39
C ALA C 295 -20.86 -20.32 13.86
N ASP C 296 -19.74 -19.58 13.76
CA ASP C 296 -19.77 -18.20 13.32
C ASP C 296 -18.61 -17.85 12.38
N ASN C 297 -17.81 -18.83 11.97
CA ASN C 297 -16.69 -18.70 11.04
C ASN C 297 -15.44 -18.11 11.69
N THR C 298 -15.44 -17.87 13.00
CA THR C 298 -14.24 -17.37 13.66
C THR C 298 -13.27 -18.50 13.96
N VAL C 299 -12.03 -18.13 14.29
CA VAL C 299 -10.98 -19.15 14.45
C VAL C 299 -11.24 -20.00 15.68
N ASP C 300 -11.51 -19.36 16.83
CA ASP C 300 -11.70 -20.11 18.06
C ASP C 300 -13.03 -20.84 18.09
N ASN C 301 -14.10 -20.18 17.62
CA ASN C 301 -15.40 -20.83 17.57
C ASN C 301 -15.36 -22.06 16.67
N THR C 302 -14.78 -21.91 15.48
CA THR C 302 -14.60 -23.06 14.60
C THR C 302 -13.72 -24.12 15.27
N LYS C 303 -12.66 -23.68 15.94
CA LYS C 303 -11.78 -24.60 16.64
C LYS C 303 -12.57 -25.53 17.55
N PHE C 304 -13.25 -24.96 18.55
CA PHE C 304 -13.85 -25.88 19.51
C PHE C 304 -15.11 -26.53 18.97
N VAL C 305 -15.79 -25.92 17.99
CA VAL C 305 -16.92 -26.61 17.36
C VAL C 305 -16.44 -27.88 16.68
N THR C 306 -15.33 -27.78 15.94
CA THR C 306 -14.76 -28.98 15.32
C THR C 306 -14.32 -29.98 16.37
N SER C 307 -13.67 -29.50 17.44
CA SER C 307 -13.22 -30.41 18.49
C SER C 307 -14.39 -31.19 19.07
N MET C 308 -15.44 -30.50 19.49
CA MET C 308 -16.59 -31.18 20.10
C MET C 308 -17.27 -32.08 19.08
N TYR C 309 -17.38 -31.64 17.83
CA TYR C 309 -17.95 -32.48 16.78
C TYR C 309 -17.20 -33.81 16.71
N ASN C 310 -15.87 -33.73 16.66
CA ASN C 310 -15.06 -34.95 16.61
C ASN C 310 -15.29 -35.83 17.82
N GLU C 311 -15.25 -35.24 19.02
CA GLU C 311 -15.36 -36.05 20.24
C GLU C 311 -16.70 -36.74 20.29
N ILE C 312 -17.79 -35.99 20.07
CA ILE C 312 -19.12 -36.58 20.14
C ILE C 312 -19.30 -37.64 19.07
N LEU C 313 -18.70 -37.44 17.88
CA LEU C 313 -18.86 -38.42 16.83
C LEU C 313 -18.16 -39.73 17.21
N ILE C 314 -16.93 -39.64 17.74
CA ILE C 314 -16.23 -40.85 18.18
C ILE C 314 -17.00 -41.53 19.31
N LEU C 315 -17.57 -40.74 20.22
CA LEU C 315 -18.33 -41.32 21.33
C LEU C 315 -19.57 -42.05 20.81
N GLY C 316 -20.29 -41.45 19.88
CA GLY C 316 -21.42 -42.14 19.27
C GLY C 316 -21.00 -43.41 18.56
N ALA C 317 -19.82 -43.38 17.94
CA ALA C 317 -19.31 -44.58 17.30
C ALA C 317 -19.09 -45.69 18.33
N LYS C 318 -18.36 -45.39 19.40
CA LYS C 318 -18.04 -46.43 20.38
C LYS C 318 -19.29 -46.94 21.09
N LEU C 319 -20.17 -46.04 21.51
CA LEU C 319 -21.40 -46.49 22.18
C LEU C 319 -22.27 -47.30 21.23
N HIS C 320 -22.41 -46.85 19.99
CA HIS C 320 -23.27 -47.48 18.99
C HIS C 320 -22.47 -47.67 17.72
N PRO C 321 -21.60 -48.68 17.67
CA PRO C 321 -20.82 -48.91 16.44
C PRO C 321 -21.66 -49.19 15.22
N THR C 322 -22.90 -49.66 15.38
CA THR C 322 -23.75 -49.93 14.23
C THR C 322 -24.32 -48.65 13.61
N LEU C 323 -24.59 -47.64 14.42
CA LEU C 323 -25.26 -46.44 13.94
C LEU C 323 -24.31 -45.57 13.12
N LYS C 324 -24.90 -44.77 12.23
CA LYS C 324 -24.20 -43.74 11.47
C LYS C 324 -24.98 -42.45 11.69
N LEU C 325 -24.41 -41.52 12.45
CA LEU C 325 -25.16 -40.33 12.85
C LEU C 325 -25.33 -39.35 11.70
N GLU C 326 -24.28 -39.16 10.90
CA GLU C 326 -24.28 -38.06 9.93
C GLU C 326 -25.48 -38.15 8.99
N GLU C 327 -25.91 -39.37 8.63
CA GLU C 327 -26.99 -39.50 7.66
C GLU C 327 -28.26 -38.78 8.12
N ILE C 328 -28.41 -38.60 9.44
CA ILE C 328 -29.63 -37.99 9.97
C ILE C 328 -29.85 -36.64 9.31
N THR C 329 -31.13 -36.25 9.20
CA THR C 329 -31.51 -35.00 8.54
C THR C 329 -32.66 -34.35 9.30
N ASN C 330 -32.72 -33.02 9.21
CA ASN C 330 -33.75 -32.25 9.88
C ASN C 330 -35.02 -32.23 9.03
N ARG C 331 -35.99 -31.42 9.45
CA ARG C 331 -37.25 -31.30 8.71
C ARG C 331 -36.98 -30.93 7.25
N LYS C 332 -36.09 -29.97 7.02
CA LYS C 332 -35.73 -29.59 5.66
C LYS C 332 -34.99 -30.70 4.93
N GLY C 333 -34.49 -31.70 5.65
CA GLY C 333 -33.84 -32.84 5.04
C GLY C 333 -32.37 -32.66 4.75
N LEU C 334 -31.74 -31.62 5.29
CA LEU C 334 -30.35 -31.30 5.00
C LEU C 334 -29.44 -31.99 6.01
N THR C 335 -28.50 -32.77 5.51
CA THR C 335 -27.48 -33.38 6.34
C THR C 335 -26.63 -32.29 6.99
N PRO C 336 -26.05 -32.54 8.17
CA PRO C 336 -25.22 -31.49 8.79
C PRO C 336 -24.12 -30.96 7.89
N LEU C 337 -23.50 -31.83 7.08
CA LEU C 337 -22.54 -31.34 6.09
C LEU C 337 -23.23 -30.39 5.10
N ALA C 338 -24.35 -30.82 4.53
CA ALA C 338 -25.09 -29.96 3.63
C ALA C 338 -25.56 -28.69 4.32
N LEU C 339 -25.90 -28.78 5.61
CA LEU C 339 -26.35 -27.60 6.33
C LEU C 339 -25.22 -26.60 6.53
N ALA C 340 -24.03 -27.09 6.90
CA ALA C 340 -22.88 -26.21 7.05
C ALA C 340 -22.44 -25.64 5.72
N ALA C 341 -22.71 -26.35 4.62
CA ALA C 341 -22.38 -25.82 3.30
C ALA C 341 -23.36 -24.76 2.86
N SER C 342 -24.64 -24.94 3.16
CA SER C 342 -25.63 -23.95 2.74
C SER C 342 -25.55 -22.69 3.58
N SER C 343 -25.42 -22.85 4.90
CA SER C 343 -25.48 -21.69 5.79
C SER C 343 -24.30 -20.76 5.64
N GLY C 344 -23.19 -21.22 5.07
CA GLY C 344 -22.01 -20.39 4.90
C GLY C 344 -20.83 -20.76 5.77
N LYS C 345 -20.94 -21.81 6.58
CA LYS C 345 -19.90 -22.15 7.55
C LYS C 345 -18.80 -22.91 6.82
N ILE C 346 -17.81 -22.17 6.32
CA ILE C 346 -16.71 -22.79 5.58
C ILE C 346 -15.85 -23.65 6.50
N GLY C 347 -15.58 -23.19 7.71
CA GLY C 347 -14.68 -23.95 8.59
C GLY C 347 -15.18 -25.36 8.85
N VAL C 348 -16.45 -25.48 9.22
CA VAL C 348 -17.03 -26.79 9.51
C VAL C 348 -17.05 -27.66 8.26
N LEU C 349 -17.30 -27.06 7.10
CA LEU C 349 -17.29 -27.83 5.87
C LEU C 349 -15.91 -28.37 5.56
N ALA C 350 -14.88 -27.51 5.64
CA ALA C 350 -13.52 -27.95 5.43
C ALA C 350 -13.17 -29.09 6.38
N TYR C 351 -13.56 -28.95 7.65
CA TYR C 351 -13.35 -30.04 8.60
C TYR C 351 -14.01 -31.31 8.10
N ILE C 352 -15.32 -31.26 7.83
CA ILE C 352 -16.03 -32.50 7.57
C ILE C 352 -15.44 -33.18 6.33
N LEU C 353 -15.07 -32.39 5.33
CA LEU C 353 -14.58 -32.98 4.09
C LEU C 353 -13.17 -33.52 4.22
N GLN C 354 -12.37 -32.98 5.15
CA GLN C 354 -10.97 -33.37 5.32
C GLN C 354 -10.78 -34.25 6.55
N ARG C 355 -11.73 -35.16 6.80
CA ARG C 355 -11.81 -35.90 8.06
C ARG C 355 -11.21 -37.29 7.90
N GLU C 356 -10.26 -37.63 8.77
CA GLU C 356 -9.67 -38.96 8.82
C GLU C 356 -9.45 -39.37 10.27
N ILE C 357 -9.61 -40.66 10.54
CA ILE C 357 -9.47 -41.21 11.88
C ILE C 357 -8.74 -42.54 11.79
N HIS C 358 -7.82 -42.77 12.73
CA HIS C 358 -6.91 -43.91 12.69
C HIS C 358 -7.30 -45.05 13.62
N GLU C 359 -8.20 -44.82 14.58
CA GLU C 359 -8.45 -45.83 15.59
C GLU C 359 -8.93 -47.13 14.95
N PRO C 360 -8.44 -48.29 15.40
CA PRO C 360 -8.83 -49.54 14.72
C PRO C 360 -10.33 -49.79 14.71
N GLU C 361 -11.01 -49.46 15.81
CA GLU C 361 -12.44 -49.76 15.91
C GLU C 361 -13.23 -48.96 14.90
N CYS C 362 -12.94 -47.67 14.75
CA CYS C 362 -13.80 -46.73 14.04
C CYS C 362 -13.03 -46.01 12.95
N ARG C 363 -12.29 -46.76 12.14
CA ARG C 363 -11.67 -46.18 10.95
C ARG C 363 -12.68 -45.86 9.86
N HIS C 364 -13.89 -46.40 9.96
CA HIS C 364 -14.94 -46.12 8.97
C HIS C 364 -15.47 -44.70 9.08
N LEU C 365 -15.09 -43.96 10.12
CA LEU C 365 -15.52 -42.58 10.26
C LEU C 365 -14.75 -41.64 9.35
N SER C 366 -13.65 -42.08 8.75
CA SER C 366 -12.82 -41.21 7.94
C SER C 366 -13.53 -40.87 6.63
N ARG C 367 -13.20 -39.69 6.10
CA ARG C 367 -13.53 -39.34 4.73
C ARG C 367 -12.31 -39.15 3.87
N LYS C 368 -11.12 -39.08 4.46
CA LYS C 368 -9.86 -38.95 3.74
C LYS C 368 -8.97 -40.13 4.11
N PHE C 369 -8.06 -40.49 3.21
CA PHE C 369 -7.16 -41.61 3.44
C PHE C 369 -5.84 -41.34 2.73
N THR C 370 -4.80 -42.06 3.16
CA THR C 370 -3.49 -42.02 2.53
C THR C 370 -3.21 -43.36 1.88
N GLU C 371 -2.89 -43.35 0.59
CA GLU C 371 -2.75 -44.58 -0.17
C GLU C 371 -1.32 -45.06 -0.30
N TRP C 372 -0.33 -44.17 -0.18
CA TRP C 372 1.06 -44.59 -0.05
C TRP C 372 1.92 -43.35 0.16
N ALA C 373 3.17 -43.60 0.54
CA ALA C 373 4.20 -42.57 0.66
C ALA C 373 5.55 -43.27 0.57
N TYR C 374 6.47 -42.70 -0.20
CA TYR C 374 7.76 -43.32 -0.46
C TYR C 374 8.92 -42.54 0.17
N GLY C 375 9.10 -41.29 -0.23
CA GLY C 375 10.10 -40.43 0.36
C GLY C 375 9.44 -39.21 0.98
N PRO C 376 9.64 -38.04 0.35
CA PRO C 376 8.83 -36.87 0.69
C PRO C 376 7.48 -36.81 -0.01
N VAL C 377 7.05 -37.89 -0.65
CA VAL C 377 5.87 -37.90 -1.49
C VAL C 377 4.75 -38.66 -0.80
N HIS C 378 3.51 -38.27 -1.10
CA HIS C 378 2.33 -38.90 -0.53
C HIS C 378 1.25 -38.93 -1.59
N SER C 379 0.31 -39.88 -1.45
CA SER C 379 -0.85 -39.93 -2.34
C SER C 379 -2.08 -40.23 -1.50
N SER C 380 -2.93 -39.22 -1.32
CA SER C 380 -4.11 -39.33 -0.47
C SER C 380 -5.38 -39.49 -1.29
N LEU C 381 -6.41 -40.02 -0.65
CA LEU C 381 -7.74 -40.16 -1.22
C LEU C 381 -8.73 -39.25 -0.49
N TYR C 382 -9.88 -39.06 -1.11
CA TYR C 382 -11.00 -38.33 -0.54
C TYR C 382 -12.28 -39.09 -0.81
N ASP C 383 -13.30 -38.80 -0.02
CA ASP C 383 -14.48 -39.67 0.05
C ASP C 383 -15.46 -39.40 -1.09
N LEU C 384 -15.93 -38.15 -1.21
CA LEU C 384 -16.96 -37.82 -2.20
C LEU C 384 -18.22 -38.66 -1.99
N SER C 385 -18.57 -38.92 -0.73
CA SER C 385 -19.71 -39.77 -0.44
C SER C 385 -20.93 -39.38 -1.28
N CYS C 386 -21.45 -38.17 -1.08
CA CYS C 386 -22.45 -37.61 -1.98
C CYS C 386 -22.16 -36.16 -2.26
N ILE C 387 -20.89 -35.84 -2.51
CA ILE C 387 -20.54 -34.52 -3.01
C ILE C 387 -20.93 -34.39 -4.49
N ASP C 388 -20.59 -35.40 -5.29
CA ASP C 388 -20.85 -35.34 -6.72
C ASP C 388 -22.35 -35.28 -7.00
N THR C 389 -23.07 -36.33 -6.66
CA THR C 389 -24.51 -36.45 -6.95
C THR C 389 -25.17 -37.09 -5.74
N CYS C 390 -25.95 -36.31 -5.01
CA CYS C 390 -26.49 -36.73 -3.72
C CYS C 390 -28.00 -36.89 -3.82
N GLU C 391 -28.60 -37.39 -2.74
CA GLU C 391 -30.01 -37.79 -2.78
C GLU C 391 -30.90 -36.66 -3.25
N LYS C 392 -30.80 -35.49 -2.62
CA LYS C 392 -31.62 -34.34 -2.97
C LYS C 392 -30.77 -33.15 -3.42
N ASN C 393 -29.79 -32.74 -2.62
CA ASN C 393 -28.96 -31.59 -2.93
C ASN C 393 -27.58 -31.83 -2.35
N SER C 394 -26.61 -32.12 -3.20
CA SER C 394 -25.25 -32.38 -2.74
C SER C 394 -24.61 -31.10 -2.22
N VAL C 395 -23.37 -31.21 -1.75
CA VAL C 395 -22.66 -30.04 -1.25
C VAL C 395 -22.38 -29.07 -2.38
N LEU C 396 -21.94 -29.58 -3.53
CA LEU C 396 -21.52 -28.71 -4.62
C LEU C 396 -22.71 -27.95 -5.21
N GLU C 397 -23.82 -28.65 -5.44
CA GLU C 397 -25.00 -27.99 -5.99
C GLU C 397 -25.57 -26.97 -5.02
N VAL C 398 -25.30 -27.11 -3.72
CA VAL C 398 -25.81 -26.15 -2.75
C VAL C 398 -24.85 -24.98 -2.56
N ILE C 399 -23.55 -25.19 -2.72
CA ILE C 399 -22.59 -24.09 -2.70
C ILE C 399 -22.79 -23.21 -3.92
N ALA C 400 -22.87 -23.82 -5.10
CA ALA C 400 -22.98 -23.05 -6.33
C ALA C 400 -24.28 -22.25 -6.37
N TYR C 401 -25.39 -22.86 -5.96
CA TYR C 401 -26.71 -22.27 -6.09
C TYR C 401 -27.13 -21.47 -4.86
N SER C 402 -26.19 -21.10 -4.00
CA SER C 402 -26.53 -20.26 -2.86
C SER C 402 -27.01 -18.89 -3.36
N SER C 403 -28.03 -18.37 -2.70
CA SER C 403 -28.76 -17.19 -3.16
C SER C 403 -28.03 -15.88 -2.87
N SER C 404 -26.74 -15.93 -2.51
CA SER C 404 -25.89 -14.78 -2.25
C SER C 404 -26.25 -14.06 -0.95
N GLU C 405 -27.31 -14.48 -0.24
CA GLU C 405 -27.45 -14.05 1.14
C GLU C 405 -26.36 -14.65 2.01
N THR C 406 -25.82 -15.80 1.60
CA THR C 406 -24.72 -16.41 2.32
C THR C 406 -23.53 -15.47 2.32
N PRO C 407 -22.78 -15.37 3.43
CA PRO C 407 -21.63 -14.45 3.45
C PRO C 407 -20.60 -14.78 2.37
N ASN C 408 -20.08 -16.00 2.39
CA ASN C 408 -18.96 -16.39 1.54
C ASN C 408 -19.30 -17.70 0.82
N ARG C 409 -19.93 -17.59 -0.34
CA ARG C 409 -20.11 -18.74 -1.23
C ARG C 409 -19.00 -18.81 -2.28
N HIS C 410 -18.08 -17.86 -2.28
CA HIS C 410 -17.00 -17.81 -3.26
C HIS C 410 -15.72 -18.42 -2.73
N ASP C 411 -15.40 -18.19 -1.45
CA ASP C 411 -14.29 -18.88 -0.80
C ASP C 411 -14.61 -20.34 -0.55
N MET C 412 -15.89 -20.72 -0.54
CA MET C 412 -16.30 -22.06 -0.17
C MET C 412 -15.99 -23.09 -1.25
N LEU C 413 -15.48 -22.67 -2.41
CA LEU C 413 -14.90 -23.57 -3.38
C LEU C 413 -13.38 -23.63 -3.26
N LEU C 414 -12.83 -23.18 -2.13
CA LEU C 414 -11.40 -23.23 -1.90
C LEU C 414 -10.94 -24.54 -1.27
N VAL C 415 -11.88 -25.33 -0.71
CA VAL C 415 -11.51 -26.60 -0.12
C VAL C 415 -10.90 -27.50 -1.19
N GLU C 416 -9.93 -28.30 -0.78
CA GLU C 416 -9.11 -29.03 -1.75
C GLU C 416 -9.94 -29.96 -2.64
N PRO C 417 -10.76 -30.86 -2.11
CA PRO C 417 -11.48 -31.78 -3.00
C PRO C 417 -12.38 -31.08 -4.00
N LEU C 418 -13.01 -29.97 -3.63
CA LEU C 418 -13.91 -29.30 -4.56
C LEU C 418 -13.13 -28.60 -5.67
N ASN C 419 -12.03 -27.92 -5.33
CA ASN C 419 -11.17 -27.36 -6.35
C ASN C 419 -10.74 -28.43 -7.35
N ARG C 420 -10.20 -29.53 -6.83
CA ARG C 420 -9.69 -30.58 -7.71
C ARG C 420 -10.81 -31.17 -8.55
N LEU C 421 -11.99 -31.33 -7.95
CA LEU C 421 -13.11 -31.92 -8.66
C LEU C 421 -13.57 -31.04 -9.81
N LEU C 422 -13.72 -29.74 -9.55
CA LEU C 422 -14.14 -28.83 -10.61
C LEU C 422 -13.11 -28.78 -11.73
N GLN C 423 -11.83 -28.68 -11.38
CA GLN C 423 -10.80 -28.66 -12.42
C GLN C 423 -10.81 -29.96 -13.22
N ASP C 424 -10.99 -31.09 -12.55
CA ASP C 424 -11.00 -32.37 -13.24
C ASP C 424 -12.17 -32.46 -14.21
N LYS C 425 -13.36 -32.09 -13.76
CA LYS C 425 -14.51 -32.12 -14.65
C LYS C 425 -14.31 -31.20 -15.84
N TRP C 426 -13.78 -29.99 -15.60
CA TRP C 426 -13.54 -29.08 -16.72
C TRP C 426 -12.55 -29.68 -17.70
N ASP C 427 -11.49 -30.32 -17.19
CA ASP C 427 -10.48 -30.90 -18.07
C ASP C 427 -11.05 -32.04 -18.91
N ARG C 428 -11.89 -32.89 -18.32
CA ARG C 428 -12.22 -34.15 -18.99
C ARG C 428 -13.39 -34.04 -19.98
N PHE C 429 -14.58 -33.71 -19.49
CA PHE C 429 -15.79 -33.99 -20.26
C PHE C 429 -16.71 -32.80 -20.48
N VAL C 430 -16.28 -31.57 -20.16
CA VAL C 430 -17.15 -30.42 -20.34
C VAL C 430 -16.48 -29.27 -21.06
N LYS C 431 -15.15 -29.23 -21.19
CA LYS C 431 -14.52 -28.18 -21.98
C LYS C 431 -14.97 -28.26 -23.43
N ARG C 432 -15.01 -29.47 -23.99
CA ARG C 432 -15.47 -29.64 -25.36
C ARG C 432 -16.92 -29.21 -25.51
N ILE C 433 -17.77 -29.56 -24.54
CA ILE C 433 -19.18 -29.17 -24.62
C ILE C 433 -19.31 -27.66 -24.58
N PHE C 434 -18.56 -27.00 -23.70
CA PHE C 434 -18.64 -25.54 -23.62
C PHE C 434 -18.19 -24.89 -24.92
N TYR C 435 -17.08 -25.36 -25.50
CA TYR C 435 -16.61 -24.78 -26.75
C TYR C 435 -17.59 -25.06 -27.89
N PHE C 436 -18.22 -26.22 -27.90
CA PHE C 436 -19.24 -26.50 -28.91
C PHE C 436 -20.41 -25.53 -28.77
N ASN C 437 -20.87 -25.31 -27.54
CA ASN C 437 -21.97 -24.37 -27.35
C ASN C 437 -21.56 -22.96 -27.77
N PHE C 438 -20.34 -22.57 -27.47
CA PHE C 438 -19.88 -21.24 -27.85
C PHE C 438 -19.81 -21.09 -29.36
N PHE C 439 -19.33 -22.11 -30.06
CA PHE C 439 -19.29 -22.08 -31.52
C PHE C 439 -20.69 -22.02 -32.10
N VAL C 440 -21.63 -22.78 -31.54
CA VAL C 440 -23.00 -22.75 -32.02
C VAL C 440 -23.61 -21.37 -31.83
N TYR C 441 -23.37 -20.75 -30.68
CA TYR C 441 -23.88 -19.40 -30.47
C TYR C 441 -23.25 -18.42 -31.45
N CYS C 442 -21.94 -18.55 -31.71
CA CYS C 442 -21.30 -17.68 -32.68
C CYS C 442 -21.95 -17.82 -34.05
N LEU C 443 -22.25 -19.05 -34.46
CA LEU C 443 -22.88 -19.26 -35.77
C LEU C 443 -24.30 -18.70 -35.79
N TYR C 444 -25.05 -18.91 -34.72
CA TYR C 444 -26.38 -18.33 -34.61
C TYR C 444 -26.33 -16.82 -34.75
N MET C 445 -25.38 -16.19 -34.06
CA MET C 445 -25.24 -14.74 -34.12
C MET C 445 -24.84 -14.28 -35.52
N ILE C 446 -23.98 -15.05 -36.19
CA ILE C 446 -23.56 -14.65 -37.54
C ILE C 446 -24.75 -14.68 -38.50
N ILE C 447 -25.55 -15.76 -38.46
CA ILE C 447 -26.67 -15.82 -39.38
C ILE C 447 -27.75 -14.81 -39.01
N PHE C 448 -27.99 -14.61 -37.71
CA PHE C 448 -28.94 -13.58 -37.29
C PHE C 448 -28.50 -12.21 -37.78
N THR C 449 -27.21 -11.90 -37.65
CA THR C 449 -26.69 -10.61 -38.10
C THR C 449 -26.85 -10.46 -39.60
N ALA C 450 -26.48 -11.49 -40.37
CA ALA C 450 -26.47 -11.38 -41.82
C ALA C 450 -27.83 -11.55 -42.45
N ALA C 451 -28.84 -11.97 -41.69
CA ALA C 451 -30.23 -11.94 -42.14
C ALA C 451 -30.89 -10.62 -41.77
N ALA C 452 -30.72 -10.18 -40.52
CA ALA C 452 -31.18 -8.85 -40.14
C ALA C 452 -30.57 -7.79 -41.04
N TYR C 453 -29.34 -8.02 -41.52
CA TYR C 453 -28.66 -7.02 -42.35
C TYR C 453 -29.44 -6.77 -43.63
N TYR C 454 -29.93 -7.83 -44.27
CA TYR C 454 -30.60 -7.75 -45.57
C TYR C 454 -32.12 -7.72 -45.45
N ARG C 455 -32.64 -7.13 -44.39
CA ARG C 455 -34.09 -7.08 -44.22
C ARG C 455 -34.72 -6.39 -45.41
N PRO C 456 -35.82 -6.91 -45.95
CA PRO C 456 -36.52 -6.20 -47.03
C PRO C 456 -37.02 -4.83 -46.55
N VAL C 457 -37.02 -3.87 -47.48
CA VAL C 457 -37.21 -2.47 -47.12
C VAL C 457 -38.43 -1.83 -47.79
N GLU C 458 -38.99 -2.42 -48.84
CA GLU C 458 -40.03 -1.78 -49.63
C GLU C 458 -41.40 -2.29 -49.20
N GLY C 459 -42.30 -1.37 -48.88
CA GLY C 459 -43.67 -1.73 -48.55
C GLY C 459 -43.84 -1.88 -47.06
N LEU C 460 -44.51 -2.97 -46.66
CA LEU C 460 -44.76 -3.28 -45.27
C LEU C 460 -44.47 -4.75 -45.05
N PRO C 461 -44.25 -5.17 -43.81
CA PRO C 461 -44.16 -6.60 -43.52
C PRO C 461 -45.54 -7.22 -43.51
N PRO C 462 -45.67 -8.51 -43.89
CA PRO C 462 -44.60 -9.38 -44.37
C PRO C 462 -44.22 -9.11 -45.83
N TYR C 463 -43.31 -9.91 -46.37
CA TYR C 463 -42.80 -9.76 -47.72
C TYR C 463 -42.99 -11.06 -48.48
N LYS C 464 -43.44 -10.95 -49.73
CA LYS C 464 -43.68 -12.14 -50.54
C LYS C 464 -42.36 -12.76 -50.99
N LEU C 465 -42.20 -14.04 -50.70
CA LEU C 465 -40.99 -14.78 -51.05
C LEU C 465 -40.76 -14.76 -52.56
N LYS C 466 -39.61 -14.22 -52.98
CA LYS C 466 -39.23 -14.24 -54.38
C LYS C 466 -38.62 -15.58 -54.76
N ASN C 467 -38.67 -15.89 -56.05
CA ASN C 467 -38.11 -17.15 -56.53
C ASN C 467 -36.59 -17.19 -56.42
N THR C 468 -35.96 -16.05 -56.14
CA THR C 468 -34.52 -15.98 -56.05
C THR C 468 -34.01 -16.88 -54.92
N VAL C 469 -32.83 -17.46 -55.14
CA VAL C 469 -32.22 -18.31 -54.11
C VAL C 469 -31.93 -17.49 -52.86
N GLY C 470 -31.45 -16.26 -53.04
CA GLY C 470 -31.10 -15.43 -51.89
C GLY C 470 -32.25 -15.22 -50.95
N ASP C 471 -33.46 -15.05 -51.48
CA ASP C 471 -34.62 -14.85 -50.62
C ASP C 471 -34.94 -16.11 -49.81
N TYR C 472 -34.81 -17.28 -50.43
CA TYR C 472 -34.90 -18.53 -49.69
C TYR C 472 -33.91 -18.55 -48.54
N PHE C 473 -32.64 -18.25 -48.84
CA PHE C 473 -31.62 -18.21 -47.79
C PHE C 473 -32.03 -17.27 -46.67
N ARG C 474 -32.55 -16.09 -47.03
CA ARG C 474 -32.90 -15.09 -46.03
C ARG C 474 -34.02 -15.60 -45.12
N VAL C 475 -35.05 -16.22 -45.69
CA VAL C 475 -36.16 -16.69 -44.87
C VAL C 475 -35.72 -17.85 -43.98
N THR C 476 -34.83 -18.71 -44.50
CA THR C 476 -34.27 -19.76 -43.63
C THR C 476 -33.52 -19.15 -42.46
N GLY C 477 -32.71 -18.12 -42.72
CA GLY C 477 -32.02 -17.44 -41.64
C GLY C 477 -32.97 -16.88 -40.61
N GLU C 478 -34.05 -16.25 -41.06
CA GLU C 478 -35.02 -15.67 -40.13
C GLU C 478 -35.66 -16.74 -39.27
N ILE C 479 -36.02 -17.88 -39.86
CA ILE C 479 -36.65 -18.95 -39.09
C ILE C 479 -35.67 -19.50 -38.06
N LEU C 480 -34.41 -19.69 -38.46
CA LEU C 480 -33.39 -20.10 -37.49
C LEU C 480 -33.31 -19.11 -36.35
N SER C 481 -33.33 -17.82 -36.66
CA SER C 481 -33.23 -16.79 -35.63
C SER C 481 -34.38 -16.91 -34.63
N VAL C 482 -35.60 -17.02 -35.13
CA VAL C 482 -36.75 -17.06 -34.22
C VAL C 482 -36.76 -18.35 -33.40
N SER C 483 -36.32 -19.46 -33.99
CA SER C 483 -36.21 -20.70 -33.22
C SER C 483 -35.24 -20.53 -32.06
N GLY C 484 -34.08 -19.94 -32.32
CA GLY C 484 -33.17 -19.64 -31.23
C GLY C 484 -33.81 -18.74 -30.19
N GLY C 485 -34.60 -17.77 -30.64
CA GLY C 485 -35.25 -16.86 -29.71
C GLY C 485 -36.19 -17.58 -28.76
N VAL C 486 -37.02 -18.48 -29.29
CA VAL C 486 -37.94 -19.21 -28.43
C VAL C 486 -37.18 -20.16 -27.51
N TYR C 487 -36.10 -20.76 -28.01
CA TYR C 487 -35.25 -21.57 -27.13
C TYR C 487 -34.80 -20.76 -25.93
N PHE C 488 -34.27 -19.56 -26.17
CA PHE C 488 -33.77 -18.76 -25.06
C PHE C 488 -34.90 -18.31 -24.14
N PHE C 489 -36.07 -18.02 -24.70
CA PHE C 489 -37.20 -17.63 -23.87
C PHE C 489 -37.58 -18.75 -22.89
N PHE C 490 -37.72 -19.98 -23.40
CA PHE C 490 -38.08 -21.09 -22.53
C PHE C 490 -36.97 -21.39 -21.53
N ARG C 491 -35.71 -21.27 -21.95
CA ARG C 491 -34.62 -21.46 -20.99
C ARG C 491 -34.72 -20.45 -19.85
N GLY C 492 -35.03 -19.19 -20.17
CA GLY C 492 -35.17 -18.20 -19.12
C GLY C 492 -36.31 -18.49 -18.18
N ILE C 493 -37.47 -18.86 -18.72
CA ILE C 493 -38.61 -19.20 -17.86
C ILE C 493 -38.27 -20.37 -16.95
N GLN C 494 -37.64 -21.41 -17.51
CA GLN C 494 -37.29 -22.58 -16.72
C GLN C 494 -36.30 -22.21 -15.62
N TYR C 495 -35.31 -21.37 -15.93
CA TYR C 495 -34.38 -20.92 -14.91
C TYR C 495 -35.13 -20.20 -13.79
N PHE C 496 -36.06 -19.31 -14.14
CA PHE C 496 -36.80 -18.61 -13.11
C PHE C 496 -37.54 -19.60 -12.21
N LEU C 497 -38.26 -20.55 -12.82
CA LEU C 497 -39.05 -21.49 -12.03
C LEU C 497 -38.16 -22.29 -11.08
N GLN C 498 -37.09 -22.89 -11.60
CA GLN C 498 -36.25 -23.72 -10.74
C GLN C 498 -35.59 -22.89 -9.65
N ARG C 499 -35.08 -21.71 -9.98
CA ARG C 499 -34.19 -21.00 -9.07
C ARG C 499 -34.93 -20.12 -8.07
N ARG C 500 -36.14 -19.67 -8.39
CA ARG C 500 -36.94 -18.87 -7.48
C ARG C 500 -36.12 -17.75 -6.82
N PRO C 501 -35.56 -16.83 -7.59
CA PRO C 501 -34.75 -15.76 -7.00
C PRO C 501 -35.61 -14.62 -6.48
N SER C 502 -34.95 -13.68 -5.82
CA SER C 502 -35.61 -12.54 -5.20
C SER C 502 -35.91 -11.47 -6.25
N LEU C 503 -36.29 -10.28 -5.78
CA LEU C 503 -36.55 -9.14 -6.64
C LEU C 503 -35.60 -7.98 -6.39
N LYS C 504 -35.00 -7.90 -5.21
CA LYS C 504 -34.06 -6.82 -4.90
C LYS C 504 -32.64 -7.16 -5.34
N SER C 505 -32.25 -8.44 -5.24
CA SER C 505 -30.92 -8.92 -5.59
C SER C 505 -30.89 -9.72 -6.89
N LEU C 506 -31.75 -9.39 -7.85
CA LEU C 506 -31.76 -10.14 -9.11
C LEU C 506 -30.67 -9.68 -10.06
N PHE C 507 -30.14 -8.47 -9.90
CA PHE C 507 -29.04 -7.98 -10.72
C PHE C 507 -27.69 -8.22 -10.08
N VAL C 508 -27.64 -8.86 -8.92
CA VAL C 508 -26.38 -9.30 -8.33
C VAL C 508 -26.20 -10.81 -8.46
N ASP C 509 -27.27 -11.58 -8.29
CA ASP C 509 -27.15 -13.03 -8.35
C ASP C 509 -26.88 -13.49 -9.77
N SER C 510 -27.65 -12.99 -10.74
CA SER C 510 -27.57 -13.44 -12.13
C SER C 510 -27.74 -12.24 -13.04
N TYR C 511 -26.64 -11.75 -13.61
CA TYR C 511 -26.69 -10.63 -14.54
C TYR C 511 -26.96 -11.07 -15.97
N SER C 512 -26.60 -12.31 -16.32
CA SER C 512 -26.64 -12.78 -17.69
C SER C 512 -27.91 -13.53 -18.03
N GLU C 513 -28.53 -14.20 -17.05
CA GLU C 513 -29.82 -14.83 -17.33
C GLU C 513 -30.85 -13.78 -17.69
N ILE C 514 -30.85 -12.66 -16.98
CA ILE C 514 -31.76 -11.56 -17.28
C ILE C 514 -31.53 -11.06 -18.70
N LEU C 515 -30.27 -10.92 -19.09
CA LEU C 515 -29.99 -10.31 -20.39
C LEU C 515 -30.34 -11.26 -21.52
N PHE C 516 -30.08 -12.56 -21.35
CA PHE C 516 -30.50 -13.50 -22.37
C PHE C 516 -32.02 -13.54 -22.49
N PHE C 517 -32.71 -13.52 -21.35
CA PHE C 517 -34.16 -13.49 -21.39
C PHE C 517 -34.67 -12.23 -22.08
N VAL C 518 -34.03 -11.08 -21.83
CA VAL C 518 -34.46 -9.83 -22.43
C VAL C 518 -34.25 -9.84 -23.93
N GLN C 519 -33.11 -10.37 -24.37
CA GLN C 519 -32.89 -10.51 -25.80
C GLN C 519 -33.98 -11.38 -26.42
N SER C 520 -34.32 -12.49 -25.76
CA SER C 520 -35.41 -13.34 -26.27
C SER C 520 -36.73 -12.58 -26.32
N LEU C 521 -37.02 -11.76 -25.30
CA LEU C 521 -38.24 -10.97 -25.30
C LEU C 521 -38.29 -10.03 -26.50
N PHE C 522 -37.19 -9.35 -26.78
CA PHE C 522 -37.18 -8.44 -27.92
C PHE C 522 -37.37 -9.21 -29.23
N MET C 523 -36.74 -10.37 -29.37
CA MET C 523 -36.92 -11.16 -30.58
C MET C 523 -38.38 -11.58 -30.73
N LEU C 524 -39.03 -12.00 -29.64
CA LEU C 524 -40.41 -12.45 -29.73
C LEU C 524 -41.37 -11.29 -29.99
N VAL C 525 -41.10 -10.12 -29.41
CA VAL C 525 -41.92 -8.95 -29.71
C VAL C 525 -41.79 -8.56 -31.17
N SER C 526 -40.56 -8.63 -31.72
CA SER C 526 -40.40 -8.35 -33.14
C SER C 526 -41.17 -9.36 -33.98
N VAL C 527 -41.19 -10.62 -33.56
CA VAL C 527 -42.00 -11.61 -34.26
C VAL C 527 -43.47 -11.22 -34.21
N VAL C 528 -43.94 -10.79 -33.04
CA VAL C 528 -45.34 -10.42 -32.88
C VAL C 528 -45.69 -9.24 -33.77
N LEU C 529 -44.75 -8.32 -33.99
CA LEU C 529 -44.99 -7.14 -34.82
C LEU C 529 -44.57 -7.31 -36.27
N TYR C 530 -44.12 -8.50 -36.67
CA TYR C 530 -43.83 -8.77 -38.07
C TYR C 530 -44.98 -9.46 -38.80
N PHE C 531 -45.87 -10.11 -38.06
CA PHE C 531 -47.12 -10.62 -38.60
C PHE C 531 -48.31 -9.72 -38.28
N SER C 532 -48.05 -8.53 -37.72
CA SER C 532 -49.09 -7.58 -37.38
C SER C 532 -49.05 -6.34 -38.25
N GLN C 533 -48.48 -6.45 -39.46
CA GLN C 533 -48.47 -5.36 -40.44
C GLN C 533 -48.04 -4.05 -39.79
N ARG C 534 -46.79 -4.05 -39.32
CA ARG C 534 -46.22 -2.88 -38.69
C ARG C 534 -44.70 -2.92 -38.88
N LYS C 535 -44.11 -1.75 -39.09
CA LYS C 535 -42.70 -1.63 -39.37
C LYS C 535 -41.89 -1.23 -38.14
N GLU C 536 -42.51 -1.23 -36.96
CA GLU C 536 -41.79 -0.99 -35.72
C GLU C 536 -41.03 -2.22 -35.25
N TYR C 537 -41.24 -3.38 -35.88
CA TYR C 537 -40.53 -4.59 -35.48
C TYR C 537 -39.02 -4.38 -35.53
N VAL C 538 -38.54 -3.57 -36.49
CA VAL C 538 -37.11 -3.31 -36.60
C VAL C 538 -36.59 -2.68 -35.31
N ALA C 539 -37.31 -1.70 -34.77
CA ALA C 539 -36.87 -1.08 -33.52
C ALA C 539 -36.64 -2.12 -32.43
N SER C 540 -37.40 -3.21 -32.45
CA SER C 540 -37.14 -4.32 -31.55
C SER C 540 -35.89 -5.08 -31.98
N MET C 541 -35.90 -5.57 -33.22
CA MET C 541 -34.83 -6.44 -33.70
C MET C 541 -33.47 -5.82 -33.48
N VAL C 542 -33.30 -4.56 -33.85
CA VAL C 542 -32.02 -3.87 -33.65
C VAL C 542 -31.53 -4.07 -32.22
N PHE C 543 -32.35 -3.66 -31.25
CA PHE C 543 -32.05 -3.86 -29.84
C PHE C 543 -31.56 -5.27 -29.61
N SER C 544 -32.42 -6.23 -29.94
CA SER C 544 -32.10 -7.64 -29.78
C SER C 544 -30.69 -7.93 -30.27
N LEU C 545 -30.42 -7.61 -31.53
CA LEU C 545 -29.14 -7.92 -32.16
C LEU C 545 -27.97 -7.36 -31.37
N ALA C 546 -28.07 -6.07 -31.02
CA ALA C 546 -27.06 -5.43 -30.18
C ALA C 546 -26.79 -6.27 -28.95
N MET C 547 -27.83 -6.48 -28.15
CA MET C 547 -27.66 -7.28 -26.95
C MET C 547 -27.01 -8.61 -27.29
N GLY C 548 -27.48 -9.26 -28.36
CA GLY C 548 -26.94 -10.51 -28.83
C GLY C 548 -25.44 -10.49 -28.83
N TRP C 549 -24.88 -9.62 -29.66
CA TRP C 549 -23.43 -9.58 -29.83
C TRP C 549 -22.74 -9.20 -28.53
N THR C 550 -23.28 -8.22 -27.81
CA THR C 550 -22.69 -7.81 -26.55
C THR C 550 -22.66 -8.95 -25.54
N ASN C 551 -23.59 -9.89 -25.67
CA ASN C 551 -23.68 -11.04 -24.77
C ASN C 551 -22.63 -12.09 -25.04
N MET C 552 -21.88 -11.97 -26.13
CA MET C 552 -20.82 -12.93 -26.38
C MET C 552 -19.83 -12.94 -25.22
N LEU C 553 -19.72 -11.84 -24.50
CA LEU C 553 -18.83 -11.78 -23.36
C LEU C 553 -19.17 -12.85 -22.32
N TYR C 554 -20.41 -13.32 -22.31
CA TYR C 554 -20.79 -14.38 -21.38
C TYR C 554 -19.85 -15.57 -21.49
N TYR C 555 -19.40 -15.86 -22.71
CA TYR C 555 -18.59 -17.05 -22.96
C TYR C 555 -17.12 -16.85 -22.65
N THR C 556 -16.72 -15.66 -22.21
CA THR C 556 -15.34 -15.43 -21.81
C THR C 556 -15.07 -15.87 -20.39
N ARG C 557 -15.97 -16.67 -19.81
CA ARG C 557 -15.75 -17.24 -18.49
C ARG C 557 -14.97 -18.55 -18.55
N GLY C 558 -14.92 -19.19 -19.71
CA GLY C 558 -14.11 -20.37 -19.88
C GLY C 558 -12.63 -20.07 -19.93
N PHE C 559 -12.25 -18.80 -20.00
CA PHE C 559 -10.87 -18.36 -20.00
C PHE C 559 -10.66 -17.38 -18.85
N GLN C 560 -9.61 -17.61 -18.06
CA GLN C 560 -9.46 -16.88 -16.80
C GLN C 560 -9.23 -15.39 -17.05
N GLN C 561 -8.22 -15.07 -17.86
CA GLN C 561 -7.80 -13.67 -17.97
C GLN C 561 -8.81 -12.82 -18.72
N MET C 562 -9.81 -13.43 -19.33
CA MET C 562 -10.92 -12.70 -19.93
C MET C 562 -12.17 -12.74 -19.06
N GLY C 563 -12.38 -13.84 -18.34
CA GLY C 563 -13.50 -13.90 -17.42
C GLY C 563 -13.38 -12.87 -16.33
N ILE C 564 -12.15 -12.64 -15.84
CA ILE C 564 -11.97 -11.63 -14.81
C ILE C 564 -12.28 -10.24 -15.36
N TYR C 565 -11.92 -10.00 -16.62
CA TYR C 565 -12.25 -8.72 -17.25
C TYR C 565 -13.76 -8.52 -17.36
N ALA C 566 -14.48 -9.56 -17.76
CA ALA C 566 -15.94 -9.45 -17.85
C ALA C 566 -16.55 -9.25 -16.48
N VAL C 567 -15.99 -9.88 -15.44
CA VAL C 567 -16.47 -9.66 -14.09
C VAL C 567 -16.29 -8.20 -13.69
N MET C 568 -15.13 -7.62 -13.99
CA MET C 568 -14.91 -6.22 -13.66
C MET C 568 -15.90 -5.32 -14.38
N ILE C 569 -16.17 -5.61 -15.65
CA ILE C 569 -17.16 -4.83 -16.40
C ILE C 569 -18.51 -4.91 -15.69
N GLU C 570 -18.89 -6.12 -15.28
CA GLU C 570 -20.13 -6.31 -14.54
C GLU C 570 -20.21 -5.41 -13.32
N LYS C 571 -19.18 -5.48 -12.47
CA LYS C 571 -19.23 -4.77 -11.20
C LYS C 571 -19.28 -3.26 -11.41
N MET C 572 -18.47 -2.74 -12.34
CA MET C 572 -18.50 -1.31 -12.58
C MET C 572 -19.86 -0.87 -13.12
N ILE C 573 -20.42 -1.61 -14.08
CA ILE C 573 -21.72 -1.23 -14.61
C ILE C 573 -22.75 -1.20 -13.50
N LEU C 574 -22.64 -2.10 -12.53
CA LEU C 574 -23.66 -2.14 -11.48
C LEU C 574 -23.50 -0.98 -10.50
N ARG C 575 -22.27 -0.66 -10.07
CA ARG C 575 -22.08 0.35 -9.03
C ARG C 575 -21.78 1.75 -9.59
N ASP C 576 -20.67 1.87 -10.31
CA ASP C 576 -20.09 3.18 -10.56
C ASP C 576 -20.92 3.98 -11.56
N LEU C 577 -21.34 3.34 -12.64
CA LEU C 577 -22.14 4.07 -13.60
C LEU C 577 -23.48 4.49 -13.00
N CYS C 578 -24.08 3.68 -12.14
CA CYS C 578 -25.33 4.10 -11.52
C CYS C 578 -25.13 5.36 -10.68
N ARG C 579 -24.16 5.33 -9.76
CA ARG C 579 -23.93 6.52 -8.93
C ARG C 579 -23.61 7.73 -9.80
N PHE C 580 -22.64 7.58 -10.69
CA PHE C 580 -22.17 8.70 -11.47
C PHE C 580 -23.27 9.25 -12.36
N MET C 581 -24.11 8.37 -12.91
CA MET C 581 -25.15 8.84 -13.81
C MET C 581 -26.26 9.56 -13.06
N PHE C 582 -26.57 9.15 -11.84
CA PHE C 582 -27.52 9.95 -11.07
C PHE C 582 -26.98 11.35 -10.85
N VAL C 583 -25.74 11.45 -10.34
CA VAL C 583 -25.20 12.79 -10.05
C VAL C 583 -25.08 13.61 -11.32
N TYR C 584 -24.59 12.99 -12.39
CA TYR C 584 -24.39 13.69 -13.65
C TYR C 584 -25.71 14.17 -14.24
N LEU C 585 -26.77 13.37 -14.11
CA LEU C 585 -28.06 13.81 -14.63
C LEU C 585 -28.65 14.93 -13.80
N VAL C 586 -28.43 14.90 -12.48
CA VAL C 586 -28.83 16.05 -11.66
C VAL C 586 -28.16 17.32 -12.19
N PHE C 587 -26.84 17.26 -12.38
CA PHE C 587 -26.12 18.45 -12.85
C PHE C 587 -26.58 18.88 -14.24
N LEU C 588 -26.69 17.91 -15.16
CA LEU C 588 -27.04 18.24 -16.54
C LEU C 588 -28.43 18.86 -16.61
N PHE C 589 -29.40 18.28 -15.92
CA PHE C 589 -30.75 18.83 -15.95
C PHE C 589 -30.80 20.20 -15.29
N GLY C 590 -30.12 20.36 -14.14
CA GLY C 590 -30.09 21.67 -13.52
C GLY C 590 -29.60 22.74 -14.47
N PHE C 591 -28.43 22.51 -15.07
CA PHE C 591 -27.85 23.55 -15.92
C PHE C 591 -28.57 23.69 -17.25
N SER C 592 -29.23 22.64 -17.75
CA SER C 592 -29.93 22.77 -19.02
C SER C 592 -31.27 23.48 -18.85
N THR C 593 -31.95 23.27 -17.73
CA THR C 593 -33.08 24.12 -17.39
C THR C 593 -32.63 25.56 -17.19
N ALA C 594 -31.50 25.75 -16.49
CA ALA C 594 -30.96 27.09 -16.32
C ALA C 594 -30.62 27.76 -17.66
N VAL C 595 -30.27 26.98 -18.67
CA VAL C 595 -29.90 27.55 -19.96
C VAL C 595 -31.06 27.67 -20.96
N VAL C 596 -32.14 26.92 -20.76
CA VAL C 596 -33.34 27.11 -21.59
C VAL C 596 -34.28 28.18 -21.03
N THR C 597 -34.21 28.47 -19.73
CA THR C 597 -34.90 29.61 -19.16
C THR C 597 -34.26 30.94 -19.53
N LEU C 598 -33.16 30.92 -20.28
CA LEU C 598 -32.49 32.12 -20.77
C LEU C 598 -32.75 32.34 -22.25
N ILE C 599 -32.61 31.28 -23.06
CA ILE C 599 -32.82 31.40 -24.49
C ILE C 599 -34.23 31.90 -24.77
N GLU C 600 -34.42 32.52 -25.93
CA GLU C 600 -35.71 33.03 -26.35
C GLU C 600 -36.10 32.63 -27.77
N ASP C 601 -35.16 32.20 -28.61
CA ASP C 601 -35.46 31.77 -29.97
C ASP C 601 -36.16 32.86 -30.76
N GLY C 602 -35.45 33.99 -30.90
CA GLY C 602 -35.97 35.12 -31.65
C GLY C 602 -34.88 35.90 -32.35
N ASN C 625 -30.90 25.26 -35.21
CA ASN C 625 -32.09 26.09 -35.09
C ASN C 625 -33.00 25.57 -33.98
N SER C 626 -33.97 26.38 -33.58
CA SER C 626 -34.93 26.01 -32.55
C SER C 626 -34.22 25.52 -31.30
N TYR C 627 -33.15 26.23 -30.92
CA TYR C 627 -32.43 25.89 -29.69
C TYR C 627 -33.30 26.05 -28.44
N ASN C 628 -34.44 26.73 -28.55
CA ASN C 628 -35.30 26.90 -27.39
C ASN C 628 -36.00 25.58 -27.10
N SER C 629 -35.20 24.54 -26.84
CA SER C 629 -35.67 23.21 -26.55
C SER C 629 -34.93 22.68 -25.34
N LEU C 630 -35.58 21.80 -24.59
CA LEU C 630 -34.88 21.14 -23.51
C LEU C 630 -34.20 19.87 -23.96
N TYR C 631 -34.71 19.22 -25.01
CA TYR C 631 -34.02 18.07 -25.58
C TYR C 631 -32.72 18.50 -26.25
N SER C 632 -32.78 19.53 -27.11
CA SER C 632 -31.58 19.93 -27.83
C SER C 632 -30.56 20.57 -26.91
N THR C 633 -31.00 21.27 -25.86
CA THR C 633 -30.05 21.79 -24.89
C THR C 633 -29.45 20.66 -24.07
N CYS C 634 -30.27 19.67 -23.70
CA CYS C 634 -29.72 18.51 -22.99
C CYS C 634 -28.65 17.83 -23.83
N LEU C 635 -28.87 17.71 -25.12
CA LEU C 635 -27.85 17.11 -25.98
C LEU C 635 -26.62 18.01 -26.04
N GLU C 636 -26.78 19.23 -26.55
CA GLU C 636 -25.65 20.13 -26.73
C GLU C 636 -24.82 20.30 -25.47
N LEU C 637 -25.40 20.06 -24.29
CA LEU C 637 -24.61 20.05 -23.07
C LEU C 637 -24.08 18.67 -22.71
N PHE C 638 -24.70 17.60 -23.21
CA PHE C 638 -24.11 16.28 -23.03
C PHE C 638 -22.82 16.16 -23.83
N LYS C 639 -22.81 16.70 -25.04
CA LYS C 639 -21.64 16.57 -25.91
C LYS C 639 -20.39 17.04 -25.20
N PHE C 640 -20.49 18.09 -24.39
CA PHE C 640 -19.33 18.57 -23.64
C PHE C 640 -18.58 17.43 -22.96
N THR C 641 -19.29 16.36 -22.59
CA THR C 641 -18.66 15.26 -21.88
C THR C 641 -17.84 14.37 -22.81
N ILE C 642 -18.18 14.31 -24.09
CA ILE C 642 -17.47 13.48 -25.06
C ILE C 642 -16.50 14.31 -25.90
N GLY C 643 -16.06 15.45 -25.38
CA GLY C 643 -15.09 16.26 -26.10
C GLY C 643 -15.57 16.77 -27.44
N MET C 644 -16.83 17.22 -27.51
CA MET C 644 -17.34 17.82 -28.74
C MET C 644 -18.20 19.03 -28.44
N GLY C 645 -17.96 19.69 -27.31
CA GLY C 645 -18.81 20.78 -26.86
C GLY C 645 -18.39 22.12 -27.43
N ASP C 646 -19.30 22.79 -28.13
CA ASP C 646 -19.01 24.08 -28.76
C ASP C 646 -19.51 25.17 -27.84
N LEU C 647 -18.58 25.83 -27.13
CA LEU C 647 -18.96 26.76 -26.08
C LEU C 647 -19.91 27.84 -26.57
N GLU C 648 -20.01 28.07 -27.88
CA GLU C 648 -20.94 29.04 -28.44
C GLU C 648 -21.73 28.37 -29.56
N PHE C 649 -22.84 27.72 -29.19
CA PHE C 649 -23.71 27.07 -30.15
C PHE C 649 -24.98 27.88 -30.43
N THR C 650 -25.10 29.07 -29.86
CA THR C 650 -26.31 29.86 -30.07
C THR C 650 -26.02 31.32 -29.72
N GLU C 651 -26.72 32.21 -30.42
CA GLU C 651 -26.62 33.65 -30.20
C GLU C 651 -27.95 34.22 -29.73
N ASN C 652 -28.88 33.38 -29.30
CA ASN C 652 -30.20 33.82 -28.84
C ASN C 652 -30.16 33.85 -27.32
N TYR C 653 -29.93 35.04 -26.76
CA TYR C 653 -29.86 35.23 -25.32
C TYR C 653 -29.79 36.72 -25.01
N ASP C 654 -30.44 37.11 -23.92
CA ASP C 654 -30.42 38.51 -23.51
C ASP C 654 -29.01 38.96 -23.14
N PHE C 655 -28.34 38.20 -22.27
CA PHE C 655 -27.06 38.58 -21.71
C PHE C 655 -26.02 37.50 -22.01
N LYS C 656 -24.82 37.93 -22.39
CA LYS C 656 -23.73 37.04 -22.75
C LYS C 656 -22.93 36.58 -21.55
N ALA C 657 -22.72 37.48 -20.58
CA ALA C 657 -21.99 37.11 -19.37
C ALA C 657 -22.68 35.95 -18.67
N VAL C 658 -24.01 36.00 -18.56
CA VAL C 658 -24.74 34.94 -17.85
C VAL C 658 -24.57 33.62 -18.58
N PHE C 659 -24.80 33.63 -19.90
CA PHE C 659 -24.68 32.41 -20.70
C PHE C 659 -23.30 31.79 -20.55
N ILE C 660 -22.25 32.60 -20.70
CA ILE C 660 -20.91 32.04 -20.73
C ILE C 660 -20.46 31.62 -19.33
N ILE C 661 -20.85 32.36 -18.31
CA ILE C 661 -20.57 31.92 -16.94
C ILE C 661 -21.26 30.59 -16.67
N LEU C 662 -22.47 30.44 -17.21
CA LEU C 662 -23.24 29.22 -17.03
C LEU C 662 -22.54 28.02 -17.65
N LEU C 663 -22.11 28.17 -18.90
CA LEU C 663 -21.42 27.08 -19.60
C LEU C 663 -20.08 26.77 -18.95
N LEU C 664 -19.34 27.80 -18.52
CA LEU C 664 -18.06 27.56 -17.85
C LEU C 664 -18.25 26.83 -16.53
N ALA C 665 -19.26 27.21 -15.77
CA ALA C 665 -19.56 26.49 -14.53
C ALA C 665 -19.90 25.04 -14.84
N TYR C 666 -20.68 24.80 -15.89
CA TYR C 666 -21.03 23.43 -16.24
C TYR C 666 -19.79 22.61 -16.60
N VAL C 667 -18.92 23.19 -17.43
CA VAL C 667 -17.71 22.47 -17.86
C VAL C 667 -16.81 22.17 -16.67
N ILE C 668 -16.57 23.17 -15.83
CA ILE C 668 -15.70 22.97 -14.68
C ILE C 668 -16.30 21.94 -13.73
N LEU C 669 -17.63 21.90 -13.62
CA LEU C 669 -18.24 21.05 -12.61
C LEU C 669 -18.39 19.61 -13.08
N THR C 670 -18.69 19.39 -14.36
CA THR C 670 -18.86 18.04 -14.89
C THR C 670 -17.62 17.54 -15.62
N TYR C 671 -17.16 18.26 -16.64
CA TYR C 671 -16.08 17.75 -17.48
C TYR C 671 -14.77 17.65 -16.71
N ILE C 672 -14.38 18.72 -16.02
CA ILE C 672 -13.08 18.71 -15.33
C ILE C 672 -13.18 18.03 -13.98
N LEU C 673 -14.21 18.35 -13.20
CA LEU C 673 -14.29 17.85 -11.83
C LEU C 673 -14.89 16.45 -11.78
N LEU C 674 -16.12 16.29 -12.24
CA LEU C 674 -16.81 15.02 -12.06
C LEU C 674 -16.16 13.91 -12.86
N LEU C 675 -15.84 14.15 -14.13
CA LEU C 675 -15.42 13.06 -14.99
C LEU C 675 -14.05 12.51 -14.57
N ASN C 676 -13.10 13.40 -14.26
CA ASN C 676 -11.82 12.94 -13.73
C ASN C 676 -11.99 12.28 -12.37
N MET C 677 -12.98 12.72 -11.59
CA MET C 677 -13.26 12.06 -10.33
C MET C 677 -13.76 10.64 -10.56
N LEU C 678 -14.57 10.45 -11.61
CA LEU C 678 -15.01 9.11 -11.98
C LEU C 678 -13.81 8.24 -12.36
N ILE C 679 -12.87 8.82 -13.09
CA ILE C 679 -11.65 8.07 -13.42
C ILE C 679 -10.94 7.64 -12.15
N ALA C 680 -10.81 8.57 -11.18
CA ALA C 680 -10.14 8.24 -9.93
C ALA C 680 -10.86 7.14 -9.17
N LEU C 681 -12.19 7.23 -9.09
CA LEU C 681 -12.95 6.22 -8.36
C LEU C 681 -12.90 4.87 -9.05
N MET C 682 -12.93 4.86 -10.38
CA MET C 682 -12.70 3.61 -11.10
C MET C 682 -11.34 3.02 -10.77
N GLY C 683 -10.32 3.86 -10.69
CA GLY C 683 -9.00 3.38 -10.31
C GLY C 683 -9.02 2.70 -8.96
N GLU C 684 -9.63 3.37 -7.97
CA GLU C 684 -9.66 2.79 -6.63
C GLU C 684 -10.47 1.51 -6.59
N THR C 685 -11.63 1.49 -7.26
CA THR C 685 -12.46 0.29 -7.26
C THR C 685 -11.74 -0.88 -7.91
N VAL C 686 -11.01 -0.61 -9.01
CA VAL C 686 -10.22 -1.66 -9.64
C VAL C 686 -9.21 -2.19 -8.63
N ASN C 687 -8.46 -1.29 -8.00
CA ASN C 687 -7.40 -1.74 -7.11
C ASN C 687 -7.95 -2.52 -5.92
N LYS C 688 -9.20 -2.25 -5.53
CA LYS C 688 -9.85 -3.07 -4.51
C LYS C 688 -10.27 -4.45 -5.03
N ILE C 689 -11.04 -4.49 -6.11
CA ILE C 689 -11.71 -5.73 -6.51
C ILE C 689 -10.82 -6.65 -7.33
N ALA C 690 -9.54 -6.31 -7.46
CA ALA C 690 -8.59 -7.16 -8.15
C ALA C 690 -8.75 -8.64 -7.82
N GLN C 691 -9.09 -8.97 -6.57
CA GLN C 691 -9.14 -10.36 -6.12
C GLN C 691 -10.55 -10.96 -6.09
N GLU C 692 -11.54 -10.19 -5.65
CA GLU C 692 -12.93 -10.67 -5.68
C GLU C 692 -13.37 -11.06 -7.09
N SER C 693 -12.80 -10.44 -8.11
CA SER C 693 -13.12 -10.82 -9.48
C SER C 693 -12.69 -12.25 -9.79
N LYS C 694 -11.50 -12.66 -9.33
CA LYS C 694 -11.08 -14.04 -9.53
C LYS C 694 -12.04 -15.01 -8.86
N ASN C 695 -12.44 -14.71 -7.62
CA ASN C 695 -13.33 -15.59 -6.89
C ASN C 695 -14.66 -15.72 -7.63
N ILE C 696 -15.22 -14.59 -8.08
CA ILE C 696 -16.51 -14.66 -8.76
C ILE C 696 -16.39 -15.39 -10.08
N TRP C 697 -15.26 -15.24 -10.79
CA TRP C 697 -15.08 -16.01 -12.02
C TRP C 697 -15.06 -17.51 -11.72
N LYS C 698 -14.33 -17.90 -10.68
CA LYS C 698 -14.30 -19.30 -10.29
C LYS C 698 -15.71 -19.82 -10.03
N LEU C 699 -16.51 -19.04 -9.30
CA LEU C 699 -17.88 -19.49 -9.02
C LEU C 699 -18.71 -19.57 -10.30
N GLN C 700 -18.50 -18.62 -11.22
CA GLN C 700 -19.23 -18.66 -12.49
C GLN C 700 -18.92 -19.94 -13.25
N ARG C 701 -17.64 -20.29 -13.34
CA ARG C 701 -17.27 -21.52 -14.05
C ARG C 701 -17.83 -22.73 -13.33
N ALA C 702 -17.84 -22.72 -12.00
CA ALA C 702 -18.45 -23.83 -11.27
C ALA C 702 -19.90 -24.02 -11.66
N ILE C 703 -20.67 -22.92 -11.71
CA ILE C 703 -22.07 -23.03 -12.12
C ILE C 703 -22.17 -23.54 -13.54
N THR C 704 -21.25 -23.12 -14.41
CA THR C 704 -21.27 -23.62 -15.79
C THR C 704 -21.11 -25.13 -15.81
N ILE C 705 -20.17 -25.64 -15.02
CA ILE C 705 -19.93 -27.09 -15.00
C ILE C 705 -21.18 -27.81 -14.51
N LEU C 706 -21.77 -27.33 -13.41
CA LEU C 706 -22.93 -28.01 -12.86
C LEU C 706 -24.08 -28.00 -13.86
N ASP C 707 -24.34 -26.86 -14.50
CA ASP C 707 -25.43 -26.79 -15.45
C ASP C 707 -25.19 -27.73 -16.64
N THR C 708 -23.96 -27.77 -17.13
CA THR C 708 -23.68 -28.65 -18.26
C THR C 708 -23.90 -30.11 -17.89
N GLU C 709 -23.42 -30.54 -16.72
CA GLU C 709 -23.62 -31.94 -16.36
C GLU C 709 -25.10 -32.25 -16.15
N LYS C 710 -25.85 -31.35 -15.52
CA LYS C 710 -27.29 -31.58 -15.39
C LYS C 710 -27.99 -31.66 -16.74
N SER C 711 -27.52 -30.90 -17.73
CA SER C 711 -28.25 -30.85 -19.00
C SER C 711 -28.15 -32.18 -19.74
N PHE C 712 -26.94 -32.72 -19.86
CA PHE C 712 -26.71 -33.94 -20.66
C PHE C 712 -26.64 -35.18 -19.78
N LEU C 713 -27.44 -35.26 -18.73
CA LEU C 713 -27.57 -36.53 -18.02
C LEU C 713 -28.11 -37.62 -18.93
N LYS C 714 -28.89 -37.24 -19.95
CA LYS C 714 -29.45 -38.22 -20.87
C LYS C 714 -28.34 -38.87 -21.70
N CYS C 715 -27.42 -38.07 -22.24
CA CYS C 715 -26.36 -38.61 -23.07
C CYS C 715 -25.45 -39.54 -22.26
N MET C 716 -24.96 -39.05 -21.12
CA MET C 716 -24.13 -39.86 -20.22
C MET C 716 -24.49 -39.45 -18.79
N ARG C 717 -25.45 -40.17 -18.20
CA ARG C 717 -25.87 -39.85 -16.84
C ARG C 717 -24.82 -40.27 -15.82
N LYS C 718 -24.27 -41.48 -15.98
CA LYS C 718 -23.31 -42.03 -15.04
C LYS C 718 -21.99 -42.44 -15.70
N ALA C 719 -21.82 -42.15 -16.99
CA ALA C 719 -20.56 -42.49 -17.64
C ALA C 719 -19.39 -41.75 -17.01
N PHE C 720 -19.58 -40.46 -16.72
CA PHE C 720 -18.55 -39.63 -16.11
C PHE C 720 -18.85 -39.49 -14.62
N ARG C 721 -18.35 -40.43 -13.83
CA ARG C 721 -18.39 -40.33 -12.38
C ARG C 721 -17.01 -39.94 -11.88
N SER C 722 -16.97 -38.96 -10.99
CA SER C 722 -15.70 -38.47 -10.48
C SER C 722 -15.00 -39.54 -9.64
N GLY C 723 -13.69 -39.64 -9.81
CA GLY C 723 -12.92 -40.56 -9.02
C GLY C 723 -13.11 -42.00 -9.45
N LYS C 724 -12.66 -42.91 -8.59
CA LYS C 724 -12.71 -44.34 -8.82
C LYS C 724 -13.29 -45.03 -7.60
N LEU C 725 -14.00 -46.13 -7.84
CA LEU C 725 -14.58 -46.92 -6.77
C LEU C 725 -13.49 -47.78 -6.15
N LEU C 726 -13.06 -47.43 -4.94
CA LEU C 726 -11.91 -48.05 -4.30
C LEU C 726 -12.30 -48.62 -2.94
N GLN C 727 -11.45 -49.53 -2.46
CA GLN C 727 -11.53 -50.03 -1.09
C GLN C 727 -10.41 -49.37 -0.28
N VAL C 728 -10.79 -48.59 0.73
CA VAL C 728 -9.81 -47.92 1.58
C VAL C 728 -9.39 -48.82 2.74
N GLY C 729 -10.32 -49.58 3.29
CA GLY C 729 -10.03 -50.44 4.42
C GLY C 729 -11.28 -51.21 4.81
N PHE C 730 -11.16 -51.95 5.90
CA PHE C 730 -12.27 -52.74 6.41
C PHE C 730 -13.01 -51.97 7.50
N THR C 731 -14.18 -52.47 7.86
CA THR C 731 -15.00 -51.90 8.91
C THR C 731 -15.53 -53.00 9.81
N PRO C 732 -15.71 -52.74 11.10
CA PRO C 732 -16.28 -53.76 11.99
C PRO C 732 -17.68 -54.20 11.59
N ASP C 733 -18.46 -53.30 10.98
CA ASP C 733 -19.86 -53.61 10.71
C ASP C 733 -20.01 -54.80 9.78
N GLY C 734 -19.33 -54.77 8.63
CA GLY C 734 -19.45 -55.84 7.66
C GLY C 734 -18.16 -56.16 6.93
N LYS C 735 -17.04 -55.65 7.42
CA LYS C 735 -15.73 -55.89 6.81
C LYS C 735 -15.69 -55.39 5.37
N ASP C 736 -16.46 -54.33 5.07
CA ASP C 736 -16.53 -53.78 3.72
C ASP C 736 -16.50 -52.26 3.81
N ASP C 737 -15.64 -51.64 2.99
CA ASP C 737 -15.61 -50.18 2.87
C ASP C 737 -15.22 -49.85 1.43
N TYR C 738 -16.23 -49.65 0.59
CA TYR C 738 -16.04 -49.35 -0.82
C TYR C 738 -16.68 -48.00 -1.10
N ARG C 739 -15.87 -47.05 -1.58
CA ARG C 739 -16.34 -45.68 -1.75
C ARG C 739 -15.80 -45.11 -3.06
N TRP C 740 -16.54 -44.13 -3.58
CA TRP C 740 -16.15 -43.44 -4.82
C TRP C 740 -15.13 -42.36 -4.45
N CYS C 741 -13.87 -42.76 -4.37
CA CYS C 741 -12.84 -41.90 -3.81
C CYS C 741 -12.06 -41.20 -4.91
N PHE C 742 -11.42 -40.10 -4.53
CA PHE C 742 -10.72 -39.21 -5.46
C PHE C 742 -9.28 -39.04 -4.99
N ARG C 743 -8.33 -39.27 -5.88
CA ARG C 743 -6.91 -39.31 -5.53
C ARG C 743 -6.23 -37.99 -5.84
N VAL C 744 -5.35 -37.56 -4.93
CA VAL C 744 -4.48 -36.41 -5.16
C VAL C 744 -3.11 -36.69 -4.55
N ASP C 745 -2.07 -36.31 -5.27
CA ASP C 745 -0.71 -36.46 -4.77
C ASP C 745 -0.34 -35.30 -3.85
N GLU C 746 0.87 -35.35 -3.32
CA GLU C 746 1.39 -34.26 -2.49
C GLU C 746 2.84 -34.54 -2.17
N VAL C 747 3.53 -33.50 -1.70
CA VAL C 747 4.95 -33.62 -1.35
C VAL C 747 5.25 -32.69 -0.18
N ASN C 748 6.25 -33.07 0.62
CA ASN C 748 6.67 -32.25 1.75
C ASN C 748 8.07 -32.68 2.16
N TRP C 749 8.83 -31.74 2.70
CA TRP C 749 10.20 -31.99 3.15
C TRP C 749 10.42 -31.83 4.64
N THR C 750 9.69 -30.93 5.31
CA THR C 750 9.86 -30.77 6.74
C THR C 750 9.44 -32.04 7.49
N THR C 751 8.32 -32.64 7.09
CA THR C 751 7.79 -33.79 7.82
C THR C 751 8.79 -34.94 7.82
N TRP C 752 9.28 -35.32 6.65
CA TRP C 752 10.17 -36.46 6.51
C TRP C 752 9.57 -37.71 7.14
N ASP D 113 21.75 38.95 58.48
CA ASP D 113 21.42 39.55 57.20
C ASP D 113 20.56 38.59 56.37
N ARG D 114 19.64 39.15 55.58
CA ARG D 114 18.76 38.32 54.77
C ARG D 114 19.54 37.54 53.71
N ARG D 115 20.56 38.17 53.13
CA ARG D 115 21.32 37.46 52.10
C ARG D 115 22.21 36.41 52.72
N SER D 116 22.67 36.62 53.95
CA SER D 116 23.52 35.61 54.58
C SER D 116 22.73 34.32 54.79
N ILE D 117 21.50 34.45 55.31
CA ILE D 117 20.67 33.28 55.53
C ILE D 117 20.25 32.66 54.20
N PHE D 118 20.00 33.49 53.19
CA PHE D 118 19.68 32.94 51.87
C PHE D 118 20.84 32.11 51.32
N ASP D 119 22.06 32.63 51.46
CA ASP D 119 23.23 31.88 51.02
C ASP D 119 23.40 30.61 51.82
N ALA D 120 23.12 30.66 53.13
CA ALA D 120 23.27 29.48 53.97
C ALA D 120 22.28 28.39 53.58
N VAL D 121 21.00 28.75 53.43
CA VAL D 121 19.98 27.78 53.04
C VAL D 121 20.27 27.20 51.66
N ALA D 122 20.67 28.04 50.70
CA ALA D 122 21.14 27.51 49.43
C ALA D 122 22.39 26.64 49.61
N GLN D 123 23.18 26.92 50.64
CA GLN D 123 24.34 26.10 51.00
C GLN D 123 23.95 24.83 51.75
N SER D 124 22.71 24.71 52.21
CA SER D 124 22.25 23.51 52.90
C SER D 124 23.01 23.26 54.20
N ASN D 125 23.44 24.34 54.85
CA ASN D 125 24.15 24.26 56.12
C ASN D 125 23.42 25.11 57.15
N CYS D 126 23.22 24.54 58.34
CA CYS D 126 22.49 25.20 59.43
C CYS D 126 23.41 25.90 60.42
N GLN D 127 24.72 25.93 60.19
CA GLN D 127 25.62 26.54 61.16
C GLN D 127 25.28 28.01 61.37
N GLU D 128 25.05 28.75 60.28
CA GLU D 128 24.72 30.16 60.42
C GLU D 128 23.38 30.33 61.14
N LEU D 129 22.42 29.45 60.86
CA LEU D 129 21.13 29.50 61.55
C LEU D 129 21.30 29.28 63.04
N GLU D 130 22.10 28.29 63.42
CA GLU D 130 22.34 28.04 64.85
C GLU D 130 23.04 29.23 65.50
N SER D 131 24.00 29.83 64.79
CA SER D 131 24.70 30.98 65.33
C SER D 131 23.76 32.17 65.53
N LEU D 132 22.84 32.37 64.61
CA LEU D 132 21.98 33.55 64.62
C LEU D 132 20.71 33.38 65.43
N LEU D 133 20.32 32.13 65.75
CA LEU D 133 19.08 31.93 66.49
C LEU D 133 19.06 32.66 67.82
N PRO D 134 20.09 32.54 68.68
CA PRO D 134 20.06 33.32 69.94
C PRO D 134 19.97 34.81 69.71
N PHE D 135 20.70 35.34 68.73
CA PHE D 135 20.57 36.75 68.39
C PHE D 135 19.22 37.05 67.75
N LEU D 136 18.69 36.09 66.98
CA LEU D 136 17.36 36.27 66.40
C LEU D 136 16.32 36.48 67.47
N GLN D 137 16.37 35.69 68.55
CA GLN D 137 15.46 35.89 69.67
C GLN D 137 15.80 37.17 70.43
N ARG D 138 17.09 37.47 70.57
CA ARG D 138 17.48 38.66 71.33
C ARG D 138 16.91 39.93 70.72
N SER D 139 16.94 40.03 69.39
CA SER D 139 16.40 41.20 68.70
C SER D 139 14.93 41.42 69.05
N GLU D 152 9.82 42.48 46.31
CA GLU D 152 9.51 42.08 44.94
C GLU D 152 8.78 40.74 44.92
N THR D 153 9.55 39.66 45.11
CA THR D 153 8.97 38.32 45.12
C THR D 153 8.37 37.98 46.48
N GLY D 154 9.19 38.01 47.53
CA GLY D 154 8.73 37.66 48.86
C GLY D 154 8.91 36.21 49.23
N LYS D 155 9.83 35.50 48.57
CA LYS D 155 9.99 34.08 48.83
C LYS D 155 10.32 33.83 50.30
N THR D 156 9.66 32.84 50.88
CA THR D 156 9.84 32.50 52.29
C THR D 156 11.11 31.65 52.47
N CYS D 157 11.66 31.71 53.68
CA CYS D 157 12.88 30.95 53.97
C CYS D 157 12.65 29.46 53.80
N LEU D 158 11.56 28.94 54.37
CA LEU D 158 11.26 27.52 54.19
C LEU D 158 10.97 27.19 52.73
N LEU D 159 10.34 28.13 52.01
CA LEU D 159 10.12 27.93 50.58
C LEU D 159 11.44 27.74 49.84
N LYS D 160 12.41 28.61 50.10
CA LYS D 160 13.72 28.46 49.46
C LYS D 160 14.41 27.19 49.94
N ALA D 161 14.19 26.79 51.19
CA ALA D 161 14.81 25.58 51.71
C ALA D 161 14.33 24.35 50.96
N MET D 162 13.01 24.22 50.82
CA MET D 162 12.47 23.09 50.07
C MET D 162 12.83 23.19 48.58
N LEU D 163 12.85 24.40 48.04
CA LEU D 163 13.30 24.58 46.66
C LEU D 163 14.76 24.19 46.52
N ASN D 164 15.60 24.60 47.47
CA ASN D 164 17.01 24.20 47.51
C ASN D 164 17.19 22.99 48.41
N LEU D 165 16.48 21.93 48.06
CA LEU D 165 16.52 20.67 48.79
C LEU D 165 16.86 19.55 47.82
N HIS D 166 17.84 18.72 48.19
CA HIS D 166 18.26 17.59 47.37
C HIS D 166 18.38 16.36 48.26
N ASN D 167 17.71 15.28 47.84
CA ASN D 167 17.73 14.02 48.59
C ASN D 167 17.39 14.26 50.06
N GLY D 168 16.44 15.16 50.30
CA GLY D 168 16.06 15.51 51.65
C GLY D 168 17.19 16.15 52.43
N GLN D 169 18.06 16.92 51.77
CA GLN D 169 19.17 17.58 52.43
C GLN D 169 18.75 18.87 53.12
N ASN D 170 17.51 19.31 52.96
CA ASN D 170 17.02 20.54 53.56
C ASN D 170 16.24 20.18 54.82
N ASP D 171 16.81 20.47 55.98
CA ASP D 171 16.16 20.22 57.26
C ASP D 171 15.88 21.50 58.04
N THR D 172 16.34 22.66 57.57
CA THR D 172 16.12 23.92 58.27
C THR D 172 14.65 24.32 58.30
N ILE D 173 13.79 23.68 57.51
CA ILE D 173 12.37 23.99 57.55
C ILE D 173 11.81 23.68 58.94
N ALA D 174 12.18 22.52 59.50
CA ALA D 174 11.73 22.19 60.84
C ALA D 174 12.25 23.19 61.86
N LEU D 175 13.50 23.61 61.73
CA LEU D 175 14.07 24.58 62.65
C LEU D 175 13.29 25.90 62.59
N LEU D 176 13.02 26.38 61.38
CA LEU D 176 12.28 27.63 61.24
C LEU D 176 10.87 27.49 61.79
N LEU D 177 10.19 26.38 61.51
CA LEU D 177 8.85 26.18 62.03
C LEU D 177 8.84 26.17 63.55
N ASP D 178 9.80 25.46 64.16
CA ASP D 178 9.86 25.41 65.62
C ASP D 178 10.17 26.79 66.20
N VAL D 179 11.07 27.54 65.56
CA VAL D 179 11.39 28.88 66.05
C VAL D 179 10.16 29.77 66.00
N ALA D 180 9.40 29.70 64.89
CA ALA D 180 8.18 30.49 64.79
C ALA D 180 7.17 30.07 65.85
N ARG D 181 7.02 28.76 66.07
CA ARG D 181 6.08 28.28 67.09
C ARG D 181 6.47 28.80 68.47
N LYS D 182 7.75 28.79 68.80
CA LYS D 182 8.21 29.31 70.07
C LYS D 182 7.91 30.81 70.21
N THR D 183 7.76 31.51 69.10
CA THR D 183 7.44 32.94 69.13
C THR D 183 5.93 33.16 69.16
N LYS D 187 0.78 29.57 62.71
CA LYS D 187 -0.51 30.06 62.24
C LYS D 187 -0.33 31.22 61.28
N GLN D 188 0.33 32.28 61.75
CA GLN D 188 0.57 33.46 60.93
C GLN D 188 1.67 33.24 59.89
N PHE D 189 2.42 32.14 59.97
CA PHE D 189 3.47 31.84 59.00
C PHE D 189 3.16 30.64 58.13
N VAL D 190 2.33 29.71 58.60
CA VAL D 190 2.03 28.50 57.84
C VAL D 190 1.24 28.78 56.56
N ASN D 191 0.80 30.01 56.36
CA ASN D 191 0.09 30.42 55.15
C ASN D 191 0.86 31.46 54.35
N ALA D 192 2.19 31.41 54.39
CA ALA D 192 2.99 32.36 53.63
C ALA D 192 2.91 32.03 52.15
N SER D 193 2.66 33.05 51.33
CA SER D 193 2.39 32.87 49.91
C SER D 193 3.14 33.91 49.10
N TYR D 194 3.38 33.57 47.83
CA TYR D 194 3.99 34.50 46.90
C TYR D 194 3.12 35.75 46.74
N THR D 195 3.70 36.76 46.10
CA THR D 195 3.00 38.01 45.81
C THR D 195 3.12 38.47 44.37
N ASP D 196 4.16 38.06 43.65
CA ASP D 196 4.35 38.51 42.28
C ASP D 196 3.22 37.99 41.40
N SER D 197 2.85 38.80 40.40
CA SER D 197 1.75 38.42 39.51
C SER D 197 2.04 37.12 38.78
N TYR D 198 3.31 36.77 38.59
CA TYR D 198 3.64 35.55 37.87
C TYR D 198 3.31 34.31 38.70
N TYR D 199 3.69 34.32 39.98
CA TYR D 199 3.38 33.22 40.89
C TYR D 199 2.35 33.61 41.94
N LYS D 200 1.54 34.63 41.66
CA LYS D 200 0.65 35.21 42.66
C LYS D 200 -0.15 34.12 43.36
N GLY D 201 0.05 34.00 44.67
CA GLY D 201 -0.66 33.03 45.48
C GLY D 201 0.02 31.68 45.62
N GLN D 202 1.13 31.45 44.94
CA GLN D 202 1.83 30.17 45.04
C GLN D 202 2.15 29.88 46.49
N THR D 203 1.83 28.65 46.93
CA THR D 203 1.90 28.29 48.35
C THR D 203 2.96 27.21 48.56
N ALA D 204 3.44 27.14 49.80
CA ALA D 204 4.47 26.17 50.15
C ALA D 204 3.95 24.74 49.99
N LEU D 205 2.68 24.51 50.27
CA LEU D 205 2.10 23.19 50.06
C LEU D 205 2.17 22.78 48.61
N HIS D 206 1.87 23.73 47.70
CA HIS D 206 2.00 23.45 46.27
C HIS D 206 3.45 23.12 45.91
N ILE D 207 4.40 23.86 46.48
CA ILE D 207 5.81 23.59 46.18
C ILE D 207 6.19 22.19 46.65
N ALA D 208 5.73 21.80 47.84
CA ALA D 208 6.00 20.45 48.32
C ALA D 208 5.38 19.41 47.41
N ILE D 209 4.14 19.63 46.97
CA ILE D 209 3.45 18.63 46.15
C ILE D 209 4.12 18.49 44.80
N GLU D 210 4.55 19.61 44.21
CA GLU D 210 5.13 19.56 42.88
C GLU D 210 6.34 18.64 42.83
N ARG D 211 7.04 18.48 43.95
CA ARG D 211 8.24 17.65 44.03
C ARG D 211 7.93 16.23 44.49
N ARG D 212 6.66 15.88 44.66
CA ARG D 212 6.26 14.57 45.15
C ARG D 212 6.68 14.37 46.62
N ASN D 213 6.49 15.41 47.43
CA ASN D 213 6.93 15.41 48.82
C ASN D 213 5.81 14.92 49.71
N MET D 214 6.03 13.80 50.40
CA MET D 214 5.08 13.26 51.35
C MET D 214 5.41 13.66 52.79
N THR D 215 6.67 13.47 53.21
CA THR D 215 7.05 13.80 54.58
C THR D 215 6.88 15.29 54.85
N LEU D 216 7.41 16.14 53.96
CA LEU D 216 7.29 17.58 54.16
C LEU D 216 5.84 18.03 54.10
N VAL D 217 5.06 17.46 53.19
CA VAL D 217 3.64 17.83 53.08
C VAL D 217 2.90 17.46 54.36
N THR D 218 3.13 16.24 54.86
CA THR D 218 2.47 15.82 56.09
C THR D 218 2.90 16.69 57.27
N LEU D 219 4.19 17.02 57.34
CA LEU D 219 4.67 17.88 58.43
C LEU D 219 4.02 19.25 58.36
N LEU D 220 3.92 19.83 57.16
CA LEU D 220 3.27 21.13 57.02
C LEU D 220 1.81 21.06 57.43
N VAL D 221 1.11 20.01 57.01
CA VAL D 221 -0.30 19.88 57.33
C VAL D 221 -0.50 19.74 58.84
N GLU D 222 0.27 18.86 59.47
CA GLU D 222 0.15 18.68 60.91
C GLU D 222 0.50 19.96 61.67
N ASN D 223 1.56 20.64 61.25
CA ASN D 223 1.96 21.89 61.91
C ASN D 223 0.93 22.99 61.72
N GLY D 224 -0.01 22.84 60.79
CA GLY D 224 -1.06 23.81 60.58
C GLY D 224 -1.07 24.43 59.19
N ALA D 225 -0.02 24.25 58.39
CA ALA D 225 0.02 24.83 57.06
C ALA D 225 -1.11 24.28 56.19
N VAL D 227 -5.15 23.71 52.90
CA VAL D 227 -5.55 22.77 51.86
C VAL D 227 -6.51 23.44 50.88
N GLN D 228 -6.89 24.69 51.17
CA GLN D 228 -7.79 25.45 50.32
C GLN D 228 -7.12 26.71 49.79
N ALA D 229 -5.80 26.68 49.65
CA ALA D 229 -5.07 27.84 49.14
C ALA D 229 -5.34 28.02 47.66
N ALA D 230 -5.51 29.26 47.23
CA ALA D 230 -5.82 29.59 45.85
C ALA D 230 -4.61 30.22 45.19
N ALA D 231 -4.06 29.54 44.19
CA ALA D 231 -2.91 30.04 43.43
C ALA D 231 -3.39 30.69 42.14
N ASN D 232 -3.97 31.89 42.30
CA ASN D 232 -4.64 32.58 41.22
C ASN D 232 -3.70 33.40 40.34
N GLY D 233 -2.41 33.06 40.32
CA GLY D 233 -1.47 33.79 39.51
C GLY D 233 -1.54 33.42 38.04
N ASP D 234 -0.83 34.21 37.23
CA ASP D 234 -0.85 33.99 35.79
C ASP D 234 -0.26 32.63 35.43
N PHE D 235 0.86 32.26 36.08
CA PHE D 235 1.53 31.00 35.77
C PHE D 235 0.59 29.82 35.90
N PHE D 236 -0.41 29.92 36.77
CA PHE D 236 -1.35 28.83 37.04
C PHE D 236 -2.65 28.99 36.26
N LYS D 237 -2.72 29.94 35.33
CA LYS D 237 -3.92 30.16 34.53
C LYS D 237 -3.73 29.59 33.12
N ARG D 242 1.10 32.50 26.78
CA ARG D 242 2.36 32.40 27.53
C ARG D 242 2.59 30.95 27.98
N PRO D 243 3.81 30.67 28.43
CA PRO D 243 4.12 29.31 28.93
C PRO D 243 3.64 29.15 30.36
N GLY D 244 2.99 28.03 30.64
CA GLY D 244 2.47 27.79 31.97
C GLY D 244 1.85 26.42 32.08
N PHE D 245 1.51 26.05 33.31
CA PHE D 245 0.89 24.78 33.65
C PHE D 245 -0.40 25.06 34.40
N TYR D 246 -1.48 24.40 33.98
CA TYR D 246 -2.78 24.54 34.64
C TYR D 246 -3.20 23.22 35.27
N PHE D 247 -3.61 23.30 36.53
CA PHE D 247 -4.00 22.12 37.30
C PHE D 247 -5.24 22.39 38.15
N GLY D 248 -5.86 23.54 38.01
CA GLY D 248 -6.70 24.11 39.04
C GLY D 248 -5.92 25.09 39.89
N GLU D 249 -6.53 25.52 40.98
CA GLU D 249 -5.89 26.44 41.92
C GLU D 249 -6.11 25.96 43.35
N LEU D 250 -5.92 24.66 43.57
CA LEU D 250 -6.03 24.09 44.90
C LEU D 250 -5.01 22.97 45.05
N PRO D 251 -4.53 22.71 46.28
CA PRO D 251 -3.59 21.60 46.47
C PRO D 251 -4.15 20.25 46.05
N LEU D 252 -5.43 20.00 46.29
CA LEU D 252 -6.02 18.73 45.88
C LEU D 252 -5.98 18.57 44.37
N SER D 253 -6.32 19.63 43.63
CA SER D 253 -6.26 19.59 42.18
C SER D 253 -4.83 19.33 41.70
N LEU D 254 -3.85 20.00 42.31
CA LEU D 254 -2.46 19.77 41.91
C LEU D 254 -2.05 18.34 42.17
N ALA D 255 -2.41 17.79 43.34
CA ALA D 255 -2.01 16.44 43.68
C ALA D 255 -2.65 15.42 42.74
N ALA D 256 -3.92 15.63 42.39
CA ALA D 256 -4.58 14.72 41.45
C ALA D 256 -3.98 14.83 40.05
N CYS D 257 -3.76 16.06 39.58
CA CYS D 257 -3.29 16.30 38.23
C CYS D 257 -1.84 15.89 38.01
N THR D 258 -1.10 15.55 39.07
CA THR D 258 0.29 15.14 38.94
C THR D 258 0.47 13.63 39.09
N ASN D 259 -0.61 12.86 39.10
CA ASN D 259 -0.56 11.40 39.14
C ASN D 259 -0.12 10.87 40.50
N GLN D 260 -0.47 11.57 41.57
CA GLN D 260 -0.06 11.23 42.93
C GLN D 260 -1.32 10.79 43.70
N LEU D 261 -1.59 9.49 43.69
CA LEU D 261 -2.77 8.99 44.38
C LEU D 261 -2.59 9.01 45.90
N ALA D 262 -1.43 8.57 46.39
CA ALA D 262 -1.19 8.53 47.82
C ALA D 262 -1.34 9.92 48.44
N ILE D 263 -0.74 10.93 47.79
CA ILE D 263 -0.78 12.28 48.33
C ILE D 263 -2.20 12.79 48.35
N VAL D 264 -2.99 12.53 47.30
CA VAL D 264 -4.36 13.04 47.31
C VAL D 264 -5.15 12.34 48.40
N LYS D 265 -4.89 11.05 48.62
CA LYS D 265 -5.54 10.33 49.70
C LYS D 265 -5.30 11.03 51.02
N PHE D 266 -4.02 11.30 51.33
CA PHE D 266 -3.70 11.96 52.58
C PHE D 266 -4.32 13.36 52.64
N LEU D 267 -4.21 14.13 51.56
CA LEU D 267 -4.70 15.50 51.56
C LEU D 267 -6.19 15.54 51.85
N LEU D 268 -6.96 14.69 51.17
CA LEU D 268 -8.41 14.63 51.40
C LEU D 268 -8.78 13.95 52.70
N GLN D 269 -7.85 13.24 53.35
CA GLN D 269 -8.14 12.60 54.63
C GLN D 269 -7.20 13.07 55.74
N ASN D 270 -6.52 14.19 55.56
CA ASN D 270 -5.69 14.74 56.63
C ASN D 270 -6.55 15.10 57.83
N SER D 271 -6.12 14.68 59.02
CA SER D 271 -6.94 14.88 60.21
C SER D 271 -6.87 16.32 60.69
N TRP D 272 -5.70 16.96 60.64
CA TRP D 272 -5.58 18.34 61.10
C TRP D 272 -6.55 19.25 60.35
N GLN D 273 -6.53 19.19 59.02
CA GLN D 273 -7.50 19.88 58.19
C GLN D 273 -7.73 19.07 56.91
N PRO D 274 -8.90 18.45 56.74
CA PRO D 274 -9.10 17.60 55.56
C PRO D 274 -9.31 18.45 54.31
N ALA D 275 -8.55 18.13 53.26
CA ALA D 275 -8.67 18.87 52.01
C ALA D 275 -10.04 18.61 51.39
N ASP D 276 -10.78 19.68 51.11
CA ASP D 276 -12.12 19.54 50.56
C ASP D 276 -12.06 19.02 49.12
N ILE D 277 -13.11 18.30 48.74
CA ILE D 277 -13.22 17.74 47.39
C ILE D 277 -14.17 18.53 46.50
N SER D 278 -15.06 19.34 47.08
CA SER D 278 -16.04 20.11 46.32
C SER D 278 -15.62 21.56 46.15
N ALA D 279 -14.41 21.92 46.53
CA ALA D 279 -13.97 23.31 46.43
C ALA D 279 -13.95 23.73 44.96
N ARG D 280 -14.27 25.00 44.71
CA ARG D 280 -14.43 25.52 43.36
C ARG D 280 -13.55 26.75 43.18
N ASP D 281 -12.82 26.78 42.07
CA ASP D 281 -11.81 27.80 41.83
C ASP D 281 -12.40 28.97 41.03
N SER D 282 -11.53 29.86 40.56
CA SER D 282 -11.98 31.09 39.91
C SER D 282 -12.87 30.81 38.71
N VAL D 283 -12.33 30.12 37.71
CA VAL D 283 -13.10 29.80 36.50
C VAL D 283 -14.12 28.70 36.77
N GLY D 284 -14.16 28.19 38.01
CA GLY D 284 -15.12 27.19 38.39
C GLY D 284 -14.62 25.76 38.32
N ASN D 285 -13.48 25.52 37.69
CA ASN D 285 -12.98 24.17 37.51
C ASN D 285 -12.68 23.50 38.85
N THR D 286 -13.44 22.45 39.16
CA THR D 286 -13.13 21.59 40.30
C THR D 286 -12.09 20.55 39.87
N VAL D 287 -11.81 19.59 40.76
CA VAL D 287 -10.76 18.61 40.48
C VAL D 287 -11.11 17.77 39.25
N LEU D 288 -12.39 17.39 39.11
CA LEU D 288 -12.80 16.61 37.95
C LEU D 288 -12.77 17.47 36.69
N HIS D 289 -13.32 18.67 36.76
CA HIS D 289 -13.13 19.65 35.71
C HIS D 289 -11.67 19.69 35.26
N ALA D 290 -10.75 19.85 36.20
CA ALA D 290 -9.34 19.95 35.85
C ALA D 290 -8.84 18.67 35.18
N LEU D 291 -9.19 17.51 35.76
CA LEU D 291 -8.76 16.25 35.18
C LEU D 291 -9.17 16.16 33.71
N VAL D 292 -10.39 16.62 33.40
CA VAL D 292 -10.77 16.72 31.99
C VAL D 292 -9.92 17.77 31.29
N GLU D 293 -9.59 18.85 31.99
CA GLU D 293 -8.88 19.99 31.41
C GLU D 293 -7.46 19.62 31.00
N VAL D 294 -6.95 18.48 31.45
CA VAL D 294 -5.53 18.16 31.28
C VAL D 294 -5.30 17.07 30.25
N ALA D 295 -6.30 16.27 29.89
CA ALA D 295 -6.08 15.15 29.00
C ALA D 295 -5.56 15.65 27.65
N ASP D 296 -5.02 14.72 26.86
CA ASP D 296 -4.45 15.05 25.56
C ASP D 296 -4.77 14.02 24.47
N ASN D 297 -5.62 13.05 24.76
CA ASN D 297 -6.09 12.00 23.84
C ASN D 297 -5.07 10.88 23.64
N THR D 298 -3.94 10.90 24.34
CA THR D 298 -2.97 9.83 24.21
C THR D 298 -3.38 8.62 25.05
N VAL D 299 -2.75 7.48 24.79
CA VAL D 299 -3.17 6.23 25.44
C VAL D 299 -2.84 6.27 26.92
N ASP D 300 -1.60 6.63 27.27
CA ASP D 300 -1.20 6.62 28.68
C ASP D 300 -1.81 7.77 29.46
N ASN D 301 -1.87 8.97 28.86
CA ASN D 301 -2.49 10.09 29.53
C ASN D 301 -3.96 9.82 29.81
N THR D 302 -4.68 9.33 28.80
CA THR D 302 -6.06 8.93 29.02
C THR D 302 -6.16 7.83 30.06
N LYS D 303 -5.24 6.87 30.01
CA LYS D 303 -5.22 5.79 30.99
C LYS D 303 -5.24 6.33 32.40
N PHE D 304 -4.21 7.09 32.79
CA PHE D 304 -4.18 7.46 34.20
C PHE D 304 -5.16 8.57 34.53
N VAL D 305 -5.57 9.38 33.55
CA VAL D 305 -6.62 10.36 33.83
C VAL D 305 -7.91 9.64 34.21
N THR D 306 -8.26 8.61 33.45
CA THR D 306 -9.43 7.81 33.79
C THR D 306 -9.27 7.13 35.15
N SER D 307 -8.07 6.57 35.39
CA SER D 307 -7.84 5.91 36.68
C SER D 307 -8.07 6.86 37.84
N MET D 308 -7.42 8.03 37.81
CA MET D 308 -7.56 8.99 38.91
C MET D 308 -8.98 9.50 39.00
N TYR D 309 -9.64 9.72 37.86
CA TYR D 309 -11.04 10.14 37.88
C TYR D 309 -11.87 9.12 38.65
N ASN D 310 -11.70 7.84 38.33
CA ASN D 310 -12.45 6.79 39.02
C ASN D 310 -12.15 6.80 40.51
N GLU D 311 -10.87 6.85 40.88
CA GLU D 311 -10.50 6.74 42.29
C GLU D 311 -11.07 7.92 43.08
N ILE D 312 -10.88 9.14 42.58
CA ILE D 312 -11.37 10.32 43.28
C ILE D 312 -12.89 10.30 43.36
N LEU D 313 -13.56 9.79 42.32
CA LEU D 313 -15.02 9.76 42.36
C LEU D 313 -15.52 8.78 43.43
N ILE D 314 -14.91 7.59 43.51
CA ILE D 314 -15.30 6.64 44.55
C ILE D 314 -15.00 7.21 45.93
N LEU D 315 -13.86 7.91 46.06
CA LEU D 315 -13.52 8.49 47.36
C LEU D 315 -14.53 9.56 47.77
N GLY D 316 -14.91 10.43 46.85
CA GLY D 316 -15.95 11.41 47.13
C GLY D 316 -17.27 10.74 47.50
N ALA D 317 -17.58 9.62 46.85
CA ALA D 317 -18.78 8.88 47.21
C ALA D 317 -18.72 8.40 48.66
N LYS D 318 -17.63 7.72 49.03
CA LYS D 318 -17.55 7.15 50.37
C LYS D 318 -17.51 8.25 51.44
N LEU D 319 -16.70 9.29 51.23
CA LEU D 319 -16.65 10.37 52.22
C LEU D 319 -18.00 11.08 52.32
N HIS D 320 -18.64 11.34 51.18
CA HIS D 320 -19.89 12.09 51.14
C HIS D 320 -20.87 11.30 50.27
N PRO D 321 -21.47 10.24 50.82
CA PRO D 321 -22.45 9.46 50.03
C PRO D 321 -23.64 10.26 49.56
N THR D 322 -23.97 11.37 50.23
CA THR D 322 -25.11 12.17 49.81
C THR D 322 -24.79 13.01 48.57
N LEU D 323 -23.56 13.47 48.42
CA LEU D 323 -23.22 14.40 47.36
C LEU D 323 -23.13 13.68 46.01
N LYS D 324 -23.34 14.45 44.95
CA LYS D 324 -23.15 14.01 43.58
C LYS D 324 -22.23 15.04 42.92
N LEU D 325 -20.98 14.66 42.66
CA LEU D 325 -20.00 15.62 42.20
C LEU D 325 -20.22 16.04 40.75
N GLU D 326 -20.57 15.07 39.89
CA GLU D 326 -20.57 15.34 38.45
C GLU D 326 -21.47 16.52 38.10
N GLU D 327 -22.59 16.69 38.82
CA GLU D 327 -23.53 17.75 38.46
C GLU D 327 -22.86 19.12 38.47
N ILE D 328 -21.78 19.28 39.25
CA ILE D 328 -21.14 20.57 39.38
C ILE D 328 -20.76 21.10 38.00
N THR D 329 -20.74 22.43 37.87
CA THR D 329 -20.46 23.09 36.60
C THR D 329 -19.60 24.32 36.84
N ASN D 330 -18.81 24.67 35.83
CA ASN D 330 -17.93 25.82 35.91
C ASN D 330 -18.69 27.10 35.54
N ARG D 331 -17.96 28.21 35.41
CA ARG D 331 -18.59 29.48 35.06
C ARG D 331 -19.39 29.35 33.77
N LYS D 332 -18.82 28.67 32.76
CA LYS D 332 -19.55 28.45 31.52
C LYS D 332 -20.73 27.50 31.69
N GLY D 333 -20.80 26.79 32.81
CA GLY D 333 -21.92 25.93 33.11
C GLY D 333 -21.84 24.54 32.52
N LEU D 334 -20.68 24.13 32.01
CA LEU D 334 -20.52 22.84 31.35
C LEU D 334 -20.11 21.78 32.36
N THR D 335 -20.89 20.71 32.42
CA THR D 335 -20.54 19.56 33.24
C THR D 335 -19.24 18.95 32.73
N PRO D 336 -18.46 18.29 33.60
CA PRO D 336 -17.21 17.68 33.11
C PRO D 336 -17.40 16.75 31.93
N LEU D 337 -18.50 15.98 31.90
CA LEU D 337 -18.80 15.18 30.72
C LEU D 337 -18.98 16.09 29.50
N ALA D 338 -19.82 17.11 29.62
CA ALA D 338 -20.02 18.05 28.53
C ALA D 338 -18.72 18.74 28.15
N LEU D 339 -17.87 19.02 29.15
CA LEU D 339 -16.61 19.69 28.86
C LEU D 339 -15.68 18.78 28.06
N ALA D 340 -15.58 17.51 28.45
CA ALA D 340 -14.75 16.57 27.72
C ALA D 340 -15.31 16.29 26.33
N ALA D 341 -16.63 16.45 26.17
CA ALA D 341 -17.22 16.27 24.84
C ALA D 341 -16.97 17.47 23.95
N SER D 342 -17.01 18.68 24.51
CA SER D 342 -16.80 19.86 23.69
C SER D 342 -15.33 20.04 23.33
N SER D 343 -14.44 19.84 24.30
CA SER D 343 -13.02 20.12 24.07
C SER D 343 -12.38 19.15 23.08
N GLY D 344 -12.98 17.99 22.83
CA GLY D 344 -12.41 17.03 21.92
C GLY D 344 -11.87 15.76 22.55
N LYS D 345 -11.96 15.63 23.87
CA LYS D 345 -11.35 14.51 24.59
C LYS D 345 -12.26 13.30 24.45
N ILE D 346 -12.01 12.50 23.41
CA ILE D 346 -12.84 11.32 23.17
C ILE D 346 -12.63 10.27 24.25
N GLY D 347 -11.39 10.06 24.68
CA GLY D 347 -11.13 9.00 25.65
C GLY D 347 -11.92 9.18 26.94
N VAL D 348 -11.88 10.39 27.50
CA VAL D 348 -12.60 10.66 28.74
C VAL D 348 -14.10 10.54 28.53
N LEU D 349 -14.59 10.94 27.37
CA LEU D 349 -16.02 10.81 27.10
C LEU D 349 -16.43 9.34 27.04
N ALA D 350 -15.69 8.53 26.29
CA ALA D 350 -15.97 7.11 26.23
C ALA D 350 -15.97 6.49 27.62
N TYR D 351 -14.98 6.87 28.44
CA TYR D 351 -14.96 6.40 29.82
C TYR D 351 -16.25 6.79 30.54
N ILE D 352 -16.58 8.08 30.54
CA ILE D 352 -17.68 8.53 31.39
C ILE D 352 -18.96 7.85 30.95
N LEU D 353 -19.15 7.68 29.64
CA LEU D 353 -20.41 7.12 29.16
C LEU D 353 -20.49 5.61 29.38
N GLN D 354 -19.35 4.93 29.48
CA GLN D 354 -19.30 3.47 29.62
C GLN D 354 -18.95 3.07 31.05
N ARG D 355 -19.47 3.79 32.04
CA ARG D 355 -19.04 3.66 33.42
C ARG D 355 -20.00 2.79 34.22
N GLU D 356 -19.46 1.78 34.89
CA GLU D 356 -20.23 0.90 35.76
C GLU D 356 -19.40 0.56 36.99
N ILE D 357 -20.07 0.43 38.13
CA ILE D 357 -19.41 0.15 39.41
C ILE D 357 -20.26 -0.85 40.18
N HIS D 358 -19.59 -1.82 40.81
CA HIS D 358 -20.28 -2.95 41.44
C HIS D 358 -20.37 -2.84 42.96
N GLU D 359 -19.62 -1.95 43.58
CA GLU D 359 -19.56 -1.94 45.03
C GLU D 359 -20.95 -1.73 45.63
N PRO D 360 -21.32 -2.46 46.68
CA PRO D 360 -22.69 -2.34 47.20
C PRO D 360 -23.04 -0.93 47.64
N GLU D 361 -22.10 -0.22 48.27
CA GLU D 361 -22.38 1.10 48.80
C GLU D 361 -22.71 2.09 47.69
N CYS D 362 -21.94 2.07 46.60
CA CYS D 362 -21.93 3.13 45.61
C CYS D 362 -22.19 2.57 44.21
N ARG D 363 -23.21 1.72 44.09
CA ARG D 363 -23.63 1.27 42.77
C ARG D 363 -24.35 2.35 42.00
N HIS D 364 -24.79 3.42 42.66
CA HIS D 364 -25.45 4.53 41.98
C HIS D 364 -24.51 5.35 41.12
N LEU D 365 -23.20 5.10 41.21
CA LEU D 365 -22.23 5.81 40.38
C LEU D 365 -22.19 5.29 38.95
N SER D 366 -22.81 4.14 38.69
CA SER D 366 -22.75 3.54 37.37
C SER D 366 -23.57 4.33 36.37
N ARG D 367 -23.16 4.29 35.10
CA ARG D 367 -23.97 4.73 34.00
C ARG D 367 -24.35 3.59 33.06
N LYS D 368 -23.71 2.43 33.19
CA LYS D 368 -24.01 1.25 32.41
C LYS D 368 -24.41 0.12 33.35
N PHE D 369 -25.22 -0.82 32.84
CA PHE D 369 -25.66 -1.95 33.64
C PHE D 369 -25.85 -3.15 32.74
N THR D 370 -25.89 -4.33 33.37
CA THR D 370 -26.16 -5.59 32.67
C THR D 370 -27.50 -6.14 33.16
N GLU D 371 -28.41 -6.41 32.24
CA GLU D 371 -29.78 -6.78 32.59
C GLU D 371 -30.02 -8.28 32.60
N TRP D 372 -29.22 -9.06 31.86
CA TRP D 372 -29.23 -10.50 32.01
C TRP D 372 -28.16 -11.09 31.09
N ALA D 373 -27.88 -12.37 31.31
CA ALA D 373 -27.00 -13.16 30.47
C ALA D 373 -27.36 -14.63 30.68
N TYR D 374 -27.45 -15.38 29.57
CA TYR D 374 -27.89 -16.77 29.62
C TYR D 374 -26.78 -17.74 29.27
N GLY D 375 -26.22 -17.65 28.06
CA GLY D 375 -25.10 -18.46 27.67
C GLY D 375 -23.92 -17.59 27.31
N PRO D 376 -23.60 -17.50 26.02
CA PRO D 376 -22.66 -16.48 25.54
C PRO D 376 -23.30 -15.12 25.27
N VAL D 377 -24.55 -14.92 25.70
CA VAL D 377 -25.33 -13.73 25.35
C VAL D 377 -25.46 -12.83 26.57
N HIS D 378 -25.55 -11.53 26.31
CA HIS D 378 -25.69 -10.52 27.35
C HIS D 378 -26.63 -9.44 26.86
N SER D 379 -27.26 -8.73 27.80
CA SER D 379 -28.10 -7.59 27.45
C SER D 379 -27.82 -6.46 28.44
N SER D 380 -27.13 -5.42 27.99
CA SER D 380 -26.71 -4.33 28.84
C SER D 380 -27.58 -3.10 28.63
N LEU D 381 -27.57 -2.21 29.63
CA LEU D 381 -28.24 -0.93 29.58
C LEU D 381 -27.23 0.20 29.59
N TYR D 382 -27.71 1.39 29.25
CA TYR D 382 -26.93 2.61 29.30
C TYR D 382 -27.80 3.71 29.89
N ASP D 383 -27.12 4.76 30.39
CA ASP D 383 -27.79 5.71 31.28
C ASP D 383 -28.58 6.76 30.50
N LEU D 384 -27.91 7.49 29.60
CA LEU D 384 -28.54 8.60 28.88
C LEU D 384 -29.10 9.64 29.85
N SER D 385 -28.37 9.89 30.94
CA SER D 385 -28.85 10.83 31.95
C SER D 385 -29.36 12.11 31.32
N CYS D 386 -28.48 12.87 30.67
CA CYS D 386 -28.91 14.00 29.86
C CYS D 386 -28.12 14.03 28.55
N ILE D 387 -27.94 12.87 27.93
CA ILE D 387 -27.42 12.82 26.58
C ILE D 387 -28.47 13.26 25.58
N ASP D 388 -29.69 12.75 25.70
CA ASP D 388 -30.74 13.07 24.75
C ASP D 388 -31.09 14.55 24.78
N THR D 389 -31.62 15.02 25.91
CA THR D 389 -32.08 16.40 26.05
C THR D 389 -31.70 16.88 27.44
N CYS D 390 -30.73 17.79 27.51
CA CYS D 390 -30.11 18.19 28.77
C CYS D 390 -30.47 19.63 29.09
N GLU D 391 -30.06 20.07 30.27
CA GLU D 391 -30.53 21.37 30.79
C GLU D 391 -30.24 22.49 29.80
N LYS D 392 -28.99 22.62 29.37
CA LYS D 392 -28.59 23.68 28.44
C LYS D 392 -28.04 23.13 27.14
N ASN D 393 -27.07 22.22 27.21
CA ASN D 393 -26.44 21.67 26.01
C ASN D 393 -25.99 20.25 26.34
N SER D 394 -26.70 19.26 25.80
CA SER D 394 -26.37 17.86 26.05
C SER D 394 -25.06 17.51 25.36
N VAL D 395 -24.64 16.26 25.54
CA VAL D 395 -23.41 15.80 24.90
C VAL D 395 -23.58 15.75 23.39
N LEU D 396 -24.72 15.25 22.92
CA LEU D 396 -24.90 15.07 21.48
C LEU D 396 -24.98 16.41 20.76
N GLU D 397 -25.75 17.34 21.30
CA GLU D 397 -25.87 18.66 20.67
C GLU D 397 -24.55 19.40 20.68
N VAL D 398 -23.64 19.06 21.60
CA VAL D 398 -22.35 19.74 21.65
C VAL D 398 -21.32 19.04 20.75
N ILE D 399 -21.43 17.73 20.57
CA ILE D 399 -20.57 17.04 19.62
C ILE D 399 -20.92 17.46 18.20
N ALA D 400 -22.21 17.43 17.87
CA ALA D 400 -22.62 17.74 16.50
C ALA D 400 -22.30 19.18 16.14
N TYR D 401 -22.52 20.12 17.06
CA TYR D 401 -22.39 21.54 16.78
C TYR D 401 -21.00 22.08 17.09
N SER D 402 -20.01 21.22 17.23
CA SER D 402 -18.64 21.70 17.44
C SER D 402 -18.17 22.46 16.20
N SER D 403 -17.46 23.57 16.45
CA SER D 403 -17.12 24.53 15.41
C SER D 403 -15.95 24.09 14.54
N SER D 404 -15.56 22.82 14.58
CA SER D 404 -14.50 22.22 13.78
C SER D 404 -13.11 22.67 14.19
N GLU D 405 -12.99 23.60 15.15
CA GLU D 405 -11.70 23.80 15.79
C GLU D 405 -11.31 22.58 16.61
N THR D 406 -12.31 21.82 17.07
CA THR D 406 -12.04 20.59 17.80
C THR D 406 -11.27 19.63 16.91
N PRO D 407 -10.29 18.89 17.44
CA PRO D 407 -9.54 17.96 16.59
C PRO D 407 -10.43 16.91 15.92
N ASN D 408 -11.16 16.14 16.73
CA ASN D 408 -11.92 14.98 16.24
C ASN D 408 -13.34 15.07 16.77
N ARG D 409 -14.22 15.75 16.03
CA ARG D 409 -15.66 15.70 16.29
C ARG D 409 -16.35 14.64 15.45
N HIS D 410 -15.61 13.94 14.59
CA HIS D 410 -16.18 12.93 13.71
C HIS D 410 -16.03 11.52 14.29
N ASP D 411 -14.89 11.23 14.91
CA ASP D 411 -14.73 9.98 15.65
C ASP D 411 -15.55 9.97 16.93
N MET D 412 -15.94 11.14 17.44
CA MET D 412 -16.60 11.24 18.73
C MET D 412 -18.04 10.74 18.69
N LEU D 413 -18.55 10.38 17.52
CA LEU D 413 -19.80 9.65 17.42
C LEU D 413 -19.57 8.15 17.29
N LEU D 414 -18.37 7.68 17.61
CA LEU D 414 -18.06 6.26 17.54
C LEU D 414 -18.40 5.52 18.84
N VAL D 415 -18.61 6.24 19.94
CA VAL D 415 -18.96 5.60 21.19
C VAL D 415 -20.28 4.84 21.02
N GLU D 416 -20.39 3.70 21.69
CA GLU D 416 -21.49 2.79 21.44
C GLU D 416 -22.86 3.42 21.65
N PRO D 417 -23.15 4.02 22.80
CA PRO D 417 -24.52 4.55 23.01
C PRO D 417 -24.91 5.61 21.99
N LEU D 418 -23.97 6.45 21.55
CA LEU D 418 -24.32 7.50 20.60
C LEU D 418 -24.61 6.92 19.21
N ASN D 419 -23.78 5.98 18.76
CA ASN D 419 -24.06 5.28 17.51
C ASN D 419 -25.44 4.67 17.54
N ARG D 420 -25.72 3.89 18.59
CA ARG D 420 -27.00 3.20 18.67
C ARG D 420 -28.15 4.20 18.74
N LEU D 421 -27.96 5.29 19.46
CA LEU D 421 -29.01 6.28 19.61
C LEU D 421 -29.34 6.95 18.29
N LEU D 422 -28.31 7.37 17.55
CA LEU D 422 -28.55 8.01 16.26
C LEU D 422 -29.23 7.04 15.29
N GLN D 423 -28.75 5.80 15.22
CA GLN D 423 -29.38 4.84 14.34
C GLN D 423 -30.83 4.59 14.74
N ASP D 424 -31.10 4.50 16.04
CA ASP D 424 -32.46 4.26 16.50
C ASP D 424 -33.38 5.41 16.13
N LYS D 425 -32.94 6.64 16.37
CA LYS D 425 -33.75 7.79 16.01
C LYS D 425 -34.01 7.82 14.51
N TRP D 426 -32.98 7.56 13.70
CA TRP D 426 -33.18 7.54 12.26
C TRP D 426 -34.20 6.48 11.86
N ASP D 427 -34.10 5.30 12.47
CA ASP D 427 -35.01 4.22 12.13
C ASP D 427 -36.46 4.55 12.49
N ARG D 428 -36.69 5.17 13.65
CA ARG D 428 -38.05 5.24 14.17
C ARG D 428 -38.85 6.43 13.65
N PHE D 429 -38.41 7.67 13.94
CA PHE D 429 -39.32 8.80 13.84
C PHE D 429 -38.81 9.96 12.99
N VAL D 430 -37.72 9.80 12.25
CA VAL D 430 -37.19 10.89 11.45
C VAL D 430 -36.89 10.51 10.01
N LYS D 431 -36.80 9.22 9.66
CA LYS D 431 -36.62 8.86 8.27
C LYS D 431 -37.81 9.32 7.43
N ARG D 432 -39.02 9.12 7.94
CA ARG D 432 -40.21 9.57 7.23
C ARG D 432 -40.22 11.08 7.08
N ILE D 433 -39.82 11.81 8.13
CA ILE D 433 -39.79 13.26 8.05
C ILE D 433 -38.79 13.72 7.00
N PHE D 434 -37.61 13.10 6.98
CA PHE D 434 -36.61 13.49 5.99
C PHE D 434 -37.09 13.22 4.57
N TYR D 435 -37.69 12.04 4.34
CA TYR D 435 -38.19 11.76 2.99
C TYR D 435 -39.33 12.69 2.61
N PHE D 436 -40.18 13.05 3.55
CA PHE D 436 -41.23 14.03 3.26
C PHE D 436 -40.65 15.37 2.86
N ASN D 437 -39.63 15.84 3.60
CA ASN D 437 -39.00 17.10 3.25
C ASN D 437 -38.34 17.02 1.87
N PHE D 438 -37.72 15.89 1.57
CA PHE D 438 -37.06 15.74 0.28
C PHE D 438 -38.08 15.74 -0.85
N PHE D 439 -39.22 15.07 -0.66
CA PHE D 439 -40.27 15.10 -1.67
C PHE D 439 -40.83 16.49 -1.86
N VAL D 440 -41.03 17.23 -0.76
CA VAL D 440 -41.54 18.59 -0.87
C VAL D 440 -40.56 19.47 -1.63
N TYR D 441 -39.27 19.33 -1.35
CA TYR D 441 -38.29 20.11 -2.09
C TYR D 441 -38.29 19.74 -3.57
N CYS D 442 -38.43 18.44 -3.87
CA CYS D 442 -38.50 18.02 -5.27
C CYS D 442 -39.68 18.66 -5.97
N LEU D 443 -40.82 18.72 -5.29
CA LEU D 443 -42.01 19.32 -5.91
C LEU D 443 -41.84 20.82 -6.08
N TYR D 444 -41.27 21.48 -5.07
CA TYR D 444 -40.96 22.90 -5.19
C TYR D 444 -40.07 23.17 -6.38
N MET D 445 -39.02 22.36 -6.54
CA MET D 445 -38.11 22.54 -7.65
C MET D 445 -38.79 22.28 -8.99
N ILE D 446 -39.69 21.30 -9.04
CA ILE D 446 -40.39 21.02 -10.30
C ILE D 446 -41.27 22.20 -10.70
N ILE D 447 -42.03 22.76 -9.76
CA ILE D 447 -42.90 23.87 -10.14
C ILE D 447 -42.08 25.12 -10.43
N PHE D 448 -41.02 25.36 -9.66
CA PHE D 448 -40.14 26.49 -9.95
C PHE D 448 -39.55 26.37 -11.35
N THR D 449 -39.09 25.17 -11.71
CA THR D 449 -38.53 24.95 -13.03
C THR D 449 -39.56 25.18 -14.12
N ALA D 450 -40.76 24.62 -13.95
CA ALA D 450 -41.76 24.67 -15.01
C ALA D 450 -42.51 26.00 -15.06
N ALA D 451 -42.33 26.86 -14.06
CA ALA D 451 -42.82 28.23 -14.15
C ALA D 451 -41.77 29.16 -14.73
N ALA D 452 -40.53 29.05 -14.25
CA ALA D 452 -39.43 29.77 -14.88
C ALA D 452 -39.32 29.42 -16.36
N TYR D 453 -39.68 28.19 -16.73
CA TYR D 453 -39.56 27.77 -18.12
C TYR D 453 -40.44 28.61 -19.02
N TYR D 454 -41.68 28.89 -18.60
CA TYR D 454 -42.66 29.59 -19.41
C TYR D 454 -42.74 31.08 -19.08
N ARG D 455 -41.63 31.69 -18.70
CA ARG D 455 -41.64 33.10 -18.37
C ARG D 455 -42.14 33.91 -19.56
N PRO D 456 -43.03 34.89 -19.34
CA PRO D 456 -43.43 35.76 -20.45
C PRO D 456 -42.25 36.51 -21.03
N VAL D 457 -42.31 36.76 -22.34
CA VAL D 457 -41.14 37.22 -23.08
C VAL D 457 -41.36 38.56 -23.76
N GLU D 458 -42.60 39.02 -23.95
CA GLU D 458 -42.89 40.20 -24.76
C GLU D 458 -43.08 41.42 -23.86
N GLY D 459 -42.34 42.47 -24.16
CA GLY D 459 -42.50 43.73 -23.43
C GLY D 459 -41.50 43.83 -22.28
N LEU D 460 -42.00 44.23 -21.12
CA LEU D 460 -41.21 44.37 -19.92
C LEU D 460 -41.98 43.77 -18.76
N PRO D 461 -41.30 43.42 -17.67
CA PRO D 461 -42.02 43.03 -16.46
C PRO D 461 -42.59 44.25 -15.76
N PRO D 462 -43.72 44.11 -15.06
CA PRO D 462 -44.54 42.89 -14.94
C PRO D 462 -45.40 42.62 -16.17
N TYR D 463 -46.21 41.57 -16.12
CA TYR D 463 -47.05 41.15 -17.22
C TYR D 463 -48.51 41.08 -16.76
N LYS D 464 -49.41 41.59 -17.59
CA LYS D 464 -50.82 41.59 -17.23
C LYS D 464 -51.41 40.18 -17.32
N LEU D 465 -52.01 39.75 -16.22
CA LEU D 465 -52.61 38.42 -16.14
C LEU D 465 -53.70 38.23 -17.20
N LYS D 466 -53.52 37.25 -18.08
CA LYS D 466 -54.52 36.91 -19.07
C LYS D 466 -55.61 36.04 -18.46
N ASN D 467 -56.79 36.05 -19.09
CA ASN D 467 -57.91 35.26 -18.60
C ASN D 467 -57.66 33.77 -18.76
N THR D 468 -56.63 33.39 -19.51
CA THR D 468 -56.35 31.98 -19.75
C THR D 468 -56.03 31.27 -18.45
N VAL D 469 -56.44 30.00 -18.38
CA VAL D 469 -56.15 29.20 -17.19
C VAL D 469 -54.65 29.05 -16.99
N GLY D 470 -53.92 28.85 -18.09
CA GLY D 470 -52.48 28.64 -17.98
C GLY D 470 -51.77 29.79 -17.30
N ASP D 471 -52.21 31.01 -17.57
CA ASP D 471 -51.57 32.17 -16.93
C ASP D 471 -51.84 32.18 -15.43
N TYR D 472 -53.06 31.82 -15.02
CA TYR D 472 -53.33 31.63 -13.60
C TYR D 472 -52.38 30.62 -13.00
N PHE D 473 -52.25 29.45 -13.64
CA PHE D 473 -51.31 28.44 -13.13
C PHE D 473 -49.91 29.01 -13.00
N ARG D 474 -49.47 29.77 -14.01
CA ARG D 474 -48.11 30.30 -13.99
C ARG D 474 -47.90 31.26 -12.82
N VAL D 475 -48.86 32.14 -12.58
CA VAL D 475 -48.69 33.11 -11.49
C VAL D 475 -48.74 32.40 -10.14
N THR D 476 -49.58 31.37 -10.01
CA THR D 476 -49.56 30.58 -8.78
C THR D 476 -48.20 29.94 -8.57
N GLY D 477 -47.63 29.38 -9.63
CA GLY D 477 -46.29 28.81 -9.52
C GLY D 477 -45.26 29.83 -9.07
N GLU D 478 -45.32 31.04 -9.63
CA GLU D 478 -44.36 32.07 -9.26
C GLU D 478 -44.50 32.44 -7.79
N ILE D 479 -45.74 32.57 -7.31
CA ILE D 479 -45.93 32.93 -5.91
C ILE D 479 -45.41 31.83 -5.00
N LEU D 480 -45.69 30.57 -5.35
CA LEU D 480 -45.13 29.46 -4.59
C LEU D 480 -43.60 29.56 -4.55
N SER D 481 -42.99 29.87 -5.69
CA SER D 481 -41.54 29.96 -5.77
C SER D 481 -41.02 31.02 -4.80
N VAL D 482 -41.60 32.20 -4.84
CA VAL D 482 -41.08 33.29 -4.01
C VAL D 482 -41.33 33.00 -2.52
N SER D 483 -42.44 32.35 -2.20
CA SER D 483 -42.68 31.96 -0.80
C SER D 483 -41.58 31.01 -0.32
N GLY D 484 -41.24 30.01 -1.13
CA GLY D 484 -40.13 29.16 -0.78
C GLY D 484 -38.84 29.94 -0.62
N GLY D 485 -38.63 30.94 -1.48
CA GLY D 485 -37.42 31.73 -1.39
C GLY D 485 -37.31 32.47 -0.07
N VAL D 486 -38.39 33.11 0.36
CA VAL D 486 -38.35 33.83 1.63
C VAL D 486 -38.19 32.86 2.80
N TYR D 487 -38.82 31.68 2.70
CA TYR D 487 -38.61 30.66 3.73
C TYR D 487 -37.12 30.35 3.87
N PHE D 488 -36.45 30.10 2.74
CA PHE D 488 -35.03 29.74 2.81
C PHE D 488 -34.19 30.91 3.31
N PHE D 489 -34.56 32.14 2.93
CA PHE D 489 -33.82 33.30 3.41
C PHE D 489 -33.88 33.41 4.94
N PHE D 490 -35.09 33.29 5.50
CA PHE D 490 -35.21 33.38 6.96
C PHE D 490 -34.52 32.21 7.64
N ARG D 491 -34.60 31.01 7.05
CA ARG D 491 -33.88 29.89 7.64
C ARG D 491 -32.38 30.17 7.69
N GLY D 492 -31.83 30.75 6.62
CA GLY D 492 -30.41 31.06 6.62
C GLY D 492 -30.04 32.08 7.66
N ILE D 493 -30.83 33.15 7.78
CA ILE D 493 -30.55 34.17 8.80
C ILE D 493 -30.61 33.56 10.19
N GLN D 494 -31.63 32.74 10.46
CA GLN D 494 -31.76 32.12 11.77
C GLN D 494 -30.59 31.20 12.07
N TYR D 495 -30.15 30.43 11.07
CA TYR D 495 -28.98 29.59 11.27
C TYR D 495 -27.77 30.43 11.63
N PHE D 496 -27.55 31.54 10.92
CA PHE D 496 -26.41 32.39 11.23
C PHE D 496 -26.49 32.87 12.67
N LEU D 497 -27.65 33.40 13.08
CA LEU D 497 -27.78 33.93 14.43
C LEU D 497 -27.49 32.87 15.48
N GLN D 498 -28.15 31.72 15.38
CA GLN D 498 -27.95 30.69 16.41
C GLN D 498 -26.50 30.19 16.42
N ARG D 499 -25.92 29.95 15.25
CA ARG D 499 -24.67 29.20 15.18
C ARG D 499 -23.44 30.08 15.35
N ARG D 500 -23.52 31.37 15.02
CA ARG D 500 -22.41 32.30 15.20
C ARG D 500 -21.10 31.71 14.69
N PRO D 501 -20.99 31.38 13.41
CA PRO D 501 -19.75 30.80 12.88
C PRO D 501 -18.73 31.87 12.56
N SER D 502 -17.53 31.40 12.21
CA SER D 502 -16.39 32.27 11.91
C SER D 502 -16.51 32.82 10.49
N LEU D 503 -15.44 33.44 10.02
CA LEU D 503 -15.34 33.96 8.66
C LEU D 503 -14.27 33.27 7.82
N LYS D 504 -13.27 32.66 8.45
CA LYS D 504 -12.24 31.96 7.71
C LYS D 504 -12.61 30.52 7.41
N SER D 505 -13.32 29.87 8.32
CA SER D 505 -13.74 28.47 8.20
C SER D 505 -15.23 28.31 7.91
N LEU D 506 -15.84 29.25 7.18
CA LEU D 506 -17.26 29.14 6.89
C LEU D 506 -17.55 28.20 5.72
N PHE D 507 -16.56 27.94 4.86
CA PHE D 507 -16.71 26.99 3.77
C PHE D 507 -16.23 25.60 4.13
N VAL D 508 -15.79 25.38 5.36
CA VAL D 508 -15.48 24.04 5.85
C VAL D 508 -16.55 23.54 6.81
N ASP D 509 -17.06 24.43 7.67
CA ASP D 509 -18.04 24.01 8.66
C ASP D 509 -19.37 23.68 8.00
N SER D 510 -19.85 24.57 7.13
CA SER D 510 -21.17 24.43 6.50
C SER D 510 -21.07 24.88 5.05
N TYR D 511 -21.06 23.92 4.13
CA TYR D 511 -21.01 24.25 2.71
C TYR D 511 -22.40 24.46 2.12
N SER D 512 -23.42 23.85 2.73
CA SER D 512 -24.76 23.83 2.15
C SER D 512 -25.66 24.93 2.69
N GLU D 513 -25.46 25.36 3.94
CA GLU D 513 -26.23 26.49 4.44
C GLU D 513 -25.94 27.73 3.62
N ILE D 514 -24.66 27.95 3.29
CA ILE D 514 -24.28 29.08 2.45
C ILE D 514 -24.97 29.01 1.10
N LEU D 515 -25.02 27.82 0.51
CA LEU D 515 -25.55 27.69 -0.84
C LEU D 515 -27.05 27.88 -0.85
N PHE D 516 -27.75 27.35 0.16
CA PHE D 516 -29.19 27.59 0.23
C PHE D 516 -29.48 29.06 0.45
N PHE D 517 -28.69 29.72 1.32
CA PHE D 517 -28.88 31.15 1.53
C PHE D 517 -28.63 31.92 0.25
N VAL D 518 -27.62 31.53 -0.52
CA VAL D 518 -27.28 32.25 -1.76
C VAL D 518 -28.39 32.08 -2.79
N GLN D 519 -28.93 30.87 -2.90
CA GLN D 519 -30.06 30.67 -3.79
C GLN D 519 -31.22 31.56 -3.39
N SER D 520 -31.50 31.64 -2.08
CA SER D 520 -32.57 32.53 -1.62
C SER D 520 -32.26 33.98 -1.97
N LEU D 521 -31.00 34.41 -1.83
CA LEU D 521 -30.64 35.77 -2.18
C LEU D 521 -30.92 36.06 -3.65
N PHE D 522 -30.54 35.13 -4.53
CA PHE D 522 -30.79 35.35 -5.95
C PHE D 522 -32.29 35.42 -6.23
N MET D 523 -33.08 34.56 -5.60
CA MET D 523 -34.52 34.61 -5.80
C MET D 523 -35.09 35.95 -5.34
N LEU D 524 -34.63 36.45 -4.20
CA LEU D 524 -35.16 37.71 -3.68
C LEU D 524 -34.71 38.90 -4.53
N VAL D 525 -33.47 38.87 -5.04
CA VAL D 525 -33.02 39.93 -5.93
C VAL D 525 -33.84 39.93 -7.22
N SER D 526 -34.14 38.73 -7.75
CA SER D 526 -34.99 38.66 -8.93
C SER D 526 -36.38 39.23 -8.62
N VAL D 527 -36.89 38.97 -7.43
CA VAL D 527 -38.17 39.57 -7.04
C VAL D 527 -38.05 41.10 -7.02
N VAL D 528 -36.95 41.61 -6.47
CA VAL D 528 -36.75 43.04 -6.39
C VAL D 528 -36.69 43.67 -7.76
N LEU D 529 -36.14 42.95 -8.75
CA LEU D 529 -36.00 43.47 -10.10
C LEU D 529 -37.14 43.06 -11.03
N TYR D 530 -38.17 42.38 -10.52
CA TYR D 530 -39.35 42.09 -11.31
C TYR D 530 -40.48 43.08 -11.09
N PHE D 531 -40.47 43.79 -9.97
CA PHE D 531 -41.37 44.92 -9.74
C PHE D 531 -40.67 46.26 -9.97
N SER D 532 -39.44 46.24 -10.50
CA SER D 532 -38.69 47.45 -10.77
C SER D 532 -38.52 47.70 -12.26
N GLN D 533 -39.42 47.16 -13.08
CA GLN D 533 -39.43 47.41 -14.53
C GLN D 533 -38.04 47.25 -15.11
N ARG D 534 -37.54 46.01 -15.03
CA ARG D 534 -36.23 45.68 -15.55
C ARG D 534 -36.21 44.20 -15.92
N LYS D 535 -35.52 43.88 -17.01
CA LYS D 535 -35.48 42.53 -17.55
C LYS D 535 -34.21 41.78 -17.15
N GLU D 536 -33.41 42.36 -16.26
CA GLU D 536 -32.25 41.67 -15.72
C GLU D 536 -32.62 40.65 -14.66
N TYR D 537 -33.86 40.64 -14.20
CA TYR D 537 -34.27 39.67 -13.19
C TYR D 537 -34.00 38.25 -13.64
N VAL D 538 -34.12 37.98 -14.95
CA VAL D 538 -33.84 36.64 -15.47
C VAL D 538 -32.42 36.22 -15.16
N ALA D 539 -31.46 37.12 -15.38
CA ALA D 539 -30.07 36.77 -15.07
C ALA D 539 -29.91 36.31 -13.63
N SER D 540 -30.73 36.82 -12.72
CA SER D 540 -30.77 36.29 -11.36
C SER D 540 -31.44 34.92 -11.32
N MET D 541 -32.68 34.86 -11.80
CA MET D 541 -33.49 33.66 -11.67
C MET D 541 -32.75 32.44 -12.22
N VAL D 542 -32.17 32.56 -13.41
CA VAL D 542 -31.42 31.46 -13.99
C VAL D 542 -30.43 30.89 -12.98
N PHE D 543 -29.54 31.76 -12.48
CA PHE D 543 -28.58 31.38 -11.45
C PHE D 543 -29.28 30.58 -10.37
N SER D 544 -30.26 31.24 -9.74
CA SER D 544 -31.03 30.62 -8.67
C SER D 544 -31.43 29.20 -9.04
N LEU D 545 -32.12 29.03 -10.16
CA LEU D 545 -32.64 27.74 -10.58
C LEU D 545 -31.53 26.69 -10.66
N ALA D 546 -30.43 27.05 -11.34
CA ALA D 546 -29.27 26.17 -11.43
C ALA D 546 -28.88 25.69 -10.05
N MET D 547 -28.53 26.65 -9.18
CA MET D 547 -28.16 26.28 -7.82
C MET D 547 -29.21 25.37 -7.20
N GLY D 548 -30.47 25.72 -7.38
CA GLY D 548 -31.59 24.94 -6.87
C GLY D 548 -31.41 23.47 -7.16
N TRP D 549 -31.38 23.14 -8.45
CA TRP D 549 -31.30 21.73 -8.84
C TRP D 549 -30.00 21.11 -8.36
N THR D 550 -28.88 21.83 -8.51
CA THR D 550 -27.60 21.29 -8.06
C THR D 550 -27.60 21.00 -6.57
N ASN D 551 -28.44 21.70 -5.80
CA ASN D 551 -28.52 21.53 -4.36
C ASN D 551 -29.30 20.28 -3.96
N MET D 552 -29.94 19.61 -4.91
CA MET D 552 -30.62 18.37 -4.58
C MET D 552 -29.65 17.36 -3.98
N LEU D 553 -28.37 17.48 -4.31
CA LEU D 553 -27.38 16.57 -3.74
C LEU D 553 -27.34 16.66 -2.22
N TYR D 554 -27.81 17.77 -1.65
CA TYR D 554 -27.86 17.89 -0.19
C TYR D 554 -28.62 16.73 0.42
N TYR D 555 -29.65 16.26 -0.26
CA TYR D 555 -30.52 15.23 0.29
C TYR D 555 -29.98 13.82 0.09
N THR D 556 -28.83 13.66 -0.55
CA THR D 556 -28.21 12.35 -0.69
C THR D 556 -27.41 11.96 0.53
N ARG D 557 -27.61 12.65 1.65
CA ARG D 557 -26.98 12.27 2.91
C ARG D 557 -27.79 11.23 3.67
N GLY D 558 -29.07 11.09 3.35
CA GLY D 558 -29.88 10.04 3.95
C GLY D 558 -29.54 8.66 3.43
N PHE D 559 -28.71 8.57 2.40
CA PHE D 559 -28.25 7.32 1.84
C PHE D 559 -26.73 7.28 1.87
N GLN D 560 -26.16 6.19 2.37
CA GLN D 560 -24.74 6.16 2.66
C GLN D 560 -23.92 6.26 1.38
N GLN D 561 -24.17 5.37 0.42
CA GLN D 561 -23.30 5.25 -0.73
C GLN D 561 -23.40 6.44 -1.67
N MET D 562 -24.39 7.31 -1.46
CA MET D 562 -24.49 8.57 -2.19
C MET D 562 -24.01 9.75 -1.36
N GLY D 563 -24.23 9.70 -0.05
CA GLY D 563 -23.72 10.76 0.81
C GLY D 563 -22.21 10.82 0.77
N ILE D 564 -21.56 9.66 0.72
CA ILE D 564 -20.09 9.66 0.64
C ILE D 564 -19.63 10.28 -0.68
N TYR D 565 -20.37 10.02 -1.76
CA TYR D 565 -20.02 10.63 -3.05
C TYR D 565 -20.16 12.14 -3.00
N ALA D 566 -21.25 12.64 -2.38
CA ALA D 566 -21.41 14.10 -2.27
C ALA D 566 -20.32 14.69 -1.39
N VAL D 567 -19.90 13.98 -0.34
CA VAL D 567 -18.81 14.46 0.49
C VAL D 567 -17.53 14.58 -0.32
N MET D 568 -17.24 13.58 -1.15
CA MET D 568 -16.04 13.65 -1.98
C MET D 568 -16.10 14.84 -2.94
N ILE D 569 -17.27 15.07 -3.54
CA ILE D 569 -17.43 16.22 -4.42
C ILE D 569 -17.12 17.50 -3.64
N GLU D 570 -17.66 17.61 -2.43
CA GLU D 570 -17.39 18.76 -1.57
C GLU D 570 -15.89 18.99 -1.40
N LYS D 571 -15.18 17.94 -0.96
CA LYS D 571 -13.77 18.11 -0.62
C LYS D 571 -12.95 18.48 -1.84
N MET D 572 -13.20 17.83 -2.98
CA MET D 572 -12.44 18.17 -4.17
C MET D 572 -12.72 19.60 -4.61
N ILE D 573 -13.99 20.03 -4.62
CA ILE D 573 -14.29 21.39 -5.02
C ILE D 573 -13.56 22.38 -4.11
N LEU D 574 -13.42 22.04 -2.82
CA LEU D 574 -12.78 22.99 -1.91
C LEU D 574 -11.27 23.06 -2.13
N ARG D 575 -10.60 21.92 -2.29
CA ARG D 575 -9.14 21.91 -2.37
C ARG D 575 -8.60 21.93 -3.80
N ASP D 576 -8.92 20.90 -4.57
CA ASP D 576 -8.18 20.61 -5.78
C ASP D 576 -8.50 21.62 -6.88
N LEU D 577 -9.77 21.93 -7.07
CA LEU D 577 -10.10 22.91 -8.09
C LEU D 577 -9.54 24.27 -7.76
N CYS D 578 -9.50 24.66 -6.50
CA CYS D 578 -8.91 25.96 -6.16
C CYS D 578 -7.44 26.00 -6.55
N ARG D 579 -6.66 25.03 -6.08
CA ARG D 579 -5.23 25.02 -6.43
C ARG D 579 -5.04 25.01 -7.94
N PHE D 580 -5.69 24.04 -8.60
CA PHE D 580 -5.47 23.84 -10.02
C PHE D 580 -5.91 25.06 -10.81
N MET D 581 -6.99 25.72 -10.39
CA MET D 581 -7.48 26.86 -11.15
C MET D 581 -6.59 28.07 -10.97
N PHE D 582 -5.98 28.25 -9.80
CA PHE D 582 -4.99 29.32 -9.70
C PHE D 582 -3.84 29.09 -10.66
N VAL D 583 -3.25 27.89 -10.61
CA VAL D 583 -2.10 27.64 -11.47
C VAL D 583 -2.48 27.72 -12.95
N TYR D 584 -3.64 27.15 -13.30
CA TYR D 584 -4.08 27.14 -14.68
C TYR D 584 -4.36 28.55 -15.19
N LEU D 585 -4.91 29.41 -14.33
CA LEU D 585 -5.17 30.78 -14.77
C LEU D 585 -3.89 31.56 -14.93
N VAL D 586 -2.90 31.31 -14.06
CA VAL D 586 -1.59 31.92 -14.27
C VAL D 586 -1.06 31.55 -15.65
N PHE D 587 -1.08 30.26 -15.98
CA PHE D 587 -0.57 29.82 -17.28
C PHE D 587 -1.37 30.39 -18.44
N LEU D 588 -2.71 30.33 -18.34
CA LEU D 588 -3.56 30.79 -19.42
C LEU D 588 -3.37 32.27 -19.68
N PHE D 589 -3.35 33.08 -18.62
CA PHE D 589 -3.18 34.51 -18.81
C PHE D 589 -1.79 34.83 -19.35
N GLY D 590 -0.75 34.17 -18.81
CA GLY D 590 0.58 34.40 -19.35
C GLY D 590 0.64 34.18 -20.84
N PHE D 591 0.18 33.00 -21.29
CA PHE D 591 0.30 32.68 -22.70
C PHE D 591 -0.69 33.45 -23.56
N SER D 592 -1.82 33.89 -23.03
CA SER D 592 -2.76 34.64 -23.85
C SER D 592 -2.35 36.09 -24.00
N THR D 593 -1.72 36.68 -22.98
CA THR D 593 -1.05 37.96 -23.17
C THR D 593 0.11 37.81 -24.16
N ALA D 594 0.88 36.73 -24.04
CA ALA D 594 1.96 36.48 -24.98
C ALA D 594 1.44 36.33 -26.42
N VAL D 595 0.21 35.85 -26.59
CA VAL D 595 -0.32 35.65 -27.94
C VAL D 595 -1.12 36.84 -28.48
N VAL D 596 -1.60 37.74 -27.61
CA VAL D 596 -2.23 38.97 -28.10
C VAL D 596 -1.23 40.09 -28.33
N THR D 597 -0.07 40.05 -27.68
CA THR D 597 1.03 40.96 -28.00
C THR D 597 1.70 40.62 -29.32
N LEU D 598 1.27 39.57 -30.00
CA LEU D 598 1.77 39.18 -31.31
C LEU D 598 0.78 39.51 -32.42
N ILE D 599 -0.49 39.19 -32.22
CA ILE D 599 -1.51 39.46 -33.21
C ILE D 599 -1.56 40.96 -33.51
N GLU D 600 -2.04 41.29 -34.71
CA GLU D 600 -2.17 42.67 -35.14
C GLU D 600 -3.53 43.03 -35.72
N ASP D 601 -4.33 42.04 -36.13
CA ASP D 601 -5.67 42.28 -36.68
C ASP D 601 -5.61 43.22 -37.89
N GLY D 602 -4.90 42.77 -38.91
CA GLY D 602 -4.76 43.54 -40.14
C GLY D 602 -4.64 42.66 -41.37
N ASN D 625 -13.28 36.60 -36.28
CA ASN D 625 -12.80 37.93 -36.60
C ASN D 625 -12.43 38.68 -35.31
N SER D 626 -11.70 39.79 -35.46
CA SER D 626 -11.30 40.62 -34.33
C SER D 626 -10.61 39.77 -33.27
N TYR D 627 -9.73 38.88 -33.72
CA TYR D 627 -8.96 38.06 -32.78
C TYR D 627 -8.03 38.90 -31.91
N ASN D 628 -7.79 40.17 -32.27
CA ASN D 628 -6.92 41.01 -31.47
C ASN D 628 -7.67 41.40 -30.20
N SER D 629 -8.05 40.39 -29.42
CA SER D 629 -8.77 40.58 -28.17
C SER D 629 -8.13 39.69 -27.11
N LEU D 630 -8.24 40.11 -25.86
CA LEU D 630 -7.77 39.27 -24.78
C LEU D 630 -8.87 38.34 -24.29
N TYR D 631 -10.14 38.73 -24.44
CA TYR D 631 -11.23 37.83 -24.12
C TYR D 631 -11.29 36.67 -25.09
N SER D 632 -11.27 36.97 -26.39
CA SER D 632 -11.39 35.91 -27.38
C SER D 632 -10.16 35.02 -27.41
N THR D 633 -8.98 35.57 -27.14
CA THR D 633 -7.80 34.72 -27.04
C THR D 633 -7.86 33.88 -25.78
N CYS D 634 -8.33 34.44 -24.67
CA CYS D 634 -8.49 33.66 -23.46
C CYS D 634 -9.43 32.49 -23.71
N LEU D 635 -10.51 32.71 -24.45
CA LEU D 635 -11.42 31.61 -24.78
C LEU D 635 -10.73 30.60 -25.68
N GLU D 636 -10.31 31.04 -26.88
CA GLU D 636 -9.73 30.12 -27.85
C GLU D 636 -8.58 29.31 -27.27
N LEU D 637 -7.93 29.79 -26.22
CA LEU D 637 -6.93 28.98 -25.53
C LEU D 637 -7.50 28.16 -24.39
N PHE D 638 -8.65 28.56 -23.83
CA PHE D 638 -9.32 27.69 -22.87
C PHE D 638 -9.82 26.43 -23.55
N LYS D 639 -10.37 26.58 -24.75
CA LYS D 639 -10.97 25.44 -25.44
C LYS D 639 -9.98 24.28 -25.52
N PHE D 640 -8.70 24.59 -25.73
CA PHE D 640 -7.69 23.53 -25.77
C PHE D 640 -7.84 22.54 -24.64
N THR D 641 -8.36 23.00 -23.49
CA THR D 641 -8.48 22.12 -22.33
C THR D 641 -9.65 21.15 -22.46
N ILE D 642 -10.68 21.52 -23.21
CA ILE D 642 -11.86 20.68 -23.37
C ILE D 642 -11.82 19.93 -24.71
N GLY D 643 -10.64 19.71 -25.26
CA GLY D 643 -10.52 18.97 -26.51
C GLY D 643 -11.25 19.59 -27.68
N MET D 644 -11.16 20.92 -27.83
CA MET D 644 -11.74 21.58 -29.00
C MET D 644 -10.81 22.67 -29.52
N GLY D 645 -9.52 22.54 -29.29
CA GLY D 645 -8.57 23.59 -29.62
C GLY D 645 -8.06 23.48 -31.04
N ASP D 646 -8.25 24.53 -31.84
CA ASP D 646 -7.84 24.53 -33.24
C ASP D 646 -6.49 25.23 -33.33
N LEU D 647 -5.43 24.44 -33.50
CA LEU D 647 -4.08 24.99 -33.40
C LEU D 647 -3.84 26.15 -34.33
N GLU D 648 -4.68 26.34 -35.35
CA GLU D 648 -4.57 27.47 -36.27
C GLU D 648 -5.94 28.14 -36.39
N PHE D 649 -6.22 29.07 -35.47
CA PHE D 649 -7.46 29.81 -35.49
C PHE D 649 -7.29 31.22 -36.03
N THR D 650 -6.10 31.58 -36.50
CA THR D 650 -5.89 32.93 -37.00
C THR D 650 -4.64 32.96 -37.86
N GLU D 651 -4.65 33.84 -38.86
CA GLU D 651 -3.53 34.04 -39.77
C GLU D 651 -2.97 35.46 -39.63
N ASN D 652 -3.31 36.17 -38.56
CA ASN D 652 -2.84 37.53 -38.34
C ASN D 652 -1.68 37.47 -37.36
N TYR D 653 -0.45 37.48 -37.89
CA TYR D 653 0.74 37.40 -37.07
C TYR D 653 1.96 37.64 -37.95
N ASP D 654 2.96 38.33 -37.39
CA ASP D 654 4.19 38.59 -38.14
C ASP D 654 4.93 37.30 -38.46
N PHE D 655 5.15 36.47 -37.45
CA PHE D 655 5.97 35.27 -37.59
C PHE D 655 5.18 34.04 -37.18
N LYS D 656 5.31 32.97 -37.97
CA LYS D 656 4.59 31.73 -37.74
C LYS D 656 5.29 30.82 -36.76
N ALA D 657 6.62 30.77 -36.80
CA ALA D 657 7.35 29.94 -35.85
C ALA D 657 7.04 30.34 -34.43
N VAL D 658 6.99 31.65 -34.15
CA VAL D 658 6.73 32.11 -32.79
C VAL D 658 5.34 31.70 -32.34
N PHE D 659 4.34 31.96 -33.19
CA PHE D 659 2.96 31.61 -32.87
C PHE D 659 2.83 30.12 -32.57
N ILE D 660 3.37 29.27 -33.44
CA ILE D 660 3.14 27.84 -33.29
C ILE D 660 3.94 27.27 -32.13
N ILE D 661 5.16 27.79 -31.91
CA ILE D 661 5.92 27.37 -30.73
C ILE D 661 5.17 27.77 -29.47
N LEU D 662 4.52 28.93 -29.51
CA LEU D 662 3.76 29.42 -28.37
C LEU D 662 2.59 28.50 -28.04
N LEU D 663 1.81 28.14 -29.06
CA LEU D 663 0.66 27.26 -28.86
C LEU D 663 1.10 25.86 -28.44
N LEU D 664 2.19 25.35 -29.03
CA LEU D 664 2.67 24.02 -28.64
C LEU D 664 3.15 24.01 -27.20
N ALA D 665 3.85 25.07 -26.78
CA ALA D 665 4.26 25.16 -25.38
C ALA D 665 3.04 25.20 -24.47
N TYR D 666 2.01 25.94 -24.86
CA TYR D 666 0.80 26.00 -24.05
C TYR D 666 0.15 24.63 -23.92
N VAL D 667 0.02 23.92 -25.05
CA VAL D 667 -0.63 22.61 -25.02
C VAL D 667 0.16 21.63 -24.18
N ILE D 668 1.48 21.58 -24.38
CA ILE D 668 2.30 20.66 -23.61
C ILE D 668 2.26 20.99 -22.13
N LEU D 669 2.16 22.28 -21.79
CA LEU D 669 2.27 22.68 -20.39
C LEU D 669 0.96 22.52 -19.64
N THR D 670 -0.17 22.81 -20.28
CA THR D 670 -1.47 22.70 -19.63
C THR D 670 -2.19 21.40 -19.98
N TYR D 671 -2.42 21.14 -21.26
CA TYR D 671 -3.25 20.01 -21.65
C TYR D 671 -2.60 18.67 -21.29
N ILE D 672 -1.33 18.49 -21.66
CA ILE D 672 -0.67 17.21 -21.44
C ILE D 672 -0.12 17.12 -20.02
N LEU D 673 0.54 18.17 -19.55
CA LEU D 673 1.23 18.11 -18.27
C LEU D 673 0.27 18.38 -17.12
N LEU D 674 -0.33 19.57 -17.09
CA LEU D 674 -1.11 19.98 -15.93
C LEU D 674 -2.36 19.12 -15.77
N LEU D 675 -3.10 18.90 -16.85
CA LEU D 675 -4.42 18.28 -16.72
C LEU D 675 -4.30 16.83 -16.28
N ASN D 676 -3.37 16.07 -16.88
CA ASN D 676 -3.12 14.71 -16.43
C ASN D 676 -2.56 14.69 -15.01
N MET D 677 -1.81 15.73 -14.63
CA MET D 677 -1.34 15.83 -13.26
C MET D 677 -2.51 16.02 -12.30
N LEU D 678 -3.51 16.80 -12.72
CA LEU D 678 -4.72 16.95 -11.92
C LEU D 678 -5.42 15.61 -11.76
N ILE D 679 -5.49 14.83 -12.84
CA ILE D 679 -6.08 13.50 -12.72
C ILE D 679 -5.32 12.67 -11.69
N ALA D 680 -3.99 12.71 -11.74
CA ALA D 680 -3.19 11.95 -10.79
C ALA D 680 -3.42 12.40 -9.35
N LEU D 681 -3.47 13.71 -9.13
CA LEU D 681 -3.68 14.23 -7.78
C LEU D 681 -5.08 13.91 -7.27
N MET D 682 -6.08 13.97 -8.15
CA MET D 682 -7.41 13.51 -7.76
C MET D 682 -7.38 12.05 -7.36
N GLY D 683 -6.64 11.22 -8.10
CA GLY D 683 -6.53 9.82 -7.73
C GLY D 683 -5.96 9.66 -6.34
N GLU D 684 -4.86 10.36 -6.04
CA GLU D 684 -4.25 10.23 -4.73
C GLU D 684 -5.17 10.75 -3.63
N THR D 685 -5.82 11.89 -3.86
CA THR D 685 -6.70 12.45 -2.84
C THR D 685 -7.87 11.51 -2.57
N VAL D 686 -8.42 10.91 -3.62
CA VAL D 686 -9.48 9.91 -3.43
C VAL D 686 -8.97 8.78 -2.54
N ASN D 687 -7.81 8.23 -2.91
CA ASN D 687 -7.31 7.07 -2.18
C ASN D 687 -7.01 7.41 -0.72
N LYS D 688 -6.71 8.67 -0.43
CA LYS D 688 -6.56 9.11 0.96
C LYS D 688 -7.89 9.23 1.68
N ILE D 689 -8.83 10.01 1.12
CA ILE D 689 -10.01 10.42 1.87
C ILE D 689 -11.12 9.38 1.82
N ALA D 690 -10.83 8.20 1.28
CA ALA D 690 -11.81 7.11 1.25
C ALA D 690 -12.55 6.95 2.58
N GLN D 691 -11.88 7.18 3.71
CA GLN D 691 -12.46 6.91 5.02
C GLN D 691 -12.99 8.15 5.72
N GLU D 692 -12.29 9.29 5.65
CA GLU D 692 -12.79 10.53 6.21
C GLU D 692 -14.15 10.92 5.64
N SER D 693 -14.43 10.52 4.40
CA SER D 693 -15.74 10.80 3.81
C SER D 693 -16.86 10.09 4.57
N LYS D 694 -16.65 8.82 4.95
CA LYS D 694 -17.65 8.12 5.75
C LYS D 694 -17.91 8.84 7.07
N ASN D 695 -16.83 9.25 7.75
CA ASN D 695 -16.98 9.92 9.03
C ASN D 695 -17.78 11.21 8.87
N ILE D 696 -17.43 12.01 7.86
CA ILE D 696 -18.14 13.27 7.68
C ILE D 696 -19.59 13.03 7.29
N TRP D 697 -19.88 11.99 6.52
CA TRP D 697 -21.28 11.69 6.22
C TRP D 697 -22.04 11.34 7.50
N LYS D 698 -21.43 10.51 8.35
CA LYS D 698 -22.06 10.18 9.62
C LYS D 698 -22.39 11.44 10.42
N LEU D 699 -21.43 12.37 10.49
CA LEU D 699 -21.67 13.59 11.23
C LEU D 699 -22.77 14.42 10.59
N GLN D 700 -22.82 14.46 9.25
CA GLN D 700 -23.88 15.19 8.56
C GLN D 700 -25.24 14.64 8.92
N ARG D 701 -25.38 13.31 8.88
CA ARG D 701 -26.67 12.72 9.24
C ARG D 701 -27.01 12.99 10.70
N ALA D 702 -26.01 12.97 11.58
CA ALA D 702 -26.26 13.29 12.97
C ALA D 702 -26.86 14.69 13.11
N ILE D 703 -26.27 15.67 12.41
CA ILE D 703 -26.80 17.03 12.46
C ILE D 703 -28.22 17.05 11.91
N THR D 704 -28.47 16.28 10.86
CA THR D 704 -29.82 16.23 10.30
C THR D 704 -30.82 15.76 11.35
N ILE D 705 -30.47 14.70 12.08
CA ILE D 705 -31.35 14.16 13.11
C ILE D 705 -31.62 15.20 14.18
N LEU D 706 -30.56 15.85 14.66
CA LEU D 706 -30.74 16.84 15.73
C LEU D 706 -31.62 17.99 15.26
N ASP D 707 -31.38 18.50 14.05
CA ASP D 707 -32.18 19.61 13.56
C ASP D 707 -33.63 19.21 13.40
N THR D 708 -33.89 18.01 12.88
CA THR D 708 -35.27 17.59 12.71
C THR D 708 -35.98 17.48 14.06
N GLU D 709 -35.34 16.89 15.06
CA GLU D 709 -36.01 16.77 16.35
C GLU D 709 -36.23 18.15 16.98
N LYS D 710 -35.26 19.05 16.88
CA LYS D 710 -35.49 20.40 17.39
C LYS D 710 -36.63 21.11 16.67
N SER D 711 -36.82 20.85 15.38
CA SER D 711 -37.81 21.60 14.62
C SER D 711 -39.22 21.24 15.07
N PHE D 712 -39.53 19.95 15.17
CA PHE D 712 -40.89 19.49 15.47
C PHE D 712 -41.06 19.13 16.95
N LEU D 713 -40.41 19.87 17.86
CA LEU D 713 -40.74 19.71 19.26
C LEU D 713 -42.20 20.02 19.53
N LYS D 714 -42.79 20.90 18.72
CA LYS D 714 -44.20 21.26 18.91
C LYS D 714 -45.11 20.07 18.63
N CYS D 715 -44.87 19.36 17.53
CA CYS D 715 -45.72 18.23 17.17
C CYS D 715 -45.61 17.13 18.22
N MET D 716 -44.39 16.72 18.55
CA MET D 716 -44.15 15.70 19.59
C MET D 716 -42.86 16.10 20.31
N ARG D 717 -43.01 16.87 21.39
CA ARG D 717 -41.84 17.30 22.15
C ARG D 717 -41.24 16.15 22.94
N LYS D 718 -42.09 15.37 23.62
CA LYS D 718 -41.62 14.28 24.47
C LYS D 718 -42.22 12.94 24.09
N ALA D 719 -42.98 12.87 22.99
CA ALA D 719 -43.54 11.59 22.58
C ALA D 719 -42.43 10.58 22.25
N PHE D 720 -41.40 11.03 21.55
CA PHE D 720 -40.28 10.18 21.17
C PHE D 720 -39.11 10.46 22.12
N ARG D 721 -39.09 9.74 23.23
CA ARG D 721 -37.94 9.76 24.14
C ARG D 721 -37.14 8.48 23.97
N SER D 722 -35.83 8.63 23.82
CA SER D 722 -34.98 7.47 23.60
C SER D 722 -34.97 6.55 24.81
N GLY D 723 -35.00 5.25 24.53
CA GLY D 723 -34.94 4.27 25.59
C GLY D 723 -36.23 4.17 26.37
N LYS D 724 -36.13 3.51 27.52
CA LYS D 724 -37.25 3.26 28.41
C LYS D 724 -36.86 3.64 29.83
N LEU D 725 -37.85 4.11 30.59
CA LEU D 725 -37.64 4.48 31.98
C LEU D 725 -37.62 3.21 32.82
N LEU D 726 -36.44 2.83 33.31
CA LEU D 726 -36.23 1.56 33.97
C LEU D 726 -35.64 1.77 35.36
N GLN D 727 -35.77 0.75 36.19
CA GLN D 727 -35.09 0.67 37.47
C GLN D 727 -33.92 -0.31 37.35
N VAL D 728 -32.71 0.20 37.52
CA VAL D 728 -31.52 -0.65 37.43
C VAL D 728 -31.19 -1.27 38.78
N GLY D 729 -31.39 -0.54 39.86
CA GLY D 729 -31.09 -1.05 41.19
C GLY D 729 -31.45 0.00 42.22
N PHE D 730 -31.12 -0.31 43.47
CA PHE D 730 -31.38 0.59 44.58
C PHE D 730 -30.16 1.44 44.88
N THR D 731 -30.37 2.47 45.69
CA THR D 731 -29.31 3.36 46.12
C THR D 731 -29.43 3.62 47.62
N PRO D 732 -28.31 3.81 48.32
CA PRO D 732 -28.40 4.13 49.75
C PRO D 732 -29.15 5.42 50.05
N ASP D 733 -29.11 6.39 49.14
CA ASP D 733 -29.69 7.70 49.43
C ASP D 733 -31.19 7.61 49.69
N GLY D 734 -31.94 6.99 48.78
CA GLY D 734 -33.37 6.91 48.93
C GLY D 734 -33.97 5.60 48.44
N LYS D 735 -33.13 4.60 48.21
CA LYS D 735 -33.58 3.29 47.74
C LYS D 735 -34.32 3.41 46.40
N ASP D 736 -33.93 4.38 45.59
CA ASP D 736 -34.58 4.61 44.30
C ASP D 736 -33.52 4.90 43.24
N ASP D 737 -33.62 4.22 42.10
CA ASP D 737 -32.75 4.51 40.96
C ASP D 737 -33.55 4.23 39.69
N TYR D 738 -34.16 5.29 39.16
CA TYR D 738 -35.00 5.21 37.96
C TYR D 738 -34.40 6.13 36.92
N ARG D 739 -34.03 5.56 35.77
CA ARG D 739 -33.31 6.31 34.75
C ARG D 739 -33.84 5.95 33.36
N TRP D 740 -33.67 6.88 32.44
CA TRP D 740 -34.09 6.69 31.05
C TRP D 740 -32.99 5.92 30.33
N CYS D 741 -33.04 4.61 30.45
CA CYS D 741 -31.94 3.76 30.02
C CYS D 741 -32.20 3.17 28.64
N PHE D 742 -31.11 2.78 27.98
CA PHE D 742 -31.13 2.30 26.60
C PHE D 742 -30.50 0.92 26.53
N ARG D 743 -31.20 -0.03 25.93
CA ARG D 743 -30.79 -1.43 25.95
C ARG D 743 -30.07 -1.81 24.67
N VAL D 744 -29.01 -2.60 24.80
CA VAL D 744 -28.32 -3.20 23.66
C VAL D 744 -27.88 -4.61 24.03
N ASP D 745 -28.04 -5.53 23.09
CA ASP D 745 -27.61 -6.91 23.30
C ASP D 745 -26.11 -7.05 23.01
N GLU D 746 -25.60 -8.26 23.17
CA GLU D 746 -24.21 -8.55 22.85
C GLU D 746 -23.98 -10.04 23.02
N VAL D 747 -22.87 -10.53 22.45
CA VAL D 747 -22.51 -11.93 22.52
C VAL D 747 -21.00 -12.06 22.58
N ASN D 748 -20.53 -13.14 23.20
CA ASN D 748 -19.10 -13.42 23.30
C ASN D 748 -18.91 -14.89 23.63
N TRP D 749 -17.79 -15.45 23.17
CA TRP D 749 -17.47 -16.85 23.41
C TRP D 749 -16.22 -17.07 24.26
N THR D 750 -15.22 -16.18 24.18
CA THR D 750 -14.03 -16.36 25.00
C THR D 750 -14.36 -16.24 26.48
N THR D 751 -15.18 -15.26 26.85
CA THR D 751 -15.46 -15.02 28.26
C THR D 751 -16.10 -16.24 28.92
N TRP D 752 -17.16 -16.76 28.32
CA TRP D 752 -17.90 -17.88 28.90
C TRP D 752 -18.34 -17.56 30.33
C1 LBN E . 12.51 41.62 -7.41
N1 LBN E . 15.80 35.96 -8.89
P1 LBN E . 12.69 39.23 -6.16
C2 LBN E . 11.48 42.80 -7.56
C3 LBN E . 12.07 44.08 -6.91
C6 LBN E . 14.98 37.28 -8.88
O1 LBN E . 11.91 40.63 -6.64
C9 LBN E . 14.08 37.41 -7.61
O2 LBN E . 13.80 38.73 -7.46
C12 LBN E . 14.87 34.75 -8.81
O3 LBN E . 13.70 39.57 -5.10
C15 LBN E . 16.67 35.87 -10.13
O4 LBN E . 11.73 38.11 -6.17
C18 LBN E . 16.72 35.94 -7.66
C25 LBN E . 13.41 44.60 -4.99
O5 LBN E . 12.45 43.81 -5.57
C26 LBN E . 14.29 45.35 -5.97
O6 LBN E . 13.52 44.66 -3.78
C27 LBN E . 13.93 46.84 -6.13
C28 LBN E . 15.01 47.69 -6.86
C29 LBN E . 14.62 48.26 -8.26
C30 LBN E . 14.86 49.77 -8.45
C31 LBN E . 15.11 50.27 -9.91
C32 LBN E . 14.02 51.20 -10.53
C33 LBN E . 14.56 52.27 -11.52
C34 LBN E . 12.01 44.11 -9.57
O7 LBN E . 11.30 43.11 -8.95
C35 LBN E . 11.18 44.99 -10.48
O8 LBN E . 13.21 44.22 -9.35
C36 LBN E . 11.53 46.49 -10.50
C37 LBN E . 11.63 47.15 -11.91
C38 LBN E . 10.76 48.41 -12.14
C39 LBN E . 9.59 48.55 -11.12
C06 6OU F . 5.46 17.87 -30.35
C07 6OU F . 5.98 18.35 -31.73
C08 6OU F . 5.04 18.16 -32.95
C09 6OU F . 4.96 19.35 -33.95
C10 6OU F . 6.09 19.45 -35.00
C11 6OU F . 6.17 20.77 -35.84
C12 6OU F . 6.48 20.61 -37.36
C13 6OU F . 7.63 19.64 -37.75
C14 6OU F . 9.03 20.31 -38.01
C15 6OU F . 9.84 19.75 -39.20
C16 6OU F . 10.28 20.83 -40.22
O17 6OU F . 10.73 20.58 -41.30
O18 6OU F . 10.10 22.14 -39.81
C19 6OU F . 10.19 23.16 -40.84
C20 6OU F . 8.83 23.94 -41.06
C21 6OU F . 8.38 23.93 -42.58
O22 6OU F . 7.67 25.08 -42.89
P23 6OU F . 6.52 25.04 -44.23
O24 6OU F . 5.16 25.09 -43.63
O25 6OU F . 7.02 26.04 -45.23
O26 6OU F . 6.69 23.49 -44.97
O30 6OU F . 9.03 25.32 -40.61
C31 6OU F . 8.43 25.72 -39.42
O32 6OU F . 7.57 26.55 -39.41
C33 6OU F . 8.96 25.07 -38.11
C34 6OU F . 8.00 25.27 -36.89
C35 6OU F . 8.66 25.22 -35.47
C36 6OU F . 8.92 23.79 -34.89
C37 6OU F . 8.34 23.50 -33.49
C38 6OU F . 9.31 22.85 -32.47
C39 6OU F . 8.65 22.26 -31.22
C40 6OU F . 8.50 23.20 -30.06
C41 6OU F . 8.07 22.87 -28.83
C42 6OU F . 7.95 23.83 -27.69
C43 6OU F . 8.57 23.42 -26.33
C10 6OU G . 16.46 13.42 -36.85
C11 6OU G . 16.42 12.21 -37.82
C12 6OU G . 15.53 12.37 -39.10
C13 6OU G . 16.25 12.34 -40.48
C14 6OU G . 15.31 12.46 -41.72
C15 6OU G . 15.75 13.49 -42.80
C16 6OU G . 14.67 13.77 -43.88
O17 6OU G . 14.01 12.91 -44.37
O18 6OU G . 14.52 15.09 -44.25
C19 6OU G . 13.21 15.67 -44.03
C20 6OU G . 13.22 17.23 -44.08
C21 6OU G . 13.68 17.79 -45.48
O22 6OU G . 12.75 17.49 -46.46
P23 6OU G . 11.73 18.76 -47.12
O24 6OU G . 12.64 19.84 -47.57
O25 6OU G . 10.63 18.96 -46.12
O26 6OU G . 11.00 18.09 -48.53
O30 6OU G . 14.11 17.71 -43.04
C31 6OU G . 13.65 17.71 -41.72
O32 6OU G . 12.54 17.42 -41.46
C33 6OU G . 14.69 18.11 -40.63
C34 6OU G . 14.70 17.11 -39.41
C35 6OU G . 14.50 17.74 -37.99
C36 6OU G . 14.93 16.85 -36.78
C37 6OU G . 15.09 17.56 -35.39
C38 6OU G . 15.13 16.65 -34.14
C39 6OU G . 16.50 16.57 -33.43
C40 6OU G . 16.53 15.77 -32.15
C41 6OU G . 17.46 14.86 -31.83
C42 6OU G . 18.65 14.50 -32.69
C43 6OU G . 19.59 13.36 -32.19
C31 6OU H . 15.44 10.79 -16.93
O32 6OU H . 15.29 10.22 -15.90
C33 6OU H . 16.04 10.08 -18.18
C34 6OU H . 15.37 10.54 -19.53
C35 6OU H . 16.17 11.58 -20.39
C36 6OU H . 16.02 11.42 -21.94
C37 6OU H . 15.43 12.64 -22.72
C38 6OU H . 16.03 12.93 -24.13
C39 6OU H . 15.15 13.78 -25.09
C40 6OU H . 14.12 14.70 -24.47
C41 6OU H . 13.55 15.76 -25.06
C42 6OU H . 13.81 16.23 -26.47
C43 6OU H . 13.99 15.17 -27.59
C1 4DY I . 7.83 27.14 -12.81
C2 4DY I . 8.70 28.17 -12.52
C3 4DY I . 9.46 28.14 -11.37
C4 4DY I . 9.36 27.06 -10.51
C5 4DY I . 8.50 26.02 -10.81
C40 4DY I . 9.56 29.81 -24.87
C38 4DY I . 8.37 30.10 -23.96
C44 4DY I . 7.12 30.34 -24.81
C37 4DY I . 8.11 28.91 -23.05
C36 4DY I . 8.22 29.01 -21.74
C33 4DY I . 7.95 27.78 -20.89
C30 4DY I . 8.86 27.78 -19.66
C27 4DY I . 8.24 26.88 -18.60
C24 4DY I . 9.12 26.85 -17.36
C22 4DY I . 8.26 26.52 -16.15
O23 4DY I . 7.94 25.40 -15.99
N21 4DY I . 7.83 27.53 -15.21
C17 4DY I . 7.00 27.16 -14.08
C6 4DY I . 7.74 26.05 -11.96
O10 4DY I . 10.12 27.00 -9.35
O12 4DY I . 10.34 29.18 -11.05
C13 4DY I . 10.35 30.28 -11.89
C10 6OU J . -4.59 40.30 -12.77
C11 6OU J . -3.24 40.72 -13.42
C12 6OU J . -3.28 41.09 -14.93
C13 6OU J . -2.92 42.56 -15.32
C14 6OU J . -2.93 42.86 -16.86
C15 6OU J . -3.69 44.15 -17.27
C16 6OU J . -3.90 44.28 -18.80
O17 6OU J . -3.05 44.02 -19.60
O18 6OU J . -5.14 44.73 -19.21
C19 6OU J . -5.90 43.84 -20.04
C20 6OU J . -7.43 44.21 -20.11
C21 6OU J . -7.66 45.64 -20.72
O22 6OU J . -7.31 45.67 -22.05
P23 6OU J . -8.56 45.75 -23.30
O24 6OU J . -9.42 46.90 -22.95
O25 6OU J . -9.07 44.35 -23.46
O26 6OU J . -7.75 46.15 -24.77
O30 6OU J . -7.97 44.14 -18.77
C31 6OU J . -8.25 42.89 -18.23
O32 6OU J . -8.15 41.91 -18.89
C33 6OU J . -8.71 42.85 -16.75
C34 6OU J . -7.96 41.78 -15.89
C35 6OU J . -8.85 40.75 -15.11
C36 6OU J . -8.14 39.97 -13.96
C37 6OU J . -9.05 39.23 -12.94
C38 6OU J . -8.38 38.15 -12.05
C39 6OU J . -8.27 38.52 -10.55
C40 6OU J . -7.71 37.45 -9.66
C41 6OU J . -6.77 37.63 -8.72
C42 6OU J . -6.12 38.96 -8.40
C43 6OU J . -4.99 38.97 -7.33
C1 LBN K . -4.20 53.95 -27.03
C2 LBN K . -4.34 53.94 -25.46
C3 LBN K . -5.54 53.04 -25.07
C4 LBN K . -4.10 48.89 -13.01
C5 LBN K . 3.20 53.54 -15.92
O1 LBN K . -2.87 54.19 -27.35
C25 LBN K . -6.62 52.50 -22.98
O5 LBN K . -5.47 52.71 -23.68
C26 LBN K . -6.58 51.31 -22.04
O6 LBN K . -7.58 53.23 -23.12
C27 LBN K . -6.18 51.64 -20.58
C28 LBN K . -6.50 50.54 -19.55
C29 LBN K . -5.28 49.89 -18.83
C30 LBN K . -5.41 49.76 -17.29
C31 LBN K . -4.79 48.48 -16.63
C32 LBN K . -3.65 48.71 -15.61
C33 LBN K . -3.82 47.98 -14.23
C34 LBN K . -2.87 53.46 -23.56
O7 LBN K . -3.19 53.29 -24.89
C35 LBN K . -1.75 52.54 -23.09
O8 LBN K . -3.46 54.28 -22.90
C36 LBN K . -1.12 52.90 -21.71
C37 LBN K . -1.10 51.76 -20.66
C38 LBN K . 0.03 51.84 -19.59
C39 LBN K . -0.24 50.94 -18.35
C40 LBN K . 0.97 50.75 -17.40
C41 LBN K . 2.09 51.83 -17.51
C42 LBN K . 2.18 52.78 -16.36
C07 YFP L . -1.77 37.91 -5.43
C08 YFP L . -2.34 36.46 -5.66
C09 YFP L . -1.72 35.33 -4.77
C10 YFP L . -2.71 34.19 -4.34
C11 YFP L . -2.23 33.28 -3.15
C12 YFP L . -3.17 33.26 -1.89
C13 YFP L . -2.59 32.54 -0.61
C14 YFP L . -2.51 30.97 -0.68
C15 YFP L . -1.66 30.28 0.45
C16 YFP L . -2.30 29.01 1.07
C19 YFP L . -0.92 28.00 2.84
C20 YFP L . -0.49 28.39 4.35
C21 YFP L . -0.90 27.27 5.37
C33 YFP L . -0.39 30.85 4.62
C35 YFP L . -1.06 32.25 4.53
C36 YFP L . -0.53 33.17 3.37
C37 YFP L . -1.24 34.58 3.21
C38 YFP L . -1.35 35.14 1.74
C39 YFP L . -1.09 36.68 1.55
C40 YFP L . -1.65 37.31 0.21
O17 YFP L . -2.99 28.25 0.40
O18 YFP L . -2.13 28.67 2.42
O22 YFP L . -1.26 27.85 6.62
O24 YFP L . -1.63 25.50 7.63
O25 YFP L . -2.67 27.49 8.83
O26 YFP L . -0.09 27.12 8.97
O32 YFP L . -1.13 29.67 4.66
O34 YFP L . 0.84 30.75 4.64
P23 YFP L . -1.50 26.95 8.03
NA NA M . -12.68 16.84 -29.90
NA NA N . -11.02 14.63 -25.99
C1 LBN O . 14.88 16.36 -56.31
C2 LBN O . 16.01 16.45 -55.22
C3 LBN O . 15.57 17.42 -54.09
C4 LBN O . 21.98 14.79 -43.30
C5 LBN O . 23.75 8.72 -49.92
O1 LBN O . 14.95 15.13 -56.93
C25 LBN O . 16.65 18.29 -52.12
O5 LBN O . 16.41 17.23 -52.95
C26 LBN O . 16.56 17.98 -50.64
O6 LBN O . 16.90 19.40 -52.57
C27 LBN O . 17.91 17.62 -49.99
C28 LBN O . 17.92 17.66 -48.44
C29 LBN O . 18.18 16.31 -47.71
C30 LBN O . 19.22 16.36 -46.55
C31 LBN O . 18.94 15.47 -45.31
C32 LBN O . 19.99 14.37 -44.98
C33 LBN O . 20.52 14.34 -43.52
C34 LBN O . 17.28 14.86 -53.88
O7 LBN O . 16.15 15.17 -54.58
C35 LBN O . 17.17 13.55 -53.09
O8 LBN O . 18.26 15.58 -53.93
C36 LBN O . 18.51 12.97 -52.55
C37 LBN O . 18.56 12.68 -51.01
C38 LBN O . 19.53 11.57 -50.56
C39 LBN O . 19.84 11.60 -49.04
C40 LBN O . 20.56 10.34 -48.48
C41 LBN O . 21.32 9.49 -49.54
C42 LBN O . 22.82 9.57 -49.47
C07 YFP P . 20.69 9.93 -30.72
C08 YFP P . 19.49 10.19 -29.74
C09 YFP P . 19.48 9.32 -28.42
C10 YFP P . 18.94 10.04 -27.13
C11 YFP P . 19.30 9.34 -25.77
C12 YFP P . 20.10 10.21 -24.75
C13 YFP P . 20.66 9.45 -23.48
C14 YFP P . 19.58 9.04 -22.41
C15 YFP P . 20.07 8.03 -21.30
C16 YFP P . 19.62 8.38 -19.85
C19 YFP P . 20.44 6.76 -18.18
C20 YFP P . 21.87 6.38 -17.54
C21 YFP P . 21.85 6.51 -15.98
C33 YFP P . 23.69 6.80 -19.16
C35 YFP P . 24.47 7.75 -20.11
C36 YFP P . 24.28 7.47 -21.65
C37 YFP P . 25.00 8.46 -22.64
C38 YFP P . 24.26 8.72 -24.01
C39 YFP P . 25.16 8.81 -25.30
C40 YFP P . 24.52 9.52 -26.54
O17 YFP P . 18.54 8.91 -19.63
O18 YFP P . 20.42 8.10 -18.74
O22 YFP P . 23.10 6.95 -15.50
O24 YFP P . 22.27 6.78 -13.05
O25 YFP P . 24.34 8.18 -13.51
O26 YFP P . 24.52 5.58 -13.62
O32 YFP P . 22.86 7.26 -18.14
O34 YFP P . 23.79 5.58 -19.29
P23 YFP P . 23.53 6.95 -13.86
C1 LBN Q . 23.35 -3.20 -37.27
N1 LBN Q . 18.93 -7.57 -34.74
P1 LBN Q . 22.74 -3.91 -34.73
C2 LBN Q . 23.89 -1.94 -38.04
C3 LBN Q . 25.30 -2.27 -38.64
C6 LBN Q . 19.71 -6.48 -35.54
O1 LBN Q . 23.20 -2.85 -35.93
C9 LBN Q . 20.63 -5.61 -34.64
O2 LBN Q . 21.58 -5.07 -35.44
C12 LBN Q . 18.08 -6.92 -33.66
O3 LBN Q . 23.87 -4.86 -34.46
C15 LBN Q . 18.05 -8.39 -35.66
O4 LBN Q . 21.88 -3.21 -33.76
C18 LBN Q . 19.93 -8.50 -34.06
C25 LBN Q . 27.23 -3.53 -37.96
O5 LBN Q . 26.16 -2.74 -37.62
C26 LBN Q . 27.10 -4.20 -39.31
O6 LBN Q . 28.18 -3.65 -37.22
C27 LBN Q . 27.92 -3.53 -40.43
C28 LBN Q . 28.05 -4.38 -41.74
C29 LBN Q . 27.35 -3.83 -43.00
C30 LBN Q . 28.22 -3.75 -44.28
C31 LBN Q . 27.50 -3.84 -45.66
C32 LBN Q . 27.52 -2.57 -46.55
C33 LBN Q . 27.55 -2.83 -48.09
C34 LBN Q . 23.33 -2.13 -40.43
O7 LBN Q . 23.05 -1.66 -39.16
C35 LBN Q . 23.13 -1.10 -41.52
O8 LBN Q . 23.71 -3.28 -40.57
C36 LBN Q . 24.14 -1.12 -42.69
C37 LBN Q . 23.55 -1.04 -44.13
C38 LBN Q . 24.09 0.09 -45.03
C39 LBN Q . 24.81 1.21 -44.25
C06 6OU R . -10.28 -0.49 -34.43
C07 6OU R . -11.10 -1.03 -35.64
C08 6OU R . -11.65 0.02 -36.64
C09 6OU R . -12.41 -0.55 -37.88
C10 6OU R . -11.98 0.00 -39.27
C11 6OU R . -12.71 -0.58 -40.52
C12 6OU R . -13.60 -1.84 -40.26
C13 6OU R . -14.46 -2.37 -41.43
C14 6OU R . -14.07 -3.79 -41.96
C15 6OU R . -15.20 -4.59 -42.67
C16 6OU R . -15.20 -4.47 -44.21
O17 6OU R . -16.12 -4.80 -44.89
O18 6OU R . -14.03 -3.96 -44.77
C19 6OU R . -14.17 -3.41 -46.10
C20 6OU R . -13.35 -2.08 -46.31
C21 6OU R . -13.68 -1.37 -47.69
O22 6OU R . -15.05 -1.33 -47.92
P23 6OU R . -15.77 0.11 -48.66
O24 6OU R . -17.22 0.05 -48.35
O25 6OU R . -14.89 1.24 -48.30
O26 6OU R . -15.61 -0.11 -50.37
O30 6OU R . -11.93 -2.42 -46.25
C31 6OU R . -11.00 -1.38 -46.16
O32 6OU R . -10.67 -0.76 -47.13
C33 6OU R . -10.42 -1.06 -44.75
C34 6OU R . -9.81 -2.31 -44.03
C35 6OU R . -8.73 -2.03 -42.92
C36 6OU R . -8.95 -2.76 -41.56
C37 6OU R . -8.13 -2.25 -40.34
C38 6OU R . -7.76 -3.29 -39.27
C39 6OU R . -6.38 -3.09 -38.60
C40 6OU R . -6.22 -1.83 -37.80
C41 6OU R . -5.20 -1.55 -36.97
C42 6OU R . -4.03 -2.45 -36.70
C43 6OU R . -2.88 -2.48 -37.77
C10 6OU S . -16.61 -12.14 -37.23
C11 6OU S . -18.15 -12.32 -36.99
C12 6OU S . -19.08 -11.38 -37.80
C13 6OU S . -20.05 -12.04 -38.83
C14 6OU S . -21.01 -11.06 -39.58
C15 6OU S . -21.08 -11.24 -41.12
C16 6OU S . -21.83 -10.11 -41.86
O17 6OU S . -22.84 -9.62 -41.45
O18 6OU S . -21.25 -9.66 -43.04
C19 6OU S . -20.86 -8.28 -43.07
C20 6OU S . -19.86 -7.95 -44.24
C21 6OU S . -20.49 -8.25 -45.66
O22 6OU S . -21.53 -7.37 -45.92
P23 6OU S . -21.30 -6.08 -47.12
O24 6OU S . -20.82 -6.74 -48.35
O25 6OU S . -20.56 -5.00 -46.40
O26 6OU S . -22.88 -5.47 -47.45
O30 6OU S . -18.68 -8.75 -44.04
C31 6OU S . -17.75 -8.34 -43.08
O32 6OU S . -17.88 -7.32 -42.51
C33 6OU S . -16.55 -9.30 -42.82
C34 6OU S . -16.30 -9.57 -41.29
C35 6OU S . -14.85 -9.27 -40.76
C36 6OU S . -14.49 -9.92 -39.38
C37 6OU S . -12.97 -9.96 -39.00
C38 6OU S . -12.64 -10.24 -37.52
C39 6OU S . -11.99 -11.61 -37.23
C40 6OU S . -11.56 -11.84 -35.80
C41 6OU S . -11.81 -12.96 -35.09
C42 6OU S . -12.55 -14.15 -35.61
C43 6OU S . -12.81 -15.34 -34.63
C31 6OU T . -3.65 -12.28 -21.84
O32 6OU T . -3.27 -12.28 -20.71
C33 6OU T . -4.97 -12.98 -22.27
C34 6OU T . -5.75 -12.19 -23.38
C35 6OU T . -5.62 -12.72 -24.85
C36 6OU T . -6.88 -12.56 -25.75
C37 6OU T . -6.73 -11.70 -27.04
C38 6OU T . -7.53 -12.18 -28.30
C39 6OU T . -7.79 -11.13 -29.40
C40 6OU T . -6.84 -9.94 -29.47
C41 6OU T . -6.65 -9.14 -30.53
C42 6OU T . -7.36 -9.26 -31.86
C43 6OU T . -8.87 -9.62 -31.87
C1 4DY U . 9.26 -1.52 -29.58
C2 4DY U . 10.26 -2.16 -30.29
C3 4DY U . 11.18 -2.94 -29.63
C4 4DY U . 11.09 -3.09 -28.26
C5 4DY U . 10.09 -2.46 -27.55
C40 4DY U . 2.26 -2.28 -39.88
C38 4DY U . 2.98 -1.09 -39.26
C44 4DY U . 2.36 0.20 -39.78
C37 4DY U . 2.84 -1.12 -37.74
C36 4DY U . 3.90 -1.24 -36.96
C33 4DY U . 3.69 -1.27 -35.46
C30 4DY U . 4.70 -2.20 -34.79
C27 4DY U . 4.83 -1.80 -33.32
C24 4DY U . 5.85 -2.71 -32.63
C22 4DY U . 6.42 -1.97 -31.43
O23 4DY U . 5.76 -1.89 -30.46
N21 4DY U . 7.74 -1.36 -31.46
C17 4DY U . 8.23 -0.67 -30.29
C6 4DY U . 9.17 -1.68 -28.21
O10 4DY U . 12.02 -3.90 -27.57
O12 4DY U . 12.22 -3.60 -30.31
C13 4DY U . 12.31 -3.35 -31.68
C1 LBN V . -29.34 -9.39 -52.07
C2 LBN V . -28.35 -10.51 -51.60
C3 LBN V . -26.92 -9.91 -51.48
C4 LBN V . -19.86 -17.05 -43.50
C5 LBN V . -28.56 -19.87 -43.83
O1 LBN V . -30.61 -9.72 -51.60
C25 LBN V . -24.75 -10.83 -50.99
O5 LBN V . -26.09 -10.80 -50.73
C26 LBN V . -23.86 -10.86 -49.75
O6 LBN V . -24.33 -10.84 -52.12
C27 LBN V . -23.44 -12.27 -49.29
C28 LBN V . -22.28 -12.32 -48.28
C29 LBN V . -22.58 -12.88 -46.87
C30 LBN V . -21.57 -13.91 -46.32
C31 LBN V . -21.26 -13.87 -44.79
C32 LBN V . -21.62 -15.13 -43.97
C33 LBN V . -20.48 -15.70 -43.05
C34 LBN V . -28.24 -12.13 -49.77
O7 LBN V . -28.68 -10.94 -50.28
C35 LBN V . -28.52 -12.32 -48.29
O8 LBN V . -27.68 -12.92 -50.51
C36 LBN V . -28.34 -13.76 -47.74
C37 LBN V . -27.39 -13.92 -46.52
C38 LBN V . -27.66 -15.12 -45.58
C39 LBN V . -26.47 -15.45 -44.64
C40 LBN V . -26.80 -16.43 -43.49
C41 LBN V . -28.06 -17.33 -43.70
C42 LBN V . -27.78 -18.78 -43.99
C07 YFP W . -13.84 -17.18 -31.36
C08 YFP W . -13.08 -15.99 -30.67
C09 YFP W . -12.68 -16.21 -29.16
C10 YFP W . -11.32 -15.56 -28.73
C11 YFP W . -10.73 -16.09 -27.37
C12 YFP W . -9.29 -16.72 -27.47
C13 YFP W . -8.78 -17.45 -26.16
C14 YFP W . -8.37 -16.52 -24.96
C15 YFP W . -8.16 -17.25 -23.58
C16 YFP W . -6.91 -16.78 -22.78
C19 YFP W . -6.63 -17.98 -20.65
C20 YFP W . -6.23 -19.47 -20.19
C21 YFP W . -4.99 -19.47 -19.24
C33 YFP W . -6.94 -21.11 -21.89
C35 YFP W . -6.93 -21.64 -23.36
C36 YFP W . -8.28 -21.47 -24.14
C37 YFP W . -8.28 -21.94 -25.66
C38 YFP W . -9.22 -21.12 -26.62
C39 YFP W . -10.01 -21.95 -27.71
C40 YFP W . -10.55 -21.13 -28.95
O17 YFP W . -6.53 -15.61 -22.82
O18 YFP W . -6.17 -17.66 -21.99
O22 YFP W . -4.20 -20.62 -19.45
O24 YFP W . -2.59 -19.91 -17.55
O25 YFP W . -1.76 -21.63 -19.24
O26 YFP W . -3.52 -22.34 -17.45
O32 YFP W . -5.99 -20.23 -21.41
O34 YFP W . -7.84 -21.47 -21.11
P23 YFP W . -2.93 -21.08 -18.44
C1 LBN X . -27.01 -22.38 -26.73
N1 LBN X . -28.52 -19.06 -21.09
P1 LBN X . -25.67 -22.01 -24.41
C2 LBN X . -26.69 -22.62 -28.25
C3 LBN X . -27.18 -24.03 -28.66
C6 LBN X . -28.33 -19.56 -22.56
O1 LBN X . -25.81 -22.20 -26.06
C9 LBN X . -26.97 -20.31 -22.74
O2 LBN X . -27.10 -21.10 -23.84
C12 LBN X . -27.39 -18.13 -20.69
O3 LBN X . -25.95 -23.31 -23.74
C15 LBN X . -29.87 -18.34 -20.95
O4 LBN X . -24.59 -21.04 -24.11
C18 LBN X . -28.52 -20.25 -20.15
C25 LBN X . -27.28 -26.20 -27.64
O5 LBN X . -26.62 -25.02 -27.79
C26 LBN X . -28.74 -26.18 -28.04
O6 LBN X . -26.69 -27.19 -27.23
C27 LBN X . -29.04 -26.80 -29.41
C28 LBN X . -30.54 -27.08 -29.69
C29 LBN X . -31.21 -26.24 -30.80
C30 LBN X . -32.00 -27.04 -31.88
C31 LBN X . -33.17 -26.31 -32.61
C32 LBN X . -33.00 -26.04 -34.12
C33 LBN X . -34.30 -26.07 -34.97
C34 LBN X . -28.66 -22.03 -29.60
O7 LBN X . -27.44 -21.70 -29.05
C35 LBN X . -28.82 -21.58 -31.05
O8 LBN X . -29.48 -22.64 -28.93
C36 LBN X . -29.58 -22.54 -31.98
C37 LBN X . -30.67 -21.90 -32.90
C38 LBN X . -30.53 -22.17 -34.41
C39 LBN X . -29.12 -22.65 -34.84
C06 6OU Y . -28.99 4.10 -21.80
C07 6OU Y . -29.76 4.98 -22.86
C08 6OU Y . -30.02 6.46 -22.49
C09 6OU Y . -31.52 6.92 -22.49
C10 6OU Y . -31.81 8.32 -23.09
C11 6OU Y . -33.29 8.65 -23.45
C12 6OU Y . -33.49 9.63 -24.64
C13 6OU Y . -34.80 9.48 -25.46
C14 6OU Y . -34.94 10.47 -26.68
C15 6OU Y . -36.30 11.20 -26.80
C16 6OU Y . -36.56 11.84 -28.19
O17 6OU Y . -36.32 11.30 -29.23
O18 6OU Y . -37.09 13.13 -28.17
C19 6OU Y . -37.14 13.79 -26.89
C20 6OU Y . -38.51 14.49 -26.61
C21 6OU Y . -38.75 15.73 -27.56
O22 6OU Y . -38.16 15.54 -28.80
P23 6OU Y . -38.10 16.87 -29.95
O24 6OU Y . -37.92 18.11 -29.16
O25 6OU Y . -39.22 16.65 -30.90
O26 6OU Y . -36.65 16.64 -30.85
O30 6OU Y . -38.56 14.91 -25.22
C31 6OU Y . -37.72 14.30 -24.29
O32 6OU Y . -37.54 13.12 -24.29
C33 6OU Y . -37.04 15.22 -23.24
C34 6OU Y . -35.87 14.54 -22.46
C35 6OU Y . -34.45 15.16 -22.63
C36 6OU Y . -33.53 14.49 -23.70
C37 6OU Y . -32.29 13.69 -23.18
C38 6OU Y . -31.34 13.11 -24.27
C39 6OU Y . -29.85 13.15 -23.90
C40 6OU Y . -29.51 12.72 -22.50
C41 6OU Y . -28.37 12.14 -22.13
C42 6OU Y . -28.04 11.71 -20.73
C43 6OU Y . -27.06 10.53 -20.54
C10 6OU Z . -37.65 14.77 -13.15
C11 6OU Z . -37.78 16.22 -12.58
C12 6OU Z . -37.88 17.36 -13.64
C13 6OU Z . -39.19 18.19 -13.68
C14 6OU Z . -39.22 19.36 -14.71
C15 6OU Z . -40.50 19.44 -15.60
C16 6OU Z . -40.38 20.43 -16.78
O17 6OU Z . -39.87 21.51 -16.68
O18 6OU Z . -40.89 20.00 -17.99
C19 6OU Z . -39.96 19.92 -19.08
C20 6OU Z . -40.50 19.05 -20.27
C21 6OU Z . -41.82 19.63 -20.90
O22 6OU Z . -41.57 20.84 -21.53
P23 6OU Z . -41.58 20.93 -23.29
O24 6OU Z . -42.87 20.35 -23.73
O25 6OU Z . -40.24 20.42 -23.73
O26 6OU Z . -41.61 22.61 -23.68
O30 6OU Z . -40.74 17.70 -19.78
C31 6OU Z . -39.65 16.86 -19.59
O32 6OU Z . -38.56 17.19 -19.93
C33 6OU Z . -39.93 15.48 -18.94
C34 6OU Z . -38.94 15.12 -17.77
C35 6OU Z . -38.18 13.76 -17.89
C36 6OU Z . -37.54 13.22 -16.56
C37 6OU Z . -37.10 11.73 -16.55
C38 6OU Z . -36.13 11.30 -15.42
C39 6OU Z . -36.74 10.36 -14.35
C40 6OU Z . -35.79 9.86 -13.30
C41 6OU Z . -36.02 9.84 -11.98
C42 6OU Z . -37.29 10.32 -11.33
C43 6OU Z . -37.36 10.29 -9.77
C31 6OU AA . -24.75 1.60 -5.06
O32 6OU AA . -23.86 1.21 -4.38
C33 6OU AA . -25.68 2.76 -4.62
C34 6OU AA . -26.09 3.73 -5.78
C35 6OU AA . -27.51 3.53 -6.41
C36 6OU AA . -28.23 4.83 -6.89
C37 6OU AA . -28.61 4.91 -8.41
C38 6OU AA . -29.96 5.61 -8.76
C39 6OU AA . -30.11 6.13 -10.21
C40 6OU AA . -29.27 5.45 -11.28
C41 6OU AA . -29.51 5.48 -12.60
C42 6OU AA . -30.65 6.17 -13.29
C43 6OU AA . -31.09 7.57 -12.75
C1 4DY BA . -21.87 -8.48 -20.30
C2 4DY BA . -22.70 -9.57 -20.49
C3 4DY BA . -22.62 -10.67 -19.65
C4 4DY BA . -21.72 -10.65 -18.60
C5 4DY BA . -20.89 -9.55 -18.41
C40 4DY BA . -30.88 -1.50 -25.38
C38 4DY BA . -29.54 -1.96 -25.97
C44 4DY BA . -29.15 -1.07 -27.13
C37 4DY BA . -28.46 -1.88 -24.90
C36 4DY BA . -27.82 -2.97 -24.48
C33 4DY BA . -26.75 -2.81 -23.42
C30 4DY BA . -26.74 -4.02 -22.49
C27 4DY BA . -25.38 -4.10 -21.82
C24 4DY BA . -25.33 -5.31 -20.88
C22 4DY BA . -23.90 -5.75 -20.71
O23 4DY BA . -23.19 -5.12 -20.00
N21 4DY BA . -23.35 -6.90 -21.40
C17 4DY BA . -21.96 -7.28 -21.21
C6 4DY BA . -20.98 -8.47 -19.25
O10 4DY BA . -21.62 -11.74 -17.73
O12 4DY BA . -23.44 -11.79 -19.81
C13 4DY BA . -24.28 -11.79 -20.92
C1 LBN CA . -48.40 28.23 -22.78
C2 LBN CA . -48.68 27.01 -21.84
C3 LBN CA . -48.02 25.74 -22.44
C4 LBN CA . -45.94 17.08 -13.20
C5 LBN CA . -49.08 24.99 -9.85
O1 LBN CA . -48.42 29.39 -22.01
C25 LBN CA . -47.99 23.41 -21.83
O5 LBN CA . -47.94 24.71 -21.45
C26 LBN CA . -46.99 22.50 -21.14
O6 LBN CA . -48.80 23.03 -22.67
C27 LBN CA . -47.53 21.78 -19.89
C28 LBN CA . -46.67 20.59 -19.39
C29 LBN CA . -46.02 20.73 -17.99
C30 LBN CA . -46.18 19.50 -17.06
C31 LBN CA . -44.97 19.17 -16.12
C32 LBN CA . -45.24 19.22 -14.59
C33 LBN CA . -44.79 17.97 -13.77
C34 LBN CA . -48.37 26.50 -19.46
O7 LBN CA . -48.02 27.21 -20.58
C35 LBN CA . -47.42 26.70 -18.29
O8 LBN CA . -49.37 25.81 -19.48
C36 LBN CA . -47.94 26.19 -16.91
C37 LBN CA . -47.01 25.20 -16.15
C38 LBN CA . -47.14 25.18 -14.61
C39 LBN CA . -46.53 23.92 -13.94
C40 LBN CA . -46.36 23.99 -12.42
C41 LBN CA . -47.25 25.04 -11.68
C42 LBN CA . -48.39 24.47 -10.87
C07 YFP DA . -36.27 10.82 -6.07
C08 YFP DA . -34.88 10.30 -6.61
C09 YFP DA . -33.85 9.82 -5.52
C10 YFP DA . -32.94 8.61 -5.94
C11 YFP DA . -32.21 7.88 -4.75
C12 YFP DA . -32.52 6.35 -4.61
C13 YFP DA . -31.98 5.66 -3.30
C14 YFP DA . -30.43 5.42 -3.25
C15 YFP DA . -29.85 5.01 -1.83
C16 YFP DA . -28.80 3.87 -1.86
C19 YFP DA . -27.96 3.28 0.38
C20 YFP DA . -28.56 2.57 1.69
C21 YFP DA . -27.70 1.31 2.10
C33 YFP DA . -30.99 2.96 1.87
C35 YFP DA . -32.43 2.88 1.27
C36 YFP DA . -33.06 4.26 0.86
C37 YFP DA . -34.49 4.20 0.19
C38 YFP DA . -34.78 5.32 -0.88
C39 YFP DA . -36.23 5.95 -0.87
C40 YFP DA . -36.67 6.69 -2.20
O17 YFP DA . -28.02 3.74 -2.81
O18 YFP DA . -28.69 2.94 -0.83
O22 YFP DA . -28.52 0.31 2.66
O24 YFP DA . -26.45 -1.18 3.12
O25 YFP DA . -28.73 -2.30 3.09
O26 YFP DA . -28.09 -0.78 5.12
O32 YFP DA . -29.93 2.20 1.39
O34 YFP DA . -30.75 3.72 2.80
P23 YFP DA . -27.92 -1.07 3.45
C1 LBN EA . -37.84 22.42 3.11
N1 LBN EA . -31.65 24.45 4.75
P1 LBN EA . -35.71 21.12 4.16
C2 LBN EA . -39.09 22.10 2.22
C3 LBN EA . -40.39 22.30 3.05
C6 LBN EA . -33.04 24.18 4.10
O1 LBN EA . -37.08 21.27 3.22
C9 LBN EA . -33.51 22.70 4.28
O2 LBN EA . -34.86 22.69 4.13
C12 LBN EA . -30.60 23.53 4.15
O3 LBN EA . -36.10 21.10 5.60
C15 LBN EA . -31.24 25.90 4.57
O4 LBN EA . -34.72 20.26 3.46
C18 LBN EA . -31.74 24.16 6.24
C25 LBN EA . -41.07 21.90 5.32
O5 LBN EA . -40.31 21.52 4.24
C26 LBN EA . -41.53 23.35 5.30
O6 LBN EA . -41.33 21.11 6.21
C27 LBN EA . -42.99 23.55 4.88
C28 LBN EA . -43.56 24.96 5.16
C29 LBN EA . -43.91 25.83 3.93
C30 LBN EA . -45.33 26.46 3.93
C31 LBN EA . -45.53 27.78 3.12
C32 LBN EA . -46.46 27.72 1.89
C33 LBN EA . -47.28 29.01 1.58
C34 LBN EA . -39.95 24.19 1.24
O7 LBN EA . -39.18 23.06 1.15
C35 LBN EA . -40.74 24.48 -0.02
O8 LBN EA . -39.95 24.84 2.27
C36 LBN EA . -42.17 25.06 0.19
C37 LBN EA . -42.55 26.28 -0.70
C38 LBN EA . -43.85 26.14 -1.54
C39 LBN EA . -44.30 24.66 -1.73
C06 6OU FA . -17.35 29.72 -12.21
C07 6OU FA . -16.85 30.24 -13.59
C08 6OU FA . -16.56 31.75 -13.72
C09 6OU FA . -15.82 32.22 -15.00
C10 6OU FA . -15.59 33.75 -15.15
C11 6OU FA . -15.68 34.34 -16.59
C12 6OU FA . -16.20 35.81 -16.70
C13 6OU FA . -16.04 36.50 -18.07
C14 6OU FA . -17.29 37.31 -18.56
C15 6OU FA . -17.58 37.23 -20.08
C16 6OU FA . -17.89 38.59 -20.75
O17 6OU FA . -18.95 39.13 -20.69
O18 6OU FA . -16.85 39.18 -21.44
C19 6OU FA . -16.06 40.13 -20.72
C20 6OU FA . -15.33 41.15 -21.67
C21 6OU FA . -15.69 40.88 -23.18
O22 6OU FA . -15.24 41.89 -23.99
P23 6OU FA . -15.49 41.79 -25.73
O24 6OU FA . -14.17 41.99 -26.37
O25 6OU FA . -16.35 40.58 -25.95
O26 6OU FA . -16.46 43.16 -26.15
O30 6OU FA . -13.89 41.01 -21.46
C31 6OU FA . -13.39 40.86 -20.17
O32 6OU FA . -14.04 41.12 -19.21
C33 6OU FA . -11.92 40.34 -20.04
C34 6OU FA . -11.80 38.97 -19.29
C35 6OU FA . -11.26 37.75 -20.12
C36 6OU FA . -11.72 36.33 -19.62
C37 6OU FA . -12.81 35.61 -20.46
C38 6OU FA . -13.06 34.11 -20.11
C39 6OU FA . -11.87 33.40 -19.45
C40 6OU FA . -12.05 31.94 -19.16
C41 6OU FA . -11.50 31.28 -18.12
C42 6OU FA . -11.67 29.82 -17.84
C43 6OU FA . -11.44 29.35 -16.38
C31 6OU GA . -5.69 24.66 -0.15
O32 6OU GA . -5.33 23.69 0.44
C33 6OU GA . -4.70 25.81 -0.52
C34 6OU GA . -4.98 26.44 -1.93
C35 6OU GA . -5.74 27.82 -1.95
C36 6OU GA . -5.34 28.81 -3.09
C37 6OU GA . -6.46 29.24 -4.08
C38 6OU GA . -6.42 30.71 -4.59
C39 6OU GA . -7.19 31.02 -5.90
C40 6OU GA . -8.32 30.08 -6.28
C41 6OU GA . -9.32 30.36 -7.14
C42 6OU GA . -9.51 31.65 -7.89
C43 6OU GA . -8.24 32.35 -8.47
C1 4DY HA . -23.31 20.17 -3.54
C2 4DY HA . -24.27 20.76 -2.73
C3 4DY HA . -24.34 20.41 -1.39
C4 4DY HA . -23.45 19.50 -0.88
C5 4DY HA . -22.48 18.93 -1.68
C40 4DY HA . -23.58 30.59 -10.39
C38 4DY HA . -24.15 29.22 -10.68
C44 4DY HA . -24.38 29.06 -12.18
C37 4DY HA . -23.18 28.14 -10.22
C36 4DY HA . -23.50 27.28 -9.27
C33 4DY HA . -22.48 26.22 -8.87
C30 4DY HA . -22.58 25.94 -7.37
C27 4DY HA . -21.97 24.57 -7.10
C24 4DY HA . -22.06 24.24 -5.61
C22 4DY HA . -22.06 22.73 -5.43
O23 4DY HA . -21.03 22.17 -5.54
N21 4DY HA . -23.27 21.99 -5.16
C17 4DY HA . -23.20 20.54 -5.01
C6 4DY HA . -22.41 19.26 -3.02
O10 4DY HA . -23.52 19.14 0.48
O12 4DY HA . -25.31 20.98 -0.55
C13 4DY HA . -26.23 21.84 -1.14
#